data_6MZL
#
_entry.id   6MZL
#
loop_
_entity.id
_entity.type
_entity.pdbx_description
1 polymer 'Transcription initiation factor TFIID subunit 1'
2 polymer 'Transcription initiation factor TFIID subunit 2'
3 polymer 'Transcription initiation factor TFIID subunit 3'
4 polymer 'Transcription initiation factor TFIID subunit 4'
5 polymer 'Transcription initiation factor TFIID subunit 5,TAF5'
6 polymer 'Transcription initiation factor TFIID subunit 6'
7 polymer 'Transcription initiation factor TFIID subunit 6'
8 polymer 'Transcription initiation factor TFIID subunit 7'
9 polymer 'Transcription initiation factor TFIID subunit 8,TAF8'
10 polymer 'Transcription initiation factor TFIID subunit 9, TAF9'
11 polymer 'Transcription initiation factor TFIID subunit 10'
12 polymer 'Transcription initiation factor TFIID subunit 11'
13 polymer 'Transcription initiation factor TFIID subunit 12'
14 polymer 'Transcription initiation factor TFIID subunit 13'
15 polymer 'TATA-box-binding protein'
16 polymer poly(UNK)
17 polymer poly(UNK)
#
loop_
_entity_poly.entity_id
_entity_poly.type
_entity_poly.pdbx_seq_one_letter_code
_entity_poly.pdbx_strand_id
1 'polypeptide(L)'
;MGPGCDLLLRTAATITAAAIMSDTDSDEDSAGGGPFSLAGFLFGNINGAGQLEGESVLDDECKKHLAGLGALGLGSLITE
LTANEELTGTDGALVNDEGWVRSTEDAVDYSDINEVAEDESRRYQQTMGSLQPLCHSDYDEDDYDADCEDIDCKLMPPPP
PPPGPMKKDKDQDSITGEKVDFSSSSDSESEMGPQEATQAESEDGKLTLPLAGIMQHDATKLLPSVTELFPEFRPGKVLR
FLRLFGPGKNVPSVWRSARRKRKKKHRELIQEEQIQEVECSVESEVSQKSLWNYDYAPPPPPEQCLSDDEITMMAPVESK
FSQSTGDIDKVTDTKPRVAEWRYGPARLWYDMLGVPEDGSGFDYGFKLRKTEHEPVIKSRMIEEFRKLEENNGTDLLADE
NFLMVTQLHWEDDIIWDGEDVKHKGTKPQRASLAGWLPSSMTRNAMAYNVQQGFAATLDDDKPWYSIFPIDNEDLVYGRW
EDNIIWDAQAMPRLLEPPVLTLDPNDENLILEIPDEKEEATSNSPSKESKKESSLKKSRILLGKTGVIKEEPQQNMSQPE
VKDPWNLSNDEYYYPKQQGLRGTFGGNIIQHSIPAVELRQPFFPTHMGPIKLRQFHRPPLKKYSFGALSQPGPHSVQPLL
KHIKKKAKMREQERQASGGGEMFFMRTPQDLTGKDGDLILAEYSEENGPLMMQVGMATKIKNYYKRKPGKDPGAPDCKYG
ETVYCHTSPFLGSLHPGQLLQAFENNLFRAPIYLHKMPETDFLIIRTRQGYYIRELVDIFVVGQQCPLFEVPGPNSKRAN
THIRDFLQVFIYRLFWKSKDRPRRIRMEDIKKAFPSHSESSIRKRLKLCADFKRTGMDSNWWVLKSDFRLPTEEEIRAMV
SPEQCCAYYSMIAAEQRLKDAGYGEKSFFAPEEENEEDFQMKIDDEVRTAPWNTTRAFIAAMKGKCLLEVTGVADPTGCG
EGFSYVKIPNKPTQQKDDKEPQPVKKTVTGTDADLRRLSLKNAKQLLRKFGVPEEEIKKLSRWEVIDVVRTMSTEQARSG
EGPMSKFARGSRFSVAEHQERYKEECQRIFDLQNKVLSSTEVLSTDTDSSSAEDSDFEEMGKNIENMLQNKKTSSQLSRE
REEQERKELQRMLLAAGSAASGNNHRDDDTASVTSLNSSATGRCLKIYRTFRDEEGKEYVRCETVRKPAVIDAYVRIRTT
KDEEFIRKFALFDEQHREEMRKERRRIQEQLRRLKRNQEKEKLKGPPEKKPKKMKERPDLKLKCGACGAIGHMRTNKFCP
LYYQTNAPPSNPVAMTEEQEEELEKTVIHNDNEELIKVEGTKIVLGKQLIESADEVRRKSLVLKFPKQQLPPKKKRRVGT
TVHCDYLNRPHKSIHRRRTDPMVTLSSILESIINDMRDLPNTYPFHTPVNAKVVKDYYKIITRPMDLQTLRENVRKRLYP
SREEFREHLELIVKNSATYNGPKHSLTQISQSMLDLCDEKLKEKEDKLARLEKAINPLLDDDDQVAFSFILDNIVTQKMM
AVPDSWPFHHPVNKKFVPDYYKVIVNPMDLETIRKNISKHKYQSRESFLDDVNLILANSVKYNGPESQYTKTAQEIVNVC
YQTLTEYDEHLTQLEKDICTAKEAALEEAELESLDPMTPGPYTPQPPDLYDTNTSLSMSRDASVFQDESNMSVLDIPSAT
PEKQVTQEGEDGDGDLADEEEGTVQQPQASVLYEDLLMSEGEDDEEDAGSDEEGDNPFSAIQLSESGSDSDVGSGGIRPK
QPRMLQENTRMDMENEESMMSYEGDGGEASHGLEDSNISYGSYEEPDPKSNTQDTSFSSIGGYEVSEEEEDEEEEEQRSG
PSVLSQVHLSEDEEDSEDFHSIAGDSDLDSDE
;
A
2 'polypeptide(L)'
;MPLTGVEPARMNRKKGDKGFESPRPYKLTHQVVCINNINFQRKSVVGFVELTIFPTVANLNRIKLNSKQCRIYRVRINDL
EAAFIYNDPTLEVCHSESKQRNLNYFSNAYAAAVSAVDPDAGNGELCIKVPSELWKHVDELKVLKIHINFSLDQPKGGLH
FVVPSVEGSMAERGAHVFSCGYQNSTRFWFPCVDSYSELCTWKLEFTVDAAMVAVSNGDLVETVYTHDMRKKTFHYMLTI
PTAASNISLAIGPFEILVDPYMHEVTHFCLPQLLPLLKHTTSYLHEVFEFYEEILTCRYPYSCFKTVFIDEAYVEVAAYA
SMSIFSTNLLHSAMIIDETPLTRRCLAQSLAQQFFGCFISRMSWSDEWVLKGISGYIYGLWMKKTFGVNEYRHWIKEELD
KIVAYELKTGGVLLHPIFGGGKEKDNPASHLHFSIKHPHTLSWEYYSMFQCKAHLVMRLIENRISMEFMLQVFNKLLSLA
STASSQKFQSHMWSQMLVSTSGFLKSISNVSGKDIQPLIKQWVDQSGVVKFYGSFAFNRKRNVLELEIKQDYTSPGTQKY
VGPLKVTVQELDGSFNHTLQIEENSLKHDIPCHSKSRRNKKKKIPLMNGEEVDMDLSAMDADSPLLWIRIDPDMSVLRKV
EFEQADFMWQYQLRYERDVVAQQESILALEKFPTPASRLALTDILEQEQCFYRVRMSACFCLAKIANSMVSTWTGPPAMK
SLFTRMFCCKSCPNIVKTNNFMSFQSYFLQKTMPVAMALLRDVHNLCPKEVLTFILDLIKYNDNRKNKFSDNYYRAEMID
ALANSVTPAVSVNNEVRTLDNLNPDVRLILEEITRFLNMEKLLPSYRHTITVSCLRAIRVLQKNGHVPSDPALFKSYAEY
GHFVDIRIAALEAVVDYTKVDRSYEELQWLLNMIQNDPVPYVRHKILNMLTKNPPFTKNMESPLCNEALVDQLWKLMNSG
TSHDWRLRCGAVDLYFTLFGLSRPSCLPLPELGLVLNLKEKKAVLNPTIIPESVAGNQEAANNPSSHPQLVGFQNPFSSS
QDEEEIDMDTVHDSQAFISHHLNMLERPSTPGLSKYRPASSRSALIPQHSAGCDSTPTTKPQWSLELARKGTGKEQAPLE
MSMHPAASAPLSVFTKESTASKHSDHHHHHHHEHKKKKKKHKHKHKHKHKHDSKEKDKEPFTFSSPASGRSIRSPSLSD
;
B
3 'polypeptide(L)'
;MCESYSRSLLRVSVAQICQALGWDSVQLSACHLLTDVLQRYLQQLGRGCHRYSELYGRTDPILDDVGEAFQLMGVSLHEL
EDYIHNIEPVTFPHQIPSFPVSKNNVLQFPQPGSKDAEERKEYIPDYLPPIVSSQEEEEEEQVPTDGGTSAEAMQVPLEE
DDELEEEEIINDENFLGKRPLDSPEAEELPAMKRPRLLSTKGDTLDVVLLEAREPLSSINTQKIPPMLSPVHVQDSTDLA
PPSPEPPMLAPVAKSQMPTAKPLETKSFTPKTKTKTSSPGQKTKSPKTAQSPAMVGSPIRSPKTVSKEKKSPGRSKSPKS
PKSPKVTTHIPQTPVRPETPNRTPSATLSEKISKETIQVKQIQTPPDAGKLNSENQPKKAVVADKTIEASIDAVIARACA
EREPDPFEFSSGSESEGDIFTSPKRISGPECTTPKASTSANNFTKSGSTPLPLSGGTSSSDNSWTMDASIDEVVRKAKLG
TPSNMPPNFPYISSPSVSPPTPEPLHKVYEEKTKLPSSVEVKKKLKKELKTKMKKKEKQRDREREKDKNKDKSKEKDKVK
EKEKDKETGRETKYPWKEFLKEEEADPYKFKIKEFEDVDPKVKLKDGLVRKEKEKHKDKKKDREKGKKDKDKREKEKVKD
KGREDKMKAPAPPLVLPPKELALPLFSPATASRVPAMLPSLLPVLPEKLFEEKEKVKEKEKKKDKKEKKKKKEKEKEKKE
KEREKEKREREKREKEKEKHKHEKIKVEPVALAPSPVIPRLTLRVGAGQDKIVISKVVPAPEAKPAPSQNRPKTPPPAPA
PAPGPMLVSPAPVPLPLLAQAAAGPALLPSPGPAASGASAKAPVRSVVTETVSTYVIRDEWGNQIWICPGCNKPDDGSPM
IGCDDCDDWYHWPCVGIMTAPPEEMQWFCPKCANKKKDKKHKKRKHRAH
;
C
4 'polypeptide(L)'
;MAAGSDLLDEVFFNSEVDEKVVSDLVGSLESQLAASAAHHHHLAPRTPEVRAAAAGALGNHVVSGSPAGAAGAGPAAPAE
GAPGAAPEPPPAGRARPGGGGPQRPGPPSPRRPLVPAGPAPPAAKLRPPPEGSAGSCAPVPAAAAVAAGPEPAPAGPAKP
AGPAALAARAGPGPGPGPGPGPGPGPGKPAGPGAAQTLNGSAALLNSHHAAAPAVSLVNNGPAALLPLPKPAAPGTVIQT
PPFVGAAAPPAPAAPSPPAAPAPAAPAAAPPPPPPAPATLARPPGHPAGPPTAAPAVPPPAAAQNGGSAGAAPAPAPAAG
GPAGVSGQPGPGAAAAAPAPGVKAESPKRVVQAAPPAAQTLAASGPASTAASMVIGPTMQGALPSPAAVPPPAPGTPTGL
PKGAAGAVTQSLSRTPTATTSGIRATLTPTVLAPRLPQPPQNPTNIQNFQLPPGMVLVRSENGQLLMIPQQALAQMQAQA
HAQPQTTMAPRPATPTSAPPVQISTVQAPGTPIIARQVTPTTIIKQVSQAQTTVQPSATLQRSPGVQPQLVLGGAAQTAS
LGTATAVQTGTPQRTVPGATTTSSAATETMENVKKCKNFLSTLIKLASSGKQSTETAANVKELVQNLLDGKIEAEDFTSR
LYRELNSSPQPYLVPFLKRSLPALRQLTPDSAAFIQQSQQQPPPPTSQATTALTAVVLSSSVQRTAGKTAATVTSALQPP
VLSLTQPTQVGVGKQGQPTPLVIQQPPKPGALIRPPQVTLTQTPMVALRQPHNRIMLTTPQQIQLNPLQPVPVVKPAVLP
GTKALSAVSAQAAAAQKNKLKEPGGGSFRDDDDINDVASMAGVNLSEESARILATNSELVGTLTRSCKDETFLLQAPLQR
RILEIGKKHGITELHPDVVSYVSHATQQRLQNLVEKISETAQQKNFSYKDDDRYEQASDVRAQLKFFEQLDQIEKQRKDE
QEREILMRAAKSRSRQEDPEQLRLKQKAKEMQQQELAQMRQRDANLTALAAIGPRKKRKVDCPGPGSGAEGSGPGSVVPG
SSGVGTPRQFTRQRITRVNLRDLIFCLENERETSHSLLLYKAFLK
;
D,E
5 'polypeptide(L)'
;MAALAEEQTEVAVKLEPEGPPTLLPPQAGDGAGEGSGGTTNNGPNGGGGNVAASSSTGGDGGTPKPTVAVSAAAPAGAAP
VPAAAPDAGAPHDRQTLLAVLQFLRQSKLREAEEALRREAGLLEEAVAGSGAPGEVDSAGAEVTSALLSRVTASAPGPAA
PDPPGTGASGATVVSGSASGPAAPGKVGSVAVEDQPDVSAVLSAYNQQGDPTMYEEYYSGLKHFIECSLDCHRAELSQLF
YPLFVHMYLELVYNQHENEAKSFFEKFHGDQECYYQDDLRVLSSLTKKEHMKGNETMLDFRTSKFVLRISRDSYQLLKRH
LQEKQNNQIWNIVQEHLYIDIFDGMPRSKQQIDAMVGSLAGEAKREANKSKVFFGLLKEPEIEVPLDDEDEEGENEEGKP
KKKKPKKDSIGSKSKKQDPNAPPQNRIPLPELKDSDKLDKIMNMKETTKRVRLGPDCLPSICFYTFLNAYQGLTAVDVTD
DSSLIAGGFADSTVRV(UNK)(UNK)(UNK)(UNK)(UNK)(UNK)(UNK)(UNK)(UNK)(UNK)(UNK)(UNK)
(UNK)(UNK)(UNK)(UNK)(UNK)(UNK)(UNK)(UNK)(UNK)(UNK)(UNK)(UNK)(UNK)(UNK)(UNK)(UNK)
(UNK)(UNK)(UNK)(UNK)(UNK)(UNK)(UNK)(UNK)(UNK)(UNK)(UNK)(UNK)KILYGHSGPVYGASFSPDRN
YLLSSSEDGTVRLWSLQTFTCLVGYKGHNYPVWDTQFSPYGYYFVSGGHDRVARLWATDHYQPLRIFAGHLADVNCTRFH
PNSNYVATGSADRTVRLWDVLNGNCVRIFTGHKGPIHSLTFSPNGRFLATGATDGRVLLWDIGHGLMVGELKGHTDTVCS
LRFSRDGEILASGSMDNTVRLWDAIKAFEDLETDDFTTATGHINLPENSQELLLGTYMTKSTPVVHLHFTRRNLVLAAGA
YSPQ
;
F,G
6 'polypeptide(L)'
;MAEEKKLKLSNTVLPSESMKVVAESMGIAQIQEETCQLLTDEVSYRIKEIAQDALKFMHMGKRQKLTTSDIDYALKLKNV
EPLYGFHAQEFIPFRFASGGGRELYFYEEKEVDLSDIINTPLPRVPLDVCLKAHWLSIEGCQPAIPENPPPAPKEQQKAE
ATEPLKSAKPGQEEDGPLKGKGQGATTADGKGKEKKAPPLLEGAPLRLKPRSIHELSVEQQLYYKEITEACVGSCEAKRA
EALQSIATDPGLYQMLPRFSTFISEGVRVNVVQNNLALLIYLMRMVKALMDNPTLYLEKYVHELIPAVMTCIVSRQLCLR
PDVDNHWALRDFAARLVAQICKHFSTTTNNIQSRITKTFTKSWVDEKTPWTTRYGSIAGLAELGHDVIKTLILPRLQQEG
ERIRSVLDGPVLSNIDRIGADHVQSLLLKHCAPVLAKLRPPPDNQDAYRAEFGSLGPLLCSQVVKARAQAALQAQQVNRT
TLTITQPRPTLTLSQAPQPGPRTPGLLKVPGSIALPVQTLVSARAAAPPQPSPPPTKFIVMSSSSSAPSTQQVLSLSTSA
PGSGSTTTSPVTTTVPSVQPIVKLVSTATTAPPSTAPSGPGSVQKYIVVSLPPTGEGKGGPTSHPSPVPPPASSPSPLSG
SALCGGKQEAGDSPPPAPGTPKANGSQPNSGSPQPAP
;
H
7 'polypeptide(L)'
;MAEEKKLKLSNTVLPSESMKVVAESMGIAQIQEETCQLLTDEVSYRIKEIAQDALKFMHMGKRQKLTTSDIDYALKLKNV
EPLYGFHAQEFIPFRFASGGGRELYFYEEKEVDLSDIINTPLPRVPLDVCLKAHWLSIEGCQPAIPENPPPAPKEQQKAE
ATEPLKSAKPGQEEDGPLKGKGQGATTADGKGKEKKAPPLLEGAPL(UNK)(UNK)(UNK)(UNK)(UNK)(UNK)
(UNK)(UNK)(UNK)(UNK)SVEQQLYYKEITEACVGSCEAKRAEALQSIATDPGLYQMLPRFSTFISEGVRVNVVQNNL
ALLIYLMRMVKALMDNPTLYLEKYVHELIPAVMTCIVSRQLCLRPDVDNHWALRDFAARLVAQICKHFSTTTNNIQSRIT
KTFTKSWVDEKTPWTTRYGSIAGLAELGHDVIKTLILPRLQQEGERIRSVLDGPVLSNIDRIGADHVQSLLLKHCAPVLA
KLRPPPDNQDAYRAEFGSLGPLLCSQVVKARAQAALQAQQVNRTTLTITQPRPTLTLSQAPQPGPRTPGLLKVPGSIALP
VQTLVSARAAAPPQPSPPPTKFIVMSSSSSAPSTQQVLSLSTSAPGSGSTTTSPVTTTVPSVQPIVKLVSTATTAPPSTA
PSGPGSVQKYIVVSLPPTGEGKGGPTSHPSPVPPPASSPSPLSGSALCGGKQEAGDSPPPAPGTPKANGSQPNSGSPQPA
P
;
I
8 'polypeptide(L)'
;MSKSKDDAPHELESQFILRLPPEYASTVRRAVQSGHVNLKDRLTIELHPDGRHGIVRVDRVPLASKLVDLPCVMESLKTI
DKKTFYKTADICQMLVSTVDGDLYPPVEEPVASTDPKASKKKDKDKEKKFIWNHGITLPLKNVRKRRFRKTAKKKYIESP
DVEKEVKRLLSTDAEAVSTRWEIIAEDETKEAENQGLDISSPGMSGHRQGHDSLEHDELREIFNDLSSSSEDEDETQHQD
EEDINIIDTEEDLERQLQDKLNESDEQHQENEGTNQLVMGIQKQIDNMKGKLQETQDRAKRQEDLIMKVENLALKNRFQA
VLDELKQKEDREKEQLSSLQEELESLLEK
;
J
9 'polypeptide(L)'
;MADAAATAGAGGSGTRSGSKQSTNPADNYHLARRRTLQVVVSSLLTEAGFESAEKASVETLTEMLQSYISEIGRSAKSYC
EHTARTQPTLSDIVVTLVEMGFNVDTLPAYAKRSQRMVIT(UNK)(UNK)(UNK)(UNK)(UNK)(UNK)(UNK)(UNK)
(UNK)(UNK)(UNK)(UNK)(UNK)(UNK)(UNK)(UNK)(UNK)(UNK)(UNK)(UNK)(UNK)(UNK)(UNK)(UNK)
(UNK)(UNK)(UNK)(UNK)(UNK)(UNK)(UNK)(UNK)(UNK)(UNK)(UNK)(UNK)(UNK)(UNK)(UNK)(UNK)
(UNK)(UNK)(UNK)(UNK)(UNK)(UNK)(UNK)(UNK)(UNK)(UNK)(UNK)YQVLREKAASQRRDVERALTRFMAK
TGETQSLFKDDVSTFPLIAARPFTIPYLTALLPSELEMQQMEETDSSEQDEQTDTENLALHISMEDSGAEKENTSVLQQN
PSLSGSRNGEENIIDNPYLRPVKKPKIRRKKSLS
;
K
10 'polypeptide(L)'
;MESGKTASPKSMPKDAQMMAQILKDMGITEYEPRVINQMLEFAFRYVTTILDDAKIYSSHAKKATVDADDVRLAIQCRAD
QSFTSPPPRDFLLDIARQRNQTPLPLIKP(UNK)(UNK)(UNK)(UNK)(UNK)(UNK)(UNK)PDRYCLTAPNYRLKSL
QKKASTSAGRITVPRLSVGSVTSRPSTPTLGTPTPQTMSVSTKVGTPMSLTGQRFTVQMPTSQSPAVKASIPATSAVQNV
LINPSLIGSKNILITTNMMSSQNTANESSNALKRKREDDDDDDDDDDDYDNL
;
L,M
11 'polypeptide(L)'
;MSCSGSGADPEAAPASAASAPGPAPPVSAPAALPSSTAAENKASPAGTAGGPGAGAAAGGTGPLAARAGEPAERRGAAPV
SAGGAAPPEGAISNGVYVLPSAANGDVKPVVSSTPLVDFLMQLEDYTPTIPDAVTGYYLNRAGFEASDPRIIRLISLAAQ
KFISDIANDALQHCKMKGTASGSSRSKSKDRKYTLTMEDLTPALSEYGINVKKPHYFT
;
N,O
12 'polypeptide(L)'
;MDDAHESPSDKGGETGESDETAAVPGDPGATDTDGIPEETDGDADVDLKEAAAEEGELESQDVSDLTTVEREDSSLLNPA
AKKLKIDTKEKKEKKQKVDEDEIQKMQILVSSFSEEQLNRYEMYRRSAFPKAAIKRLIQSITGTSVSQNVVIAMSGISKV
FVGEVVEEALDVCEKWGEMPPLQPKHMREAVRRLKSKGQIPNSKHKKIIFF
;
P
13 'polypeptide(L)'
;MNQFGPSALINLSNFSSIKPEPASTPPQGSMANSTAVVKIPGTPGAGGRLSPENNQVLTKKKLQDLVREVDPNEQLDEDV
EEMLLQIADDFIESVVTAACQLARHRKSSTLEVKDVQLHLERQWNMWIPGFGSEEIRPYKKACTTEAHKQRMALIRKTTK
K
;
Q,R
14 'polypeptide(L)'
;MADEEEDPTFEEENEEIGGGAEGGQGKRKRLFSKELRCMMYGFGDDQNPYTESVDILEDLVIEFITEMTHKAMSIGRQGR
VQVEDIVFLIRKDPRKFARVKDLLTMNEELKRARKAFDEANYGS
;
S
15 'polypeptide(L)'
;MDQNNSLPPYAQGLASPQGAMTPGIPIFSPMMPYGTGLTPQPIQNTNSLSILEEQQRQQQQQQQQQQQQQQQQQQQQQQQ
QQQQQQQQQQQQQQQAVAAAAVQQSTSQQATQGTSGQAPQLFHSQTLTTAPLPGTTPLYPSPMTPMTPITPATPASESSG
IVPQLQNIVSTVNLGCKLDLKTIALRARNAEYNPKRFAAVIMRIREPRTTALIFSSGKMVCTGAKSEEQSRLAARKYARV
VQKLGFPAKFLDFKIQNMVGSCDVKFPIRLEGLVLTHQQFSSYEPELFPGLIYRMIKPRIVLLIFVSGKVVLTGAKVRAE
IYEAFENIYPILKGFRKTT
;
T
16 'polypeptide(L)'
;(UNK)(UNK)(UNK)(UNK)(UNK)(UNK)(UNK)(UNK)(UNK)(UNK)(UNK)(UNK)(UNK)(UNK)(UNK)(UNK)
(UNK)(UNK)(UNK)(UNK)(UNK)(UNK)(UNK)(UNK)(UNK)(UNK)(UNK)(UNK)(UNK)(UNK)(UNK)(UNK)
(UNK)(UNK)(UNK)(UNK)(UNK)(UNK)(UNK)(UNK)(UNK)(UNK)(UNK)(UNK)(UNK)(UNK)(UNK)(UNK)
(UNK)(UNK)(UNK)(UNK)(UNK)(UNK)(UNK)(UNK)(UNK)(UNK)(UNK)(UNK)(UNK)(UNK)(UNK)(UNK)
(UNK)(UNK)(UNK)(UNK)(UNK)(UNK)(UNK)(UNK)(UNK)(UNK)(UNK)(UNK)(UNK)(UNK)(UNK)(UNK)
(UNK)(UNK)(UNK)(UNK)(UNK)(UNK)(UNK)(UNK)(UNK)(UNK)(UNK)(UNK)(UNK)(UNK)(UNK)(UNK)
;
Y
17 'polypeptide(L)'
;(UNK)(UNK)(UNK)(UNK)(UNK)(UNK)(UNK)(UNK)(UNK)(UNK)(UNK)(UNK)(UNK)(UNK)(UNK)(UNK)
(UNK)(UNK)(UNK)(UNK)(UNK)(UNK)(UNK)(UNK)(UNK)(UNK)(UNK)(UNK)(UNK)(UNK)(UNK)(UNK)
(UNK)(UNK)(UNK)(UNK)(UNK)(UNK)(UNK)(UNK)(UNK)(UNK)(UNK)(UNK)(UNK)(UNK)(UNK)(UNK)
(UNK)(UNK)(UNK)(UNK)(UNK)(UNK)(UNK)(UNK)(UNK)(UNK)(UNK)(UNK)(UNK)(UNK)(UNK)(UNK)
(UNK)(UNK)(UNK)(UNK)(UNK)(UNK)(UNK)(UNK)(UNK)(UNK)(UNK)(UNK)(UNK)(UNK)(UNK)(UNK)
(UNK)(UNK)(UNK)(UNK)(UNK)(UNK)(UNK)(UNK)(UNK)(UNK)(UNK)(UNK)(UNK)(UNK)(UNK)(UNK)
(UNK)(UNK)(UNK)(UNK)(UNK)(UNK)(UNK)(UNK)(UNK)(UNK)(UNK)(UNK)(UNK)(UNK)(UNK)(UNK)
(UNK)(UNK)(UNK)(UNK)(UNK)(UNK)(UNK)(UNK)(UNK)(UNK)(UNK)(UNK)(UNK)(UNK)(UNK)(UNK)
(UNK)(UNK)(UNK)(UNK)(UNK)(UNK)(UNK)(UNK)(UNK)(UNK)(UNK)(UNK)(UNK)(UNK)(UNK)(UNK)
(UNK)(UNK)(UNK)(UNK)(UNK)(UNK)(UNK)(UNK)(UNK)(UNK)(UNK)(UNK)(UNK)(UNK)(UNK)(UNK)
(UNK)(UNK)(UNK)(UNK)(UNK)(UNK)(UNK)(UNK)(UNK)(UNK)(UNK)(UNK)(UNK)(UNK)(UNK)(UNK)
(UNK)(UNK)(UNK)(UNK)(UNK)(UNK)(UNK)(UNK)(UNK)(UNK)(UNK)(UNK)(UNK)(UNK)(UNK)(UNK)
(UNK)(UNK)(UNK)(UNK)(UNK)(UNK)(UNK)(UNK)(UNK)(UNK)(UNK)(UNK)(UNK)(UNK)(UNK)(UNK)
(UNK)(UNK)(UNK)(UNK)(UNK)(UNK)(UNK)(UNK)(UNK)(UNK)(UNK)(UNK)(UNK)(UNK)(UNK)(UNK)
(UNK)(UNK)(UNK)(UNK)(UNK)(UNK)(UNK)(UNK)(UNK)(UNK)(UNK)(UNK)(UNK)(UNK)
;
Z
#
# COMPACT_ATOMS: atom_id res chain seq x y z
N PHE A 36 98.13 22.13 -3.56
CA PHE A 36 97.37 23.26 -3.03
C PHE A 36 97.50 24.42 -4.02
N SER A 37 96.43 25.18 -4.18
CA SER A 37 96.27 26.10 -5.31
C SER A 37 97.03 27.39 -5.02
N LEU A 38 98.31 27.39 -5.38
CA LEU A 38 99.20 28.53 -5.22
C LEU A 38 99.33 29.40 -6.47
N ALA A 39 98.26 29.58 -7.26
CA ALA A 39 98.32 30.47 -8.43
C ALA A 39 98.61 31.91 -8.03
N GLY A 40 98.09 32.35 -6.89
CA GLY A 40 98.36 33.71 -6.44
C GLY A 40 99.75 33.86 -5.84
N PHE A 41 100.37 32.74 -5.44
CA PHE A 41 101.66 32.76 -4.75
C PHE A 41 102.75 33.29 -5.67
N LEU A 42 102.74 32.88 -6.93
CA LEU A 42 103.61 33.54 -7.88
C LEU A 42 103.20 34.99 -8.09
N PHE A 43 101.89 35.28 -8.08
CA PHE A 43 101.44 36.61 -8.47
C PHE A 43 101.67 37.67 -7.40
N GLY A 44 102.02 37.28 -6.18
CA GLY A 44 102.31 38.28 -5.16
C GLY A 44 101.42 38.32 -3.93
N ASN A 45 102.00 37.89 -2.80
CA ASN A 45 101.40 37.98 -1.47
C ASN A 45 100.02 37.35 -1.31
N ILE A 46 99.93 36.01 -1.39
CA ILE A 46 98.75 35.31 -0.92
C ILE A 46 99.15 34.43 0.27
N ASN A 47 98.13 33.92 0.95
CA ASN A 47 98.37 33.14 2.16
C ASN A 47 98.59 31.66 1.85
N GLY A 48 98.15 31.20 0.69
CA GLY A 48 98.04 29.78 0.45
C GLY A 48 96.60 29.34 0.40
N ALA A 49 95.75 30.01 1.17
CA ALA A 49 94.32 29.79 1.07
C ALA A 49 93.75 30.36 -0.22
N GLY A 50 94.33 31.44 -0.73
CA GLY A 50 93.87 32.02 -1.97
C GLY A 50 93.43 33.47 -1.88
N GLN A 51 93.77 34.15 -0.80
CA GLN A 51 93.42 35.56 -0.60
C GLN A 51 94.62 36.44 -0.93
N LEU A 52 94.43 37.40 -1.83
CA LEU A 52 95.52 38.20 -2.36
C LEU A 52 95.75 39.44 -1.51
N GLU A 53 97.03 39.76 -1.31
CA GLU A 53 97.48 40.98 -0.67
C GLU A 53 98.44 41.69 -1.64
N GLY A 54 98.65 42.98 -1.42
CA GLY A 54 99.57 43.71 -2.28
C GLY A 54 100.09 45.01 -1.72
N GLU A 55 101.40 45.26 -1.88
CA GLU A 55 101.93 46.60 -1.62
C GLU A 55 101.44 47.58 -2.69
N SER A 56 101.59 47.20 -3.96
CA SER A 56 100.85 47.84 -5.03
C SER A 56 99.49 47.17 -5.16
N VAL A 57 98.59 47.79 -5.93
CA VAL A 57 97.23 47.31 -6.08
C VAL A 57 97.02 46.92 -7.53
N LEU A 58 96.80 45.62 -7.77
CA LEU A 58 96.40 45.15 -9.08
C LEU A 58 94.88 45.23 -9.23
N ASP A 59 94.41 45.03 -10.45
CA ASP A 59 92.98 45.05 -10.71
C ASP A 59 92.34 43.76 -10.18
N ASP A 60 91.02 43.82 -9.96
CA ASP A 60 90.31 42.64 -9.45
C ASP A 60 90.17 41.53 -10.49
N GLU A 61 90.35 41.85 -11.78
CA GLU A 61 90.43 40.82 -12.80
C GLU A 61 91.58 39.86 -12.54
N CYS A 62 92.68 40.38 -11.97
CA CYS A 62 93.82 39.56 -11.60
C CYS A 62 93.43 38.53 -10.54
N LYS A 63 92.69 38.94 -9.51
CA LYS A 63 92.36 38.03 -8.41
C LYS A 63 91.26 37.03 -8.80
N LYS A 64 90.17 37.53 -9.39
CA LYS A 64 89.08 36.66 -9.85
C LYS A 64 89.54 35.70 -10.94
N HIS A 65 90.13 36.25 -12.00
CA HIS A 65 90.59 35.42 -13.09
C HIS A 65 91.85 34.65 -12.72
N LEU A 66 92.51 35.00 -11.60
CA LEU A 66 93.57 34.18 -11.01
C LEU A 66 93.01 32.87 -10.44
N ALA A 67 91.91 32.99 -9.68
CA ALA A 67 91.13 31.80 -9.29
C ALA A 67 90.67 31.02 -10.52
N GLY A 68 90.42 31.72 -11.62
CA GLY A 68 90.30 31.03 -12.90
C GLY A 68 91.61 30.48 -13.47
N LEU A 69 92.73 31.18 -13.25
CA LEU A 69 94.03 30.85 -13.83
C LEU A 69 94.60 29.56 -13.27
N GLY A 70 94.07 29.09 -12.14
CA GLY A 70 94.53 27.82 -11.57
C GLY A 70 94.45 26.61 -12.49
N ALA A 71 93.61 26.66 -13.54
CA ALA A 71 93.47 25.52 -14.44
C ALA A 71 94.38 25.60 -15.68
N LEU A 72 94.49 26.79 -16.28
CA LEU A 72 94.82 26.89 -17.71
C LEU A 72 96.28 26.57 -18.04
N GLY A 73 97.13 26.34 -17.04
CA GLY A 73 98.54 26.11 -17.33
C GLY A 73 99.45 26.66 -16.27
N LEU A 74 98.89 27.48 -15.39
CA LEU A 74 99.60 27.96 -14.21
C LEU A 74 99.85 26.84 -13.20
N GLY A 75 99.12 25.72 -13.32
CA GLY A 75 99.26 24.61 -12.37
C GLY A 75 100.64 23.98 -12.35
N SER A 76 101.37 24.06 -13.47
CA SER A 76 102.76 23.58 -13.48
C SER A 76 103.64 24.40 -12.56
N LEU A 77 103.50 25.73 -12.62
CA LEU A 77 104.22 26.59 -11.70
C LEU A 77 103.67 26.49 -10.28
N ILE A 78 102.41 26.09 -10.12
CA ILE A 78 101.85 25.81 -8.79
C ILE A 78 102.53 24.59 -8.17
N THR A 79 102.66 23.52 -8.96
CA THR A 79 103.40 22.33 -8.50
C THR A 79 104.88 22.60 -8.30
N GLU A 80 105.44 23.57 -9.03
CA GLU A 80 106.77 24.08 -8.68
C GLU A 80 106.76 24.74 -7.31
N LEU A 81 105.74 25.56 -7.02
CA LEU A 81 105.74 26.37 -5.81
C LEU A 81 105.40 25.56 -4.56
N THR A 82 104.67 24.44 -4.70
CA THR A 82 104.50 23.55 -3.56
C THR A 82 105.36 22.30 -3.72
N ASN A 96 85.71 35.97 9.95
CA ASN A 96 85.10 34.86 10.66
C ASN A 96 85.45 34.90 12.15
N ASP A 97 84.43 34.90 13.00
CA ASP A 97 84.65 34.95 14.44
C ASP A 97 85.21 33.63 14.96
N GLU A 98 84.67 32.51 14.47
CA GLU A 98 85.19 31.20 14.87
C GLU A 98 86.52 30.86 14.21
N GLY A 99 86.93 31.60 13.18
CA GLY A 99 88.22 31.32 12.58
C GLY A 99 89.33 32.21 13.08
N TRP A 100 90.04 31.71 14.09
CA TRP A 100 91.25 32.35 14.63
C TRP A 100 92.14 31.26 15.16
N VAL A 101 93.43 31.37 14.88
CA VAL A 101 94.39 30.33 15.23
C VAL A 101 94.80 30.49 16.68
N ARG A 102 94.66 29.42 17.46
CA ARG A 102 94.92 29.46 18.89
C ARG A 102 96.41 29.59 19.16
N SER A 103 96.74 30.32 20.23
CA SER A 103 98.12 30.59 20.61
C SER A 103 98.27 30.49 22.12
N THR A 104 99.50 30.28 22.56
CA THR A 104 99.81 30.33 23.98
C THR A 104 99.65 31.75 24.52
N GLU A 105 99.48 31.84 25.85
CA GLU A 105 99.24 33.13 26.50
C GLU A 105 100.43 34.08 26.38
N ASP A 106 101.65 33.54 26.42
CA ASP A 106 102.87 34.35 26.35
C ASP A 106 103.48 34.36 24.95
N ALA A 107 102.65 34.44 23.91
CA ALA A 107 103.14 34.42 22.54
C ALA A 107 103.78 35.76 22.16
N VAL A 108 104.90 35.69 21.43
CA VAL A 108 105.70 36.84 21.04
C VAL A 108 105.37 37.25 19.60
N ASP A 109 105.35 38.58 19.33
CA ASP A 109 105.36 39.11 17.98
C ASP A 109 106.75 38.89 17.39
N TYR A 110 106.84 37.97 16.43
CA TYR A 110 108.06 37.75 15.66
C TYR A 110 108.04 38.49 14.32
N SER A 111 107.05 39.33 14.08
CA SER A 111 106.99 40.11 12.85
C SER A 111 108.04 41.20 12.80
N ASP A 112 108.50 41.68 13.96
CA ASP A 112 109.36 42.85 14.02
C ASP A 112 110.82 42.52 14.33
N ILE A 113 111.26 41.28 14.07
CA ILE A 113 112.64 40.89 14.29
C ILE A 113 113.60 41.73 13.45
N ASN A 114 114.62 42.27 14.08
CA ASN A 114 115.60 43.13 13.43
C ASN A 114 116.99 42.51 13.34
N GLU A 115 117.20 41.31 13.88
CA GLU A 115 118.50 40.65 13.88
C GLU A 115 118.84 40.07 12.51
N VAL A 116 120.09 39.64 12.36
CA VAL A 116 120.53 38.93 11.17
C VAL A 116 120.95 37.52 11.57
N ALA A 117 120.36 36.53 10.92
CA ALA A 117 120.80 35.15 11.08
C ALA A 117 121.92 34.83 10.09
N GLU A 118 122.71 33.80 10.43
CA GLU A 118 123.89 33.44 9.64
C GLU A 118 123.53 32.91 8.25
N ASP A 119 124.48 33.06 7.33
CA ASP A 119 124.33 32.59 5.96
C ASP A 119 124.48 31.06 5.91
N ILE A 588 38.14 -37.44 2.01
CA ILE A 588 38.80 -38.74 2.02
C ILE A 588 40.26 -38.56 2.41
N ILE A 589 40.61 -39.09 3.59
CA ILE A 589 41.97 -38.96 4.13
C ILE A 589 42.71 -40.26 3.89
N GLN A 590 43.86 -40.18 3.23
CA GLN A 590 44.73 -41.32 2.99
C GLN A 590 46.01 -41.10 3.78
N HIS A 591 46.16 -41.85 4.87
CA HIS A 591 47.35 -41.76 5.70
C HIS A 591 48.53 -42.44 5.02
N SER A 592 49.72 -42.24 5.58
CA SER A 592 50.90 -42.91 5.07
C SER A 592 50.84 -44.40 5.36
N ILE A 593 51.62 -45.17 4.58
CA ILE A 593 51.61 -46.63 4.73
C ILE A 593 52.14 -47.10 6.08
N PRO A 594 53.22 -46.54 6.67
CA PRO A 594 53.51 -46.93 8.07
C PRO A 594 52.46 -46.49 9.08
N ALA A 595 51.66 -45.46 8.77
CA ALA A 595 50.56 -45.11 9.66
C ALA A 595 49.41 -46.11 9.55
N VAL A 596 49.04 -46.48 8.31
CA VAL A 596 47.93 -47.41 8.13
C VAL A 596 48.32 -48.82 8.60
N GLU A 597 49.60 -49.19 8.50
CA GLU A 597 50.06 -50.51 8.92
C GLU A 597 50.30 -50.64 10.42
N LEU A 598 49.90 -49.64 11.23
CA LEU A 598 49.97 -49.66 12.70
C LEU A 598 51.40 -49.87 13.20
N ARG A 599 52.37 -49.29 12.50
CA ARG A 599 53.77 -49.58 12.75
C ARG A 599 54.28 -48.80 13.97
N GLN A 600 55.28 -49.39 14.64
CA GLN A 600 56.09 -48.88 15.73
C GLN A 600 57.35 -48.22 15.16
N PRO A 601 57.91 -47.18 15.82
CA PRO A 601 57.43 -46.46 17.01
C PRO A 601 56.47 -45.33 16.68
N PHE A 602 55.94 -45.31 15.45
CA PHE A 602 54.97 -44.29 15.07
C PHE A 602 53.69 -44.43 15.88
N PHE A 603 53.24 -45.66 16.14
CA PHE A 603 52.12 -45.95 17.03
C PHE A 603 52.68 -46.78 18.18
N PRO A 604 53.00 -46.15 19.31
CA PRO A 604 53.56 -46.89 20.45
C PRO A 604 52.53 -47.84 21.05
N THR A 605 53.02 -49.00 21.49
CA THR A 605 52.17 -50.02 22.07
C THR A 605 51.84 -49.75 23.52
N HIS A 606 52.79 -49.22 24.29
CA HIS A 606 52.56 -48.92 25.69
C HIS A 606 53.34 -47.67 26.05
N MET A 607 52.75 -46.83 26.90
CA MET A 607 53.35 -45.58 27.33
C MET A 607 53.26 -45.52 28.85
N GLY A 608 54.38 -45.31 29.50
CA GLY A 608 54.43 -45.21 30.93
C GLY A 608 53.88 -43.88 31.44
N PRO A 609 53.84 -43.74 32.76
CA PRO A 609 53.44 -42.45 33.36
C PRO A 609 54.30 -41.26 32.93
N ILE A 610 55.62 -41.48 32.77
CA ILE A 610 56.51 -40.46 32.24
C ILE A 610 56.15 -40.14 30.79
N LYS A 611 55.87 -41.17 29.99
CA LYS A 611 55.54 -40.98 28.58
C LYS A 611 54.19 -40.31 28.39
N LEU A 612 53.23 -40.57 29.30
CA LEU A 612 51.92 -39.93 29.20
C LEU A 612 52.00 -38.45 29.55
N ARG A 613 52.87 -38.09 30.50
CA ARG A 613 53.10 -36.67 30.78
C ARG A 613 53.83 -36.01 29.63
N GLN A 614 54.72 -36.74 28.97
CA GLN A 614 55.50 -36.26 27.84
C GLN A 614 54.84 -36.59 26.50
N PHE A 615 53.53 -36.85 26.50
CA PHE A 615 52.80 -37.19 25.29
C PHE A 615 52.73 -36.00 24.34
N HIS A 616 53.28 -36.20 23.13
CA HIS A 616 53.53 -35.20 22.08
C HIS A 616 54.48 -34.09 22.51
N ARG A 617 55.24 -34.28 23.57
CA ARG A 617 56.36 -33.40 23.92
C ARG A 617 57.58 -34.25 24.22
N PRO A 618 58.23 -34.81 23.19
CA PRO A 618 59.36 -35.71 23.44
C PRO A 618 60.60 -34.95 23.88
N PRO A 619 61.19 -35.32 25.00
CA PRO A 619 62.40 -34.63 25.46
C PRO A 619 63.63 -35.09 24.71
N LEU A 620 64.57 -34.16 24.55
CA LEU A 620 65.82 -34.46 23.86
C LEU A 620 66.67 -35.42 24.69
N LYS A 621 66.91 -36.60 24.14
CA LYS A 621 67.51 -37.70 24.88
C LYS A 621 68.84 -38.10 24.24
N LYS A 622 69.84 -38.38 25.07
CA LYS A 622 71.15 -38.77 24.60
C LYS A 622 71.13 -40.17 24.00
N TYR A 623 71.97 -40.39 22.99
CA TYR A 623 72.16 -41.72 22.42
C TYR A 623 73.22 -42.49 23.20
N SER A 624 73.10 -43.82 23.18
CA SER A 624 74.12 -44.69 23.76
C SER A 624 75.19 -45.10 22.76
N PHE A 625 74.92 -44.98 21.47
CA PHE A 625 75.90 -45.30 20.43
C PHE A 625 75.61 -44.41 19.23
N GLY A 626 76.51 -44.46 18.25
CA GLY A 626 76.41 -43.60 17.09
C GLY A 626 77.34 -42.41 17.16
N ALA A 627 77.28 -41.59 16.10
CA ALA A 627 78.13 -40.40 15.99
C ALA A 627 77.81 -39.37 17.06
N LEU A 628 76.53 -39.11 17.31
CA LEU A 628 76.10 -38.09 18.26
C LEU A 628 76.04 -38.61 19.70
N SER A 629 76.50 -39.82 19.96
CA SER A 629 76.70 -40.26 21.33
C SER A 629 78.04 -39.80 21.90
N GLN A 630 78.93 -39.26 21.04
CA GLN A 630 80.26 -38.75 21.34
C GLN A 630 80.20 -37.29 21.78
N PRO A 631 81.07 -36.86 22.67
CA PRO A 631 81.10 -35.46 23.08
C PRO A 631 81.72 -34.58 22.00
N GLY A 632 81.58 -33.26 22.21
CA GLY A 632 82.17 -32.28 21.33
C GLY A 632 81.18 -31.75 20.30
N PRO A 633 81.64 -30.83 19.46
CA PRO A 633 80.77 -30.28 18.42
C PRO A 633 80.53 -31.28 17.30
N HIS A 634 79.36 -31.15 16.66
CA HIS A 634 78.95 -32.02 15.58
C HIS A 634 78.47 -31.19 14.40
N SER A 635 78.77 -31.67 13.19
CA SER A 635 78.47 -30.92 11.97
C SER A 635 76.96 -30.84 11.72
N VAL A 636 76.52 -29.66 11.28
CA VAL A 636 75.12 -29.42 10.93
C VAL A 636 75.04 -29.22 9.42
N GLN A 637 74.45 -30.20 8.71
CA GLN A 637 74.63 -30.30 7.28
C GLN A 637 73.47 -29.69 6.50
N PRO A 638 73.74 -29.10 5.33
CA PRO A 638 72.66 -28.52 4.51
C PRO A 638 71.88 -29.58 3.74
N LEU A 639 70.68 -29.19 3.32
CA LEU A 639 69.75 -30.11 2.67
C LEU A 639 69.34 -29.70 1.26
N LEU A 640 69.84 -28.57 0.75
CA LEU A 640 69.29 -27.94 -0.46
C LEU A 640 69.43 -28.83 -1.69
N LYS A 641 70.56 -29.52 -1.83
CA LYS A 641 70.73 -30.47 -2.93
C LYS A 641 69.82 -31.67 -2.77
N HIS A 642 69.59 -32.12 -1.53
CA HIS A 642 68.77 -33.29 -1.28
C HIS A 642 67.29 -33.01 -1.53
N ILE A 643 66.83 -31.80 -1.20
CA ILE A 643 65.44 -31.41 -1.40
C ILE A 643 65.12 -31.35 -2.90
N LYS A 644 66.00 -30.72 -3.68
CA LYS A 644 65.78 -30.58 -5.11
C LYS A 644 65.82 -31.93 -5.82
N LYS A 645 66.72 -32.82 -5.39
CA LYS A 645 66.83 -34.14 -5.99
C LYS A 645 65.59 -35.00 -5.74
N LYS A 646 65.07 -34.96 -4.51
CA LYS A 646 63.90 -35.76 -4.17
C LYS A 646 62.64 -35.22 -4.85
N ALA A 647 62.51 -33.90 -4.92
CA ALA A 647 61.36 -33.28 -5.60
C ALA A 647 61.41 -33.57 -7.10
N LYS A 648 62.61 -33.59 -7.67
CA LYS A 648 62.78 -33.96 -9.08
C LYS A 648 62.37 -35.41 -9.33
N MET A 649 62.86 -36.33 -8.49
CA MET A 649 62.61 -37.76 -8.67
C MET A 649 61.12 -38.10 -8.49
N ARG A 650 60.48 -37.50 -7.49
CA ARG A 650 59.05 -37.71 -7.28
C ARG A 650 58.22 -37.14 -8.44
N GLU A 651 58.67 -36.02 -9.01
CA GLU A 651 58.01 -35.49 -10.20
C GLU A 651 58.25 -36.39 -11.42
N GLN A 652 59.45 -36.98 -11.52
CA GLN A 652 59.72 -37.89 -12.62
C GLN A 652 58.94 -39.20 -12.48
N GLU A 653 58.74 -39.67 -11.24
CA GLU A 653 57.88 -40.82 -11.02
C GLU A 653 56.43 -40.50 -11.33
N ARG A 654 56.01 -39.25 -11.13
CA ARG A 654 54.66 -38.83 -11.49
C ARG A 654 54.48 -38.83 -13.01
N GLN A 655 55.46 -38.27 -13.73
CA GLN A 655 55.34 -38.14 -15.18
C GLN A 655 55.57 -39.44 -15.93
N ALA A 656 56.18 -40.45 -15.29
CA ALA A 656 56.43 -41.71 -15.96
C ALA A 656 55.27 -42.69 -15.85
N SER A 657 54.20 -42.33 -15.13
CA SER A 657 53.03 -43.20 -15.10
C SER A 657 51.60 -42.61 -15.14
N GLY A 658 51.26 -41.51 -15.84
CA GLY A 658 52.06 -40.61 -16.66
C GLY A 658 51.70 -39.17 -16.32
N GLY A 659 51.23 -38.97 -15.11
CA GLY A 659 50.74 -37.67 -14.68
C GLY A 659 49.64 -37.84 -13.66
N GLY A 660 49.11 -36.69 -13.23
CA GLY A 660 47.97 -36.68 -12.33
C GLY A 660 48.35 -36.67 -10.87
N GLU A 661 47.64 -37.46 -10.05
CA GLU A 661 47.85 -37.51 -8.62
C GLU A 661 48.53 -38.83 -8.26
N MET A 662 49.63 -38.73 -7.51
CA MET A 662 50.41 -39.89 -7.12
C MET A 662 50.62 -39.88 -5.60
N PHE A 663 50.63 -41.08 -5.02
CA PHE A 663 50.80 -41.25 -3.59
C PHE A 663 52.25 -41.65 -3.31
N PHE A 664 52.93 -40.87 -2.48
CA PHE A 664 54.36 -41.02 -2.27
C PHE A 664 54.75 -41.51 -0.89
N MET A 665 53.83 -41.53 0.07
CA MET A 665 54.17 -41.85 1.46
C MET A 665 54.00 -43.35 1.70
N ARG A 666 54.94 -44.11 1.14
CA ARG A 666 54.85 -45.57 1.19
C ARG A 666 55.83 -46.22 2.16
N THR A 667 56.91 -45.54 2.54
CA THR A 667 57.96 -46.08 3.38
C THR A 667 58.14 -45.16 4.59
N PRO A 668 58.75 -45.65 5.67
CA PRO A 668 59.14 -44.73 6.76
C PRO A 668 60.17 -43.68 6.34
N GLN A 669 61.01 -44.00 5.34
CA GLN A 669 61.98 -43.02 4.84
C GLN A 669 61.29 -41.86 4.13
N ASP A 670 60.12 -42.10 3.53
CA ASP A 670 59.38 -41.02 2.87
C ASP A 670 58.74 -40.04 3.84
N LEU A 671 58.59 -40.42 5.11
CA LEU A 671 57.98 -39.54 6.12
C LEU A 671 58.96 -38.60 6.79
N THR A 672 60.23 -38.60 6.36
CA THR A 672 61.22 -37.74 7.00
C THR A 672 60.98 -36.28 6.64
N GLY A 673 61.50 -35.39 7.49
CA GLY A 673 61.50 -33.95 7.26
C GLY A 673 62.63 -33.45 6.39
N LYS A 674 63.49 -34.34 5.89
CA LYS A 674 64.66 -33.96 5.12
C LYS A 674 64.31 -33.48 3.72
N ASP A 675 63.09 -33.76 3.25
CA ASP A 675 62.71 -33.51 1.86
C ASP A 675 61.29 -32.96 1.81
N GLY A 676 60.91 -32.44 0.65
CA GLY A 676 59.57 -31.92 0.43
C GLY A 676 59.37 -30.56 1.07
N ASP A 677 58.23 -29.96 0.73
CA ASP A 677 57.86 -28.69 1.35
C ASP A 677 57.24 -28.93 2.72
N LEU A 678 57.61 -28.10 3.69
CA LEU A 678 57.20 -28.28 5.08
C LEU A 678 56.58 -27.02 5.67
N ILE A 679 55.70 -27.22 6.66
CA ILE A 679 55.20 -26.16 7.52
C ILE A 679 55.54 -26.51 8.97
N LEU A 680 55.38 -25.52 9.84
CA LEU A 680 55.19 -25.73 11.26
C LEU A 680 53.76 -25.38 11.66
N ALA A 681 53.22 -26.14 12.60
CA ALA A 681 51.88 -25.88 13.13
C ALA A 681 51.96 -25.84 14.64
N GLU A 682 51.65 -24.67 15.22
CA GLU A 682 51.71 -24.48 16.66
C GLU A 682 50.29 -24.47 17.21
N TYR A 683 49.98 -25.46 18.04
CA TYR A 683 48.63 -25.61 18.60
C TYR A 683 48.48 -24.65 19.77
N SER A 684 47.43 -23.82 19.73
CA SER A 684 47.16 -22.90 20.83
C SER A 684 46.67 -23.65 22.07
N GLU A 685 46.09 -24.83 21.88
CA GLU A 685 45.69 -25.67 23.00
C GLU A 685 46.90 -26.38 23.58
N GLU A 686 47.01 -26.36 24.91
CA GLU A 686 48.09 -27.06 25.60
C GLU A 686 47.99 -28.57 25.40
N ASN A 687 46.80 -29.13 25.60
CA ASN A 687 46.53 -30.57 25.44
C ASN A 687 45.19 -30.70 24.71
N GLY A 688 45.26 -30.85 23.39
CA GLY A 688 44.09 -31.00 22.57
C GLY A 688 43.33 -32.29 22.83
N PRO A 689 42.02 -32.28 22.53
CA PRO A 689 41.23 -33.50 22.70
C PRO A 689 41.58 -34.61 21.72
N LEU A 690 42.06 -34.27 20.53
CA LEU A 690 42.56 -35.24 19.57
C LEU A 690 43.82 -34.70 18.92
N MET A 691 44.80 -35.59 18.74
CA MET A 691 46.11 -35.25 18.22
C MET A 691 46.50 -36.27 17.17
N MET A 692 47.13 -35.80 16.11
CA MET A 692 47.66 -36.70 15.10
C MET A 692 49.04 -37.21 15.52
N GLN A 693 49.33 -38.46 15.17
CA GLN A 693 50.64 -39.02 15.39
C GLN A 693 51.54 -38.72 14.20
N VAL A 694 52.82 -39.06 14.35
CA VAL A 694 53.75 -39.01 13.22
C VAL A 694 53.29 -39.99 12.15
N GLY A 695 53.10 -39.48 10.93
CA GLY A 695 52.70 -40.29 9.81
C GLY A 695 51.26 -40.11 9.36
N MET A 696 50.41 -39.50 10.16
CA MET A 696 49.02 -39.34 9.76
C MET A 696 48.86 -38.15 8.83
N ALA A 697 47.69 -38.07 8.19
CA ALA A 697 47.42 -37.09 7.14
C ALA A 697 46.30 -36.14 7.55
N THR A 698 46.39 -34.92 7.05
CA THR A 698 45.35 -33.91 7.24
C THR A 698 45.30 -33.00 6.02
N LYS A 699 44.16 -32.36 5.83
CA LYS A 699 43.95 -31.44 4.73
C LYS A 699 43.78 -30.01 5.23
N ILE A 700 43.95 -29.06 4.32
CA ILE A 700 43.54 -27.68 4.52
C ILE A 700 42.42 -27.38 3.53
N LYS A 701 41.27 -26.96 4.04
CA LYS A 701 40.19 -26.43 3.21
C LYS A 701 40.05 -24.95 3.49
N ASN A 702 39.96 -24.16 2.41
CA ASN A 702 39.93 -22.70 2.49
C ASN A 702 38.47 -22.29 2.43
N TYR A 703 37.83 -22.21 3.60
CA TYR A 703 36.40 -21.92 3.67
C TYR A 703 36.16 -20.45 3.38
N TYR A 704 35.33 -20.19 2.37
CA TYR A 704 34.99 -18.84 1.94
C TYR A 704 33.49 -18.72 1.77
N LYS A 705 32.94 -17.60 2.24
CA LYS A 705 31.54 -17.28 2.02
C LYS A 705 31.45 -16.20 0.95
N ARG A 706 30.61 -16.44 -0.05
CA ARG A 706 30.54 -15.55 -1.21
C ARG A 706 29.92 -14.21 -0.84
N LYS A 707 30.43 -13.15 -1.47
CA LYS A 707 29.82 -11.83 -1.37
C LYS A 707 28.47 -11.82 -2.08
N PRO A 708 27.55 -10.96 -1.65
CA PRO A 708 26.24 -10.91 -2.33
C PRO A 708 26.34 -10.24 -3.68
N GLY A 709 25.61 -10.79 -4.64
CA GLY A 709 25.60 -10.28 -6.01
C GLY A 709 26.67 -10.95 -6.88
N LYS A 710 27.64 -10.15 -7.34
CA LYS A 710 28.65 -10.60 -8.30
C LYS A 710 29.97 -10.82 -7.56
N ASP A 711 30.15 -12.05 -7.08
CA ASP A 711 31.41 -12.44 -6.45
C ASP A 711 32.42 -12.82 -7.52
N PRO A 712 33.60 -12.19 -7.57
CA PRO A 712 34.64 -12.65 -8.50
C PRO A 712 35.39 -13.89 -8.03
N GLY A 713 35.13 -14.37 -6.82
CA GLY A 713 35.74 -15.58 -6.31
C GLY A 713 36.56 -15.31 -5.06
N ALA A 714 36.98 -16.41 -4.45
CA ALA A 714 37.79 -16.36 -3.24
C ALA A 714 39.21 -15.92 -3.56
N PRO A 715 39.88 -15.25 -2.62
CA PRO A 715 41.31 -14.95 -2.80
C PRO A 715 42.14 -16.23 -2.76
N ASP A 716 43.28 -16.18 -3.44
CA ASP A 716 44.16 -17.34 -3.54
C ASP A 716 45.10 -17.40 -2.35
N CYS A 717 45.40 -18.63 -1.92
CA CYS A 717 46.31 -18.88 -0.82
C CYS A 717 47.45 -19.77 -1.27
N LYS A 718 48.54 -19.76 -0.50
CA LYS A 718 49.68 -20.61 -0.81
C LYS A 718 49.36 -22.08 -0.55
N TYR A 719 48.53 -22.37 0.45
CA TYR A 719 48.22 -23.74 0.84
C TYR A 719 46.70 -23.94 0.84
N GLY A 720 46.29 -25.18 0.61
CA GLY A 720 44.91 -25.58 0.78
C GLY A 720 44.07 -25.48 -0.48
N GLU A 721 42.88 -26.09 -0.39
CA GLU A 721 41.90 -26.11 -1.47
C GLU A 721 40.69 -25.28 -1.07
N THR A 722 40.23 -24.43 -1.99
CA THR A 722 39.11 -23.53 -1.71
C THR A 722 37.81 -24.32 -1.63
N VAL A 723 37.05 -24.10 -0.55
CA VAL A 723 35.72 -24.67 -0.38
C VAL A 723 34.73 -23.52 -0.19
N TYR A 724 33.78 -23.41 -1.10
CA TYR A 724 32.71 -22.43 -0.99
C TYR A 724 31.58 -23.05 -0.17
N CYS A 725 31.26 -22.42 0.96
CA CYS A 725 30.29 -22.96 1.90
C CYS A 725 29.18 -21.96 2.14
N HIS A 726 27.94 -22.44 2.12
CA HIS A 726 26.79 -21.63 2.49
C HIS A 726 26.41 -21.81 3.95
N THR A 727 26.64 -23.00 4.50
CA THR A 727 26.46 -23.28 5.92
C THR A 727 27.83 -23.39 6.57
N SER A 728 27.98 -22.78 7.74
CA SER A 728 29.29 -22.68 8.37
C SER A 728 29.67 -24.02 9.01
N PRO A 729 30.87 -24.53 8.78
CA PRO A 729 31.31 -25.75 9.44
C PRO A 729 31.78 -25.56 10.88
N PHE A 730 31.79 -24.33 11.37
CA PHE A 730 32.21 -24.00 12.72
C PHE A 730 30.99 -23.58 13.55
N LEU A 731 31.27 -23.18 14.80
CA LEU A 731 30.17 -22.79 15.69
C LEU A 731 29.63 -21.42 15.33
N GLY A 732 30.46 -20.53 14.79
CA GLY A 732 30.04 -19.24 14.32
C GLY A 732 29.97 -19.22 12.79
N SER A 733 29.27 -18.22 12.28
CA SER A 733 29.02 -18.10 10.85
C SER A 733 30.06 -17.18 10.20
N LEU A 734 30.46 -17.55 8.99
CA LEU A 734 31.36 -16.70 8.22
C LEU A 734 30.64 -15.45 7.75
N HIS A 735 31.39 -14.38 7.60
CA HIS A 735 30.90 -13.15 7.01
C HIS A 735 31.03 -13.22 5.49
N PRO A 736 30.24 -12.45 4.75
CA PRO A 736 30.43 -12.39 3.29
C PRO A 736 31.77 -11.78 2.92
N GLY A 737 32.53 -12.50 2.10
CA GLY A 737 33.86 -12.09 1.73
C GLY A 737 34.96 -12.53 2.68
N GLN A 738 34.63 -13.30 3.71
CA GLN A 738 35.61 -13.76 4.69
C GLN A 738 36.20 -15.10 4.28
N LEU A 739 37.53 -15.17 4.25
CA LEU A 739 38.25 -16.41 4.00
C LEU A 739 38.80 -16.93 5.32
N LEU A 740 38.58 -18.21 5.58
CA LEU A 740 39.01 -18.84 6.84
C LEU A 740 39.67 -20.17 6.52
N GLN A 741 40.96 -20.27 6.82
CA GLN A 741 41.71 -21.50 6.63
C GLN A 741 41.52 -22.43 7.84
N ALA A 742 41.61 -23.73 7.59
CA ALA A 742 41.31 -24.71 8.63
C ALA A 742 41.96 -26.05 8.32
N PHE A 743 42.39 -26.74 9.37
CA PHE A 743 42.79 -28.14 9.26
C PHE A 743 41.58 -29.06 9.21
N GLU A 744 41.64 -30.08 8.37
CA GLU A 744 40.53 -31.01 8.18
C GLU A 744 41.09 -32.43 8.11
N ASN A 745 40.59 -33.30 8.98
CA ASN A 745 40.85 -34.73 8.92
C ASN A 745 39.69 -35.46 9.57
N ASN A 746 39.86 -36.75 9.82
CA ASN A 746 38.80 -37.52 10.46
C ASN A 746 38.77 -37.32 11.97
N LEU A 747 39.77 -36.65 12.55
CA LEU A 747 39.80 -36.44 13.99
C LEU A 747 39.11 -35.14 14.41
N PHE A 748 39.47 -34.01 13.80
CA PHE A 748 39.06 -32.73 14.33
C PHE A 748 38.99 -31.69 13.23
N ARG A 749 38.34 -30.58 13.55
CA ARG A 749 38.30 -29.39 12.71
C ARG A 749 38.78 -28.19 13.50
N ALA A 750 39.71 -27.43 12.93
CA ALA A 750 40.27 -26.33 13.69
C ALA A 750 40.79 -25.25 12.76
N PRO A 751 40.47 -23.99 13.00
CA PRO A 751 40.93 -22.92 12.11
C PRO A 751 42.43 -22.66 12.27
N ILE A 752 43.08 -22.41 11.13
CA ILE A 752 44.52 -22.19 11.09
C ILE A 752 44.81 -20.83 10.45
N TYR A 753 45.91 -20.23 10.89
CA TYR A 753 46.21 -18.83 10.60
C TYR A 753 47.67 -18.72 10.16
N LEU A 754 47.89 -18.34 8.92
CA LEU A 754 49.24 -18.27 8.38
C LEU A 754 49.99 -17.06 8.95
N HIS A 755 51.11 -17.33 9.58
CA HIS A 755 52.01 -16.32 10.12
C HIS A 755 53.41 -16.54 9.55
N LYS A 756 54.31 -15.63 9.89
CA LYS A 756 55.68 -15.68 9.43
C LYS A 756 56.56 -16.24 10.53
N MET A 757 57.44 -17.18 10.17
CA MET A 757 58.43 -17.67 11.11
C MET A 757 59.43 -16.56 11.41
N PRO A 758 59.85 -16.39 12.66
CA PRO A 758 60.82 -15.33 12.98
C PRO A 758 62.16 -15.57 12.30
N GLU A 759 62.87 -14.47 12.03
CA GLU A 759 64.12 -14.51 11.29
C GLU A 759 65.25 -15.18 12.06
N THR A 760 65.10 -15.37 13.37
CA THR A 760 66.09 -16.03 14.19
C THR A 760 65.89 -17.52 14.32
N ASP A 761 64.75 -18.06 13.87
CA ASP A 761 64.36 -19.41 14.18
C ASP A 761 64.53 -20.32 12.97
N PHE A 762 65.15 -21.48 13.20
CA PHE A 762 65.42 -22.47 12.16
C PHE A 762 64.92 -23.83 12.63
N LEU A 763 64.72 -24.74 11.68
CA LEU A 763 64.34 -26.11 11.97
C LEU A 763 65.58 -27.00 11.98
N ILE A 764 65.82 -27.66 13.10
CA ILE A 764 66.95 -28.58 13.25
C ILE A 764 66.41 -30.00 13.27
N ILE A 765 66.87 -30.82 12.34
CA ILE A 765 66.54 -32.23 12.31
C ILE A 765 67.71 -33.00 12.92
N ARG A 766 67.43 -33.77 13.96
CA ARG A 766 68.48 -34.46 14.70
C ARG A 766 68.24 -35.95 14.65
N THR A 767 69.24 -36.67 14.13
CA THR A 767 69.23 -38.12 14.05
C THR A 767 70.49 -38.65 14.74
N ARG A 768 70.63 -39.98 14.76
CA ARG A 768 71.83 -40.60 15.29
C ARG A 768 73.06 -40.26 14.46
N GLN A 769 72.88 -40.07 13.15
CA GLN A 769 74.00 -39.89 12.23
C GLN A 769 74.47 -38.44 12.13
N GLY A 770 73.64 -37.47 12.43
CA GLY A 770 74.09 -36.10 12.31
C GLY A 770 72.96 -35.11 12.54
N TYR A 771 73.35 -33.83 12.57
CA TYR A 771 72.43 -32.71 12.64
C TYR A 771 72.14 -32.18 11.25
N TYR A 772 70.87 -31.85 11.02
CA TYR A 772 70.38 -31.36 9.75
C TYR A 772 69.62 -30.06 9.98
N ILE A 773 69.68 -29.16 9.00
CA ILE A 773 69.06 -27.85 9.11
C ILE A 773 68.34 -27.53 7.80
N ARG A 774 67.16 -26.94 7.92
CA ARG A 774 66.39 -26.44 6.78
C ARG A 774 65.76 -25.10 7.11
N GLU A 775 65.69 -24.22 6.12
CA GLU A 775 64.99 -22.96 6.25
C GLU A 775 63.48 -23.20 6.15
N LEU A 776 62.71 -22.49 6.97
CA LEU A 776 61.25 -22.59 6.94
C LEU A 776 60.66 -21.25 7.36
N VAL A 777 59.71 -20.75 6.58
CA VAL A 777 59.13 -19.43 6.83
C VAL A 777 57.66 -19.49 7.27
N ASP A 778 56.93 -20.55 6.94
CA ASP A 778 55.48 -20.59 7.12
C ASP A 778 55.11 -21.37 8.37
N ILE A 779 54.51 -20.68 9.34
CA ILE A 779 54.04 -21.31 10.58
C ILE A 779 52.59 -20.92 10.82
N PHE A 780 51.77 -21.91 11.17
CA PHE A 780 50.34 -21.71 11.41
C PHE A 780 50.01 -21.71 12.90
N VAL A 781 49.17 -20.77 13.30
CA VAL A 781 48.54 -20.82 14.62
C VAL A 781 47.20 -21.53 14.48
N VAL A 782 47.01 -22.60 15.25
CA VAL A 782 45.82 -23.43 15.15
C VAL A 782 44.94 -23.17 16.36
N GLY A 783 43.67 -22.86 16.11
CA GLY A 783 42.75 -22.52 17.17
C GLY A 783 42.20 -23.72 17.89
N GLN A 784 41.11 -23.49 18.60
CA GLN A 784 40.39 -24.55 19.31
C GLN A 784 39.81 -25.55 18.32
N GLN A 785 39.94 -26.83 18.66
CA GLN A 785 39.47 -27.90 17.78
C GLN A 785 37.96 -28.05 17.88
N CYS A 786 37.35 -28.39 16.75
CA CYS A 786 35.98 -28.90 16.70
C CYS A 786 36.07 -30.40 16.48
N PRO A 787 35.97 -31.21 17.54
CA PRO A 787 36.25 -32.65 17.40
C PRO A 787 35.16 -33.38 16.62
N LEU A 788 35.60 -34.28 15.74
CA LEU A 788 34.69 -35.06 14.92
C LEU A 788 34.66 -36.53 15.30
N PHE A 789 35.57 -36.97 16.18
CA PHE A 789 35.68 -38.36 16.58
C PHE A 789 35.60 -38.44 18.11
N GLU A 790 34.87 -39.42 18.62
CA GLU A 790 34.55 -39.48 20.04
C GLU A 790 35.71 -40.06 20.84
N VAL A 791 36.09 -39.38 21.91
CA VAL A 791 37.10 -39.88 22.83
C VAL A 791 36.42 -40.73 23.91
N PRO A 792 36.86 -41.96 24.13
CA PRO A 792 36.21 -42.81 25.14
C PRO A 792 36.56 -42.40 26.56
N GLY A 793 35.75 -42.90 27.49
CA GLY A 793 36.02 -42.77 28.90
C GLY A 793 36.89 -43.91 29.40
N PRO A 794 37.53 -43.71 30.57
CA PRO A 794 38.37 -44.78 31.14
C PRO A 794 37.55 -46.00 31.55
N ASN A 795 38.07 -47.17 31.17
CA ASN A 795 37.47 -48.50 31.40
C ASN A 795 36.06 -48.62 30.83
N SER A 796 35.75 -47.87 29.77
CA SER A 796 34.50 -48.05 29.06
C SER A 796 34.56 -49.30 28.18
N LYS A 797 33.40 -49.69 27.65
CA LYS A 797 33.32 -50.86 26.79
C LYS A 797 34.00 -50.62 25.45
N ARG A 798 33.89 -49.39 24.92
CA ARG A 798 34.59 -49.04 23.68
C ARG A 798 36.10 -49.01 23.89
N ALA A 799 36.56 -48.46 25.02
CA ALA A 799 37.98 -48.42 25.32
C ALA A 799 38.56 -49.81 25.52
N ASN A 800 37.81 -50.69 26.21
CA ASN A 800 38.30 -52.04 26.46
C ASN A 800 38.28 -52.89 25.19
N THR A 801 37.37 -52.60 24.27
CA THR A 801 37.36 -53.28 22.97
C THR A 801 38.56 -52.85 22.13
N HIS A 802 38.94 -51.58 22.24
CA HIS A 802 40.07 -51.04 21.46
C HIS A 802 41.39 -51.66 21.89
N ILE A 803 41.59 -51.84 23.20
CA ILE A 803 42.82 -52.42 23.70
C ILE A 803 42.93 -53.89 23.28
N ARG A 804 41.80 -54.60 23.30
CA ARG A 804 41.75 -56.00 22.86
C ARG A 804 42.06 -56.13 21.37
N ASP A 805 41.45 -55.26 20.55
CA ASP A 805 41.66 -55.32 19.11
C ASP A 805 43.08 -54.93 18.72
N PHE A 806 43.63 -53.91 19.40
CA PHE A 806 45.01 -53.49 19.12
C PHE A 806 46.02 -54.57 19.53
N LEU A 807 45.72 -55.29 20.62
CA LEU A 807 46.50 -56.49 20.94
C LEU A 807 46.35 -57.57 19.87
N GLN A 808 45.15 -57.70 19.29
CA GLN A 808 44.93 -58.70 18.26
C GLN A 808 45.64 -58.33 16.96
N VAL A 809 45.73 -57.03 16.67
CA VAL A 809 46.47 -56.53 15.51
C VAL A 809 47.97 -56.79 15.69
N PHE A 810 48.49 -56.49 16.89
CA PHE A 810 49.92 -56.62 17.14
C PHE A 810 50.37 -58.09 17.13
N ILE A 811 49.51 -58.99 17.60
CA ILE A 811 49.83 -60.43 17.58
C ILE A 811 49.92 -60.93 16.13
N TYR A 812 48.94 -60.56 15.30
CA TYR A 812 48.89 -60.99 13.89
C TYR A 812 50.12 -60.54 13.11
N ARG A 813 50.55 -59.29 13.32
CA ARG A 813 51.72 -58.79 12.61
C ARG A 813 53.02 -59.40 13.12
N LEU A 814 53.02 -59.93 14.34
CA LEU A 814 54.17 -60.71 14.80
C LEU A 814 54.27 -62.04 14.06
N PHE A 815 53.13 -62.68 13.78
CA PHE A 815 53.12 -63.87 12.95
C PHE A 815 53.59 -63.59 11.52
N TRP A 816 53.18 -62.44 10.96
CA TRP A 816 53.65 -62.06 9.63
C TRP A 816 55.13 -61.74 9.61
N LYS A 817 55.69 -61.31 10.76
CA LYS A 817 57.11 -61.03 10.83
C LYS A 817 57.94 -62.31 10.99
N SER A 818 57.34 -63.36 11.58
CA SER A 818 58.03 -64.61 11.80
C SER A 818 58.35 -65.32 10.49
N LYS A 819 59.58 -65.79 10.36
CA LYS A 819 60.05 -66.46 9.14
C LYS A 819 60.05 -67.97 9.25
N ASP A 820 59.77 -68.52 10.44
CA ASP A 820 59.74 -69.97 10.61
C ASP A 820 58.50 -70.56 9.94
N ARG A 821 58.64 -71.79 9.48
CA ARG A 821 57.54 -72.53 8.87
C ARG A 821 57.34 -73.83 9.63
N PRO A 822 56.25 -73.99 10.41
CA PRO A 822 55.12 -73.08 10.64
C PRO A 822 55.44 -71.87 11.52
N ARG A 823 54.67 -70.80 11.34
CA ARG A 823 54.94 -69.52 12.01
C ARG A 823 54.79 -69.65 13.53
N ARG A 824 55.65 -68.93 14.25
CA ARG A 824 55.70 -69.05 15.70
C ARG A 824 56.19 -67.75 16.32
N ILE A 825 55.69 -67.45 17.52
CA ILE A 825 56.05 -66.26 18.27
C ILE A 825 56.27 -66.64 19.73
N ARG A 826 56.81 -65.70 20.50
CA ARG A 826 57.07 -65.88 21.93
C ARG A 826 56.16 -64.99 22.76
N MET A 827 55.74 -65.52 23.92
CA MET A 827 55.03 -64.72 24.92
C MET A 827 55.84 -63.53 25.39
N GLU A 828 57.17 -63.69 25.49
CA GLU A 828 58.05 -62.63 25.98
C GLU A 828 58.01 -61.38 25.10
N ASP A 829 57.84 -61.55 23.79
CA ASP A 829 57.80 -60.41 22.87
C ASP A 829 56.52 -59.59 23.05
N ILE A 830 55.41 -60.26 23.38
CA ILE A 830 54.15 -59.53 23.59
C ILE A 830 54.19 -58.81 24.94
N LYS A 831 54.72 -59.47 25.97
CA LYS A 831 54.78 -58.89 27.31
C LYS A 831 55.73 -57.71 27.37
N LYS A 832 56.81 -57.74 26.56
CA LYS A 832 57.73 -56.61 26.50
C LYS A 832 57.06 -55.39 25.88
N ALA A 833 56.19 -55.60 24.89
CA ALA A 833 55.44 -54.48 24.30
C ALA A 833 54.25 -54.09 25.14
N PHE A 834 53.67 -55.04 25.90
CA PHE A 834 52.49 -54.81 26.73
C PHE A 834 52.77 -55.18 28.19
N PRO A 835 53.55 -54.36 28.91
CA PRO A 835 53.86 -54.71 30.31
C PRO A 835 52.69 -54.53 31.27
N SER A 836 51.63 -53.83 30.88
CA SER A 836 50.49 -53.59 31.74
C SER A 836 49.41 -54.65 31.59
N HIS A 837 49.61 -55.62 30.70
CA HIS A 837 48.70 -56.75 30.58
C HIS A 837 49.20 -57.94 31.39
N SER A 838 48.25 -58.63 32.02
CA SER A 838 48.56 -59.94 32.58
C SER A 838 48.72 -60.96 31.46
N GLU A 839 49.45 -62.03 31.76
CA GLU A 839 49.64 -63.11 30.80
C GLU A 839 48.33 -63.84 30.48
N SER A 840 47.40 -63.86 31.43
CA SER A 840 46.11 -64.53 31.21
C SER A 840 45.27 -63.79 30.17
N SER A 841 45.36 -62.46 30.13
CA SER A 841 44.65 -61.71 29.10
C SER A 841 45.28 -61.91 27.73
N ILE A 842 46.59 -62.17 27.69
CA ILE A 842 47.26 -62.51 26.44
C ILE A 842 46.94 -63.95 26.05
N ARG A 843 46.74 -64.83 27.05
CA ARG A 843 46.31 -66.20 26.78
C ARG A 843 44.94 -66.27 26.14
N LYS A 844 44.08 -65.26 26.35
CA LYS A 844 42.77 -65.23 25.71
C LYS A 844 42.90 -65.00 24.21
N ARG A 845 43.77 -64.07 23.82
CA ARG A 845 43.91 -63.71 22.41
C ARG A 845 44.68 -64.74 21.60
N LEU A 846 45.44 -65.62 22.26
CA LEU A 846 46.30 -66.58 21.58
C LEU A 846 45.70 -67.98 21.48
N LYS A 847 44.60 -68.26 22.19
CA LYS A 847 44.07 -69.62 22.23
C LYS A 847 43.35 -69.99 20.94
N LEU A 848 42.78 -69.02 20.22
CA LEU A 848 42.02 -69.35 19.02
C LEU A 848 42.90 -69.53 17.79
N CYS A 849 44.08 -68.92 17.77
CA CYS A 849 44.92 -68.90 16.58
C CYS A 849 46.22 -69.67 16.72
N ALA A 850 46.61 -70.09 17.92
CA ALA A 850 47.92 -70.68 18.09
C ALA A 850 47.84 -71.88 19.03
N ASP A 851 48.86 -72.73 18.95
CA ASP A 851 49.01 -73.90 19.80
C ASP A 851 50.33 -73.83 20.54
N PHE A 852 50.29 -74.07 21.84
CA PHE A 852 51.47 -73.96 22.69
C PHE A 852 52.32 -75.23 22.61
N LYS A 853 53.59 -75.06 22.22
CA LYS A 853 54.58 -76.13 22.18
C LYS A 853 55.63 -75.82 23.22
N ARG A 854 55.70 -76.62 24.28
CA ARG A 854 56.63 -76.37 25.37
C ARG A 854 57.98 -77.02 25.05
N THR A 855 59.04 -76.31 25.43
CA THR A 855 60.41 -76.69 25.14
C THR A 855 61.21 -76.57 26.43
N GLY A 856 62.25 -77.39 26.58
CA GLY A 856 62.99 -77.46 27.81
C GLY A 856 63.94 -76.31 28.11
N MET A 857 63.37 -75.12 28.27
CA MET A 857 64.04 -73.83 28.45
C MET A 857 62.97 -72.84 28.90
N ASP A 858 63.36 -71.78 29.61
CA ASP A 858 62.42 -70.73 30.00
C ASP A 858 62.27 -69.71 28.86
N SER A 859 61.85 -70.23 27.70
CA SER A 859 61.60 -69.44 26.50
C SER A 859 60.84 -70.34 25.54
N ASN A 860 59.53 -70.15 25.41
CA ASN A 860 58.67 -71.09 24.70
C ASN A 860 57.89 -70.39 23.59
N TRP A 861 57.37 -71.19 22.66
CA TRP A 861 56.82 -70.69 21.41
C TRP A 861 55.32 -70.94 21.32
N TRP A 862 54.61 -70.01 20.69
CA TRP A 862 53.22 -70.18 20.28
C TRP A 862 53.21 -70.46 18.79
N VAL A 863 52.93 -71.71 18.39
CA VAL A 863 52.97 -72.10 16.99
C VAL A 863 51.60 -71.91 16.38
N LEU A 864 51.55 -71.24 15.23
CA LEU A 864 50.30 -70.93 14.54
C LEU A 864 49.59 -72.21 14.12
N LYS A 865 48.27 -72.24 14.34
CA LYS A 865 47.46 -73.38 13.94
C LYS A 865 47.47 -73.58 12.44
N SER A 866 47.60 -74.85 12.02
CA SER A 866 47.67 -75.18 10.60
C SER A 866 46.34 -74.92 9.88
N ASP A 867 45.22 -75.02 10.58
CA ASP A 867 43.91 -74.80 9.98
C ASP A 867 43.42 -73.37 10.17
N PHE A 868 44.23 -72.51 10.78
CA PHE A 868 43.90 -71.10 10.95
C PHE A 868 44.52 -70.30 9.80
N ARG A 869 43.67 -69.62 9.04
CA ARG A 869 44.15 -68.73 8.00
C ARG A 869 44.50 -67.38 8.65
N LEU A 870 45.76 -66.99 8.55
CA LEU A 870 46.19 -65.72 9.13
C LEU A 870 45.63 -64.58 8.28
N PRO A 871 44.98 -63.59 8.88
CA PRO A 871 44.33 -62.54 8.09
C PRO A 871 45.32 -61.67 7.33
N THR A 872 44.94 -61.29 6.12
CA THR A 872 45.79 -60.50 5.23
C THR A 872 45.94 -59.07 5.76
N GLU A 873 46.81 -58.31 5.08
CA GLU A 873 47.22 -56.98 5.53
C GLU A 873 46.06 -56.00 5.63
N GLU A 874 45.28 -55.88 4.54
CA GLU A 874 44.17 -54.93 4.53
C GLU A 874 43.02 -55.37 5.43
N GLU A 875 42.92 -56.67 5.73
CA GLU A 875 41.96 -57.12 6.74
C GLU A 875 42.40 -56.71 8.14
N ILE A 876 43.70 -56.71 8.40
CA ILE A 876 44.24 -56.18 9.65
C ILE A 876 44.02 -54.67 9.72
N ARG A 877 44.12 -53.99 8.58
CA ARG A 877 43.90 -52.55 8.50
C ARG A 877 42.47 -52.18 8.89
N ALA A 878 41.49 -52.99 8.51
CA ALA A 878 40.10 -52.71 8.83
C ALA A 878 39.77 -52.94 10.30
N MET A 879 40.61 -53.69 11.02
CA MET A 879 40.32 -53.99 12.42
C MET A 879 40.51 -52.76 13.31
N VAL A 880 41.61 -52.05 13.13
CA VAL A 880 41.93 -50.87 13.94
C VAL A 880 42.42 -49.77 13.00
N SER A 881 41.80 -48.59 13.10
CA SER A 881 42.16 -47.42 12.31
C SER A 881 43.09 -46.52 13.12
N PRO A 882 43.87 -45.66 12.45
CA PRO A 882 44.70 -44.68 13.19
C PRO A 882 43.90 -43.70 14.04
N GLU A 883 42.68 -43.38 13.64
CA GLU A 883 41.86 -42.44 14.40
C GLU A 883 41.43 -43.02 15.75
N GLN A 884 41.19 -44.33 15.79
CA GLN A 884 40.77 -44.98 17.04
C GLN A 884 41.89 -45.00 18.07
N CYS A 885 43.14 -45.12 17.61
CA CYS A 885 44.27 -45.13 18.54
C CYS A 885 44.45 -43.78 19.21
N CYS A 886 44.26 -42.70 18.46
CA CYS A 886 44.46 -41.36 18.98
C CYS A 886 43.41 -41.02 20.04
N ALA A 887 42.19 -41.53 19.87
CA ALA A 887 41.13 -41.36 20.87
C ALA A 887 41.48 -42.07 22.16
N TYR A 888 42.07 -43.27 22.06
CA TYR A 888 42.55 -43.98 23.24
C TYR A 888 43.78 -43.30 23.83
N TYR A 889 44.69 -42.84 22.96
CA TYR A 889 45.89 -42.15 23.43
C TYR A 889 45.57 -40.87 24.18
N SER A 890 44.53 -40.14 23.74
CA SER A 890 44.10 -38.93 24.43
C SER A 890 43.52 -39.24 25.80
N MET A 891 42.85 -40.38 25.94
CA MET A 891 42.21 -40.75 27.19
C MET A 891 43.24 -41.07 28.27
N ILE A 892 44.18 -41.96 27.97
CA ILE A 892 45.13 -42.43 28.97
C ILE A 892 46.11 -41.33 29.36
N ALA A 893 46.41 -40.41 28.45
CA ALA A 893 47.24 -39.26 28.80
C ALA A 893 46.50 -38.31 29.74
N ALA A 894 45.23 -38.04 29.44
CA ALA A 894 44.43 -37.16 30.31
C ALA A 894 44.11 -37.83 31.64
N GLU A 895 43.96 -39.16 31.64
CA GLU A 895 43.72 -39.88 32.88
C GLU A 895 44.94 -39.80 33.80
N GLN A 896 46.14 -39.81 33.22
CA GLN A 896 47.36 -39.61 34.01
C GLN A 896 47.42 -38.20 34.58
N ARG A 897 46.97 -37.20 33.81
CA ARG A 897 46.99 -35.82 34.29
C ARG A 897 45.99 -35.60 35.43
N LEU A 898 44.86 -36.30 35.40
CA LEU A 898 43.89 -36.18 36.49
C LEU A 898 44.37 -36.87 37.76
N LYS A 899 45.04 -38.01 37.60
CA LYS A 899 45.66 -38.68 38.75
C LYS A 899 46.77 -37.82 39.37
N ASP A 900 47.55 -37.15 38.53
CA ASP A 900 48.57 -36.22 39.01
C ASP A 900 47.95 -35.03 39.74
N ALA A 901 46.72 -34.65 39.37
CA ALA A 901 46.02 -33.54 40.01
C ALA A 901 45.24 -33.95 41.24
N GLY A 902 45.37 -35.20 41.69
CA GLY A 902 44.73 -35.67 42.90
C GLY A 902 43.37 -36.30 42.70
N TYR A 903 42.88 -36.40 41.47
CA TYR A 903 41.58 -36.99 41.18
C TYR A 903 41.72 -38.48 40.99
N GLY A 904 41.09 -39.26 41.88
CA GLY A 904 41.07 -40.71 41.74
C GLY A 904 40.05 -41.18 40.72
N GLU A 905 40.02 -42.50 40.53
CA GLU A 905 39.15 -43.12 39.54
C GLU A 905 37.66 -43.00 39.89
N LYS A 906 37.33 -42.74 41.16
CA LYS A 906 35.93 -42.59 41.54
C LYS A 906 35.34 -41.25 41.07
N SER A 907 36.18 -40.29 40.70
CA SER A 907 35.68 -39.01 40.20
C SER A 907 35.28 -39.07 38.73
N PHE A 908 35.71 -40.09 38.01
CA PHE A 908 35.34 -40.28 36.62
C PHE A 908 35.08 -41.75 36.31
N LYS A 922 27.35 -32.84 39.75
CA LYS A 922 27.90 -33.94 40.54
C LYS A 922 29.37 -34.17 40.18
N ILE A 923 29.83 -33.48 39.15
CA ILE A 923 31.14 -33.71 38.55
C ILE A 923 32.01 -32.47 38.79
N ASP A 924 33.29 -32.71 39.06
CA ASP A 924 34.23 -31.62 39.33
C ASP A 924 34.52 -30.82 38.06
N ASP A 925 35.00 -29.58 38.27
CA ASP A 925 35.22 -28.65 37.17
C ASP A 925 36.32 -29.13 36.23
N GLU A 926 37.41 -29.65 36.78
CA GLU A 926 38.52 -30.13 35.95
C GLU A 926 38.15 -31.42 35.24
N VAL A 927 37.29 -32.24 35.85
CA VAL A 927 36.84 -33.47 35.19
C VAL A 927 35.94 -33.14 34.00
N ARG A 928 35.26 -31.98 34.04
CA ARG A 928 34.51 -31.50 32.88
C ARG A 928 35.41 -31.15 31.69
N THR A 929 36.67 -30.79 31.95
CA THR A 929 37.62 -30.44 30.90
C THR A 929 38.28 -31.65 30.27
N ALA A 930 37.97 -32.86 30.74
CA ALA A 930 38.52 -34.07 30.16
C ALA A 930 38.00 -34.26 28.74
N PRO A 931 38.82 -34.83 27.84
CA PRO A 931 38.37 -35.00 26.45
C PRO A 931 37.21 -35.97 26.27
N TRP A 932 37.00 -36.92 27.18
CA TRP A 932 35.80 -37.75 27.05
C TRP A 932 34.54 -36.97 27.38
N ASN A 933 34.65 -35.89 28.15
CA ASN A 933 33.51 -35.05 28.47
C ASN A 933 33.28 -33.97 27.41
N THR A 934 34.35 -33.35 26.91
CA THR A 934 34.20 -32.26 25.94
C THR A 934 33.72 -32.76 24.59
N THR A 935 34.25 -33.89 24.11
CA THR A 935 33.90 -34.37 22.78
C THR A 935 32.49 -34.94 22.74
N ARG A 936 32.08 -35.66 23.79
CA ARG A 936 30.69 -36.12 23.90
C ARG A 936 29.72 -34.96 23.98
N ALA A 937 30.14 -33.85 24.61
CA ALA A 937 29.32 -32.64 24.64
C ALA A 937 29.20 -32.02 23.26
N PHE A 938 30.31 -31.94 22.53
CA PHE A 938 30.33 -31.22 21.26
C PHE A 938 29.60 -31.98 20.16
N ILE A 939 29.83 -33.30 20.07
CA ILE A 939 29.27 -34.09 18.97
C ILE A 939 27.75 -34.21 19.12
N ALA A 940 27.26 -34.36 20.36
CA ALA A 940 25.83 -34.32 20.61
C ALA A 940 25.24 -32.94 20.28
N ALA A 941 25.99 -31.88 20.55
CA ALA A 941 25.56 -30.55 20.14
C ALA A 941 25.65 -30.37 18.63
N MET A 942 26.61 -31.04 17.98
CA MET A 942 26.70 -31.02 16.52
C MET A 942 25.51 -31.76 15.89
N LYS A 943 25.05 -32.82 16.53
CA LYS A 943 23.91 -33.59 16.03
C LYS A 943 22.56 -33.02 16.45
N GLY A 944 22.54 -31.86 17.11
CA GLY A 944 21.31 -31.24 17.53
C GLY A 944 20.67 -31.84 18.76
N LYS A 945 21.38 -32.67 19.51
CA LYS A 945 20.80 -33.29 20.70
C LYS A 945 20.76 -32.36 21.90
N CYS A 946 21.61 -31.33 21.92
CA CYS A 946 21.74 -30.42 23.07
C CYS A 946 22.48 -29.18 22.60
N LEU A 947 22.68 -28.24 23.53
CA LEU A 947 23.47 -27.04 23.30
C LEU A 947 24.69 -27.03 24.22
N LEU A 948 25.50 -25.98 24.11
CA LEU A 948 26.78 -25.88 24.79
C LEU A 948 26.79 -24.75 25.82
N GLU A 949 27.70 -24.87 26.78
CA GLU A 949 27.78 -23.98 27.94
C GLU A 949 28.34 -22.59 27.58
N VAL A 950 28.68 -22.36 26.31
CA VAL A 950 29.92 -21.78 25.80
C VAL A 950 30.71 -20.88 26.77
N THR A 951 30.06 -20.00 27.51
CA THR A 951 30.75 -19.27 28.58
C THR A 951 30.73 -20.14 29.83
N GLY A 952 31.87 -20.72 30.18
CA GLY A 952 31.90 -21.71 31.23
C GLY A 952 33.31 -22.15 31.54
N VAL A 953 33.40 -23.14 32.44
CA VAL A 953 34.66 -23.48 33.08
C VAL A 953 35.57 -24.31 32.16
N ALA A 954 35.02 -24.98 31.15
CA ALA A 954 35.80 -25.84 30.26
C ALA A 954 36.48 -25.06 29.14
N ASP A 955 36.50 -23.73 29.22
CA ASP A 955 37.25 -22.82 28.37
C ASP A 955 38.73 -23.15 28.49
N PRO A 956 39.38 -23.64 27.42
CA PRO A 956 40.81 -23.98 27.52
C PRO A 956 41.71 -22.77 27.60
N THR A 957 41.27 -21.59 27.17
CA THR A 957 42.11 -20.40 27.24
C THR A 957 42.06 -19.73 28.61
N GLY A 958 40.97 -19.92 29.36
CA GLY A 958 40.84 -19.35 30.68
C GLY A 958 40.61 -17.85 30.76
N CYS A 959 40.50 -17.16 29.62
CA CYS A 959 40.30 -15.71 29.61
C CYS A 959 39.16 -15.29 28.70
N GLY A 960 38.29 -16.21 28.32
CA GLY A 960 37.14 -15.88 27.51
C GLY A 960 37.36 -15.91 26.01
N GLU A 961 38.45 -16.52 25.54
CA GLU A 961 38.78 -16.55 24.12
C GLU A 961 38.59 -17.92 23.49
N GLY A 962 37.80 -18.79 24.13
CA GLY A 962 37.55 -20.13 23.63
C GLY A 962 36.18 -20.61 24.06
N PHE A 963 35.88 -21.85 23.69
CA PHE A 963 34.57 -22.44 23.92
C PHE A 963 34.63 -23.47 25.05
N SER A 964 33.57 -23.51 25.85
CA SER A 964 33.41 -24.49 26.93
C SER A 964 32.45 -25.58 26.46
N TYR A 965 32.98 -26.80 26.26
CA TYR A 965 32.18 -27.92 25.74
C TYR A 965 31.54 -28.67 26.90
N VAL A 966 30.44 -28.12 27.41
CA VAL A 966 29.63 -28.73 28.46
C VAL A 966 28.17 -28.63 28.04
N LYS A 967 27.45 -29.76 28.13
CA LYS A 967 26.07 -29.84 27.67
C LYS A 967 25.12 -28.97 28.49
N ILE A 968 24.30 -28.20 27.80
CA ILE A 968 23.10 -27.60 28.39
C ILE A 968 21.92 -28.08 27.53
N PRO A 969 20.71 -28.25 28.08
CA PRO A 969 19.60 -28.75 27.27
C PRO A 969 19.11 -27.72 26.26
N ASN A 970 18.29 -28.21 25.32
CA ASN A 970 17.73 -27.37 24.26
C ASN A 970 16.63 -26.43 24.75
N LYS A 971 16.20 -26.58 26.00
CA LYS A 971 15.21 -25.69 26.61
C LYS A 971 15.76 -24.28 26.73
N SER A 1054 10.17 -17.51 23.75
CA SER A 1054 11.20 -17.64 24.76
C SER A 1054 12.19 -18.73 24.37
N VAL A 1055 11.76 -19.64 23.50
CA VAL A 1055 12.62 -20.72 23.03
C VAL A 1055 13.33 -20.34 21.74
N ALA A 1056 12.85 -19.32 21.02
CA ALA A 1056 13.61 -18.75 19.91
C ALA A 1056 14.64 -17.75 20.39
N GLU A 1057 14.43 -17.15 21.56
CA GLU A 1057 15.43 -16.30 22.18
C GLU A 1057 16.54 -17.13 22.83
N HIS A 1058 16.20 -18.33 23.32
CA HIS A 1058 17.19 -19.21 23.95
C HIS A 1058 18.23 -19.70 22.95
N GLN A 1059 17.79 -20.05 21.75
CA GLN A 1059 18.73 -20.48 20.72
C GLN A 1059 19.42 -19.30 20.05
N GLU A 1060 18.78 -18.13 20.02
CA GLU A 1060 19.43 -16.94 19.47
C GLU A 1060 20.56 -16.45 20.37
N ARG A 1061 20.36 -16.52 21.69
CA ARG A 1061 21.40 -16.11 22.63
C ARG A 1061 22.58 -17.08 22.58
N TYR A 1062 22.31 -18.36 22.30
CA TYR A 1062 23.37 -19.32 22.05
C TYR A 1062 24.17 -18.94 20.81
N LYS A 1063 23.47 -18.55 19.73
CA LYS A 1063 24.15 -18.16 18.50
C LYS A 1063 24.93 -16.86 18.69
N GLU A 1064 24.37 -15.91 19.46
CA GLU A 1064 25.07 -14.65 19.73
C GLU A 1064 26.34 -14.87 20.54
N GLU A 1065 26.27 -15.75 21.54
CA GLU A 1065 27.45 -16.03 22.36
C GLU A 1065 28.50 -16.81 21.56
N CYS A 1066 28.05 -17.74 20.71
CA CYS A 1066 28.97 -18.44 19.82
C CYS A 1066 29.63 -17.49 18.84
N GLN A 1067 28.86 -16.58 18.24
CA GLN A 1067 29.38 -15.67 17.21
C GLN A 1067 30.40 -14.68 17.79
N ARG A 1068 30.17 -14.22 19.01
CA ARG A 1068 31.03 -13.20 19.63
C ARG A 1068 32.43 -13.73 19.88
N ILE A 1069 32.54 -14.92 20.47
CA ILE A 1069 33.85 -15.47 20.82
C ILE A 1069 34.55 -15.99 19.57
N PHE A 1070 33.79 -16.52 18.60
CA PHE A 1070 34.35 -16.93 17.31
C PHE A 1070 34.97 -15.75 16.58
N ASP A 1071 34.28 -14.61 16.56
CA ASP A 1071 34.85 -13.41 15.94
C ASP A 1071 36.00 -12.86 16.75
N LEU A 1072 35.94 -12.99 18.08
CA LEU A 1072 37.03 -12.53 18.93
C LEU A 1072 38.27 -13.42 18.74
N GLN A 1073 38.06 -14.74 18.64
CA GLN A 1073 39.17 -15.67 18.40
C GLN A 1073 39.80 -15.44 17.04
N ASN A 1074 38.99 -15.10 16.03
CA ASN A 1074 39.51 -14.75 14.71
C ASN A 1074 40.39 -13.51 14.76
N LYS A 1075 40.04 -12.55 15.61
CA LYS A 1075 40.76 -11.28 15.64
C LYS A 1075 42.09 -11.41 16.37
N VAL A 1076 42.11 -12.14 17.49
CA VAL A 1076 43.30 -12.18 18.33
C VAL A 1076 44.39 -13.05 17.70
N LEU A 1077 44.05 -14.25 17.25
CA LEU A 1077 45.06 -15.20 16.77
C LEU A 1077 45.58 -14.85 15.38
N SER A 1078 44.90 -13.99 14.64
CA SER A 1078 45.40 -13.52 13.35
C SER A 1078 46.12 -12.19 13.44
N SER A 1079 46.07 -11.52 14.59
CA SER A 1079 46.68 -10.20 14.74
C SER A 1079 48.20 -10.31 14.82
N THR A 1080 48.88 -9.38 14.15
CA THR A 1080 50.33 -9.30 14.18
C THR A 1080 50.83 -8.28 15.21
N GLU A 1081 49.98 -7.92 16.17
CA GLU A 1081 50.37 -6.98 17.23
C GLU A 1081 51.47 -7.56 18.11
N VAL A 1082 52.46 -6.73 18.43
CA VAL A 1082 53.58 -7.12 19.26
C VAL A 1082 53.25 -6.77 20.71
N LEU A 1083 53.12 -7.79 21.55
CA LEU A 1083 52.81 -7.58 22.96
C LEU A 1083 54.05 -7.74 23.84
N PHE B 20 44.12 -55.38 -26.14
CA PHE B 20 44.76 -54.13 -25.76
C PHE B 20 44.38 -53.02 -26.71
N GLU B 21 44.73 -53.23 -27.98
CA GLU B 21 44.48 -52.25 -29.01
C GLU B 21 43.24 -52.63 -29.80
N SER B 22 42.78 -51.69 -30.58
CA SER B 22 41.68 -51.99 -31.48
C SER B 22 42.19 -52.82 -32.64
N PRO B 23 41.43 -53.82 -33.08
CA PRO B 23 41.64 -54.42 -34.40
C PRO B 23 40.90 -53.66 -35.49
N ARG B 24 41.04 -52.34 -35.46
CA ARG B 24 40.34 -51.44 -36.34
C ARG B 24 41.34 -50.44 -36.91
N PRO B 25 41.49 -50.39 -38.21
CA PRO B 25 42.52 -49.52 -38.80
C PRO B 25 42.10 -48.07 -38.82
N TYR B 26 42.92 -47.24 -39.47
CA TYR B 26 42.64 -45.84 -39.83
C TYR B 26 42.17 -45.02 -38.62
N LYS B 27 43.15 -44.77 -37.75
CA LYS B 27 42.97 -43.90 -36.60
C LYS B 27 42.46 -42.52 -37.02
N LEU B 28 41.71 -41.89 -36.11
CA LEU B 28 40.94 -40.71 -36.46
C LEU B 28 41.12 -39.66 -35.38
N THR B 29 41.11 -38.39 -35.77
CA THR B 29 41.31 -37.34 -34.77
C THR B 29 40.12 -36.40 -34.64
N HIS B 30 39.67 -35.78 -35.72
CA HIS B 30 38.76 -34.66 -35.60
C HIS B 30 37.67 -34.75 -36.64
N GLN B 31 36.52 -34.18 -36.32
CA GLN B 31 35.40 -34.16 -37.23
C GLN B 31 34.60 -32.88 -37.02
N VAL B 32 33.98 -32.41 -38.09
CA VAL B 32 33.21 -31.17 -38.08
C VAL B 32 31.84 -31.45 -38.68
N VAL B 33 30.79 -31.02 -38.00
CA VAL B 33 29.47 -31.04 -38.59
C VAL B 33 29.08 -29.62 -38.96
N CYS B 34 28.14 -29.49 -39.90
CA CYS B 34 27.52 -28.20 -40.20
C CYS B 34 26.10 -28.47 -40.69
N ILE B 35 25.16 -28.42 -39.76
CA ILE B 35 23.76 -28.51 -40.15
C ILE B 35 23.32 -27.19 -40.76
N ASN B 36 22.74 -27.27 -41.95
CA ASN B 36 22.19 -26.14 -42.64
C ASN B 36 20.79 -26.49 -43.11
N ASN B 37 19.99 -25.42 -43.31
CA ASN B 37 18.71 -25.47 -44.02
C ASN B 37 17.73 -26.45 -43.39
N ILE B 38 17.70 -26.47 -42.07
CA ILE B 38 16.83 -27.38 -41.34
C ILE B 38 15.38 -26.99 -41.56
N ASN B 39 14.61 -27.92 -42.11
CA ASN B 39 13.28 -27.62 -42.60
C ASN B 39 12.22 -28.05 -41.60
N PHE B 40 11.14 -27.30 -41.59
CA PHE B 40 9.96 -27.63 -40.82
C PHE B 40 8.76 -27.93 -41.69
N GLN B 41 8.89 -27.81 -43.00
CA GLN B 41 7.76 -27.97 -43.89
C GLN B 41 7.86 -29.24 -44.71
N ARG B 42 8.92 -29.39 -45.48
CA ARG B 42 9.27 -30.70 -45.99
C ARG B 42 10.14 -31.46 -45.01
N LYS B 43 10.59 -30.77 -43.96
CA LYS B 43 11.14 -31.37 -42.74
C LYS B 43 12.38 -32.21 -43.03
N SER B 44 13.42 -31.52 -43.47
CA SER B 44 14.66 -32.18 -43.82
C SER B 44 15.82 -31.34 -43.32
N VAL B 45 17.01 -31.91 -43.46
CA VAL B 45 18.25 -31.30 -42.97
C VAL B 45 19.34 -31.56 -44.00
N VAL B 46 20.12 -30.53 -44.32
CA VAL B 46 21.28 -30.75 -45.17
C VAL B 46 22.54 -30.45 -44.37
N GLY B 47 23.65 -31.02 -44.80
CA GLY B 47 24.91 -30.77 -44.11
C GLY B 47 26.09 -31.41 -44.80
N PHE B 48 27.26 -30.84 -44.50
CA PHE B 48 28.53 -31.41 -44.93
C PHE B 48 29.37 -31.76 -43.71
N VAL B 49 30.07 -32.87 -43.82
CA VAL B 49 30.94 -33.34 -42.76
C VAL B 49 32.37 -33.37 -43.31
N GLU B 50 33.32 -33.16 -42.42
CA GLU B 50 34.72 -33.32 -42.75
C GLU B 50 35.39 -34.14 -41.66
N LEU B 51 36.32 -34.97 -42.08
CA LEU B 51 36.91 -36.01 -41.25
C LEU B 51 38.41 -35.94 -41.36
N THR B 52 39.09 -36.22 -40.26
CA THR B 52 40.53 -36.08 -40.16
C THR B 52 41.10 -37.44 -39.82
N ILE B 53 41.77 -38.06 -40.78
CA ILE B 53 42.08 -39.48 -40.73
C ILE B 53 43.59 -39.69 -40.89
N PHE B 54 44.15 -40.51 -39.99
CA PHE B 54 45.45 -41.12 -40.20
C PHE B 54 45.18 -42.57 -40.54
N PRO B 55 45.28 -42.97 -41.80
CA PRO B 55 45.15 -44.39 -42.14
C PRO B 55 46.27 -45.22 -41.54
N THR B 56 46.02 -46.53 -41.50
CA THR B 56 46.91 -47.46 -40.83
C THR B 56 47.83 -48.22 -41.77
N VAL B 57 47.29 -48.79 -42.85
CA VAL B 57 48.09 -49.57 -43.78
C VAL B 57 47.78 -49.06 -45.18
N ALA B 58 48.70 -49.30 -46.11
CA ALA B 58 48.43 -48.98 -47.50
C ALA B 58 47.44 -49.96 -48.08
N ASN B 59 46.99 -49.64 -49.31
CA ASN B 59 45.86 -50.29 -49.97
C ASN B 59 44.60 -50.27 -49.12
N LEU B 60 44.45 -49.20 -48.33
CA LEU B 60 43.25 -49.01 -47.54
C LEU B 60 42.25 -48.24 -48.39
N ASN B 61 41.76 -48.95 -49.40
CA ASN B 61 41.14 -48.33 -50.56
C ASN B 61 39.65 -48.15 -50.33
N ARG B 62 38.93 -49.24 -50.10
CA ARG B 62 37.49 -49.21 -49.87
C ARG B 62 37.25 -48.78 -48.43
N ILE B 63 37.44 -47.48 -48.19
CA ILE B 63 37.23 -46.94 -46.85
C ILE B 63 35.75 -46.95 -46.54
N LYS B 64 35.40 -47.52 -45.39
CA LYS B 64 34.02 -47.69 -44.96
C LYS B 64 33.70 -46.75 -43.82
N LEU B 65 32.67 -45.95 -44.00
CA LEU B 65 31.86 -45.43 -42.92
C LEU B 65 30.47 -46.02 -43.00
N ASN B 66 29.58 -45.54 -42.14
CA ASN B 66 28.30 -46.20 -42.02
C ASN B 66 27.25 -45.21 -41.53
N SER B 67 26.05 -45.34 -42.10
CA SER B 67 24.87 -44.59 -41.72
C SER B 67 23.66 -45.31 -42.29
N LYS B 68 22.48 -44.87 -41.88
CA LYS B 68 21.27 -45.23 -42.61
C LYS B 68 20.36 -44.03 -42.75
N GLN B 69 19.44 -44.16 -43.71
CA GLN B 69 18.47 -43.14 -44.11
C GLN B 69 19.16 -41.84 -44.48
N CYS B 70 20.28 -41.95 -45.21
CA CYS B 70 21.11 -40.81 -45.57
C CYS B 70 21.35 -40.84 -47.08
N ARG B 71 20.65 -39.98 -47.82
CA ARG B 71 21.06 -39.78 -49.20
C ARG B 71 22.25 -38.84 -49.23
N ILE B 72 23.39 -39.38 -49.64
CA ILE B 72 24.59 -38.56 -49.78
C ILE B 72 24.43 -37.68 -50.99
N TYR B 73 24.87 -36.42 -50.88
CA TYR B 73 24.86 -35.62 -52.09
C TYR B 73 26.16 -35.74 -52.87
N ARG B 74 27.30 -35.52 -52.23
CA ARG B 74 28.55 -35.87 -52.88
C ARG B 74 29.55 -36.27 -51.82
N VAL B 75 30.59 -36.93 -52.27
CA VAL B 75 31.71 -37.31 -51.44
C VAL B 75 32.93 -36.63 -52.03
N ARG B 76 33.94 -36.34 -51.21
CA ARG B 76 35.13 -35.67 -51.73
C ARG B 76 36.29 -35.91 -50.78
N ILE B 77 37.47 -36.16 -51.33
CA ILE B 77 38.71 -36.12 -50.59
C ILE B 77 39.65 -35.20 -51.34
N ASN B 78 39.82 -33.98 -50.82
CA ASN B 78 40.80 -33.00 -51.31
C ASN B 78 40.55 -32.66 -52.77
N ASP B 79 39.33 -32.18 -53.02
CA ASP B 79 38.81 -31.82 -54.34
C ASP B 79 38.83 -32.98 -55.31
N LEU B 80 38.74 -34.20 -54.78
CA LEU B 80 38.64 -35.40 -55.60
C LEU B 80 37.46 -36.18 -55.08
N GLU B 81 36.35 -36.10 -55.80
CA GLU B 81 35.24 -37.00 -55.56
C GLU B 81 35.66 -38.40 -55.97
N ALA B 82 35.93 -39.24 -54.97
CA ALA B 82 36.31 -40.63 -55.21
C ALA B 82 35.05 -41.49 -55.21
N ALA B 83 35.19 -42.80 -55.12
CA ALA B 83 34.08 -43.70 -55.44
C ALA B 83 33.05 -43.74 -54.31
N PHE B 84 32.08 -44.64 -54.46
CA PHE B 84 30.84 -44.57 -53.71
C PHE B 84 30.20 -45.94 -53.68
N ILE B 85 30.03 -46.48 -52.48
CA ILE B 85 29.34 -47.75 -52.28
C ILE B 85 28.31 -47.56 -51.18
N TYR B 86 27.07 -47.99 -51.43
CA TYR B 86 25.97 -47.71 -50.51
C TYR B 86 25.03 -48.90 -50.50
N ASN B 87 25.16 -49.75 -49.48
CA ASN B 87 24.24 -50.86 -49.31
C ASN B 87 23.38 -50.62 -48.09
N ASP B 88 22.26 -51.32 -48.03
CA ASP B 88 21.45 -51.43 -46.81
C ASP B 88 21.05 -52.88 -46.59
N PRO B 89 21.96 -53.71 -46.11
CA PRO B 89 21.57 -55.06 -45.70
C PRO B 89 20.92 -55.10 -44.33
N THR B 90 20.81 -53.95 -43.66
CA THR B 90 20.01 -53.81 -42.46
C THR B 90 18.53 -53.99 -42.79
N LEU B 91 18.17 -53.87 -44.06
CA LEU B 91 16.86 -54.25 -44.54
C LEU B 91 16.75 -55.77 -44.67
N GLU B 92 15.78 -56.23 -45.44
CA GLU B 92 15.26 -57.59 -45.32
C GLU B 92 16.24 -58.63 -45.85
N VAL B 93 15.76 -59.87 -45.88
CA VAL B 93 16.48 -60.97 -46.49
C VAL B 93 16.66 -60.68 -47.98
N CYS B 94 17.80 -61.13 -48.52
CA CYS B 94 18.16 -60.92 -49.93
C CYS B 94 17.13 -61.48 -50.89
N HIS B 95 16.34 -62.48 -50.48
CA HIS B 95 15.10 -62.82 -51.16
C HIS B 95 13.95 -62.53 -50.21
N SER B 96 12.95 -61.80 -50.71
CA SER B 96 11.88 -61.33 -49.85
C SER B 96 10.95 -62.45 -49.43
N GLU B 97 10.93 -63.55 -50.18
CA GLU B 97 10.09 -64.70 -49.87
C GLU B 97 10.92 -65.90 -49.44
N SER B 98 11.95 -65.68 -48.64
CA SER B 98 12.67 -66.80 -48.03
C SER B 98 11.73 -67.48 -47.05
N LYS B 99 11.22 -68.64 -47.46
CA LYS B 99 10.12 -69.30 -46.76
C LYS B 99 10.50 -69.82 -45.38
N GLN B 100 11.78 -69.84 -45.03
CA GLN B 100 12.24 -70.25 -43.72
C GLN B 100 11.87 -69.13 -42.73
N ARG B 101 10.60 -69.12 -42.35
CA ARG B 101 10.00 -68.00 -41.64
C ARG B 101 9.88 -68.28 -40.16
N ASN B 102 10.88 -68.91 -39.60
CA ASN B 102 10.87 -69.24 -38.20
C ASN B 102 11.81 -68.31 -37.48
N LEU B 103 12.03 -68.59 -36.21
CA LEU B 103 12.99 -67.81 -35.44
C LEU B 103 14.39 -68.02 -35.95
N ASN B 104 14.87 -69.27 -35.91
CA ASN B 104 16.28 -69.58 -35.73
C ASN B 104 17.10 -69.10 -36.91
N TYR B 105 16.61 -69.40 -38.11
CA TYR B 105 17.20 -68.88 -39.34
C TYR B 105 17.20 -67.37 -39.38
N PHE B 106 16.11 -66.74 -38.95
CA PHE B 106 16.04 -65.29 -39.02
C PHE B 106 16.98 -64.64 -38.03
N SER B 107 16.99 -65.14 -36.81
CA SER B 107 17.88 -64.67 -35.77
C SER B 107 19.32 -64.76 -36.21
N ASN B 108 19.71 -65.94 -36.70
CA ASN B 108 21.10 -66.14 -37.10
C ASN B 108 21.45 -65.30 -38.32
N ALA B 109 20.54 -65.22 -39.28
CA ALA B 109 20.79 -64.48 -40.50
C ALA B 109 20.86 -62.99 -40.21
N TYR B 110 19.96 -62.51 -39.37
CA TYR B 110 19.96 -61.11 -39.01
C TYR B 110 21.18 -60.76 -38.17
N ALA B 111 21.62 -61.71 -37.34
CA ALA B 111 22.80 -61.50 -36.52
C ALA B 111 24.03 -61.38 -37.38
N ALA B 112 24.18 -62.30 -38.34
CA ALA B 112 25.31 -62.26 -39.26
C ALA B 112 25.23 -61.02 -40.14
N ALA B 113 24.00 -60.63 -40.49
CA ALA B 113 23.78 -59.48 -41.35
C ALA B 113 24.26 -58.22 -40.70
N VAL B 114 23.79 -57.95 -39.49
CA VAL B 114 24.13 -56.69 -38.88
C VAL B 114 25.54 -56.74 -38.30
N SER B 115 26.10 -57.92 -38.05
CA SER B 115 27.52 -58.01 -37.79
C SER B 115 28.32 -57.62 -39.01
N ALA B 116 27.84 -57.98 -40.20
CA ALA B 116 28.49 -57.54 -41.42
C ALA B 116 28.28 -56.06 -41.66
N VAL B 117 27.16 -55.52 -41.18
CA VAL B 117 26.92 -54.08 -41.28
C VAL B 117 27.93 -53.32 -40.45
N ASP B 118 28.34 -53.91 -39.33
CA ASP B 118 29.38 -53.33 -38.51
C ASP B 118 30.69 -53.35 -39.26
N PRO B 119 31.42 -52.23 -39.30
CA PRO B 119 32.79 -52.24 -39.82
C PRO B 119 33.82 -52.89 -38.91
N ASP B 120 33.46 -53.64 -37.87
CA ASP B 120 34.48 -54.31 -37.06
C ASP B 120 35.00 -55.57 -37.73
N ALA B 121 35.33 -55.46 -39.02
CA ALA B 121 35.88 -56.44 -39.95
C ALA B 121 35.96 -55.72 -41.29
N GLY B 122 36.57 -56.35 -42.29
CA GLY B 122 36.53 -55.81 -43.64
C GLY B 122 35.15 -55.95 -44.22
N ASN B 123 34.43 -54.85 -44.33
CA ASN B 123 32.99 -54.87 -44.56
C ASN B 123 32.64 -53.80 -45.58
N GLY B 124 31.34 -53.52 -45.72
CA GLY B 124 30.92 -52.38 -46.49
C GLY B 124 29.51 -51.90 -46.29
N GLU B 125 29.37 -50.63 -45.93
CA GLU B 125 28.15 -49.85 -46.03
C GLU B 125 28.39 -48.56 -46.78
N LEU B 126 29.49 -47.88 -46.50
CA LEU B 126 29.90 -46.68 -47.20
C LEU B 126 31.37 -46.89 -47.52
N CYS B 127 31.66 -47.60 -48.61
CA CYS B 127 33.03 -47.82 -49.03
C CYS B 127 33.35 -46.91 -50.21
N ILE B 128 33.79 -45.70 -49.88
CA ILE B 128 34.48 -44.89 -50.87
C ILE B 128 35.80 -45.56 -51.23
N LYS B 129 36.00 -45.79 -52.51
CA LYS B 129 37.26 -46.39 -52.94
C LYS B 129 38.28 -45.29 -53.18
N VAL B 130 39.48 -45.48 -52.66
CA VAL B 130 40.58 -44.54 -52.88
C VAL B 130 41.07 -44.68 -54.31
N PRO B 131 41.20 -43.61 -55.08
CA PRO B 131 41.78 -43.73 -56.42
C PRO B 131 43.28 -43.95 -56.33
N SER B 132 43.83 -44.44 -57.45
CA SER B 132 45.25 -44.81 -57.50
C SER B 132 46.16 -43.61 -57.31
N GLU B 133 45.70 -42.43 -57.73
CA GLU B 133 46.37 -41.19 -57.39
C GLU B 133 46.48 -41.03 -55.89
N LEU B 134 45.33 -41.00 -55.22
CA LEU B 134 45.31 -40.90 -53.78
C LEU B 134 45.85 -42.15 -53.11
N TRP B 135 45.87 -43.30 -53.80
CA TRP B 135 46.57 -44.46 -53.24
C TRP B 135 48.07 -44.25 -53.21
N LYS B 136 48.64 -43.66 -54.26
CA LYS B 136 50.04 -43.32 -54.22
C LYS B 136 50.32 -42.25 -53.18
N HIS B 137 49.34 -41.38 -52.93
CA HIS B 137 49.47 -40.45 -51.81
C HIS B 137 49.46 -41.19 -50.47
N VAL B 138 48.66 -42.25 -50.35
CA VAL B 138 48.69 -43.10 -49.15
C VAL B 138 50.05 -43.72 -48.99
N ASP B 139 50.64 -44.18 -50.10
CA ASP B 139 52.01 -44.65 -50.10
C ASP B 139 52.97 -43.57 -49.66
N GLU B 140 52.66 -42.32 -49.97
CA GLU B 140 53.44 -41.20 -49.47
C GLU B 140 53.01 -40.82 -48.05
N LEU B 141 51.77 -40.34 -47.90
CA LEU B 141 51.32 -39.73 -46.66
C LEU B 141 49.97 -40.32 -46.26
N LYS B 142 49.90 -40.88 -45.06
CA LYS B 142 48.65 -41.36 -44.54
C LYS B 142 48.03 -40.33 -43.60
N VAL B 143 47.69 -39.18 -44.17
CA VAL B 143 46.99 -38.10 -43.50
C VAL B 143 46.01 -37.52 -44.49
N LEU B 144 44.71 -37.57 -44.18
CA LEU B 144 43.73 -37.02 -45.12
C LEU B 144 42.57 -36.33 -44.43
N LYS B 145 41.83 -35.60 -45.26
CA LYS B 145 40.61 -34.92 -44.89
C LYS B 145 39.49 -35.43 -45.79
N ILE B 146 38.28 -35.49 -45.26
CA ILE B 146 37.13 -36.04 -45.99
C ILE B 146 35.98 -35.07 -45.90
N HIS B 147 35.48 -34.62 -47.05
CA HIS B 147 34.39 -33.65 -47.12
C HIS B 147 33.22 -34.28 -47.84
N ILE B 148 32.09 -34.40 -47.17
CA ILE B 148 30.92 -35.08 -47.69
C ILE B 148 29.72 -34.18 -47.57
N ASN B 149 29.08 -33.90 -48.70
CA ASN B 149 27.77 -33.31 -48.70
C ASN B 149 26.72 -34.41 -48.66
N PHE B 150 25.68 -34.19 -47.86
CA PHE B 150 24.64 -35.18 -47.66
C PHE B 150 23.43 -34.49 -47.05
N SER B 151 22.30 -35.18 -47.10
CA SER B 151 21.05 -34.59 -46.67
C SER B 151 20.22 -35.65 -46.01
N LEU B 152 19.90 -35.43 -44.74
CA LEU B 152 18.86 -36.19 -44.09
C LEU B 152 17.52 -35.76 -44.64
N ASP B 153 16.68 -36.74 -44.95
CA ASP B 153 15.32 -36.55 -45.44
C ASP B 153 14.40 -36.22 -44.29
N GLN B 154 13.11 -36.44 -44.45
CA GLN B 154 12.32 -36.66 -43.26
C GLN B 154 12.92 -37.83 -42.51
N PRO B 155 13.39 -37.63 -41.28
CA PRO B 155 14.11 -38.70 -40.58
C PRO B 155 13.11 -39.75 -40.10
N LYS B 156 13.35 -40.98 -40.49
CA LYS B 156 12.33 -41.99 -40.31
C LYS B 156 12.93 -43.04 -39.40
N GLY B 157 13.50 -42.59 -38.30
CA GLY B 157 14.12 -43.50 -37.37
C GLY B 157 15.43 -43.01 -36.81
N GLY B 158 15.82 -41.78 -37.11
CA GLY B 158 17.01 -41.26 -36.49
C GLY B 158 16.77 -40.06 -35.60
N LEU B 159 15.83 -39.20 -35.98
CA LEU B 159 15.73 -37.93 -35.28
C LEU B 159 14.30 -37.69 -34.83
N HIS B 160 14.02 -36.47 -34.38
CA HIS B 160 12.66 -36.08 -34.08
C HIS B 160 12.45 -34.63 -34.40
N PHE B 161 11.31 -34.36 -35.02
CA PHE B 161 10.79 -33.03 -35.29
C PHE B 161 9.47 -32.98 -34.54
N VAL B 162 9.52 -32.62 -33.26
CA VAL B 162 8.29 -32.50 -32.51
C VAL B 162 7.56 -31.24 -32.97
N VAL B 163 6.37 -31.43 -33.53
CA VAL B 163 5.62 -30.37 -34.18
C VAL B 163 4.22 -30.30 -33.57
N PRO B 164 3.84 -29.19 -32.96
CA PRO B 164 2.43 -29.00 -32.62
C PRO B 164 1.61 -28.80 -33.88
N SER B 165 0.50 -29.52 -33.96
CA SER B 165 -0.26 -29.62 -35.21
C SER B 165 -1.02 -28.33 -35.46
N VAL B 166 -0.27 -27.28 -35.78
CA VAL B 166 -0.81 -25.96 -36.08
C VAL B 166 -0.32 -25.46 -37.42
N GLU B 167 1.00 -25.47 -37.63
CA GLU B 167 1.71 -25.28 -38.90
C GLU B 167 1.65 -23.88 -39.48
N GLY B 168 0.86 -22.99 -38.88
CA GLY B 168 0.83 -21.63 -39.39
C GLY B 168 1.77 -20.69 -38.68
N SER B 169 1.64 -20.61 -37.38
CA SER B 169 2.43 -19.71 -36.58
C SER B 169 3.07 -20.41 -35.39
N MET B 170 2.35 -21.34 -34.80
CA MET B 170 2.87 -22.10 -33.66
C MET B 170 3.90 -23.14 -34.08
N ALA B 171 4.05 -23.37 -35.39
CA ALA B 171 5.21 -24.09 -35.89
C ALA B 171 6.49 -23.33 -35.66
N GLU B 172 6.42 -22.01 -35.49
CA GLU B 172 7.60 -21.24 -35.11
C GLU B 172 7.84 -21.35 -33.62
N ARG B 173 6.89 -20.88 -32.85
CA ARG B 173 6.95 -20.95 -31.39
C ARG B 173 6.08 -22.13 -30.96
N GLY B 174 6.72 -23.23 -30.61
CA GLY B 174 5.98 -24.37 -30.12
C GLY B 174 6.54 -25.70 -30.54
N ALA B 175 7.42 -25.68 -31.52
CA ALA B 175 8.04 -26.90 -31.98
C ALA B 175 9.43 -27.04 -31.41
N HIS B 176 9.94 -28.26 -31.44
CA HIS B 176 11.37 -28.43 -31.19
C HIS B 176 11.87 -29.60 -31.99
N VAL B 177 13.19 -29.74 -32.03
CA VAL B 177 13.87 -30.68 -32.90
C VAL B 177 15.08 -31.23 -32.17
N PHE B 178 15.24 -32.55 -32.17
CA PHE B 178 16.35 -33.16 -31.46
C PHE B 178 16.63 -34.53 -32.05
N SER B 179 17.54 -35.26 -31.41
CA SER B 179 17.83 -36.63 -31.75
C SER B 179 17.63 -37.54 -30.53
N CYS B 180 16.59 -38.35 -30.58
CA CYS B 180 16.51 -39.51 -29.73
C CYS B 180 17.00 -40.72 -30.50
N GLY B 181 17.42 -41.71 -29.73
CA GLY B 181 17.98 -42.92 -30.28
C GLY B 181 18.69 -43.70 -29.20
N TYR B 182 19.07 -44.90 -29.58
CA TYR B 182 19.74 -45.87 -28.75
C TYR B 182 21.24 -45.54 -28.75
N GLN B 183 22.08 -46.49 -28.34
CA GLN B 183 23.53 -46.32 -28.30
C GLN B 183 24.10 -45.93 -29.65
N ASN B 184 24.07 -46.83 -30.59
CA ASN B 184 24.60 -46.57 -31.92
C ASN B 184 23.43 -46.15 -32.79
N SER B 185 22.91 -44.96 -32.53
CA SER B 185 22.00 -44.31 -33.44
C SER B 185 22.62 -43.10 -34.10
N THR B 186 23.91 -42.84 -33.83
CA THR B 186 24.63 -41.78 -34.53
C THR B 186 24.75 -42.12 -36.01
N ARG B 187 24.82 -43.43 -36.32
CA ARG B 187 24.64 -43.93 -37.68
C ARG B 187 23.40 -43.34 -38.32
N PHE B 188 22.28 -43.41 -37.61
CA PHE B 188 21.01 -42.98 -38.16
C PHE B 188 20.93 -41.46 -38.25
N TRP B 189 21.87 -40.74 -37.65
CA TRP B 189 21.89 -39.30 -37.75
C TRP B 189 22.92 -38.78 -38.73
N PHE B 190 24.20 -39.17 -38.61
CA PHE B 190 25.15 -38.71 -39.62
C PHE B 190 26.31 -39.69 -39.70
N PRO B 191 26.84 -39.95 -40.90
CA PRO B 191 27.68 -41.14 -41.10
C PRO B 191 29.00 -41.09 -40.37
N CYS B 192 29.33 -42.21 -39.71
CA CYS B 192 30.51 -42.36 -38.91
C CYS B 192 30.94 -43.82 -38.96
N VAL B 193 31.73 -44.21 -37.96
CA VAL B 193 32.31 -45.53 -37.74
C VAL B 193 31.22 -46.39 -37.09
N ASP B 194 31.51 -47.69 -36.84
CA ASP B 194 30.94 -48.30 -35.63
C ASP B 194 31.17 -47.25 -34.55
N SER B 195 30.07 -46.67 -34.09
CA SER B 195 30.12 -45.31 -33.58
C SER B 195 30.79 -45.22 -32.23
N TYR B 196 30.93 -46.33 -31.53
CA TYR B 196 31.61 -46.30 -30.26
C TYR B 196 33.08 -46.59 -30.50
N SER B 197 33.90 -46.23 -29.52
CA SER B 197 35.31 -46.63 -29.41
C SER B 197 36.15 -46.04 -30.55
N GLU B 198 35.93 -44.76 -30.86
CA GLU B 198 36.79 -44.03 -31.79
C GLU B 198 36.99 -42.65 -31.18
N LEU B 199 38.15 -42.42 -30.57
CA LEU B 199 38.39 -41.20 -29.82
C LEU B 199 38.63 -40.05 -30.78
N CYS B 200 37.73 -39.09 -30.78
CA CYS B 200 37.87 -37.93 -31.65
C CYS B 200 37.50 -36.67 -30.90
N THR B 201 37.58 -35.56 -31.62
CA THR B 201 37.19 -34.26 -31.12
C THR B 201 36.49 -33.52 -32.25
N TRP B 202 35.62 -32.60 -31.88
CA TRP B 202 34.63 -32.12 -32.84
C TRP B 202 34.48 -30.62 -32.83
N LYS B 203 34.29 -30.08 -34.03
CA LYS B 203 33.79 -28.72 -34.19
C LYS B 203 32.47 -28.81 -34.91
N LEU B 204 31.47 -28.08 -34.40
CA LEU B 204 30.09 -28.36 -34.73
C LEU B 204 29.40 -27.06 -35.06
N GLU B 205 28.90 -26.95 -36.28
CA GLU B 205 28.32 -25.73 -36.82
C GLU B 205 26.83 -25.92 -37.01
N PHE B 206 26.05 -24.99 -36.48
CA PHE B 206 24.63 -25.19 -36.24
C PHE B 206 23.84 -24.03 -36.83
N THR B 207 23.08 -24.30 -37.89
CA THR B 207 22.25 -23.27 -38.52
C THR B 207 20.93 -23.22 -37.80
N VAL B 208 20.75 -22.24 -36.92
CA VAL B 208 19.61 -22.20 -36.02
C VAL B 208 18.81 -20.94 -36.27
N ASP B 209 17.55 -20.97 -35.83
CA ASP B 209 16.81 -19.75 -35.68
C ASP B 209 17.44 -18.91 -34.58
N ALA B 210 17.26 -17.59 -34.69
CA ALA B 210 17.78 -16.67 -33.68
C ALA B 210 17.10 -16.90 -32.35
N ALA B 211 15.84 -17.33 -32.37
CA ALA B 211 15.19 -17.71 -31.12
C ALA B 211 15.55 -19.13 -30.72
N MET B 212 15.54 -20.06 -31.68
CA MET B 212 15.63 -21.47 -31.34
C MET B 212 17.07 -21.87 -31.05
N VAL B 213 17.28 -22.32 -29.82
CA VAL B 213 18.62 -22.56 -29.29
C VAL B 213 18.92 -24.05 -29.39
N ALA B 214 20.09 -24.38 -29.91
CA ALA B 214 20.50 -25.75 -30.16
C ALA B 214 21.64 -26.12 -29.24
N VAL B 215 21.54 -27.30 -28.63
CA VAL B 215 22.47 -27.69 -27.58
C VAL B 215 23.05 -29.05 -27.89
N SER B 216 24.37 -29.13 -27.93
CA SER B 216 25.05 -30.39 -28.13
C SER B 216 26.21 -30.51 -27.16
N ASN B 217 27.13 -31.43 -27.43
CA ASN B 217 28.28 -31.57 -26.58
C ASN B 217 29.19 -30.35 -26.70
N GLY B 218 30.21 -30.33 -25.85
CA GLY B 218 31.26 -29.35 -26.03
C GLY B 218 30.87 -27.99 -25.51
N ASP B 219 31.33 -26.96 -26.22
CA ASP B 219 31.38 -25.63 -25.65
C ASP B 219 30.93 -24.59 -26.66
N LEU B 220 30.39 -23.50 -26.11
CA LEU B 220 29.90 -22.30 -26.79
C LEU B 220 31.06 -21.52 -27.37
N VAL B 221 31.79 -22.06 -28.33
CA VAL B 221 33.09 -21.48 -28.60
C VAL B 221 33.04 -20.26 -29.52
N GLU B 222 32.03 -20.14 -30.38
CA GLU B 222 32.02 -19.05 -31.35
C GLU B 222 30.56 -18.78 -31.72
N THR B 223 29.98 -17.74 -31.11
CA THR B 223 28.62 -17.32 -31.42
C THR B 223 28.42 -15.88 -30.99
N VAL B 224 28.11 -15.01 -31.95
CA VAL B 224 27.57 -13.68 -31.74
C VAL B 224 26.23 -13.75 -32.43
N TYR B 225 25.55 -12.62 -32.64
CA TYR B 225 24.52 -12.68 -33.66
C TYR B 225 25.22 -13.02 -34.97
N THR B 226 25.07 -14.28 -35.37
CA THR B 226 25.99 -14.92 -36.28
C THR B 226 25.45 -14.83 -37.70
N HIS B 227 26.36 -14.62 -38.66
CA HIS B 227 26.21 -14.47 -40.11
C HIS B 227 25.34 -13.28 -40.53
N ASP B 228 24.81 -12.52 -39.56
CA ASP B 228 24.30 -11.15 -39.72
C ASP B 228 23.19 -11.03 -40.77
N MET B 229 22.47 -12.09 -41.09
CA MET B 229 21.55 -12.05 -42.23
C MET B 229 20.10 -12.18 -41.78
N ARG B 230 19.70 -13.34 -41.27
CA ARG B 230 18.39 -13.47 -40.61
C ARG B 230 18.39 -14.41 -39.43
N LYS B 231 19.36 -15.32 -39.32
CA LYS B 231 19.33 -16.40 -38.37
C LYS B 231 20.56 -16.38 -37.50
N LYS B 232 20.81 -17.43 -36.73
CA LYS B 232 22.05 -17.56 -35.99
C LYS B 232 22.74 -18.87 -36.36
N THR B 233 23.97 -18.99 -35.89
CA THR B 233 24.77 -20.17 -36.20
C THR B 233 25.73 -20.41 -35.06
N PHE B 234 25.71 -21.60 -34.52
CA PHE B 234 26.40 -21.92 -33.28
C PHE B 234 27.62 -22.76 -33.56
N HIS B 235 28.70 -22.45 -32.88
CA HIS B 235 29.89 -23.30 -32.86
C HIS B 235 29.96 -23.95 -31.49
N TYR B 236 29.73 -25.25 -31.46
CA TYR B 236 30.06 -26.05 -30.29
C TYR B 236 31.31 -26.83 -30.63
N MET B 237 32.37 -26.57 -29.89
CA MET B 237 33.57 -27.38 -30.04
C MET B 237 33.73 -28.24 -28.81
N LEU B 238 33.85 -29.54 -29.03
CA LEU B 238 34.24 -30.46 -27.99
C LEU B 238 35.72 -30.75 -28.21
N THR B 239 36.53 -30.16 -27.36
CA THR B 239 37.96 -30.41 -27.32
C THR B 239 38.26 -31.71 -26.60
N ILE B 240 37.44 -32.06 -25.63
CA ILE B 240 37.65 -33.25 -24.81
C ILE B 240 37.46 -34.49 -25.67
N PRO B 241 38.43 -35.38 -25.74
CA PRO B 241 38.39 -36.45 -26.75
C PRO B 241 37.36 -37.53 -26.47
N THR B 242 36.27 -37.54 -27.24
CA THR B 242 35.21 -38.51 -27.03
C THR B 242 34.91 -39.31 -28.29
N ALA B 243 33.82 -40.08 -28.27
CA ALA B 243 33.40 -40.90 -29.38
C ALA B 243 32.10 -40.37 -29.96
N ALA B 244 31.68 -40.98 -31.06
CA ALA B 244 30.57 -40.42 -31.81
C ALA B 244 29.23 -40.62 -31.14
N SER B 245 29.01 -41.72 -30.43
CA SER B 245 27.74 -41.91 -29.74
C SER B 245 27.67 -41.13 -28.45
N ASN B 246 27.86 -39.84 -28.51
CA ASN B 246 27.54 -38.95 -27.41
C ASN B 246 26.93 -37.65 -27.91
N ILE B 247 26.67 -37.54 -29.20
CA ILE B 247 26.46 -36.27 -29.84
C ILE B 247 25.00 -36.19 -30.20
N SER B 248 24.37 -35.06 -29.91
CA SER B 248 22.93 -34.90 -30.05
C SER B 248 22.55 -33.44 -29.87
N LEU B 249 21.54 -32.99 -30.60
CA LEU B 249 21.31 -31.57 -30.76
C LEU B 249 19.84 -31.24 -30.61
N ALA B 250 19.49 -30.56 -29.52
CA ALA B 250 18.10 -30.23 -29.24
C ALA B 250 17.84 -28.77 -29.53
N ILE B 251 16.92 -28.51 -30.45
CA ILE B 251 16.79 -27.19 -31.08
C ILE B 251 15.40 -26.64 -30.77
N GLY B 252 15.34 -25.38 -30.33
CA GLY B 252 14.06 -24.82 -29.94
C GLY B 252 13.75 -24.34 -28.51
N PRO B 253 14.35 -24.93 -27.41
CA PRO B 253 13.88 -24.53 -26.08
C PRO B 253 14.36 -23.17 -25.62
N PHE B 254 14.17 -22.95 -24.34
CA PHE B 254 14.48 -21.70 -23.66
C PHE B 254 15.57 -21.95 -22.63
N GLU B 255 16.46 -20.97 -22.48
CA GLU B 255 17.58 -21.04 -21.54
C GLU B 255 17.12 -20.74 -20.13
N ILE B 256 17.47 -21.60 -19.18
CA ILE B 256 17.62 -21.18 -17.80
C ILE B 256 18.93 -21.75 -17.28
N LEU B 257 19.85 -20.87 -16.95
CA LEU B 257 20.90 -21.24 -16.02
C LEU B 257 20.28 -21.35 -14.64
N VAL B 258 20.44 -22.51 -14.04
CA VAL B 258 19.86 -22.82 -12.75
C VAL B 258 21.06 -22.92 -11.85
N ASP B 259 21.92 -21.92 -11.96
CA ASP B 259 23.27 -22.02 -11.40
C ASP B 259 23.40 -22.03 -9.89
N PRO B 260 22.50 -21.40 -9.05
CA PRO B 260 22.98 -20.52 -7.96
C PRO B 260 24.11 -21.03 -7.07
N TYR B 261 24.28 -22.34 -6.98
CA TYR B 261 25.33 -22.85 -6.13
C TYR B 261 26.59 -23.23 -6.90
N MET B 262 26.49 -23.66 -8.16
CA MET B 262 27.68 -24.15 -8.86
C MET B 262 27.91 -23.51 -10.23
N HIS B 263 27.20 -22.43 -10.55
CA HIS B 263 27.65 -21.37 -11.45
C HIS B 263 27.70 -21.71 -12.93
N GLU B 264 27.59 -22.98 -13.31
CA GLU B 264 27.76 -23.33 -14.72
C GLU B 264 26.82 -24.44 -15.17
N VAL B 265 25.67 -24.56 -14.54
CA VAL B 265 24.79 -25.69 -14.74
C VAL B 265 23.62 -25.23 -15.60
N THR B 266 23.41 -25.88 -16.73
CA THR B 266 22.73 -25.25 -17.84
C THR B 266 21.51 -26.05 -18.27
N HIS B 267 20.35 -25.38 -18.42
CA HIS B 267 19.10 -26.11 -18.55
C HIS B 267 18.23 -25.48 -19.62
N PHE B 268 17.50 -26.34 -20.31
CA PHE B 268 16.82 -25.93 -21.53
C PHE B 268 15.46 -26.58 -21.56
N CYS B 269 14.42 -25.75 -21.54
CA CYS B 269 13.07 -26.27 -21.50
C CYS B 269 12.15 -25.43 -22.34
N LEU B 270 11.06 -26.05 -22.76
CA LEU B 270 10.08 -25.41 -23.61
C LEU B 270 9.41 -24.26 -22.88
N PRO B 271 8.91 -23.26 -23.59
CA PRO B 271 8.29 -22.13 -22.92
C PRO B 271 7.00 -22.53 -22.23
N GLN B 272 6.63 -21.71 -21.25
CA GLN B 272 5.55 -21.96 -20.29
C GLN B 272 5.76 -23.24 -19.50
N LEU B 273 7.01 -23.67 -19.35
CA LEU B 273 7.37 -24.77 -18.48
C LEU B 273 8.45 -24.38 -17.52
N LEU B 274 8.79 -23.12 -17.48
CA LEU B 274 10.08 -22.70 -16.95
C LEU B 274 10.17 -22.71 -15.42
N PRO B 275 9.26 -22.07 -14.63
CA PRO B 275 9.50 -22.01 -13.17
C PRO B 275 9.43 -23.35 -12.48
N LEU B 276 8.90 -24.36 -13.17
CA LEU B 276 8.90 -25.71 -12.65
C LEU B 276 10.32 -26.21 -12.45
N LEU B 277 11.21 -25.86 -13.38
CA LEU B 277 12.63 -26.13 -13.22
C LEU B 277 13.18 -25.51 -11.97
N LYS B 278 12.67 -24.34 -11.62
CA LYS B 278 13.09 -23.65 -10.40
C LYS B 278 12.81 -24.48 -9.17
N HIS B 279 11.79 -25.33 -9.22
CA HIS B 279 11.71 -26.32 -8.16
C HIS B 279 12.51 -27.56 -8.50
N THR B 280 12.47 -27.95 -9.77
CA THR B 280 12.92 -29.28 -10.16
C THR B 280 14.42 -29.43 -10.03
N THR B 281 15.13 -28.47 -10.60
CA THR B 281 16.52 -28.69 -10.99
C THR B 281 17.42 -28.82 -9.78
N SER B 282 17.16 -28.03 -8.76
CA SER B 282 17.93 -28.06 -7.53
C SER B 282 17.83 -29.43 -6.85
N TYR B 283 18.74 -29.62 -5.89
CA TYR B 283 19.31 -30.83 -5.27
C TYR B 283 20.39 -31.39 -6.16
N LEU B 284 20.58 -30.82 -7.34
CA LEU B 284 21.60 -31.24 -8.28
C LEU B 284 22.99 -30.94 -7.75
N HIS B 285 23.12 -29.80 -7.09
CA HIS B 285 24.38 -29.39 -6.50
C HIS B 285 24.84 -30.41 -5.47
N GLU B 286 23.89 -30.90 -4.68
CA GLU B 286 24.16 -31.94 -3.70
C GLU B 286 24.65 -33.20 -4.38
N VAL B 287 24.14 -33.48 -5.57
CA VAL B 287 24.56 -34.68 -6.28
C VAL B 287 25.99 -34.54 -6.76
N PHE B 288 26.35 -33.36 -7.25
CA PHE B 288 27.73 -33.17 -7.72
C PHE B 288 28.70 -33.22 -6.56
N GLU B 289 28.28 -32.64 -5.43
CA GLU B 289 29.00 -32.79 -4.18
C GLU B 289 29.21 -34.25 -3.82
N PHE B 290 28.16 -35.07 -4.00
CA PHE B 290 28.29 -36.48 -3.67
C PHE B 290 29.26 -37.17 -4.61
N TYR B 291 29.14 -36.86 -5.89
CA TYR B 291 29.95 -37.58 -6.87
C TYR B 291 31.41 -37.23 -6.75
N GLU B 292 31.74 -36.01 -6.37
CA GLU B 292 33.16 -35.80 -6.20
C GLU B 292 33.63 -36.12 -4.80
N GLU B 293 32.72 -36.33 -3.85
CA GLU B 293 33.15 -37.05 -2.65
C GLU B 293 33.55 -38.47 -2.99
N ILE B 294 32.87 -39.07 -3.98
CA ILE B 294 33.31 -40.36 -4.46
C ILE B 294 34.65 -40.25 -5.16
N LEU B 295 34.68 -39.48 -6.22
CA LEU B 295 35.67 -39.70 -7.26
C LEU B 295 36.95 -38.93 -7.03
N THR B 296 36.90 -37.87 -6.24
CA THR B 296 38.01 -36.97 -5.93
C THR B 296 38.60 -36.40 -7.23
N CYS B 297 37.75 -35.69 -7.94
CA CYS B 297 38.09 -34.91 -9.12
C CYS B 297 37.18 -33.69 -9.08
N ARG B 298 37.04 -33.01 -10.20
CA ARG B 298 35.88 -32.18 -10.41
C ARG B 298 34.98 -32.90 -11.40
N TYR B 299 33.83 -32.30 -11.66
CA TYR B 299 33.00 -32.70 -12.77
C TYR B 299 33.81 -32.52 -14.04
N PRO B 300 34.23 -33.58 -14.63
CA PRO B 300 35.38 -33.54 -15.52
C PRO B 300 35.01 -33.03 -16.90
N TYR B 301 34.74 -31.74 -16.97
CA TYR B 301 34.21 -31.06 -18.15
C TYR B 301 34.30 -29.57 -17.96
N SER B 302 33.68 -28.87 -18.91
CA SER B 302 33.35 -27.46 -18.73
C SER B 302 32.03 -27.30 -18.00
N CYS B 303 30.95 -27.74 -18.62
CA CYS B 303 29.62 -27.52 -18.09
C CYS B 303 28.77 -28.76 -18.28
N PHE B 304 27.57 -28.68 -17.74
CA PHE B 304 26.59 -29.75 -17.82
C PHE B 304 25.27 -29.22 -18.32
N LYS B 305 24.71 -29.90 -19.30
CA LYS B 305 23.61 -29.40 -20.09
C LYS B 305 22.45 -30.38 -20.00
N THR B 306 21.25 -29.86 -19.86
CA THR B 306 20.10 -30.73 -19.63
C THR B 306 18.89 -30.22 -20.39
N VAL B 307 18.29 -31.09 -21.18
CA VAL B 307 17.21 -30.70 -22.06
C VAL B 307 15.97 -31.49 -21.71
N PHE B 308 14.84 -30.82 -21.55
CA PHE B 308 13.61 -31.56 -21.34
C PHE B 308 12.77 -31.51 -22.60
N ILE B 309 12.05 -32.59 -22.88
CA ILE B 309 11.43 -32.79 -24.18
C ILE B 309 10.14 -33.59 -24.01
N ASP B 310 9.08 -33.19 -24.72
CA ASP B 310 7.93 -34.08 -24.85
C ASP B 310 8.20 -35.09 -25.96
N GLU B 311 9.03 -36.06 -25.62
CA GLU B 311 9.12 -37.45 -26.07
C GLU B 311 10.34 -38.03 -25.42
N ALA B 312 10.48 -39.34 -25.53
CA ALA B 312 11.73 -40.00 -25.26
C ALA B 312 11.70 -41.30 -26.02
N TYR B 313 12.73 -41.57 -26.80
CA TYR B 313 12.98 -42.95 -27.15
C TYR B 313 13.28 -43.73 -25.89
N VAL B 314 14.09 -43.16 -25.00
CA VAL B 314 14.41 -43.75 -23.70
C VAL B 314 14.31 -42.62 -22.68
N GLU B 315 13.67 -42.89 -21.55
CA GLU B 315 13.55 -41.88 -20.51
C GLU B 315 14.87 -41.49 -19.88
N VAL B 316 15.85 -42.36 -19.88
CA VAL B 316 17.05 -42.10 -19.10
C VAL B 316 17.93 -41.06 -19.78
N ALA B 317 17.91 -41.03 -21.11
CA ALA B 317 19.03 -40.79 -22.04
C ALA B 317 20.06 -39.78 -21.56
N ALA B 318 21.33 -40.18 -21.60
CA ALA B 318 22.42 -39.40 -21.04
C ALA B 318 23.63 -39.45 -21.96
N TYR B 319 24.08 -38.28 -22.40
CA TYR B 319 25.18 -38.14 -23.35
C TYR B 319 26.28 -37.30 -22.72
N ALA B 320 27.24 -36.88 -23.55
CA ALA B 320 28.40 -36.12 -23.08
C ALA B 320 27.99 -34.73 -22.65
N SER B 321 28.31 -34.39 -21.40
CA SER B 321 28.02 -33.11 -20.75
C SER B 321 26.57 -32.72 -20.79
N MET B 322 25.68 -33.69 -20.99
CA MET B 322 24.34 -33.39 -21.45
C MET B 322 23.44 -34.59 -21.30
N SER B 323 22.30 -34.38 -20.68
CA SER B 323 21.28 -35.39 -20.52
C SER B 323 19.98 -34.85 -21.07
N ILE B 324 19.38 -35.62 -21.96
CA ILE B 324 18.28 -35.13 -22.77
C ILE B 324 17.14 -36.08 -22.57
N PHE B 325 16.08 -35.61 -21.94
CA PHE B 325 15.07 -36.54 -21.47
C PHE B 325 13.78 -35.81 -21.18
N SER B 326 12.84 -36.54 -20.60
CA SER B 326 11.48 -36.23 -20.90
C SER B 326 10.97 -35.11 -20.05
N THR B 327 9.91 -34.49 -20.53
CA THR B 327 9.17 -33.52 -19.75
C THR B 327 8.02 -34.24 -19.06
N ASN B 328 8.38 -35.27 -18.32
CA ASN B 328 7.46 -35.81 -17.37
C ASN B 328 8.03 -35.73 -15.99
N LEU B 329 9.27 -35.31 -15.86
CA LEU B 329 9.99 -35.42 -14.61
C LEU B 329 10.23 -34.05 -14.01
N LEU B 330 9.22 -33.19 -14.08
CA LEU B 330 9.39 -31.87 -13.50
C LEU B 330 9.08 -31.84 -12.01
N HIS B 331 7.92 -32.39 -11.60
CA HIS B 331 7.57 -32.59 -10.19
C HIS B 331 7.55 -31.25 -9.45
N SER B 332 6.73 -30.36 -10.00
CA SER B 332 6.85 -28.95 -9.68
C SER B 332 6.21 -28.63 -8.33
N ALA B 333 6.93 -28.98 -7.27
CA ALA B 333 6.84 -28.44 -5.92
C ALA B 333 5.62 -28.85 -5.10
N MET B 334 4.64 -29.50 -5.71
CA MET B 334 3.42 -29.81 -5.01
C MET B 334 2.99 -31.25 -5.24
N ILE B 335 3.82 -32.05 -5.88
CA ILE B 335 3.39 -33.23 -6.62
C ILE B 335 4.11 -34.46 -6.06
N ILE B 336 4.06 -34.59 -4.74
CA ILE B 336 4.94 -35.36 -3.86
C ILE B 336 5.47 -36.70 -4.34
N ASP B 337 4.69 -37.46 -5.11
CA ASP B 337 5.13 -38.82 -5.46
C ASP B 337 6.29 -38.90 -6.42
N GLU B 338 6.69 -37.81 -7.06
CA GLU B 338 7.96 -37.87 -7.77
C GLU B 338 9.07 -37.27 -6.96
N THR B 339 8.91 -37.27 -5.65
CA THR B 339 10.01 -36.95 -4.75
C THR B 339 11.18 -37.90 -4.91
N PRO B 340 11.02 -39.24 -5.05
CA PRO B 340 12.18 -39.99 -5.52
C PRO B 340 12.47 -39.71 -6.98
N LEU B 341 11.43 -39.94 -7.81
CA LEU B 341 11.62 -40.41 -9.18
C LEU B 341 12.48 -39.47 -9.97
N THR B 342 12.15 -38.18 -9.86
CA THR B 342 12.82 -37.12 -10.58
C THR B 342 14.31 -37.14 -10.33
N ARG B 343 14.71 -36.95 -9.07
CA ARG B 343 16.14 -36.93 -8.82
C ARG B 343 16.72 -38.33 -8.93
N ARG B 344 15.87 -39.35 -8.70
CA ARG B 344 16.24 -40.72 -8.98
C ARG B 344 16.76 -40.86 -10.39
N CYS B 345 15.98 -40.39 -11.36
CA CYS B 345 16.44 -40.53 -12.73
C CYS B 345 17.53 -39.54 -13.03
N LEU B 346 17.56 -38.42 -12.30
CA LEU B 346 18.67 -37.49 -12.47
C LEU B 346 19.97 -38.13 -12.09
N ALA B 347 19.93 -39.01 -11.10
CA ALA B 347 21.12 -39.71 -10.67
C ALA B 347 21.69 -40.57 -11.78
N GLN B 348 20.81 -41.28 -12.51
CA GLN B 348 21.29 -42.06 -13.63
C GLN B 348 21.84 -41.14 -14.70
N SER B 349 21.16 -40.03 -14.91
CA SER B 349 21.62 -39.12 -15.94
C SER B 349 22.84 -38.34 -15.51
N LEU B 350 23.41 -38.61 -14.35
CA LEU B 350 24.76 -38.14 -14.14
C LEU B 350 25.77 -39.26 -14.20
N ALA B 351 25.44 -40.43 -13.63
CA ALA B 351 26.47 -41.44 -13.38
C ALA B 351 26.91 -42.08 -14.68
N GLN B 352 25.94 -42.59 -15.44
CA GLN B 352 26.20 -43.04 -16.81
C GLN B 352 26.82 -41.97 -17.66
N GLN B 353 26.51 -40.68 -17.37
CA GLN B 353 27.16 -39.56 -18.04
C GLN B 353 28.65 -39.72 -18.04
N PHE B 354 29.22 -39.95 -16.85
CA PHE B 354 30.67 -40.08 -16.70
C PHE B 354 31.18 -41.28 -17.45
N PHE B 355 30.40 -42.33 -17.48
CA PHE B 355 30.88 -43.54 -18.11
C PHE B 355 30.26 -43.69 -19.48
N GLY B 356 29.48 -42.70 -19.89
CA GLY B 356 29.26 -42.46 -21.29
C GLY B 356 30.19 -41.34 -21.67
N CYS B 357 30.89 -40.77 -20.68
CA CYS B 357 31.96 -39.84 -21.01
C CYS B 357 33.22 -40.59 -21.40
N PHE B 358 33.86 -41.20 -20.42
CA PHE B 358 35.30 -41.38 -20.47
C PHE B 358 35.67 -42.84 -20.49
N ILE B 359 35.29 -43.58 -19.46
CA ILE B 359 35.41 -45.02 -19.53
C ILE B 359 34.44 -45.51 -20.60
N SER B 360 34.86 -46.50 -21.34
CA SER B 360 34.27 -46.77 -22.64
C SER B 360 34.58 -48.19 -23.04
N ARG B 361 33.59 -48.86 -23.60
CA ARG B 361 33.72 -50.29 -23.87
C ARG B 361 34.56 -50.55 -25.11
N MET B 362 35.47 -51.50 -25.00
CA MET B 362 36.22 -51.90 -26.18
C MET B 362 35.38 -52.71 -27.15
N SER B 363 34.31 -53.33 -26.65
CA SER B 363 33.32 -53.94 -27.52
C SER B 363 32.02 -53.95 -26.76
N TRP B 364 30.95 -54.30 -27.49
CA TRP B 364 29.68 -54.60 -26.87
C TRP B 364 29.81 -55.70 -25.83
N SER B 365 30.66 -56.68 -26.11
CA SER B 365 31.02 -57.73 -25.19
C SER B 365 32.01 -57.27 -24.13
N ASP B 366 32.18 -55.98 -23.92
CA ASP B 366 33.05 -55.48 -22.88
C ASP B 366 32.35 -54.52 -21.94
N GLU B 367 31.04 -54.31 -22.10
CA GLU B 367 30.46 -53.11 -21.52
C GLU B 367 30.28 -53.24 -20.03
N TRP B 368 29.74 -54.38 -19.58
CA TRP B 368 29.03 -54.55 -18.33
C TRP B 368 29.61 -53.88 -17.10
N VAL B 369 30.93 -53.72 -17.10
CA VAL B 369 31.62 -52.93 -16.09
C VAL B 369 31.12 -51.50 -16.09
N LEU B 370 30.85 -50.95 -17.28
CA LEU B 370 30.37 -49.57 -17.40
C LEU B 370 29.08 -49.37 -16.66
N LYS B 371 28.06 -50.14 -17.04
CA LYS B 371 26.77 -49.98 -16.41
C LYS B 371 26.78 -50.48 -14.99
N GLY B 372 27.66 -51.43 -14.69
CA GLY B 372 27.98 -51.83 -13.34
C GLY B 372 28.33 -50.69 -12.44
N ILE B 373 29.41 -50.01 -12.79
CA ILE B 373 29.92 -49.00 -11.90
C ILE B 373 29.02 -47.80 -11.91
N SER B 374 28.38 -47.49 -13.05
CA SER B 374 27.49 -46.33 -13.11
C SER B 374 26.27 -46.51 -12.23
N GLY B 375 25.54 -47.60 -12.44
CA GLY B 375 24.38 -47.84 -11.62
C GLY B 375 24.71 -48.07 -10.16
N TYR B 376 25.84 -48.72 -9.89
CA TYR B 376 26.24 -48.92 -8.51
C TYR B 376 26.58 -47.60 -7.83
N ILE B 377 27.20 -46.69 -8.57
CA ILE B 377 27.50 -45.39 -8.01
C ILE B 377 26.23 -44.63 -7.68
N TYR B 378 25.21 -44.74 -8.52
CA TYR B 378 24.05 -44.00 -8.06
C TYR B 378 23.26 -44.80 -7.03
N GLY B 379 23.55 -46.09 -6.90
CA GLY B 379 23.12 -46.79 -5.71
C GLY B 379 23.77 -46.22 -4.46
N LEU B 380 25.05 -45.92 -4.55
CA LEU B 380 25.77 -45.31 -3.44
C LEU B 380 25.19 -43.95 -3.14
N TRP B 381 24.74 -43.27 -4.16
CA TRP B 381 24.02 -42.03 -3.96
C TRP B 381 22.73 -42.28 -3.19
N MET B 382 22.00 -43.30 -3.59
CA MET B 382 20.75 -43.61 -2.91
C MET B 382 20.95 -44.01 -1.46
N LYS B 383 22.12 -44.53 -1.10
CA LYS B 383 22.44 -44.68 0.32
C LYS B 383 22.38 -43.34 1.01
N LYS B 384 23.28 -42.46 0.62
CA LYS B 384 23.52 -41.25 1.38
C LYS B 384 22.72 -40.09 0.87
N THR B 385 21.54 -40.35 0.33
CA THR B 385 20.64 -39.25 0.06
C THR B 385 19.33 -39.43 0.79
N PHE B 386 18.78 -40.64 0.76
CA PHE B 386 17.51 -40.91 1.39
C PHE B 386 17.32 -42.41 1.48
N GLY B 387 16.95 -42.90 2.66
CA GLY B 387 16.46 -44.25 2.77
C GLY B 387 17.48 -45.33 2.54
N VAL B 388 18.40 -45.50 3.50
CA VAL B 388 19.27 -46.67 3.50
C VAL B 388 18.45 -47.94 3.60
N ASN B 389 17.35 -47.88 4.32
CA ASN B 389 16.41 -48.98 4.27
C ASN B 389 15.69 -49.01 2.93
N GLU B 390 15.37 -47.85 2.35
CA GLU B 390 14.83 -47.90 0.99
C GLU B 390 15.88 -48.25 -0.03
N TYR B 391 17.15 -48.00 0.28
CA TYR B 391 18.23 -48.55 -0.52
C TYR B 391 18.18 -50.07 -0.55
N ARG B 392 18.10 -50.69 0.63
CA ARG B 392 18.02 -52.14 0.70
C ARG B 392 16.74 -52.66 0.05
N HIS B 393 15.63 -51.92 0.19
CA HIS B 393 14.40 -52.23 -0.50
C HIS B 393 14.58 -52.22 -2.00
N TRP B 394 15.35 -51.25 -2.49
CA TRP B 394 15.62 -51.18 -3.92
C TRP B 394 16.42 -52.38 -4.37
N ILE B 395 17.35 -52.83 -3.54
CA ILE B 395 18.12 -54.01 -3.88
C ILE B 395 17.21 -55.23 -3.96
N LYS B 396 16.24 -55.32 -3.05
CA LYS B 396 15.32 -56.44 -3.09
C LYS B 396 14.49 -56.42 -4.36
N GLU B 397 14.07 -55.25 -4.80
CA GLU B 397 13.36 -55.19 -6.07
C GLU B 397 14.25 -55.55 -7.25
N GLU B 398 15.54 -55.27 -7.14
CA GLU B 398 16.46 -55.69 -8.18
C GLU B 398 16.46 -57.20 -8.28
N LEU B 399 16.58 -57.88 -7.13
CA LEU B 399 16.51 -59.33 -7.13
C LEU B 399 15.17 -59.83 -7.61
N ASP B 400 14.11 -59.07 -7.37
CA ASP B 400 12.80 -59.45 -7.88
C ASP B 400 12.81 -59.48 -9.39
N LYS B 401 13.30 -58.41 -10.00
CA LYS B 401 13.40 -58.34 -11.45
C LYS B 401 14.28 -59.45 -12.01
N ILE B 402 15.44 -59.68 -11.40
CA ILE B 402 16.41 -60.60 -11.96
C ILE B 402 15.94 -62.05 -11.83
N VAL B 403 15.49 -62.43 -10.63
CA VAL B 403 15.02 -63.78 -10.39
C VAL B 403 13.82 -64.08 -11.27
N ALA B 404 12.89 -63.12 -11.37
CA ALA B 404 11.72 -63.34 -12.20
C ALA B 404 12.09 -63.46 -13.66
N TYR B 405 13.08 -62.71 -14.11
CA TYR B 405 13.36 -62.77 -15.54
C TYR B 405 14.17 -64.01 -15.89
N GLU B 406 15.17 -64.34 -15.10
CA GLU B 406 15.91 -65.53 -15.47
C GLU B 406 15.24 -66.81 -15.01
N LEU B 407 14.05 -66.73 -14.43
CA LEU B 407 13.22 -67.91 -14.40
C LEU B 407 12.13 -67.89 -15.45
N LYS B 408 11.76 -66.72 -15.96
CA LYS B 408 11.05 -66.69 -17.23
C LYS B 408 11.91 -67.25 -18.34
N THR B 409 13.15 -66.81 -18.40
CA THR B 409 13.97 -66.89 -19.58
C THR B 409 15.30 -67.47 -19.14
N GLY B 410 16.23 -67.59 -20.08
CA GLY B 410 17.58 -68.00 -19.75
C GLY B 410 18.36 -66.89 -19.09
N GLY B 411 19.67 -67.07 -19.06
CA GLY B 411 20.52 -66.20 -18.29
C GLY B 411 20.73 -64.84 -18.95
N VAL B 412 21.33 -63.94 -18.18
CA VAL B 412 21.83 -62.68 -18.72
C VAL B 412 23.33 -62.70 -18.52
N LEU B 413 24.07 -63.00 -19.58
CA LEU B 413 25.46 -63.34 -19.43
C LEU B 413 26.33 -62.17 -19.84
N LEU B 414 27.51 -62.08 -19.23
CA LEU B 414 28.44 -60.97 -19.50
C LEU B 414 29.66 -61.58 -20.15
N HIS B 415 29.61 -61.73 -21.47
CA HIS B 415 30.68 -62.36 -22.21
C HIS B 415 31.98 -61.57 -22.10
N PRO B 416 33.11 -62.24 -21.98
CA PRO B 416 34.30 -61.81 -22.73
C PRO B 416 34.45 -62.64 -23.99
N ILE B 417 33.67 -63.71 -24.08
CA ILE B 417 33.93 -64.80 -24.99
C ILE B 417 33.17 -64.57 -26.29
N PHE B 418 33.84 -64.77 -27.41
CA PHE B 418 33.25 -64.75 -28.72
C PHE B 418 32.82 -66.13 -29.18
N GLY B 419 32.04 -66.15 -30.25
CA GLY B 419 31.86 -67.33 -31.07
C GLY B 419 32.65 -67.15 -32.35
N GLY B 420 33.87 -66.64 -32.20
CA GLY B 420 34.66 -66.22 -33.35
C GLY B 420 35.05 -67.38 -34.24
N GLY B 421 34.95 -67.19 -35.54
CA GLY B 421 35.06 -68.27 -36.49
C GLY B 421 33.75 -68.94 -36.81
N LYS B 422 32.64 -68.18 -36.85
CA LYS B 422 31.29 -68.66 -37.17
C LYS B 422 30.81 -69.72 -36.17
N GLU B 423 31.22 -69.57 -34.91
CA GLU B 423 30.88 -70.48 -33.83
C GLU B 423 29.78 -69.87 -33.00
N LYS B 424 29.05 -70.70 -32.27
CA LYS B 424 27.92 -70.17 -31.52
C LYS B 424 28.27 -69.99 -30.05
N ASP B 425 28.52 -71.10 -29.36
CA ASP B 425 28.77 -71.16 -27.91
C ASP B 425 27.75 -70.35 -27.11
N ASN B 426 26.48 -70.61 -27.40
CA ASN B 426 25.39 -69.81 -26.83
C ASN B 426 24.30 -70.70 -26.27
N PRO B 427 24.44 -71.13 -25.01
CA PRO B 427 23.28 -71.70 -24.32
C PRO B 427 22.23 -70.65 -24.06
N ALA B 428 22.65 -69.39 -23.90
CA ALA B 428 21.80 -68.22 -23.69
C ALA B 428 21.18 -67.71 -24.97
N SER B 429 21.16 -68.54 -26.00
CA SER B 429 20.45 -68.28 -27.23
C SER B 429 19.05 -68.87 -27.11
N HIS B 430 18.49 -68.79 -25.91
CA HIS B 430 17.13 -69.22 -25.67
C HIS B 430 16.14 -68.42 -26.49
N LEU B 431 16.48 -67.18 -26.81
CA LEU B 431 15.86 -66.53 -27.95
C LEU B 431 16.88 -66.14 -29.01
N HIS B 432 17.94 -65.44 -28.65
CA HIS B 432 18.59 -64.62 -29.66
C HIS B 432 20.06 -64.42 -29.36
N PHE B 433 20.72 -63.76 -30.31
CA PHE B 433 22.15 -63.49 -30.25
C PHE B 433 22.45 -62.48 -29.17
N SER B 434 23.65 -62.56 -28.61
CA SER B 434 24.05 -61.51 -27.70
C SER B 434 25.48 -61.05 -27.87
N ILE B 435 26.37 -61.86 -28.47
CA ILE B 435 27.79 -61.84 -28.15
C ILE B 435 28.42 -60.52 -28.54
N LYS B 436 28.29 -60.16 -29.79
CA LYS B 436 28.95 -58.99 -30.34
C LYS B 436 27.99 -57.85 -30.57
N HIS B 437 26.79 -57.90 -30.02
CA HIS B 437 25.88 -56.97 -30.58
C HIS B 437 24.86 -56.38 -29.62
N PRO B 438 24.66 -55.08 -29.68
CA PRO B 438 23.61 -54.46 -28.87
C PRO B 438 22.25 -54.79 -29.41
N HIS B 439 22.11 -54.72 -30.73
CA HIS B 439 20.81 -54.60 -31.36
C HIS B 439 20.17 -55.94 -31.61
N THR B 440 20.48 -56.92 -30.80
CA THR B 440 19.71 -58.15 -30.81
C THR B 440 18.79 -58.24 -29.61
N LEU B 441 19.07 -57.48 -28.57
CA LEU B 441 18.55 -57.82 -27.26
C LEU B 441 17.16 -57.26 -27.01
N SER B 442 16.52 -57.75 -25.97
CA SER B 442 15.25 -57.22 -25.53
C SER B 442 15.47 -56.20 -24.44
N TRP B 443 14.47 -55.35 -24.26
CA TRP B 443 14.48 -54.42 -23.14
C TRP B 443 14.35 -55.13 -21.82
N GLU B 444 13.67 -56.27 -21.82
CA GLU B 444 13.75 -57.14 -20.68
C GLU B 444 15.18 -57.59 -20.47
N TYR B 445 15.86 -57.98 -21.54
CA TYR B 445 17.24 -58.43 -21.41
C TYR B 445 18.16 -57.28 -21.05
N TYR B 446 17.97 -56.13 -21.68
CA TYR B 446 18.89 -55.03 -21.47
C TYR B 446 18.71 -54.42 -20.09
N SER B 447 17.46 -54.37 -19.64
CA SER B 447 17.17 -53.95 -18.28
C SER B 447 17.83 -54.89 -17.27
N MET B 448 17.65 -56.20 -17.45
CA MET B 448 18.24 -57.13 -16.50
C MET B 448 19.75 -57.15 -16.57
N PHE B 449 20.29 -56.82 -17.73
CA PHE B 449 21.72 -56.60 -17.86
C PHE B 449 22.18 -55.52 -16.91
N GLN B 450 21.47 -54.39 -16.89
CA GLN B 450 21.82 -53.34 -15.95
C GLN B 450 21.59 -53.76 -14.50
N CYS B 451 20.60 -54.61 -14.27
CA CYS B 451 20.31 -55.02 -12.90
C CYS B 451 21.38 -55.95 -12.36
N LYS B 452 21.81 -56.92 -13.17
CA LYS B 452 22.95 -57.75 -12.81
C LYS B 452 24.20 -56.93 -12.68
N ALA B 453 24.28 -55.83 -13.42
CA ALA B 453 25.43 -54.95 -13.29
C ALA B 453 25.52 -54.35 -11.88
N HIS B 454 24.37 -53.87 -11.36
CA HIS B 454 24.31 -53.40 -9.98
C HIS B 454 24.76 -54.46 -9.00
N LEU B 455 24.22 -55.66 -9.18
CA LEU B 455 24.40 -56.61 -8.10
C LEU B 455 25.76 -57.28 -8.15
N VAL B 456 26.38 -57.32 -9.32
CA VAL B 456 27.73 -57.86 -9.36
C VAL B 456 28.72 -56.83 -8.80
N MET B 457 28.43 -55.54 -8.95
CA MET B 457 29.27 -54.59 -8.21
C MET B 457 29.06 -54.69 -6.70
N ARG B 458 27.87 -55.09 -6.27
CA ARG B 458 27.70 -55.39 -4.86
C ARG B 458 28.51 -56.59 -4.43
N LEU B 459 28.67 -57.57 -5.31
CA LEU B 459 29.56 -58.67 -4.96
C LEU B 459 31.01 -58.22 -4.90
N ILE B 460 31.38 -57.22 -5.69
CA ILE B 460 32.74 -56.73 -5.57
C ILE B 460 32.93 -55.92 -4.28
N GLU B 461 31.87 -55.27 -3.80
CA GLU B 461 31.88 -54.85 -2.40
C GLU B 461 32.09 -56.02 -1.45
N ASN B 462 31.42 -57.14 -1.74
CA ASN B 462 31.42 -58.25 -0.82
C ASN B 462 32.77 -58.94 -0.75
N ARG B 463 33.61 -58.79 -1.76
CA ARG B 463 34.96 -59.28 -1.60
C ARG B 463 35.98 -58.19 -1.32
N ILE B 464 35.67 -56.93 -1.58
CA ILE B 464 36.67 -55.88 -1.58
C ILE B 464 36.11 -54.61 -0.96
N SER B 465 36.93 -53.95 -0.13
CA SER B 465 36.66 -52.67 0.50
C SER B 465 36.13 -51.61 -0.45
N MET B 466 35.11 -50.89 0.04
CA MET B 466 34.62 -49.66 -0.58
C MET B 466 35.72 -48.63 -0.77
N GLU B 467 36.62 -48.52 0.20
CA GLU B 467 37.76 -47.63 0.07
C GLU B 467 38.62 -48.06 -1.10
N PHE B 468 38.77 -49.37 -1.28
CA PHE B 468 39.51 -49.84 -2.44
C PHE B 468 38.73 -49.58 -3.73
N MET B 469 37.41 -49.50 -3.64
CA MET B 469 36.63 -49.15 -4.82
C MET B 469 36.87 -47.71 -5.20
N LEU B 470 36.95 -46.84 -4.20
CA LEU B 470 37.35 -45.46 -4.43
C LEU B 470 38.73 -45.40 -5.04
N GLN B 471 39.63 -46.25 -4.56
CA GLN B 471 41.00 -46.30 -5.08
C GLN B 471 41.02 -46.70 -6.54
N VAL B 472 40.27 -47.76 -6.89
CA VAL B 472 40.20 -48.24 -8.26
C VAL B 472 39.67 -47.16 -9.18
N PHE B 473 38.56 -46.54 -8.78
CA PHE B 473 37.88 -45.62 -9.68
C PHE B 473 38.69 -44.35 -9.85
N ASN B 474 39.38 -43.94 -8.79
CA ASN B 474 40.25 -42.78 -8.89
C ASN B 474 41.43 -43.08 -9.80
N LYS B 475 41.96 -44.29 -9.75
CA LYS B 475 43.03 -44.64 -10.67
C LYS B 475 42.53 -44.66 -12.10
N LEU B 476 41.30 -45.16 -12.29
CA LEU B 476 40.66 -45.18 -13.61
C LEU B 476 40.57 -43.78 -14.18
N LEU B 477 39.98 -42.88 -13.42
CA LEU B 477 39.68 -41.58 -13.95
C LEU B 477 40.93 -40.72 -13.99
N SER B 478 41.91 -41.02 -13.15
CA SER B 478 43.21 -40.36 -13.23
C SER B 478 43.89 -40.69 -14.55
N LEU B 479 43.95 -41.98 -14.87
CA LEU B 479 44.58 -42.39 -16.12
C LEU B 479 43.80 -41.87 -17.33
N ALA B 480 42.48 -41.79 -17.22
CA ALA B 480 41.68 -41.32 -18.34
C ALA B 480 41.83 -39.83 -18.55
N SER B 481 41.63 -39.03 -17.51
CA SER B 481 41.75 -37.59 -17.61
C SER B 481 43.17 -37.15 -17.88
N THR B 482 44.14 -37.96 -17.49
CA THR B 482 45.51 -37.75 -17.95
C THR B 482 45.60 -38.00 -19.44
N ALA B 483 45.06 -39.13 -19.90
CA ALA B 483 45.10 -39.50 -21.31
C ALA B 483 44.24 -38.61 -22.19
N SER B 484 43.37 -37.80 -21.59
CA SER B 484 42.58 -36.84 -22.34
C SER B 484 43.30 -35.51 -22.39
N SER B 485 42.70 -34.58 -23.15
CA SER B 485 42.98 -33.14 -23.10
C SER B 485 44.43 -32.81 -23.44
N GLN B 486 44.96 -33.44 -24.49
CA GLN B 486 46.34 -33.23 -24.88
C GLN B 486 46.39 -33.05 -26.38
N LYS B 487 47.60 -33.08 -26.93
CA LYS B 487 47.84 -32.79 -28.35
C LYS B 487 47.60 -34.00 -29.24
N PHE B 488 46.81 -34.98 -28.75
CA PHE B 488 46.71 -36.32 -29.31
C PHE B 488 48.08 -36.95 -29.37
N GLN B 489 48.54 -37.43 -28.23
CA GLN B 489 49.59 -38.43 -28.23
C GLN B 489 49.28 -39.49 -29.27
N SER B 490 50.08 -39.50 -30.32
CA SER B 490 49.88 -40.42 -31.42
C SER B 490 50.32 -41.80 -30.98
N HIS B 491 49.51 -42.81 -31.32
CA HIS B 491 49.70 -44.23 -31.01
C HIS B 491 49.61 -44.52 -29.50
N MET B 492 49.29 -43.52 -28.68
CA MET B 492 49.42 -43.60 -27.23
C MET B 492 48.22 -42.96 -26.56
N TRP B 493 47.02 -43.26 -27.03
CA TRP B 493 45.86 -42.44 -26.71
C TRP B 493 44.62 -43.20 -26.25
N SER B 494 44.54 -44.50 -26.51
CA SER B 494 43.30 -45.25 -26.30
C SER B 494 43.17 -45.77 -24.88
N GLN B 495 43.77 -45.10 -23.92
CA GLN B 495 43.65 -45.49 -22.53
C GLN B 495 42.28 -45.22 -21.96
N MET B 496 41.43 -44.49 -22.67
CA MET B 496 40.05 -44.29 -22.26
C MET B 496 39.14 -45.43 -22.66
N LEU B 497 39.63 -46.40 -23.40
CA LEU B 497 38.95 -47.69 -23.50
C LEU B 497 39.40 -48.53 -22.33
N VAL B 498 38.57 -48.59 -21.29
CA VAL B 498 39.02 -49.06 -19.99
C VAL B 498 38.24 -50.35 -19.72
N SER B 499 38.15 -51.21 -20.71
CA SER B 499 37.25 -52.35 -20.66
C SER B 499 37.72 -53.43 -19.68
N THR B 500 37.04 -54.58 -19.77
CA THR B 500 36.91 -55.55 -18.68
C THR B 500 38.26 -56.09 -18.21
N SER B 501 39.13 -56.43 -19.16
CA SER B 501 40.33 -57.19 -18.86
C SER B 501 41.32 -56.39 -18.03
N GLY B 502 41.76 -55.24 -18.57
CA GLY B 502 42.69 -54.41 -17.83
C GLY B 502 42.09 -53.80 -16.59
N PHE B 503 40.77 -53.63 -16.58
CA PHE B 503 40.08 -53.20 -15.38
C PHE B 503 40.20 -54.21 -14.28
N LEU B 504 39.87 -55.46 -14.59
CA LEU B 504 40.12 -56.60 -13.72
C LEU B 504 41.56 -56.63 -13.22
N LYS B 505 42.50 -56.42 -14.14
CA LYS B 505 43.91 -56.36 -13.79
C LYS B 505 44.18 -55.27 -12.75
N SER B 506 43.56 -54.10 -12.93
CA SER B 506 43.75 -53.01 -11.99
C SER B 506 43.12 -53.30 -10.65
N ILE B 507 42.00 -54.02 -10.65
CA ILE B 507 41.39 -54.47 -9.40
C ILE B 507 42.37 -55.30 -8.62
N SER B 508 42.89 -56.35 -9.26
CA SER B 508 43.81 -57.25 -8.59
C SER B 508 45.12 -56.56 -8.25
N ASN B 509 45.47 -55.51 -9.00
CA ASN B 509 46.60 -54.70 -8.61
C ASN B 509 46.31 -53.94 -7.33
N VAL B 510 45.07 -53.51 -7.14
CA VAL B 510 44.72 -52.90 -5.87
C VAL B 510 44.65 -53.96 -4.78
N SER B 511 43.91 -55.03 -5.04
CA SER B 511 43.93 -56.17 -4.12
C SER B 511 43.69 -57.42 -4.96
N GLY B 512 44.71 -58.25 -5.07
CA GLY B 512 44.55 -59.49 -5.77
C GLY B 512 43.95 -60.54 -4.87
N LYS B 513 42.66 -60.76 -5.03
CA LYS B 513 41.98 -61.81 -4.32
C LYS B 513 41.41 -62.77 -5.36
N ASP B 514 40.65 -63.75 -4.90
CA ASP B 514 40.16 -64.82 -5.77
C ASP B 514 38.89 -64.41 -6.50
N ILE B 515 38.94 -63.27 -7.18
CA ILE B 515 37.79 -62.69 -7.83
C ILE B 515 37.57 -63.22 -9.23
N GLN B 516 38.48 -64.00 -9.73
CA GLN B 516 38.22 -64.67 -10.98
C GLN B 516 37.26 -65.84 -10.78
N PRO B 517 37.28 -66.55 -9.63
CA PRO B 517 36.05 -67.29 -9.25
C PRO B 517 34.80 -66.44 -9.18
N LEU B 518 34.86 -65.20 -8.70
CA LEU B 518 33.67 -64.35 -8.71
C LEU B 518 33.18 -64.10 -10.13
N ILE B 519 34.12 -63.88 -11.05
CA ILE B 519 33.79 -63.73 -12.46
C ILE B 519 33.11 -64.98 -12.98
N LYS B 520 33.79 -66.11 -12.87
CA LYS B 520 33.30 -67.32 -13.52
C LYS B 520 32.07 -67.87 -12.83
N GLN B 521 31.81 -67.46 -11.60
CA GLN B 521 30.48 -67.65 -11.07
C GLN B 521 29.50 -66.69 -11.73
N TRP B 522 29.66 -65.41 -11.50
CA TRP B 522 28.53 -64.54 -11.78
C TRP B 522 28.63 -63.80 -13.10
N VAL B 523 29.83 -63.34 -13.46
CA VAL B 523 30.02 -62.71 -14.74
C VAL B 523 29.88 -63.74 -15.85
N ASP B 524 30.37 -64.96 -15.61
CA ASP B 524 30.45 -65.95 -16.69
C ASP B 524 29.75 -67.25 -16.37
N GLN B 525 28.73 -67.23 -15.54
CA GLN B 525 27.73 -68.29 -15.53
C GLN B 525 26.42 -67.62 -15.11
N SER B 526 25.63 -67.24 -16.10
CA SER B 526 24.41 -66.46 -15.85
C SER B 526 23.33 -67.38 -15.30
N GLY B 527 23.44 -67.69 -14.01
CA GLY B 527 22.48 -68.55 -13.37
C GLY B 527 22.07 -68.01 -12.02
N VAL B 528 20.79 -68.08 -11.73
CA VAL B 528 20.27 -67.70 -10.43
C VAL B 528 20.23 -68.96 -9.58
N VAL B 529 20.46 -68.81 -8.29
CA VAL B 529 20.63 -69.95 -7.40
C VAL B 529 19.52 -69.91 -6.37
N LYS B 530 18.64 -70.91 -6.41
CA LYS B 530 17.74 -71.12 -5.28
C LYS B 530 18.48 -71.88 -4.18
N PHE B 531 17.81 -72.05 -3.05
CA PHE B 531 18.47 -72.59 -1.86
C PHE B 531 17.49 -73.42 -1.07
N TYR B 532 17.75 -74.71 -0.97
CA TYR B 532 17.01 -75.56 -0.06
C TYR B 532 17.88 -75.80 1.17
N GLY B 533 18.13 -74.70 1.87
CA GLY B 533 18.84 -74.82 3.11
C GLY B 533 17.81 -75.28 4.12
N SER B 534 17.83 -76.57 4.41
CA SER B 534 16.76 -77.21 5.16
C SER B 534 17.02 -77.06 6.65
N PHE B 535 16.10 -76.39 7.33
CA PHE B 535 16.14 -76.22 8.77
C PHE B 535 16.04 -77.55 9.49
N ALA B 536 17.03 -77.86 10.30
CA ALA B 536 16.92 -78.89 11.31
C ALA B 536 17.10 -78.27 12.69
N PHE B 537 16.80 -79.06 13.72
CA PHE B 537 16.72 -78.52 15.08
C PHE B 537 17.49 -79.44 16.02
N ASN B 538 18.78 -79.20 16.13
CA ASN B 538 19.57 -79.83 17.17
C ASN B 538 19.81 -78.85 18.30
N ARG B 539 20.29 -79.40 19.42
CA ARG B 539 19.97 -78.87 20.74
C ARG B 539 18.48 -78.56 20.84
N LYS B 540 17.65 -79.52 20.44
CA LYS B 540 16.26 -79.57 20.86
C LYS B 540 16.20 -80.48 22.09
N ARG B 541 17.00 -80.07 23.08
CA ARG B 541 17.68 -80.97 24.00
C ARG B 541 18.28 -82.16 23.26
N ASN B 542 19.00 -81.86 22.18
CA ASN B 542 19.61 -82.89 21.36
C ASN B 542 21.09 -83.00 21.68
N VAL B 543 21.60 -84.23 21.55
CA VAL B 543 23.02 -84.49 21.75
C VAL B 543 23.84 -83.77 20.69
N LEU B 544 23.43 -83.90 19.44
CA LEU B 544 23.95 -83.03 18.41
C LEU B 544 23.45 -81.62 18.67
N GLU B 545 24.23 -80.63 18.28
CA GLU B 545 24.05 -79.29 18.81
C GLU B 545 23.94 -78.27 17.69
N LEU B 546 22.71 -77.77 17.48
CA LEU B 546 22.41 -76.61 16.65
C LEU B 546 22.88 -76.82 15.21
N GLU B 547 22.16 -77.71 14.53
CA GLU B 547 22.55 -78.16 13.21
C GLU B 547 21.41 -77.98 12.21
N ILE B 548 21.77 -77.65 10.97
CA ILE B 548 20.86 -77.39 9.85
C ILE B 548 21.54 -77.91 8.59
N LYS B 549 20.77 -78.51 7.70
CA LYS B 549 21.37 -79.09 6.51
C LYS B 549 21.34 -78.12 5.35
N GLN B 550 22.35 -78.19 4.52
CA GLN B 550 22.44 -77.44 3.28
C GLN B 550 21.98 -78.35 2.14
N ASP B 551 21.13 -77.80 1.26
CA ASP B 551 20.56 -78.53 0.15
C ASP B 551 20.34 -77.58 -1.01
N TYR B 552 20.50 -78.10 -2.24
CA TYR B 552 19.98 -77.50 -3.47
C TYR B 552 20.09 -78.42 -4.70
N THR B 553 19.00 -78.51 -5.49
CA THR B 553 19.04 -78.87 -6.92
C THR B 553 17.71 -78.45 -7.54
N SER B 554 17.76 -77.57 -8.57
CA SER B 554 16.52 -77.27 -9.30
C SER B 554 16.79 -76.80 -10.72
N PRO B 555 16.99 -77.72 -11.67
CA PRO B 555 17.36 -77.31 -13.03
C PRO B 555 16.22 -76.70 -13.83
N GLY B 556 16.47 -76.55 -15.13
CA GLY B 556 15.73 -75.62 -15.95
C GLY B 556 16.55 -74.36 -16.03
N THR B 557 16.80 -73.75 -14.88
CA THR B 557 17.85 -72.73 -14.77
C THR B 557 18.40 -72.85 -13.35
N GLN B 558 19.44 -73.64 -13.19
CA GLN B 558 20.07 -73.79 -11.90
C GLN B 558 21.54 -73.44 -11.99
N LYS B 559 22.18 -73.46 -10.82
CA LYS B 559 23.58 -73.13 -10.64
C LYS B 559 23.96 -73.53 -9.24
N TYR B 560 25.16 -74.05 -9.06
CA TYR B 560 25.57 -74.59 -7.77
C TYR B 560 26.70 -73.72 -7.24
N VAL B 561 26.43 -72.96 -6.21
CA VAL B 561 27.43 -72.13 -5.56
C VAL B 561 27.65 -72.66 -4.15
N GLY B 562 28.89 -72.93 -3.82
CA GLY B 562 29.22 -73.60 -2.61
C GLY B 562 29.64 -72.64 -1.54
N PRO B 563 30.94 -72.42 -1.42
CA PRO B 563 31.51 -71.86 -0.19
C PRO B 563 31.17 -70.40 0.06
N LEU B 564 30.23 -70.23 0.99
CA LEU B 564 29.71 -68.94 1.41
C LEU B 564 29.49 -69.09 2.91
N LYS B 565 28.71 -68.19 3.52
CA LYS B 565 28.40 -68.35 4.93
C LYS B 565 26.93 -68.00 5.21
N VAL B 566 26.57 -68.18 6.48
CA VAL B 566 25.19 -68.28 6.96
C VAL B 566 25.05 -67.41 8.19
N THR B 567 23.99 -66.61 8.25
CA THR B 567 23.75 -65.65 9.31
C THR B 567 22.50 -66.01 10.11
N VAL B 568 22.67 -66.28 11.41
CA VAL B 568 21.60 -66.76 12.27
C VAL B 568 21.52 -65.84 13.48
N GLN B 569 20.30 -65.46 13.88
CA GLN B 569 20.15 -64.81 15.17
C GLN B 569 19.68 -65.80 16.24
N GLU B 570 20.38 -65.77 17.37
CA GLU B 570 20.04 -66.52 18.58
C GLU B 570 18.85 -65.86 19.27
N LEU B 571 18.56 -66.31 20.48
CA LEU B 571 17.54 -65.61 21.26
C LEU B 571 17.98 -64.19 21.57
N ASP B 572 18.93 -64.07 22.47
CA ASP B 572 19.55 -62.79 22.76
C ASP B 572 21.04 -63.07 22.68
N GLY B 573 21.57 -63.06 21.48
CA GLY B 573 22.94 -63.49 21.34
C GLY B 573 23.55 -63.33 19.97
N SER B 574 24.50 -64.20 19.67
CA SER B 574 25.47 -63.95 18.62
C SER B 574 24.86 -64.14 17.24
N PHE B 575 25.27 -63.27 16.33
CA PHE B 575 24.98 -63.44 14.91
C PHE B 575 25.87 -64.58 14.43
N ASN B 576 25.34 -65.78 14.46
CA ASN B 576 26.14 -66.96 14.16
C ASN B 576 26.30 -67.10 12.66
N HIS B 577 27.53 -67.25 12.22
CA HIS B 577 27.82 -67.33 10.80
C HIS B 577 28.60 -68.58 10.51
N THR B 578 28.20 -69.29 9.47
CA THR B 578 28.69 -70.64 9.28
C THR B 578 29.02 -70.86 7.81
N LEU B 579 30.15 -71.52 7.56
CA LEU B 579 30.71 -71.76 6.25
C LEU B 579 29.79 -72.63 5.40
N GLN B 580 30.06 -72.63 4.10
CA GLN B 580 29.37 -73.48 3.17
C GLN B 580 30.40 -74.19 2.31
N ILE B 581 29.95 -75.23 1.60
CA ILE B 581 30.81 -76.06 0.76
C ILE B 581 30.02 -76.33 -0.53
N GLU B 582 30.73 -76.73 -1.57
CA GLU B 582 30.15 -77.46 -2.70
C GLU B 582 29.87 -78.91 -2.29
N GLU B 583 29.47 -79.73 -3.26
CA GLU B 583 29.01 -81.12 -3.07
C GLU B 583 27.88 -81.17 -2.04
N ASN B 584 26.78 -80.58 -2.47
CA ASN B 584 25.85 -79.85 -1.62
C ASN B 584 24.89 -80.72 -0.84
N SER B 585 25.15 -82.02 -0.72
CA SER B 585 24.34 -82.87 0.16
C SER B 585 24.89 -82.73 1.57
N LEU B 586 24.63 -81.58 2.19
CA LEU B 586 25.46 -81.19 3.32
C LEU B 586 24.65 -81.04 4.60
N LYS B 587 25.33 -81.25 5.72
CA LYS B 587 24.78 -81.08 7.05
C LYS B 587 25.78 -80.22 7.81
N HIS B 588 25.29 -79.22 8.55
CA HIS B 588 26.21 -78.28 9.16
C HIS B 588 25.71 -77.86 10.52
N ASP B 589 26.60 -77.23 11.27
CA ASP B 589 26.36 -76.93 12.67
C ASP B 589 26.19 -75.42 12.83
N ILE B 590 26.05 -74.97 14.07
CA ILE B 590 25.95 -73.55 14.39
C ILE B 590 26.93 -73.29 15.53
N PRO B 591 27.64 -72.15 15.53
CA PRO B 591 28.49 -71.81 16.69
C PRO B 591 27.64 -71.49 17.89
N CYS B 592 27.40 -72.55 18.67
CA CYS B 592 26.25 -72.70 19.55
C CYS B 592 26.08 -71.58 20.58
N HIS B 593 24.82 -71.24 20.83
CA HIS B 593 24.41 -70.35 21.90
C HIS B 593 24.64 -71.04 23.25
N SER B 594 24.58 -70.25 24.33
CA SER B 594 24.63 -70.77 25.67
C SER B 594 23.37 -71.57 26.00
N LYS B 595 23.37 -72.18 27.17
CA LYS B 595 22.17 -72.83 27.69
C LYS B 595 21.22 -71.72 28.14
N SER B 596 20.45 -71.21 27.19
CA SER B 596 19.50 -70.14 27.47
C SER B 596 18.33 -70.74 28.24
N ARG B 597 18.52 -70.89 29.54
CA ARG B 597 17.53 -71.48 30.41
C ARG B 597 17.25 -70.53 31.55
N ARG B 598 16.14 -70.80 32.26
CA ARG B 598 15.52 -69.87 33.21
C ARG B 598 15.33 -68.50 32.55
N ASN B 599 14.67 -68.53 31.40
CA ASN B 599 14.57 -67.34 30.57
C ASN B 599 13.45 -66.43 31.02
N LYS B 600 12.67 -66.84 32.01
CA LYS B 600 11.89 -65.87 32.77
C LYS B 600 12.80 -64.93 33.52
N LYS B 601 13.95 -65.44 34.00
CA LYS B 601 14.96 -64.59 34.60
C LYS B 601 15.85 -63.97 33.53
N LYS B 602 16.26 -64.75 32.52
CA LYS B 602 16.98 -64.21 31.38
C LYS B 602 15.98 -63.47 30.49
N LYS B 603 15.59 -62.28 30.95
CA LYS B 603 14.55 -61.53 30.25
C LYS B 603 15.10 -60.95 28.95
N ILE B 604 16.07 -60.06 29.07
CA ILE B 604 16.82 -59.60 27.90
C ILE B 604 18.30 -59.73 28.26
N PRO B 605 18.94 -60.86 27.98
CA PRO B 605 20.42 -60.84 27.92
C PRO B 605 20.94 -60.36 26.57
N LEU B 606 20.62 -59.10 26.24
CA LEU B 606 21.21 -58.32 25.14
C LEU B 606 20.93 -58.96 23.78
N MET B 607 19.67 -58.78 23.34
CA MET B 607 19.30 -59.18 21.99
C MET B 607 20.12 -58.53 20.88
N ASN B 608 19.99 -57.23 20.65
CA ASN B 608 20.84 -56.50 19.69
C ASN B 608 20.93 -55.06 20.17
N GLY B 609 21.98 -54.76 20.91
CA GLY B 609 22.01 -53.49 21.60
C GLY B 609 20.95 -53.49 22.67
N GLU B 610 20.33 -52.35 22.91
CA GLU B 610 19.37 -52.18 23.99
C GLU B 610 17.94 -52.35 23.51
N GLU B 611 17.72 -53.27 22.57
CA GLU B 611 16.37 -53.62 22.17
C GLU B 611 15.67 -54.34 23.32
N VAL B 612 14.37 -54.08 23.43
CA VAL B 612 13.59 -54.53 24.58
C VAL B 612 12.45 -55.37 24.07
N ASP B 613 12.48 -56.66 24.38
CA ASP B 613 11.45 -57.60 23.96
C ASP B 613 11.40 -58.78 24.90
N MET B 614 10.18 -59.26 25.18
CA MET B 614 9.93 -60.46 25.99
C MET B 614 8.71 -61.19 25.41
N ASP B 615 8.94 -62.41 24.92
CA ASP B 615 7.86 -63.36 24.70
C ASP B 615 8.35 -64.77 24.97
N LEU B 616 7.66 -65.45 25.87
CA LEU B 616 7.70 -66.89 25.94
C LEU B 616 6.66 -67.51 25.04
N SER B 617 6.11 -66.72 24.11
CA SER B 617 4.99 -67.14 23.29
C SER B 617 5.36 -68.21 22.28
N ALA B 618 6.64 -68.34 21.93
CA ALA B 618 7.04 -69.31 20.93
C ALA B 618 7.15 -70.70 21.56
N MET B 619 7.62 -71.68 20.79
CA MET B 619 7.81 -73.05 21.29
C MET B 619 9.04 -73.14 22.18
N ASP B 620 8.96 -72.43 23.30
CA ASP B 620 10.13 -72.00 24.04
C ASP B 620 10.49 -72.95 25.15
N ALA B 621 10.02 -74.20 25.09
CA ALA B 621 10.59 -75.24 25.93
C ALA B 621 12.06 -75.44 25.57
N ASP B 622 12.34 -75.68 24.29
CA ASP B 622 13.69 -75.94 23.84
C ASP B 622 14.00 -75.21 22.54
N SER B 623 13.59 -73.95 22.41
CA SER B 623 13.90 -73.16 21.22
C SER B 623 14.87 -72.05 21.58
N PRO B 624 16.19 -72.28 21.48
CA PRO B 624 17.14 -71.21 21.73
C PRO B 624 17.46 -70.44 20.46
N LEU B 625 16.75 -70.75 19.40
CA LEU B 625 16.96 -70.14 18.09
C LEU B 625 15.94 -69.04 17.89
N LEU B 626 16.33 -68.03 17.13
CA LEU B 626 15.31 -67.17 16.57
C LEU B 626 15.24 -67.16 15.05
N TRP B 627 16.29 -66.76 14.33
CA TRP B 627 16.04 -66.61 12.90
C TRP B 627 17.17 -67.14 12.04
N ILE B 628 16.78 -67.79 10.96
CA ILE B 628 17.66 -68.29 9.92
C ILE B 628 17.90 -67.15 8.95
N ARG B 629 19.09 -67.12 8.36
CA ARG B 629 19.41 -66.19 7.31
C ARG B 629 20.58 -66.76 6.54
N ILE B 630 20.60 -66.59 5.23
CA ILE B 630 21.82 -66.70 4.49
C ILE B 630 22.10 -65.36 3.84
N ASP B 631 23.19 -64.72 4.28
CA ASP B 631 23.76 -63.52 3.71
C ASP B 631 22.74 -62.40 3.64
N PRO B 632 22.44 -61.78 4.79
CA PRO B 632 21.40 -60.73 4.82
C PRO B 632 21.74 -59.52 4.01
N ASP B 633 23.03 -59.29 3.74
CA ASP B 633 23.48 -58.24 2.83
C ASP B 633 23.35 -58.65 1.38
N MET B 634 22.68 -59.78 1.11
CA MET B 634 22.13 -60.14 -0.18
C MET B 634 23.24 -60.36 -1.20
N SER B 635 24.24 -61.13 -0.78
CA SER B 635 25.40 -61.34 -1.62
C SER B 635 25.04 -62.17 -2.84
N VAL B 636 24.63 -63.38 -2.64
CA VAL B 636 24.38 -64.27 -3.75
C VAL B 636 22.97 -64.05 -4.27
N LEU B 637 22.85 -64.02 -5.60
CA LEU B 637 21.58 -63.96 -6.30
C LEU B 637 20.75 -65.15 -5.85
N ARG B 638 19.65 -64.90 -5.14
CA ARG B 638 19.08 -65.94 -4.33
C ARG B 638 17.56 -65.98 -4.44
N LYS B 639 17.03 -67.15 -4.13
CA LYS B 639 15.60 -67.34 -3.92
C LYS B 639 15.49 -68.46 -2.90
N VAL B 640 15.44 -68.08 -1.63
CA VAL B 640 15.70 -68.99 -0.53
C VAL B 640 14.41 -69.64 -0.09
N GLU B 641 14.41 -70.96 0.01
CA GLU B 641 13.21 -71.69 0.41
C GLU B 641 13.56 -72.60 1.59
N PHE B 642 12.80 -72.46 2.66
CA PHE B 642 13.01 -73.18 3.90
C PHE B 642 11.77 -73.00 4.76
N GLU B 643 11.79 -73.57 5.95
CA GLU B 643 10.66 -73.50 6.87
C GLU B 643 11.15 -73.32 8.29
N GLN B 644 10.50 -72.43 9.02
CA GLN B 644 10.71 -72.26 10.45
C GLN B 644 9.42 -72.54 11.19
N ALA B 645 9.46 -72.35 12.51
CA ALA B 645 8.22 -72.21 13.25
C ALA B 645 7.62 -70.86 12.97
N ASP B 646 6.30 -70.82 12.89
CA ASP B 646 5.60 -69.61 12.45
C ASP B 646 5.73 -68.51 13.48
N PHE B 647 5.92 -68.92 14.73
CA PHE B 647 6.26 -68.04 15.83
C PHE B 647 7.50 -67.21 15.50
N MET B 648 8.48 -67.84 14.88
CA MET B 648 9.75 -67.17 14.61
C MET B 648 9.57 -66.13 13.53
N TRP B 649 8.74 -66.45 12.52
CA TRP B 649 8.42 -65.49 11.47
C TRP B 649 7.68 -64.30 12.03
N GLN B 650 6.64 -64.56 12.83
CA GLN B 650 5.84 -63.49 13.40
C GLN B 650 6.65 -62.65 14.37
N TYR B 651 7.58 -63.27 15.08
CA TYR B 651 8.36 -62.53 16.04
C TYR B 651 9.44 -61.72 15.34
N GLN B 652 9.90 -62.21 14.20
CA GLN B 652 10.74 -61.41 13.34
C GLN B 652 9.98 -60.20 12.85
N LEU B 653 8.69 -60.39 12.64
CA LEU B 653 7.86 -59.25 12.32
C LEU B 653 7.55 -58.42 13.55
N ARG B 654 7.85 -58.92 14.75
CA ARG B 654 7.73 -58.01 15.89
C ARG B 654 8.86 -57.01 15.86
N TYR B 655 10.10 -57.48 15.68
CA TYR B 655 11.14 -56.61 15.13
C TYR B 655 12.25 -57.43 14.49
N GLU B 656 12.85 -56.87 13.45
CA GLU B 656 14.15 -57.28 12.95
C GLU B 656 14.82 -56.03 12.39
N ARG B 657 16.15 -56.03 12.36
CA ARG B 657 16.91 -54.93 11.80
C ARG B 657 17.12 -55.06 10.30
N ASP B 658 16.27 -55.80 9.59
CA ASP B 658 16.30 -55.85 8.13
C ASP B 658 14.92 -55.73 7.55
N VAL B 659 14.78 -54.73 6.67
CA VAL B 659 13.63 -54.64 5.78
C VAL B 659 13.52 -55.89 4.92
N VAL B 660 14.66 -56.47 4.58
CA VAL B 660 14.73 -57.74 3.86
C VAL B 660 13.98 -58.82 4.60
N ALA B 661 14.34 -59.00 5.87
CA ALA B 661 13.70 -60.01 6.69
C ALA B 661 12.23 -59.70 6.88
N GLN B 662 11.89 -58.41 7.01
CA GLN B 662 10.52 -58.05 7.31
C GLN B 662 9.61 -58.35 6.14
N GLN B 663 9.99 -57.95 4.93
CA GLN B 663 9.11 -58.27 3.83
C GLN B 663 9.20 -59.73 3.40
N GLU B 664 10.25 -60.45 3.75
CA GLU B 664 10.19 -61.85 3.35
C GLU B 664 9.37 -62.68 4.32
N SER B 665 9.35 -62.31 5.59
CA SER B 665 8.39 -62.93 6.48
C SER B 665 6.98 -62.46 6.15
N ILE B 666 6.85 -61.25 5.61
CA ILE B 666 5.58 -60.81 5.04
C ILE B 666 5.11 -61.75 3.95
N LEU B 667 6.02 -62.20 3.09
CA LEU B 667 5.59 -63.11 2.03
C LEU B 667 5.28 -64.51 2.58
N ALA B 668 6.15 -64.99 3.48
CA ALA B 668 5.99 -66.33 4.04
C ALA B 668 4.73 -66.44 4.86
N LEU B 669 4.35 -65.36 5.55
CA LEU B 669 3.11 -65.36 6.28
C LEU B 669 1.96 -64.87 5.41
N GLU B 670 2.23 -64.39 4.21
CA GLU B 670 1.15 -64.29 3.25
C GLU B 670 0.76 -65.64 2.70
N LYS B 671 1.64 -66.64 2.77
CA LYS B 671 1.19 -67.90 2.21
C LYS B 671 0.14 -68.60 3.07
N PHE B 672 0.58 -69.17 4.17
CA PHE B 672 -0.25 -70.15 4.86
C PHE B 672 -1.21 -69.67 5.96
N PRO B 673 -0.81 -68.90 6.98
CA PRO B 673 -1.50 -69.01 8.27
C PRO B 673 -2.75 -68.16 8.37
N THR B 674 -3.56 -68.48 9.36
CA THR B 674 -4.55 -67.55 9.92
C THR B 674 -4.76 -67.88 11.40
N PRO B 675 -3.90 -67.38 12.28
CA PRO B 675 -4.37 -67.08 13.62
C PRO B 675 -4.73 -65.62 13.69
N ALA B 676 -5.54 -65.24 14.67
CA ALA B 676 -5.78 -63.82 14.87
C ALA B 676 -4.57 -63.14 15.50
N SER B 677 -3.68 -63.91 16.12
CA SER B 677 -2.43 -63.37 16.60
C SER B 677 -1.57 -62.86 15.46
N ARG B 678 -1.68 -63.52 14.31
CA ARG B 678 -1.03 -63.04 13.10
C ARG B 678 -1.53 -61.65 12.75
N LEU B 679 -2.86 -61.48 12.77
CA LEU B 679 -3.47 -60.19 12.52
C LEU B 679 -3.00 -59.16 13.53
N ALA B 680 -2.92 -59.58 14.79
CA ALA B 680 -2.51 -58.68 15.86
C ALA B 680 -1.08 -58.19 15.65
N LEU B 681 -0.16 -59.10 15.40
CA LEU B 681 1.22 -58.73 15.17
C LEU B 681 1.39 -57.93 13.90
N THR B 682 0.55 -58.18 12.91
CA THR B 682 0.55 -57.38 11.69
C THR B 682 0.21 -55.94 11.99
N ASP B 683 -0.86 -55.74 12.75
CA ASP B 683 -1.33 -54.38 13.05
C ASP B 683 -0.34 -53.66 13.95
N ILE B 684 0.23 -54.40 14.90
CA ILE B 684 1.28 -53.89 15.77
C ILE B 684 2.46 -53.42 14.94
N LEU B 685 2.82 -54.19 13.92
CA LEU B 685 3.88 -53.78 13.02
C LEU B 685 3.52 -52.53 12.24
N GLU B 686 2.23 -52.31 12.01
CA GLU B 686 1.82 -51.18 11.21
C GLU B 686 1.81 -49.89 11.99
N GLN B 687 1.88 -49.97 13.31
CA GLN B 687 1.69 -48.74 14.07
C GLN B 687 2.91 -48.43 14.94
N GLU B 688 3.94 -47.88 14.31
CA GLU B 688 5.17 -47.40 14.93
C GLU B 688 5.89 -46.49 13.96
N GLN B 689 7.17 -46.27 14.23
CA GLN B 689 8.13 -45.87 13.21
C GLN B 689 8.97 -47.11 12.88
N CYS B 690 8.59 -47.83 11.85
CA CYS B 690 9.44 -48.90 11.33
C CYS B 690 9.89 -48.63 9.90
N PHE B 691 8.94 -48.55 8.96
CA PHE B 691 9.24 -48.41 7.54
C PHE B 691 7.92 -48.18 6.81
N TYR B 692 8.00 -47.60 5.61
CA TYR B 692 6.82 -47.27 4.84
C TYR B 692 6.28 -48.48 4.12
N ARG B 693 7.08 -49.00 3.20
CA ARG B 693 6.60 -49.98 2.23
C ARG B 693 6.44 -51.36 2.85
N VAL B 694 7.17 -51.60 3.94
CA VAL B 694 6.85 -52.67 4.86
C VAL B 694 5.38 -52.66 5.21
N ARG B 695 4.84 -51.49 5.52
CA ARG B 695 3.45 -51.45 5.93
C ARG B 695 2.51 -51.64 4.75
N MET B 696 2.94 -51.29 3.55
CA MET B 696 2.12 -51.49 2.37
C MET B 696 1.94 -52.97 2.08
N SER B 697 3.04 -53.71 2.07
CA SER B 697 2.91 -55.16 1.92
C SER B 697 2.28 -55.79 3.14
N ALA B 698 2.34 -55.14 4.30
CA ALA B 698 1.62 -55.66 5.47
C ALA B 698 0.11 -55.52 5.29
N CYS B 699 -0.30 -54.44 4.64
CA CYS B 699 -1.70 -54.29 4.26
C CYS B 699 -2.14 -55.42 3.36
N PHE B 700 -1.26 -55.80 2.44
CA PHE B 700 -1.64 -56.89 1.55
C PHE B 700 -1.58 -58.26 2.25
N CYS B 701 -0.77 -58.36 3.32
CA CYS B 701 -0.84 -59.52 4.20
C CYS B 701 -2.21 -59.64 4.82
N LEU B 702 -2.71 -58.54 5.36
CA LEU B 702 -4.04 -58.54 5.95
C LEU B 702 -5.10 -58.87 4.91
N ALA B 703 -4.89 -58.42 3.67
CA ALA B 703 -5.78 -58.75 2.57
C ALA B 703 -5.91 -60.25 2.38
N LYS B 704 -4.77 -60.94 2.22
CA LYS B 704 -4.80 -62.39 2.03
C LYS B 704 -5.38 -63.11 3.24
N ILE B 705 -4.94 -62.72 4.43
CA ILE B 705 -5.30 -63.53 5.58
C ILE B 705 -6.75 -63.30 5.99
N ALA B 706 -7.25 -62.08 5.82
CA ALA B 706 -8.66 -61.89 6.06
C ALA B 706 -9.51 -62.46 4.93
N ASN B 707 -8.94 -62.64 3.74
CA ASN B 707 -9.65 -63.44 2.76
C ASN B 707 -9.66 -64.92 3.15
N SER B 708 -8.71 -65.35 3.98
CA SER B 708 -8.76 -66.68 4.55
C SER B 708 -9.63 -66.75 5.81
N MET B 709 -10.31 -65.66 6.18
CA MET B 709 -11.16 -65.60 7.35
C MET B 709 -12.63 -65.79 7.02
N VAL B 710 -12.96 -66.65 6.05
CA VAL B 710 -14.35 -66.81 5.65
C VAL B 710 -15.14 -67.54 6.74
N SER B 711 -14.77 -68.79 7.01
CA SER B 711 -15.33 -69.49 8.15
C SER B 711 -14.68 -69.07 9.45
N THR B 712 -13.55 -68.37 9.37
CA THR B 712 -12.80 -68.02 10.57
C THR B 712 -12.80 -66.51 10.66
N TRP B 713 -13.97 -65.91 10.48
CA TRP B 713 -14.10 -64.49 10.78
C TRP B 713 -14.09 -64.35 12.29
N THR B 714 -12.90 -64.25 12.83
CA THR B 714 -12.72 -64.10 14.27
C THR B 714 -12.48 -62.65 14.63
N GLY B 715 -11.58 -62.01 13.90
CA GLY B 715 -11.39 -60.59 14.04
C GLY B 715 -12.53 -59.81 13.41
N PRO B 716 -12.42 -58.49 13.46
CA PRO B 716 -13.53 -57.62 13.05
C PRO B 716 -13.60 -57.53 11.53
N PRO B 717 -14.51 -56.72 10.96
CA PRO B 717 -14.20 -56.20 9.63
C PRO B 717 -12.94 -55.38 9.76
N ALA B 718 -11.86 -55.90 9.18
CA ALA B 718 -10.53 -55.47 9.55
C ALA B 718 -10.24 -54.07 9.04
N MET B 719 -9.25 -53.45 9.68
CA MET B 719 -8.52 -52.27 9.22
C MET B 719 -9.32 -50.96 9.31
N LYS B 720 -10.62 -51.05 9.57
CA LYS B 720 -11.38 -49.85 9.92
C LYS B 720 -10.88 -49.30 11.25
N SER B 721 -10.59 -50.21 12.16
CA SER B 721 -9.95 -49.88 13.42
C SER B 721 -8.59 -49.26 13.21
N LEU B 722 -7.93 -49.56 12.10
CA LEU B 722 -6.64 -48.93 11.86
C LEU B 722 -6.81 -47.48 11.46
N PHE B 723 -7.85 -47.18 10.67
CA PHE B 723 -8.13 -45.77 10.43
C PHE B 723 -8.69 -45.10 11.66
N THR B 724 -9.28 -45.87 12.57
CA THR B 724 -9.72 -45.30 13.83
C THR B 724 -8.53 -44.91 14.69
N ARG B 725 -7.73 -45.89 15.08
CA ARG B 725 -6.76 -45.74 16.15
C ARG B 725 -5.49 -45.04 15.71
N MET B 726 -5.34 -44.73 14.42
CA MET B 726 -4.13 -44.09 13.96
C MET B 726 -4.35 -42.68 13.45
N PHE B 727 -5.60 -42.22 13.40
CA PHE B 727 -5.90 -41.00 12.64
C PHE B 727 -6.87 -40.14 13.42
N CYS B 728 -6.36 -39.08 14.04
CA CYS B 728 -7.15 -38.07 14.74
C CYS B 728 -6.89 -36.71 14.11
N CYS B 729 -7.87 -36.19 13.37
CA CYS B 729 -7.78 -34.80 12.90
C CYS B 729 -8.10 -33.84 14.03
N LYS B 730 -9.32 -33.90 14.53
CA LYS B 730 -9.78 -33.19 15.72
C LYS B 730 -10.43 -34.19 16.68
N SER B 731 -9.67 -35.26 16.96
CA SER B 731 -9.99 -36.54 17.62
C SER B 731 -10.82 -37.46 16.73
N CYS B 732 -11.24 -37.00 15.55
CA CYS B 732 -11.97 -37.73 14.51
C CYS B 732 -13.19 -38.46 15.03
N PRO B 733 -14.28 -37.76 15.28
CA PRO B 733 -15.50 -38.44 15.73
C PRO B 733 -16.09 -39.31 14.64
N ASN B 734 -15.54 -40.53 14.58
CA ASN B 734 -15.91 -41.72 13.82
C ASN B 734 -15.52 -41.66 12.34
N ILE B 735 -15.04 -40.53 11.82
CA ILE B 735 -14.64 -40.42 10.42
C ILE B 735 -13.42 -39.51 10.34
N VAL B 736 -12.38 -39.96 9.64
CA VAL B 736 -11.16 -39.19 9.48
C VAL B 736 -11.24 -38.44 8.16
N LYS B 737 -11.02 -37.12 8.19
CA LYS B 737 -11.21 -36.34 6.97
C LYS B 737 -9.97 -35.59 6.50
N THR B 738 -9.42 -34.70 7.33
CA THR B 738 -8.86 -33.47 6.78
C THR B 738 -7.37 -33.31 7.05
N ASN B 739 -6.63 -32.87 6.01
CA ASN B 739 -5.35 -32.16 6.14
C ASN B 739 -4.27 -33.05 6.74
N ASN B 740 -4.23 -34.29 6.28
CA ASN B 740 -3.52 -35.34 6.99
C ASN B 740 -2.14 -35.57 6.41
N PHE B 741 -1.48 -34.50 5.98
CA PHE B 741 -0.23 -34.58 5.25
C PHE B 741 0.88 -33.90 6.05
N MET B 742 2.02 -33.71 5.37
CA MET B 742 3.35 -33.25 5.81
C MET B 742 4.11 -34.30 6.60
N SER B 743 3.49 -35.43 6.91
CA SER B 743 4.15 -36.54 7.58
C SER B 743 4.09 -37.72 6.64
N PHE B 744 5.16 -37.92 5.89
CA PHE B 744 5.06 -38.73 4.68
C PHE B 744 5.02 -40.21 4.95
N GLN B 745 5.21 -40.63 6.21
CA GLN B 745 4.78 -41.96 6.61
C GLN B 745 3.29 -42.11 6.34
N SER B 746 2.52 -41.21 6.92
CA SER B 746 1.07 -41.23 6.82
C SER B 746 0.61 -41.02 5.38
N TYR B 747 1.41 -40.32 4.57
CA TYR B 747 1.02 -40.05 3.20
C TYR B 747 0.92 -41.33 2.40
N PHE B 748 2.01 -42.09 2.35
CA PHE B 748 1.98 -43.39 1.71
C PHE B 748 0.98 -44.32 2.38
N LEU B 749 0.84 -44.21 3.70
CA LEU B 749 0.04 -45.20 4.39
C LEU B 749 -1.44 -45.02 4.09
N GLN B 750 -1.92 -43.79 4.15
CA GLN B 750 -3.27 -43.51 3.72
C GLN B 750 -3.44 -43.77 2.24
N LYS B 751 -2.39 -43.53 1.44
CA LYS B 751 -2.49 -43.81 0.01
C LYS B 751 -2.69 -45.30 -0.26
N THR B 752 -2.13 -46.15 0.59
CA THR B 752 -2.15 -47.58 0.32
C THR B 752 -3.34 -48.30 0.92
N MET B 753 -3.54 -48.14 2.23
CA MET B 753 -4.44 -48.99 3.02
C MET B 753 -5.83 -49.29 2.46
N PRO B 754 -6.60 -48.33 1.93
CA PRO B 754 -7.96 -48.69 1.50
C PRO B 754 -8.00 -49.61 0.30
N VAL B 755 -6.90 -49.77 -0.43
CA VAL B 755 -6.85 -50.78 -1.47
C VAL B 755 -6.92 -52.17 -0.86
N ALA B 756 -6.08 -52.41 0.13
CA ALA B 756 -6.11 -53.70 0.81
C ALA B 756 -7.40 -53.88 1.58
N MET B 757 -8.01 -52.78 2.01
CA MET B 757 -9.34 -52.89 2.59
C MET B 757 -10.37 -53.32 1.53
N ALA B 758 -10.22 -52.82 0.30
CA ALA B 758 -11.12 -53.22 -0.77
C ALA B 758 -10.85 -54.64 -1.24
N LEU B 759 -9.74 -55.23 -0.83
CA LEU B 759 -9.52 -56.64 -1.05
C LEU B 759 -10.26 -57.55 -0.08
N LEU B 760 -10.70 -57.03 1.07
CA LEU B 760 -11.15 -57.88 2.18
C LEU B 760 -12.49 -58.52 1.83
N ARG B 761 -12.48 -59.82 1.58
CA ARG B 761 -13.65 -60.51 1.05
C ARG B 761 -13.83 -61.87 1.72
N ASP B 762 -15.07 -62.16 2.13
CA ASP B 762 -15.42 -63.47 2.65
C ASP B 762 -16.59 -64.04 1.87
N VAL B 763 -16.53 -65.35 1.61
CA VAL B 763 -17.32 -65.96 0.53
C VAL B 763 -18.76 -66.14 0.98
N HIS B 764 -19.56 -65.10 0.75
CA HIS B 764 -20.99 -65.25 0.53
C HIS B 764 -21.37 -64.68 -0.82
N ASN B 765 -20.99 -63.44 -1.07
CA ASN B 765 -20.87 -62.86 -2.41
C ASN B 765 -19.58 -62.07 -2.48
N LEU B 766 -18.67 -62.34 -1.53
CA LEU B 766 -17.39 -61.71 -1.20
C LEU B 766 -17.56 -60.36 -0.53
N CYS B 767 -18.79 -59.83 -0.53
CA CYS B 767 -19.45 -58.89 0.37
C CYS B 767 -18.61 -57.83 1.09
N PRO B 768 -17.87 -56.93 0.41
CA PRO B 768 -17.17 -55.85 1.12
C PRO B 768 -18.00 -54.59 1.25
N LYS B 769 -19.27 -54.75 1.65
CA LYS B 769 -20.27 -53.69 1.50
C LYS B 769 -19.98 -52.51 2.42
N GLU B 770 -19.64 -52.81 3.66
CA GLU B 770 -19.18 -51.78 4.60
C GLU B 770 -17.97 -51.07 4.05
N VAL B 771 -17.04 -51.83 3.49
CA VAL B 771 -15.83 -51.26 2.94
C VAL B 771 -16.16 -50.40 1.74
N LEU B 772 -17.11 -50.87 0.91
CA LEU B 772 -17.58 -50.11 -0.24
C LEU B 772 -18.05 -48.73 0.17
N THR B 773 -19.06 -48.71 1.04
CA THR B 773 -19.66 -47.46 1.45
C THR B 773 -18.66 -46.58 2.19
N PHE B 774 -17.77 -47.21 2.95
CA PHE B 774 -16.72 -46.50 3.64
C PHE B 774 -15.79 -45.79 2.68
N ILE B 775 -15.41 -46.47 1.59
CA ILE B 775 -14.50 -45.87 0.64
C ILE B 775 -15.17 -44.75 -0.12
N LEU B 776 -16.46 -44.92 -0.43
CA LEU B 776 -17.23 -43.84 -1.04
C LEU B 776 -17.23 -42.61 -0.15
N ASP B 777 -17.34 -42.84 1.16
CA ASP B 777 -17.26 -41.76 2.14
C ASP B 777 -15.88 -41.14 2.17
N LEU B 778 -14.84 -41.95 1.98
CA LEU B 778 -13.50 -41.40 1.88
C LEU B 778 -13.38 -40.46 0.70
N ILE B 779 -14.02 -40.83 -0.40
CA ILE B 779 -13.98 -40.00 -1.59
C ILE B 779 -14.77 -38.72 -1.39
N LYS B 780 -15.79 -38.76 -0.52
CA LYS B 780 -16.50 -37.53 -0.17
C LYS B 780 -15.58 -36.49 0.47
N TYR B 781 -14.78 -36.91 1.44
CA TYR B 781 -14.24 -35.99 2.43
C TYR B 781 -12.84 -35.53 2.05
N ASN B 782 -12.73 -34.93 0.87
CA ASN B 782 -11.43 -34.50 0.40
C ASN B 782 -11.24 -33.01 0.64
N ASP B 783 -9.98 -32.59 0.64
CA ASP B 783 -9.58 -31.34 1.26
C ASP B 783 -9.49 -30.21 0.27
N ASN B 784 -9.63 -29.00 0.80
CA ASN B 784 -9.40 -27.76 0.07
C ASN B 784 -7.91 -27.47 0.00
N ARG B 785 -7.56 -26.23 -0.33
CA ARG B 785 -6.16 -25.84 -0.39
C ARG B 785 -5.50 -25.70 0.98
N LYS B 786 -6.12 -26.16 2.07
CA LYS B 786 -5.41 -26.27 3.33
C LYS B 786 -4.26 -27.26 3.24
N ASN B 787 -4.49 -28.43 2.62
CA ASN B 787 -3.39 -29.27 2.19
C ASN B 787 -2.63 -28.56 1.09
N LYS B 788 -1.34 -28.33 1.28
CA LYS B 788 -0.52 -27.65 0.29
C LYS B 788 0.08 -28.60 -0.73
N PHE B 789 -0.54 -29.76 -0.94
CA PHE B 789 0.20 -30.87 -1.51
C PHE B 789 -0.50 -31.54 -2.68
N SER B 790 -1.52 -30.89 -3.25
CA SER B 790 -2.18 -31.31 -4.49
C SER B 790 -2.76 -32.73 -4.35
N ASP B 791 -3.94 -32.79 -3.73
CA ASP B 791 -4.53 -34.04 -3.23
C ASP B 791 -4.87 -34.95 -4.41
N ASN B 792 -3.84 -35.58 -4.96
CA ASN B 792 -3.92 -36.15 -6.30
C ASN B 792 -3.84 -37.67 -6.31
N TYR B 793 -2.73 -38.22 -5.86
CA TYR B 793 -2.54 -39.66 -5.96
C TYR B 793 -3.41 -40.37 -4.98
N TYR B 794 -3.80 -39.68 -3.92
CA TYR B 794 -4.72 -40.23 -2.95
C TYR B 794 -6.05 -40.56 -3.61
N ARG B 795 -6.55 -39.64 -4.44
CA ARG B 795 -7.70 -39.90 -5.29
C ARG B 795 -7.45 -41.10 -6.19
N ALA B 796 -6.23 -41.18 -6.73
CA ALA B 796 -5.91 -42.21 -7.70
C ALA B 796 -5.97 -43.59 -7.08
N GLU B 797 -5.45 -43.73 -5.87
CA GLU B 797 -5.46 -45.07 -5.31
C GLU B 797 -6.76 -45.41 -4.62
N MET B 798 -7.54 -44.41 -4.22
CA MET B 798 -8.91 -44.71 -3.83
C MET B 798 -9.71 -45.21 -5.01
N ILE B 799 -9.46 -44.62 -6.17
CA ILE B 799 -10.03 -45.15 -7.40
C ILE B 799 -9.53 -46.55 -7.70
N ASP B 800 -8.27 -46.84 -7.46
CA ASP B 800 -7.79 -48.21 -7.71
C ASP B 800 -8.34 -49.19 -6.70
N ALA B 801 -8.63 -48.73 -5.49
CA ALA B 801 -9.36 -49.55 -4.55
C ALA B 801 -10.72 -49.88 -5.10
N LEU B 802 -11.35 -48.92 -5.74
CA LEU B 802 -12.61 -49.21 -6.42
C LEU B 802 -12.40 -50.16 -7.58
N ALA B 803 -11.27 -50.05 -8.25
CA ALA B 803 -10.93 -51.03 -9.27
C ALA B 803 -10.61 -52.37 -8.65
N ASN B 804 -10.19 -52.35 -7.39
CA ASN B 804 -10.00 -53.60 -6.69
C ASN B 804 -11.22 -53.96 -5.86
N SER B 805 -12.39 -53.50 -6.28
CA SER B 805 -13.69 -53.96 -5.83
C SER B 805 -14.27 -54.91 -6.85
N VAL B 806 -13.40 -55.78 -7.34
CA VAL B 806 -13.68 -56.72 -8.41
C VAL B 806 -14.86 -57.60 -8.04
N THR B 807 -15.93 -57.50 -8.83
CA THR B 807 -17.16 -58.23 -8.60
C THR B 807 -17.48 -58.99 -9.88
N PRO B 808 -16.95 -60.21 -10.04
CA PRO B 808 -17.09 -60.91 -11.31
C PRO B 808 -18.46 -61.53 -11.54
N ALA B 809 -19.24 -61.76 -10.49
CA ALA B 809 -20.34 -62.71 -10.56
C ALA B 809 -21.70 -62.06 -10.31
N VAL B 810 -21.98 -60.94 -10.98
CA VAL B 810 -23.32 -60.38 -10.91
C VAL B 810 -24.20 -60.93 -12.03
N SER B 811 -23.73 -60.82 -13.27
CA SER B 811 -24.48 -61.26 -14.43
C SER B 811 -24.50 -62.78 -14.45
N VAL B 812 -25.54 -63.36 -13.89
CA VAL B 812 -25.64 -64.81 -13.83
C VAL B 812 -25.96 -65.38 -15.20
N ASN B 813 -26.90 -64.78 -15.92
CA ASN B 813 -27.30 -65.29 -17.22
C ASN B 813 -26.92 -64.36 -18.35
N ASN B 814 -27.43 -63.13 -18.36
CA ASN B 814 -27.22 -62.21 -19.47
C ASN B 814 -27.04 -60.76 -19.08
N GLU B 815 -26.91 -60.43 -17.78
CA GLU B 815 -26.99 -59.03 -17.33
C GLU B 815 -25.75 -58.23 -17.69
N VAL B 816 -25.60 -57.93 -18.97
CA VAL B 816 -24.49 -57.12 -19.47
C VAL B 816 -24.98 -55.82 -20.08
N ARG B 817 -26.26 -55.73 -20.43
CA ARG B 817 -26.71 -54.97 -21.57
C ARG B 817 -27.76 -53.94 -21.19
N THR B 818 -27.43 -53.08 -20.22
CA THR B 818 -28.25 -51.95 -19.76
C THR B 818 -29.49 -52.47 -19.02
N LEU B 819 -29.43 -53.73 -18.60
CA LEU B 819 -30.61 -54.47 -18.20
C LEU B 819 -31.11 -54.02 -16.84
N ASP B 820 -30.29 -54.13 -15.82
CA ASP B 820 -30.66 -53.54 -14.56
C ASP B 820 -30.29 -52.09 -14.46
N ASN B 821 -29.65 -51.53 -15.50
CA ASN B 821 -28.70 -50.43 -15.33
C ASN B 821 -27.76 -50.80 -14.18
N LEU B 822 -26.93 -51.80 -14.51
CA LEU B 822 -26.54 -52.93 -13.67
C LEU B 822 -26.04 -52.51 -12.29
N ASN B 823 -26.25 -53.40 -11.34
CA ASN B 823 -26.67 -53.06 -10.00
C ASN B 823 -25.81 -53.70 -8.93
N PRO B 824 -25.88 -53.19 -7.69
CA PRO B 824 -26.30 -51.84 -7.32
C PRO B 824 -25.14 -50.91 -6.98
N ASP B 825 -24.08 -51.49 -6.44
CA ASP B 825 -22.95 -50.73 -5.94
C ASP B 825 -21.97 -50.46 -7.04
N VAL B 826 -21.95 -51.36 -8.01
CA VAL B 826 -21.26 -51.17 -9.27
C VAL B 826 -21.64 -49.83 -9.88
N ARG B 827 -22.93 -49.51 -9.86
CA ARG B 827 -23.41 -48.24 -10.40
C ARG B 827 -22.86 -47.06 -9.61
N LEU B 828 -22.71 -47.21 -8.30
CA LEU B 828 -22.13 -46.14 -7.49
C LEU B 828 -20.67 -45.92 -7.85
N ILE B 829 -19.95 -47.02 -8.04
CA ILE B 829 -18.57 -46.94 -8.47
C ILE B 829 -18.49 -46.26 -9.83
N LEU B 830 -19.46 -46.57 -10.70
CA LEU B 830 -19.54 -45.92 -12.00
C LEU B 830 -19.76 -44.43 -11.87
N GLU B 831 -20.59 -44.04 -10.91
CA GLU B 831 -20.84 -42.62 -10.68
C GLU B 831 -19.57 -41.90 -10.27
N GLU B 832 -18.81 -42.51 -9.37
CA GLU B 832 -17.58 -41.88 -8.91
C GLU B 832 -16.55 -41.78 -10.01
N ILE B 833 -16.38 -42.86 -10.78
CA ILE B 833 -15.34 -42.81 -11.81
C ILE B 833 -15.75 -41.90 -12.94
N THR B 834 -17.05 -41.79 -13.19
CA THR B 834 -17.54 -40.87 -14.20
C THR B 834 -17.25 -39.46 -13.77
N ARG B 835 -17.45 -39.19 -12.48
CA ARG B 835 -17.13 -37.89 -11.92
C ARG B 835 -15.67 -37.57 -12.09
N PHE B 836 -14.80 -38.50 -11.75
CA PHE B 836 -13.39 -38.15 -11.77
C PHE B 836 -12.88 -38.02 -13.18
N LEU B 837 -13.46 -38.76 -14.12
CA LEU B 837 -13.08 -38.59 -15.51
C LEU B 837 -13.48 -37.23 -16.03
N ASN B 838 -14.63 -36.76 -15.63
CA ASN B 838 -15.00 -35.46 -16.15
C ASN B 838 -14.33 -34.32 -15.37
N MET B 839 -13.99 -34.54 -14.11
CA MET B 839 -13.20 -33.58 -13.34
C MET B 839 -11.83 -33.40 -13.95
N GLU B 840 -11.15 -34.51 -14.23
CA GLU B 840 -9.85 -34.40 -14.86
C GLU B 840 -9.95 -34.05 -16.33
N LYS B 841 -11.13 -34.13 -16.92
CA LYS B 841 -11.27 -33.44 -18.17
C LYS B 841 -11.34 -31.95 -17.96
N LEU B 842 -11.83 -31.50 -16.81
CA LEU B 842 -11.97 -30.08 -16.53
C LEU B 842 -10.84 -29.48 -15.71
N LEU B 843 -10.47 -30.10 -14.62
CA LEU B 843 -9.39 -29.64 -13.75
C LEU B 843 -7.99 -29.75 -14.32
N PRO B 844 -7.73 -30.61 -15.32
CA PRO B 844 -6.81 -31.74 -15.14
C PRO B 844 -5.66 -31.54 -14.19
N SER B 845 -5.52 -32.48 -13.28
CA SER B 845 -4.47 -32.44 -12.28
C SER B 845 -3.43 -33.46 -12.66
N TYR B 846 -2.32 -32.98 -13.21
CA TYR B 846 -1.05 -33.70 -13.25
C TYR B 846 -1.08 -35.02 -13.97
N ARG B 847 -0.97 -34.96 -15.29
CA ARG B 847 -0.70 -36.05 -16.20
C ARG B 847 -1.92 -36.86 -16.49
N HIS B 848 -3.10 -36.45 -16.02
CA HIS B 848 -4.32 -37.24 -16.09
C HIS B 848 -4.09 -38.59 -15.43
N THR B 849 -3.33 -38.56 -14.33
CA THR B 849 -3.01 -39.76 -13.59
C THR B 849 -4.26 -40.42 -13.05
N ILE B 850 -5.18 -39.58 -12.59
CA ILE B 850 -6.50 -40.03 -12.19
C ILE B 850 -7.22 -40.70 -13.35
N THR B 851 -7.17 -40.07 -14.52
CA THR B 851 -7.77 -40.64 -15.73
C THR B 851 -7.14 -41.99 -16.07
N VAL B 852 -5.85 -42.15 -15.80
CA VAL B 852 -5.19 -43.41 -16.05
C VAL B 852 -5.73 -44.50 -15.14
N SER B 853 -5.79 -44.21 -13.84
CA SER B 853 -6.33 -45.19 -12.91
C SER B 853 -7.79 -45.48 -13.21
N CYS B 854 -8.51 -44.48 -13.70
CA CYS B 854 -9.89 -44.69 -14.12
C CYS B 854 -9.97 -45.66 -15.28
N LEU B 855 -9.06 -45.53 -16.25
CA LEU B 855 -9.14 -46.38 -17.42
C LEU B 855 -8.85 -47.81 -17.06
N ARG B 856 -7.91 -48.02 -16.14
CA ARG B 856 -7.67 -49.36 -15.63
C ARG B 856 -8.90 -49.89 -14.92
N ALA B 857 -9.61 -49.01 -14.20
CA ALA B 857 -10.82 -49.43 -13.50
C ALA B 857 -11.91 -49.83 -14.47
N ILE B 858 -12.04 -49.09 -15.56
CA ILE B 858 -13.10 -49.37 -16.51
C ILE B 858 -12.82 -50.68 -17.23
N ARG B 859 -11.54 -50.97 -17.49
CA ARG B 859 -11.26 -52.26 -18.09
C ARG B 859 -11.56 -53.41 -17.14
N VAL B 860 -11.17 -53.28 -15.87
CA VAL B 860 -11.48 -54.32 -14.90
C VAL B 860 -12.99 -54.48 -14.74
N LEU B 861 -13.75 -53.41 -14.95
CA LEU B 861 -15.19 -53.56 -15.06
C LEU B 861 -15.61 -54.31 -16.30
N GLN B 862 -14.89 -54.17 -17.41
CA GLN B 862 -15.21 -55.03 -18.55
C GLN B 862 -14.83 -56.48 -18.30
N LYS B 863 -13.80 -56.71 -17.49
CA LYS B 863 -13.38 -58.06 -17.16
C LYS B 863 -14.24 -58.72 -16.11
N ASN B 864 -15.33 -58.08 -15.72
CA ASN B 864 -16.35 -58.74 -14.94
C ASN B 864 -17.71 -58.65 -15.63
N GLY B 865 -17.73 -58.16 -16.86
CA GLY B 865 -18.94 -58.14 -17.66
C GLY B 865 -20.01 -57.19 -17.20
N HIS B 866 -19.65 -56.03 -16.65
CA HIS B 866 -20.69 -55.13 -16.18
C HIS B 866 -20.94 -54.00 -17.17
N VAL B 867 -19.91 -53.23 -17.48
CA VAL B 867 -19.94 -52.45 -18.71
C VAL B 867 -19.36 -53.34 -19.80
N PRO B 868 -20.06 -53.53 -20.91
CA PRO B 868 -19.73 -54.59 -21.86
C PRO B 868 -18.36 -54.47 -22.52
N SER B 869 -17.87 -55.60 -22.99
CA SER B 869 -16.52 -55.71 -23.51
C SER B 869 -16.40 -55.00 -24.85
N ASP B 870 -16.23 -53.69 -24.79
CA ASP B 870 -16.24 -52.84 -25.94
C ASP B 870 -15.03 -51.93 -25.83
N PRO B 871 -14.24 -51.84 -26.85
CA PRO B 871 -12.95 -51.16 -26.71
C PRO B 871 -13.00 -49.69 -27.05
N ALA B 872 -14.13 -49.23 -27.58
CA ALA B 872 -14.21 -47.96 -28.31
C ALA B 872 -13.92 -46.76 -27.42
N LEU B 873 -14.15 -46.87 -26.12
CA LEU B 873 -13.65 -45.89 -25.17
C LEU B 873 -12.13 -45.86 -25.18
N PHE B 874 -11.54 -47.02 -24.87
CA PHE B 874 -10.10 -47.15 -24.78
C PHE B 874 -9.46 -46.84 -26.11
N LYS B 875 -10.13 -47.27 -27.18
CA LYS B 875 -9.77 -46.89 -28.54
C LYS B 875 -9.75 -45.40 -28.71
N SER B 876 -10.73 -44.70 -28.12
CA SER B 876 -10.73 -43.25 -28.20
C SER B 876 -9.78 -42.62 -27.22
N TYR B 877 -9.08 -43.39 -26.41
CA TYR B 877 -8.00 -42.89 -25.58
C TYR B 877 -6.65 -43.44 -26.00
N ALA B 878 -6.61 -44.24 -27.05
CA ALA B 878 -5.33 -44.58 -27.66
C ALA B 878 -4.99 -43.65 -28.80
N GLU B 879 -5.70 -42.54 -28.92
CA GLU B 879 -5.62 -41.66 -30.06
C GLU B 879 -4.32 -40.87 -30.03
N TYR B 880 -4.13 -39.96 -30.99
CA TYR B 880 -2.84 -39.31 -31.07
C TYR B 880 -2.67 -38.19 -30.05
N GLY B 881 -3.50 -37.17 -30.12
CA GLY B 881 -3.27 -35.97 -29.35
C GLY B 881 -3.62 -36.00 -27.89
N HIS B 882 -3.27 -37.07 -27.19
CA HIS B 882 -3.40 -37.07 -25.74
C HIS B 882 -2.02 -37.17 -25.15
N PHE B 883 -1.97 -37.39 -23.85
CA PHE B 883 -0.70 -37.57 -23.21
C PHE B 883 -0.19 -38.96 -23.50
N VAL B 884 1.08 -39.19 -23.21
CA VAL B 884 1.65 -40.52 -23.33
C VAL B 884 0.97 -41.48 -22.36
N ASP B 885 0.87 -41.09 -21.10
CA ASP B 885 0.49 -42.02 -20.04
C ASP B 885 -0.93 -42.51 -20.18
N ILE B 886 -1.83 -41.60 -20.55
CA ILE B 886 -3.18 -41.97 -20.97
C ILE B 886 -3.13 -43.00 -22.05
N ARG B 887 -2.41 -42.66 -23.11
CA ARG B 887 -2.33 -43.48 -24.30
C ARG B 887 -1.69 -44.80 -23.96
N ILE B 888 -0.74 -44.77 -23.05
CA ILE B 888 0.00 -45.99 -22.75
C ILE B 888 -0.88 -46.91 -21.92
N ALA B 889 -1.76 -46.37 -21.09
CA ALA B 889 -2.61 -47.24 -20.30
C ALA B 889 -3.75 -47.77 -21.13
N ALA B 890 -4.21 -46.97 -22.08
CA ALA B 890 -5.22 -47.45 -23.02
C ALA B 890 -4.68 -48.59 -23.84
N LEU B 891 -3.40 -48.54 -24.19
CA LEU B 891 -2.84 -49.61 -24.99
C LEU B 891 -2.66 -50.87 -24.18
N GLU B 892 -2.26 -50.74 -22.91
CA GLU B 892 -2.25 -51.89 -22.01
C GLU B 892 -3.63 -52.53 -21.92
N ALA B 893 -4.65 -51.68 -21.82
CA ALA B 893 -6.02 -52.15 -21.70
C ALA B 893 -6.47 -52.88 -22.95
N VAL B 894 -6.26 -52.28 -24.12
CA VAL B 894 -6.76 -52.89 -25.33
C VAL B 894 -5.94 -54.12 -25.69
N VAL B 895 -4.71 -54.20 -25.19
CA VAL B 895 -3.95 -55.44 -25.32
C VAL B 895 -4.58 -56.56 -24.53
N ASP B 896 -4.99 -56.30 -23.28
CA ASP B 896 -5.70 -57.37 -22.57
C ASP B 896 -7.08 -57.64 -23.16
N TYR B 897 -7.70 -56.64 -23.79
CA TYR B 897 -8.94 -56.84 -24.51
C TYR B 897 -8.76 -57.85 -25.64
N THR B 898 -7.74 -57.63 -26.45
CA THR B 898 -7.45 -58.55 -27.53
C THR B 898 -6.88 -59.86 -27.01
N LYS B 899 -6.37 -59.88 -25.77
CA LYS B 899 -6.03 -61.14 -25.14
C LYS B 899 -7.27 -61.98 -24.91
N VAL B 900 -8.16 -61.53 -24.04
CA VAL B 900 -9.24 -62.41 -23.62
C VAL B 900 -10.36 -62.42 -24.65
N ASP B 901 -10.87 -61.26 -24.99
CA ASP B 901 -11.73 -61.20 -26.15
C ASP B 901 -10.90 -61.41 -27.39
N ARG B 902 -11.54 -61.87 -28.45
CA ARG B 902 -10.84 -62.39 -29.62
C ARG B 902 -11.00 -61.44 -30.81
N SER B 903 -10.86 -60.15 -30.53
CA SER B 903 -11.00 -59.13 -31.58
C SER B 903 -9.82 -59.19 -32.52
N TYR B 904 -10.04 -59.75 -33.70
CA TYR B 904 -9.01 -59.76 -34.73
C TYR B 904 -8.74 -58.36 -35.25
N GLU B 905 -9.80 -57.58 -35.39
CA GLU B 905 -9.73 -56.34 -36.16
C GLU B 905 -8.92 -55.29 -35.43
N GLU B 906 -9.10 -55.20 -34.12
CA GLU B 906 -8.36 -54.23 -33.35
C GLU B 906 -6.91 -54.65 -33.19
N LEU B 907 -6.63 -55.96 -33.25
CA LEU B 907 -5.25 -56.41 -33.32
C LEU B 907 -4.59 -55.93 -34.60
N GLN B 908 -5.31 -56.05 -35.71
CA GLN B 908 -4.82 -55.53 -36.98
C GLN B 908 -4.58 -54.03 -36.89
N TRP B 909 -5.51 -53.32 -36.25
CA TRP B 909 -5.36 -51.89 -36.02
C TRP B 909 -4.13 -51.59 -35.20
N LEU B 910 -3.92 -52.39 -34.16
CA LEU B 910 -2.79 -52.23 -33.27
C LEU B 910 -1.49 -52.37 -34.01
N LEU B 911 -1.40 -53.39 -34.86
CA LEU B 911 -0.17 -53.60 -35.60
C LEU B 911 0.04 -52.52 -36.64
N ASN B 912 -1.05 -52.02 -37.22
CA ASN B 912 -0.94 -50.91 -38.15
C ASN B 912 -0.44 -49.67 -37.45
N MET B 913 -0.83 -49.48 -36.20
CA MET B 913 -0.34 -48.31 -35.50
C MET B 913 1.06 -48.54 -34.93
N ILE B 914 1.45 -49.80 -34.69
CA ILE B 914 2.85 -50.12 -34.42
C ILE B 914 3.69 -49.69 -35.59
N GLN B 915 3.24 -50.00 -36.79
CA GLN B 915 3.81 -49.41 -37.98
C GLN B 915 3.70 -47.90 -37.96
N ASN B 916 2.51 -47.38 -37.75
CA ASN B 916 2.25 -46.00 -38.12
C ASN B 916 1.81 -45.19 -36.90
N ASP B 917 2.74 -44.39 -36.38
CA ASP B 917 2.59 -43.33 -35.39
C ASP B 917 3.94 -42.67 -35.24
N PRO B 918 4.04 -41.43 -34.77
CA PRO B 918 5.37 -40.83 -34.64
C PRO B 918 6.06 -41.15 -33.34
N VAL B 919 5.33 -41.51 -32.30
CA VAL B 919 5.96 -41.59 -30.99
C VAL B 919 6.68 -42.94 -30.87
N PRO B 920 7.92 -42.95 -30.45
CA PRO B 920 8.64 -44.22 -30.31
C PRO B 920 8.17 -44.99 -29.11
N TYR B 921 7.97 -44.26 -28.02
CA TYR B 921 7.85 -44.92 -26.74
C TYR B 921 6.54 -45.66 -26.63
N VAL B 922 5.53 -45.24 -27.40
CA VAL B 922 4.34 -46.06 -27.46
C VAL B 922 4.62 -47.35 -28.20
N ARG B 923 5.46 -47.33 -29.24
CA ARG B 923 5.75 -48.55 -29.95
C ARG B 923 6.51 -49.52 -29.07
N HIS B 924 7.48 -48.97 -28.34
CA HIS B 924 8.21 -49.68 -27.31
C HIS B 924 7.28 -50.36 -26.31
N LYS B 925 6.29 -49.62 -25.80
CA LYS B 925 5.48 -50.19 -24.73
C LYS B 925 4.33 -51.05 -25.23
N ILE B 926 3.82 -50.77 -26.44
CA ILE B 926 2.91 -51.69 -27.10
C ILE B 926 3.55 -53.05 -27.22
N LEU B 927 4.75 -53.10 -27.76
CA LEU B 927 5.36 -54.38 -28.01
C LEU B 927 5.82 -55.04 -26.73
N ASN B 928 6.31 -54.27 -25.77
CA ASN B 928 6.68 -54.80 -24.47
C ASN B 928 5.49 -55.46 -23.80
N MET B 929 4.46 -54.70 -23.47
CA MET B 929 3.40 -55.38 -22.73
C MET B 929 2.46 -56.15 -23.63
N LEU B 930 2.60 -56.05 -24.93
CA LEU B 930 1.96 -57.03 -25.78
C LEU B 930 2.63 -58.37 -25.60
N THR B 931 3.94 -58.35 -25.46
CA THR B 931 4.62 -59.60 -25.27
C THR B 931 4.47 -60.11 -23.85
N LYS B 932 4.41 -59.22 -22.87
CA LYS B 932 4.14 -59.66 -21.51
C LYS B 932 2.74 -60.22 -21.38
N ASN B 933 1.79 -59.67 -22.15
CA ASN B 933 0.37 -60.04 -22.09
C ASN B 933 -0.11 -60.39 -23.49
N PRO B 934 0.11 -61.62 -23.93
CA PRO B 934 -0.13 -61.92 -25.32
C PRO B 934 -1.53 -62.44 -25.55
N PRO B 935 -2.06 -62.18 -26.70
CA PRO B 935 -3.10 -63.06 -27.25
C PRO B 935 -2.41 -64.15 -28.04
N PHE B 936 -3.18 -65.01 -28.74
CA PHE B 936 -2.67 -65.90 -29.80
C PHE B 936 -1.59 -66.84 -29.29
N THR B 937 -1.74 -67.25 -28.05
CA THR B 937 -0.65 -67.85 -27.29
C THR B 937 -0.27 -69.19 -27.87
N LYS B 938 1.04 -69.45 -27.91
CA LYS B 938 1.66 -70.50 -28.71
C LYS B 938 1.12 -71.88 -28.37
N ASN B 939 0.75 -72.62 -29.43
CA ASN B 939 0.18 -73.97 -29.36
C ASN B 939 -1.15 -74.00 -28.61
N MET B 940 -1.83 -72.86 -28.56
CA MET B 940 -3.18 -72.73 -28.03
C MET B 940 -4.04 -72.02 -29.05
N GLU B 941 -3.69 -72.19 -30.33
CA GLU B 941 -4.14 -71.33 -31.41
C GLU B 941 -5.57 -71.68 -31.79
N SER B 942 -6.50 -71.13 -31.04
CA SER B 942 -7.85 -70.94 -31.53
C SER B 942 -8.05 -69.72 -32.44
N PRO B 943 -7.48 -68.53 -32.22
CA PRO B 943 -7.82 -67.42 -33.13
C PRO B 943 -7.01 -67.35 -34.43
N LEU B 944 -6.27 -68.41 -34.77
CA LEU B 944 -5.81 -68.71 -36.12
C LEU B 944 -4.85 -67.65 -36.66
N CYS B 945 -3.67 -67.60 -36.04
CA CYS B 945 -2.60 -66.73 -36.53
C CYS B 945 -2.07 -67.22 -37.87
N ASN B 946 -2.17 -68.52 -38.14
CA ASN B 946 -1.60 -69.16 -39.33
C ASN B 946 -2.12 -68.61 -40.65
N GLU B 947 -3.26 -67.92 -40.65
CA GLU B 947 -3.93 -67.49 -41.86
C GLU B 947 -3.11 -66.49 -42.67
N ALA B 948 -2.97 -65.31 -42.14
CA ALA B 948 -2.11 -64.32 -42.77
C ALA B 948 -1.40 -63.47 -41.73
N LEU B 949 -1.61 -63.76 -40.46
CA LEU B 949 -1.08 -62.91 -39.42
C LEU B 949 0.41 -63.15 -39.23
N VAL B 950 0.82 -64.41 -39.39
CA VAL B 950 2.24 -64.75 -39.42
C VAL B 950 2.93 -64.02 -40.56
N ASP B 951 2.22 -63.88 -41.68
CA ASP B 951 2.76 -63.22 -42.86
C ASP B 951 3.05 -61.76 -42.59
N GLN B 952 2.05 -61.03 -42.10
CA GLN B 952 2.24 -59.62 -41.80
C GLN B 952 3.23 -59.41 -40.67
N LEU B 953 3.26 -60.32 -39.72
CA LEU B 953 4.23 -60.21 -38.65
C LEU B 953 5.65 -60.43 -39.14
N TRP B 954 5.83 -61.41 -40.03
CA TRP B 954 7.13 -61.62 -40.65
C TRP B 954 7.54 -60.41 -41.49
N LYS B 955 6.56 -59.78 -42.13
CA LYS B 955 6.82 -58.55 -42.87
C LYS B 955 7.29 -57.46 -41.94
N LEU B 956 6.58 -57.23 -40.85
CA LEU B 956 6.97 -56.20 -39.90
C LEU B 956 8.28 -56.51 -39.20
N MET B 957 8.69 -57.77 -39.16
CA MET B 957 10.06 -58.01 -38.74
C MET B 957 11.01 -57.56 -39.82
N ASN B 958 10.71 -57.91 -41.06
CA ASN B 958 11.57 -57.49 -42.15
C ASN B 958 11.37 -56.02 -42.48
N SER B 959 10.16 -55.66 -42.92
CA SER B 959 9.87 -54.33 -43.42
C SER B 959 9.41 -53.42 -42.30
N GLY B 960 9.37 -52.12 -42.61
CA GLY B 960 8.74 -51.10 -41.81
C GLY B 960 9.34 -50.88 -40.44
N THR B 961 10.50 -51.48 -40.19
CA THR B 961 11.00 -51.56 -38.84
C THR B 961 12.49 -51.25 -38.84
N SER B 962 13.01 -50.73 -39.94
CA SER B 962 14.35 -50.19 -39.99
C SER B 962 14.44 -48.80 -39.39
N HIS B 963 13.34 -48.31 -38.83
CA HIS B 963 13.38 -47.08 -38.06
C HIS B 963 14.31 -47.23 -36.86
N ASP B 964 14.01 -48.17 -35.99
CA ASP B 964 14.77 -48.37 -34.77
C ASP B 964 15.12 -49.83 -34.65
N TRP B 965 16.12 -50.09 -33.83
CA TRP B 965 16.49 -51.47 -33.58
C TRP B 965 15.44 -52.15 -32.73
N ARG B 966 14.99 -51.47 -31.68
CA ARG B 966 14.27 -52.14 -30.63
C ARG B 966 12.87 -52.50 -31.04
N LEU B 967 12.36 -51.89 -32.09
CA LEU B 967 11.04 -52.24 -32.56
C LEU B 967 11.06 -53.63 -33.17
N ARG B 968 12.06 -53.90 -34.00
CA ARG B 968 12.19 -55.26 -34.49
C ARG B 968 12.80 -56.19 -33.46
N CYS B 969 13.46 -55.66 -32.44
CA CYS B 969 13.78 -56.52 -31.30
C CYS B 969 12.52 -56.97 -30.58
N GLY B 970 11.55 -56.07 -30.45
CA GLY B 970 10.27 -56.48 -29.90
C GLY B 970 9.52 -57.42 -30.81
N ALA B 971 9.70 -57.28 -32.12
CA ALA B 971 9.07 -58.22 -33.03
C ALA B 971 9.72 -59.59 -32.91
N VAL B 972 11.02 -59.61 -32.63
CA VAL B 972 11.71 -60.85 -32.28
C VAL B 972 11.09 -61.46 -31.04
N ASP B 973 10.74 -60.61 -30.07
CA ASP B 973 10.08 -61.11 -28.87
C ASP B 973 8.70 -61.65 -29.16
N LEU B 974 8.03 -61.03 -30.14
CA LEU B 974 6.74 -61.51 -30.58
C LEU B 974 6.85 -62.90 -31.16
N TYR B 975 7.81 -63.10 -32.06
CA TYR B 975 7.96 -64.45 -32.57
C TYR B 975 8.59 -65.39 -31.58
N PHE B 976 9.19 -64.89 -30.51
CA PHE B 976 9.59 -65.79 -29.44
C PHE B 976 8.38 -66.37 -28.76
N THR B 977 7.49 -65.49 -28.33
CA THR B 977 6.31 -65.92 -27.61
C THR B 977 5.36 -66.64 -28.54
N LEU B 978 4.88 -65.93 -29.55
CA LEU B 978 4.04 -66.55 -30.56
C LEU B 978 4.93 -67.41 -31.43
N PHE B 979 4.76 -68.74 -31.35
CA PHE B 979 5.43 -69.76 -32.19
C PHE B 979 6.94 -69.56 -32.29
N GLY B 980 7.64 -69.84 -31.19
CA GLY B 980 9.07 -69.57 -31.15
C GLY B 980 9.92 -70.43 -32.07
N LEU B 981 10.20 -71.65 -31.66
CA LEU B 981 11.33 -72.39 -32.20
C LEU B 981 10.89 -73.35 -33.28
N SER B 982 10.07 -72.88 -34.22
CA SER B 982 9.47 -73.81 -35.17
C SER B 982 8.77 -73.14 -36.33
N ARG B 983 8.36 -73.97 -37.28
CA ARG B 983 7.30 -73.60 -38.20
C ARG B 983 6.02 -73.31 -37.43
N PRO B 984 5.22 -72.37 -37.88
CA PRO B 984 4.04 -71.98 -37.11
C PRO B 984 2.82 -72.88 -37.32
N SER B 985 3.03 -74.08 -37.85
CA SER B 985 1.98 -75.01 -38.29
C SER B 985 1.11 -74.35 -39.37
N CYS B 986 1.79 -73.78 -40.37
CA CYS B 986 1.15 -73.36 -41.60
C CYS B 986 1.36 -74.39 -42.71
N LEU B 987 2.62 -74.65 -43.06
CA LEU B 987 2.98 -75.59 -44.11
C LEU B 987 4.30 -76.27 -43.79
N MET C 1 35.12 6.95 -30.01
CA MET C 1 35.85 5.82 -29.45
C MET C 1 36.82 5.25 -30.49
N CYS C 2 36.72 5.72 -31.73
CA CYS C 2 37.61 5.26 -32.79
C CYS C 2 38.72 6.26 -33.10
N GLU C 3 38.54 7.55 -32.78
CA GLU C 3 39.62 8.51 -32.91
C GLU C 3 40.71 8.29 -31.87
N SER C 4 40.40 7.59 -30.78
CA SER C 4 41.35 7.36 -29.71
C SER C 4 42.50 6.44 -30.12
N TYR C 5 42.30 5.62 -31.17
CA TYR C 5 43.38 4.74 -31.61
C TYR C 5 44.53 5.52 -32.23
N SER C 6 44.22 6.55 -33.02
CA SER C 6 45.27 7.38 -33.59
C SER C 6 45.96 8.22 -32.52
N ARG C 7 45.21 8.62 -31.48
CA ARG C 7 45.81 9.28 -30.33
C ARG C 7 46.76 8.35 -29.59
N SER C 8 46.38 7.07 -29.44
CA SER C 8 47.25 6.10 -28.80
C SER C 8 48.50 5.81 -29.64
N LEU C 9 48.37 5.82 -30.97
CA LEU C 9 49.53 5.64 -31.84
C LEU C 9 50.48 6.83 -31.75
N LEU C 10 49.94 8.04 -31.61
CA LEU C 10 50.81 9.20 -31.37
C LEU C 10 51.47 9.12 -29.99
N ARG C 11 50.77 8.57 -29.00
CA ARG C 11 51.39 8.29 -27.70
C ARG C 11 52.52 7.27 -27.81
N VAL C 12 52.35 6.27 -28.67
CA VAL C 12 53.41 5.30 -28.94
C VAL C 12 54.60 5.97 -29.60
N SER C 13 54.35 6.92 -30.50
CA SER C 13 55.45 7.66 -31.14
C SER C 13 56.21 8.53 -30.12
N VAL C 14 55.48 9.15 -29.20
CA VAL C 14 56.12 9.92 -28.12
C VAL C 14 56.96 9.00 -27.23
N ALA C 15 56.42 7.81 -26.92
CA ALA C 15 57.16 6.83 -26.14
C ALA C 15 58.39 6.32 -26.88
N GLN C 16 58.33 6.23 -28.21
CA GLN C 16 59.50 5.83 -29.00
C GLN C 16 60.57 6.92 -29.01
N ILE C 17 60.15 8.20 -29.06
CA ILE C 17 61.12 9.29 -28.97
C ILE C 17 61.76 9.33 -27.57
N CYS C 18 60.97 9.01 -26.53
CA CYS C 18 61.54 8.93 -25.19
C CYS C 18 62.46 7.71 -25.03
N GLN C 19 62.17 6.61 -25.74
CA GLN C 19 63.10 5.48 -25.76
C GLN C 19 64.40 5.84 -26.46
N ALA C 20 64.33 6.64 -27.51
CA ALA C 20 65.54 7.13 -28.16
C ALA C 20 66.32 8.06 -27.24
N LEU C 21 65.61 8.87 -26.44
CA LEU C 21 66.28 9.78 -25.52
C LEU C 21 66.67 9.09 -24.22
N GLY C 22 65.88 8.12 -23.78
CA GLY C 22 66.26 7.29 -22.65
C GLY C 22 65.53 7.53 -21.35
N TRP C 23 64.25 7.89 -21.39
CA TRP C 23 63.49 8.17 -20.18
C TRP C 23 63.07 6.86 -19.50
N ASP C 24 63.33 6.76 -18.19
CA ASP C 24 62.94 5.58 -17.43
C ASP C 24 61.48 5.68 -17.00
N SER C 25 61.14 6.71 -16.23
CA SER C 25 59.78 6.95 -15.79
C SER C 25 59.32 8.32 -16.28
N VAL C 26 58.01 8.54 -16.19
CA VAL C 26 57.35 9.68 -16.81
C VAL C 26 56.03 9.90 -16.08
N GLN C 27 55.59 11.17 -15.98
CA GLN C 27 54.24 11.51 -15.57
C GLN C 27 53.33 11.35 -16.78
N LEU C 28 52.33 10.47 -16.65
CA LEU C 28 51.53 10.06 -17.81
C LEU C 28 50.69 11.21 -18.36
N SER C 29 50.11 12.02 -17.47
CA SER C 29 49.28 13.15 -17.89
C SER C 29 50.09 14.20 -18.65
N ALA C 30 51.39 14.29 -18.36
CA ALA C 30 52.27 15.18 -19.13
C ALA C 30 52.39 14.69 -20.58
N CYS C 31 52.51 13.38 -20.79
CA CYS C 31 52.56 12.87 -22.17
C CYS C 31 51.22 12.97 -22.87
N HIS C 32 50.10 12.82 -22.13
CA HIS C 32 48.80 13.03 -22.76
C HIS C 32 48.62 14.49 -23.20
N LEU C 33 49.06 15.44 -22.37
CA LEU C 33 49.02 16.85 -22.74
C LEU C 33 49.98 17.15 -23.89
N LEU C 34 51.14 16.48 -23.92
CA LEU C 34 52.09 16.70 -25.01
C LEU C 34 51.61 16.09 -26.33
N THR C 35 50.86 14.99 -26.28
CA THR C 35 50.22 14.49 -27.50
C THR C 35 49.12 15.45 -27.97
N ASP C 36 48.39 16.07 -27.03
CA ASP C 36 47.46 17.13 -27.40
C ASP C 36 48.18 18.32 -28.03
N VAL C 37 49.35 18.68 -27.49
CA VAL C 37 50.19 19.74 -28.05
C VAL C 37 50.69 19.35 -29.44
N LEU C 38 51.00 18.07 -29.66
CA LEU C 38 51.38 17.60 -30.99
C LEU C 38 50.24 17.73 -31.99
N GLN C 39 49.05 17.32 -31.60
CA GLN C 39 47.91 17.40 -32.52
C GLN C 39 47.54 18.85 -32.83
N ARG C 40 47.65 19.74 -31.82
CA ARG C 40 47.42 21.16 -32.06
C ARG C 40 48.53 21.78 -32.90
N TYR C 41 49.77 21.31 -32.76
CA TYR C 41 50.88 21.85 -33.56
C TYR C 41 50.78 21.39 -35.01
N LEU C 42 50.38 20.14 -35.23
CA LEU C 42 50.14 19.65 -36.59
C LEU C 42 49.00 20.41 -37.26
N GLN C 43 47.93 20.68 -36.49
CA GLN C 43 46.83 21.47 -37.04
C GLN C 43 47.24 22.92 -37.28
N GLN C 44 48.15 23.47 -36.48
CA GLN C 44 48.65 24.82 -36.74
C GLN C 44 49.53 24.86 -37.99
N LEU C 45 50.35 23.82 -38.20
CA LEU C 45 51.13 23.70 -39.43
C LEU C 45 50.21 23.60 -40.65
N GLY C 46 49.16 22.81 -40.55
CA GLY C 46 48.22 22.69 -41.65
C GLY C 46 47.48 23.98 -41.96
N ARG C 47 46.99 24.65 -40.91
CA ARG C 47 46.30 25.94 -41.09
C ARG C 47 47.23 27.01 -41.64
N GLY C 48 48.50 27.01 -41.20
CA GLY C 48 49.46 27.94 -41.75
C GLY C 48 49.75 27.69 -43.22
N CYS C 49 49.85 26.40 -43.60
CA CYS C 49 50.04 26.05 -45.00
C CYS C 49 48.84 26.45 -45.86
N HIS C 50 47.62 26.27 -45.35
CA HIS C 50 46.45 26.65 -46.15
C HIS C 50 46.31 28.16 -46.27
N ARG C 51 46.55 28.89 -45.18
CA ARG C 51 46.50 30.35 -45.24
C ARG C 51 47.63 30.91 -46.10
N TYR C 52 48.75 30.18 -46.22
CA TYR C 52 49.78 30.59 -47.16
C TYR C 52 49.43 30.21 -48.60
N SER C 53 48.69 29.12 -48.81
CA SER C 53 48.47 28.58 -50.14
C SER C 53 47.18 29.05 -50.81
N GLU C 54 46.22 29.58 -50.04
CA GLU C 54 45.03 30.18 -50.63
C GLU C 54 45.31 31.56 -51.19
N LEU C 55 46.47 32.14 -50.88
CA LEU C 55 46.94 33.35 -51.53
C LEU C 55 47.43 33.09 -52.95
N TYR C 56 47.65 31.83 -53.31
CA TYR C 56 47.75 31.43 -54.71
C TYR C 56 46.36 31.21 -55.27
N GLY C 57 46.22 31.41 -56.58
CA GLY C 57 44.98 31.05 -57.25
C GLY C 57 44.72 29.56 -57.28
N ARG C 58 45.77 28.75 -57.21
CA ARG C 58 45.66 27.31 -57.17
C ARG C 58 45.82 26.79 -55.73
N THR C 59 45.66 25.48 -55.57
CA THR C 59 45.61 24.85 -54.26
C THR C 59 46.92 24.17 -53.85
N ASP C 60 47.70 23.69 -54.83
CA ASP C 60 48.86 22.80 -54.70
C ASP C 60 49.92 23.25 -53.69
N PRO C 61 50.11 22.49 -52.60
CA PRO C 61 51.20 22.79 -51.67
C PRO C 61 52.55 22.27 -52.14
N ILE C 62 53.53 23.17 -52.28
CA ILE C 62 54.85 22.81 -52.80
C ILE C 62 55.79 22.77 -51.59
N LEU C 63 57.00 22.23 -51.78
CA LEU C 63 57.94 22.03 -50.67
C LEU C 63 58.45 23.36 -50.11
N ASP C 64 58.65 24.36 -50.99
CA ASP C 64 59.14 25.66 -50.52
C ASP C 64 58.09 26.37 -49.67
N ASP C 65 56.80 26.14 -49.95
CA ASP C 65 55.72 26.69 -49.15
C ASP C 65 55.75 26.13 -47.72
N VAL C 66 55.96 24.82 -47.61
CA VAL C 66 56.00 24.19 -46.28
C VAL C 66 57.29 24.57 -45.55
N GLY C 67 58.39 24.74 -46.29
CA GLY C 67 59.63 25.21 -45.66
C GLY C 67 59.52 26.61 -45.13
N GLU C 68 58.89 27.51 -45.89
CA GLU C 68 58.63 28.85 -45.39
C GLU C 68 57.59 28.86 -44.27
N ALA C 69 56.70 27.87 -44.24
CA ALA C 69 55.78 27.74 -43.13
C ALA C 69 56.50 27.35 -41.84
N PHE C 70 57.50 26.46 -41.93
CA PHE C 70 58.31 26.14 -40.76
C PHE C 70 59.21 27.29 -40.35
N GLN C 71 59.76 28.04 -41.32
CA GLN C 71 60.57 29.20 -40.98
C GLN C 71 59.72 30.34 -40.40
N LEU C 72 58.45 30.41 -40.78
CA LEU C 72 57.52 31.33 -40.13
C LEU C 72 57.29 30.94 -38.68
N MET C 73 57.15 29.64 -38.41
CA MET C 73 56.88 29.14 -37.08
C MET C 73 58.15 28.74 -36.33
N GLY C 74 59.32 29.19 -36.79
CA GLY C 74 60.55 29.02 -36.05
C GLY C 74 61.16 27.64 -36.03
N VAL C 75 61.61 27.16 -37.18
CA VAL C 75 62.30 25.87 -37.28
C VAL C 75 63.53 26.06 -38.18
N SER C 76 64.70 25.70 -37.65
CA SER C 76 65.95 25.73 -38.41
C SER C 76 66.08 24.41 -39.16
N LEU C 77 66.03 24.47 -40.49
CA LEU C 77 65.77 23.29 -41.30
C LEU C 77 67.01 22.42 -41.54
N HIS C 78 68.22 22.97 -41.41
CA HIS C 78 69.43 22.26 -41.82
C HIS C 78 69.67 21.03 -40.96
N GLU C 79 69.41 21.16 -39.66
CA GLU C 79 69.58 20.10 -38.69
C GLU C 79 68.60 18.95 -38.90
N LEU C 80 67.55 19.16 -39.72
CA LEU C 80 66.63 18.10 -40.10
C LEU C 80 67.38 16.93 -40.71
N GLU C 81 68.39 17.22 -41.57
CA GLU C 81 69.22 16.14 -42.11
C GLU C 81 69.92 15.37 -41.02
N ASP C 82 70.57 16.10 -40.09
CA ASP C 82 71.25 15.46 -38.98
C ASP C 82 70.26 14.73 -38.09
N TYR C 83 69.05 15.30 -37.96
CA TYR C 83 68.06 14.70 -37.07
C TYR C 83 67.57 13.37 -37.62
N ILE C 84 67.51 13.23 -38.95
CA ILE C 84 67.07 11.96 -39.51
C ILE C 84 68.15 10.91 -39.30
N HIS C 85 69.42 11.33 -39.39
CA HIS C 85 70.49 10.39 -39.09
C HIS C 85 70.59 10.10 -37.61
N ASN C 86 69.96 10.94 -36.78
CA ASN C 86 69.77 10.60 -35.38
C ASN C 86 68.69 9.53 -35.20
N ILE C 87 67.62 9.60 -35.99
CA ILE C 87 66.39 8.91 -35.64
C ILE C 87 66.16 7.64 -36.45
N GLU C 88 66.06 7.76 -37.77
CA GLU C 88 65.63 6.65 -38.62
C GLU C 88 66.52 5.41 -38.69
N PRO C 89 67.85 5.48 -38.48
CA PRO C 89 68.58 4.22 -38.22
C PRO C 89 68.60 3.78 -36.76
N VAL C 90 67.97 4.51 -35.86
CA VAL C 90 67.97 4.15 -34.43
C VAL C 90 66.58 3.81 -33.90
N THR C 91 65.50 4.40 -34.41
CA THR C 91 64.15 4.11 -33.94
C THR C 91 63.41 3.32 -35.03
N PHE C 92 62.83 2.20 -34.64
CA PHE C 92 62.15 1.34 -35.61
C PHE C 92 60.71 1.81 -35.82
N PRO C 93 60.23 1.89 -37.07
CA PRO C 93 58.86 2.32 -37.36
C PRO C 93 57.81 1.29 -36.93
N GLU D 870 62.43 60.20 -33.57
CA GLU D 870 62.37 61.64 -33.68
C GLU D 870 61.10 62.09 -34.42
N THR D 871 60.01 62.18 -33.65
CA THR D 871 58.68 62.62 -34.10
C THR D 871 58.18 61.81 -35.31
N PHE D 872 57.94 60.52 -35.05
CA PHE D 872 57.43 59.64 -36.10
C PHE D 872 55.98 59.97 -36.42
N LEU D 873 55.09 59.88 -35.44
CA LEU D 873 53.75 60.41 -35.57
C LEU D 873 53.78 61.93 -35.36
N LEU D 874 52.63 62.56 -35.55
CA LEU D 874 52.51 63.99 -35.25
C LEU D 874 52.28 64.15 -33.75
N GLN D 875 53.23 64.80 -33.08
CA GLN D 875 53.22 64.82 -31.62
C GLN D 875 52.12 65.71 -31.06
N ALA D 876 51.90 66.89 -31.67
CA ALA D 876 50.96 67.85 -31.09
C ALA D 876 49.49 67.42 -31.19
N PRO D 877 48.92 67.05 -32.36
CA PRO D 877 47.49 66.69 -32.34
C PRO D 877 47.21 65.37 -31.65
N LEU D 878 48.12 64.40 -31.76
CA LEU D 878 47.94 63.15 -31.03
C LEU D 878 48.05 63.37 -29.52
N GLN D 879 48.98 64.24 -29.09
CA GLN D 879 49.13 64.56 -27.69
C GLN D 879 47.90 65.28 -27.14
N ARG D 880 47.30 66.16 -27.97
CA ARG D 880 46.05 66.80 -27.57
C ARG D 880 44.91 65.79 -27.46
N ARG D 881 44.86 64.81 -28.37
CA ARG D 881 43.80 63.79 -28.28
C ARG D 881 44.02 62.86 -27.09
N ILE D 882 45.28 62.54 -26.77
CA ILE D 882 45.58 61.70 -25.60
C ILE D 882 45.19 62.44 -24.31
N LEU D 883 45.55 63.72 -24.20
CA LEU D 883 45.12 64.53 -23.06
C LEU D 883 43.60 64.69 -23.00
N GLU D 884 42.94 64.78 -24.16
CA GLU D 884 41.49 64.88 -24.21
C GLU D 884 40.82 63.64 -23.65
N ILE D 885 41.18 62.46 -24.18
CA ILE D 885 40.58 61.20 -23.74
C ILE D 885 40.98 60.88 -22.30
N GLY D 886 42.16 61.34 -21.86
CA GLY D 886 42.54 61.18 -20.46
C GLY D 886 41.73 62.05 -19.52
N LYS D 887 41.52 63.31 -19.89
CA LYS D 887 40.72 64.21 -19.06
C LYS D 887 39.25 63.81 -19.05
N LYS D 888 38.77 63.15 -20.10
CA LYS D 888 37.43 62.57 -20.04
C LYS D 888 37.36 61.37 -19.11
N HIS D 889 38.49 60.75 -18.79
CA HIS D 889 38.52 59.60 -17.88
C HIS D 889 39.37 59.86 -16.64
N GLY D 890 39.78 61.10 -16.41
CA GLY D 890 40.41 61.46 -15.16
C GLY D 890 41.92 61.59 -15.17
N ILE D 891 42.55 61.66 -16.34
CA ILE D 891 44.01 61.73 -16.44
C ILE D 891 44.38 63.13 -16.89
N THR D 892 45.02 63.90 -16.01
CA THR D 892 45.30 65.30 -16.30
C THR D 892 46.49 65.47 -17.24
N GLU D 893 47.61 64.85 -16.92
CA GLU D 893 48.88 65.12 -17.60
C GLU D 893 49.48 63.85 -18.19
N LEU D 894 50.70 64.00 -18.73
CA LEU D 894 51.48 62.93 -19.33
C LEU D 894 52.95 63.23 -19.08
N HIS D 895 53.82 62.48 -19.76
CA HIS D 895 55.26 62.72 -19.74
C HIS D 895 55.72 62.64 -21.20
N PRO D 896 56.53 63.61 -21.68
CA PRO D 896 56.64 63.85 -23.14
C PRO D 896 57.31 62.75 -23.97
N ASP D 897 58.49 62.29 -23.54
CA ASP D 897 59.15 61.22 -24.26
C ASP D 897 58.44 59.88 -24.09
N VAL D 898 57.63 59.73 -23.04
CA VAL D 898 56.84 58.50 -22.88
C VAL D 898 55.70 58.47 -23.91
N VAL D 899 55.11 59.62 -24.22
CA VAL D 899 54.09 59.69 -25.26
C VAL D 899 54.74 59.56 -26.64
N SER D 900 55.96 60.07 -26.79
CA SER D 900 56.74 59.74 -27.98
C SER D 900 57.03 58.25 -28.06
N TYR D 901 57.17 57.58 -26.91
CA TYR D 901 57.34 56.14 -26.90
C TYR D 901 56.04 55.40 -27.22
N VAL D 902 54.89 56.02 -26.95
CA VAL D 902 53.61 55.46 -27.42
C VAL D 902 53.55 55.50 -28.94
N SER D 903 53.92 56.65 -29.52
CA SER D 903 54.08 56.82 -30.96
C SER D 903 55.09 55.81 -31.54
N HIS D 904 56.08 55.48 -30.75
CA HIS D 904 57.22 54.68 -31.15
C HIS D 904 56.84 53.21 -31.30
N ALA D 905 56.14 52.67 -30.29
CA ALA D 905 55.57 51.33 -30.39
C ALA D 905 54.50 51.26 -31.47
N THR D 906 53.79 52.36 -31.75
CA THR D 906 52.87 52.37 -32.90
C THR D 906 53.60 52.21 -34.24
N GLN D 907 54.73 52.91 -34.41
CA GLN D 907 55.39 52.91 -35.72
C GLN D 907 56.04 51.57 -36.00
N GLN D 908 56.44 50.82 -34.97
CA GLN D 908 56.78 49.44 -35.34
C GLN D 908 55.62 48.45 -35.17
N ARG D 909 54.46 48.85 -34.67
CA ARG D 909 53.28 48.08 -35.04
C ARG D 909 53.06 48.16 -36.55
N LEU D 910 53.30 49.34 -37.13
CA LEU D 910 53.31 49.45 -38.60
C LEU D 910 54.43 48.62 -39.23
N GLN D 911 55.62 48.52 -38.62
CA GLN D 911 56.62 47.66 -39.27
C GLN D 911 56.37 46.16 -39.02
N ASN D 912 55.62 45.80 -37.98
CA ASN D 912 55.14 44.41 -37.91
C ASN D 912 54.23 44.10 -39.08
N LEU D 913 53.36 45.06 -39.43
CA LEU D 913 52.62 44.97 -40.69
C LEU D 913 53.57 44.92 -41.89
N VAL D 914 54.69 45.65 -41.85
CA VAL D 914 55.64 45.66 -42.98
C VAL D 914 56.45 44.35 -43.06
N GLU D 915 56.69 43.68 -41.91
CA GLU D 915 57.30 42.35 -41.95
C GLU D 915 56.35 41.35 -42.59
N LYS D 916 55.05 41.49 -42.29
CA LYS D 916 54.05 40.72 -43.03
C LYS D 916 53.99 41.11 -44.51
N ILE D 917 54.23 42.39 -44.83
CA ILE D 917 54.31 42.85 -46.21
C ILE D 917 55.49 42.22 -46.94
N SER D 918 56.63 42.10 -46.24
CA SER D 918 57.81 41.44 -46.82
C SER D 918 57.58 39.95 -47.02
N GLU D 919 56.81 39.32 -46.11
CA GLU D 919 56.41 37.94 -46.33
C GLU D 919 55.50 37.80 -47.55
N THR D 920 54.55 38.73 -47.73
CA THR D 920 53.73 38.71 -48.94
C THR D 920 54.51 39.13 -50.19
N ALA D 921 55.64 39.82 -50.02
CA ALA D 921 56.49 40.14 -51.16
C ALA D 921 57.32 38.92 -51.57
N GLN D 922 57.69 38.08 -50.59
CA GLN D 922 58.25 36.77 -50.94
C GLN D 922 57.18 35.87 -51.56
N GLN D 923 55.92 36.06 -51.16
CA GLN D 923 54.81 35.41 -51.86
C GLN D 923 54.68 35.92 -53.29
N LYS D 924 54.98 37.21 -53.53
CA LYS D 924 55.06 37.74 -54.88
C LYS D 924 56.28 37.20 -55.63
N ASN D 925 57.29 36.71 -54.92
CA ASN D 925 58.49 36.13 -55.51
C ASN D 925 58.35 34.64 -55.80
N PHE D 926 57.13 34.16 -56.00
CA PHE D 926 56.87 32.75 -56.26
C PHE D 926 57.45 32.34 -57.60
N SER D 927 58.47 31.49 -57.57
CA SER D 927 59.14 31.02 -58.78
C SER D 927 58.46 29.72 -59.22
N TYR D 928 57.42 29.86 -60.03
CA TYR D 928 56.69 28.70 -60.55
C TYR D 928 57.35 28.11 -61.79
N LYS D 929 58.38 28.76 -62.33
CA LYS D 929 59.17 28.23 -63.43
C LYS D 929 60.54 27.75 -62.99
N ASP D 930 60.69 27.41 -61.71
CA ASP D 930 61.96 26.95 -61.17
C ASP D 930 62.12 25.45 -61.43
N ASP D 931 63.09 24.83 -60.77
CA ASP D 931 63.37 23.39 -60.94
C ASP D 931 62.28 22.58 -60.23
N ASP D 932 61.14 22.49 -60.90
CA ASP D 932 59.96 21.81 -60.35
C ASP D 932 59.93 20.35 -60.80
N ARG D 933 60.99 19.63 -60.48
CA ARG D 933 61.04 18.19 -60.76
C ARG D 933 60.19 17.38 -59.80
N TYR D 934 59.88 17.94 -58.62
CA TYR D 934 59.08 17.22 -57.63
C TYR D 934 57.59 17.44 -57.85
N GLU D 935 57.15 18.70 -57.79
CA GLU D 935 55.74 19.05 -57.89
C GLU D 935 55.40 19.51 -59.31
N GLN D 936 54.11 19.37 -59.65
CA GLN D 936 53.61 19.81 -60.96
C GLN D 936 53.17 21.27 -60.93
N ALA D 937 52.45 21.67 -59.87
CA ALA D 937 51.93 23.02 -59.65
C ALA D 937 51.04 23.50 -60.79
N SER D 938 50.26 22.59 -61.36
CA SER D 938 49.37 22.91 -62.48
C SER D 938 48.02 22.23 -62.30
N ASP D 939 47.22 22.22 -63.38
CA ASP D 939 45.97 21.46 -63.53
C ASP D 939 44.86 21.98 -62.59
N VAL D 940 44.95 23.22 -62.16
CA VAL D 940 43.84 23.87 -61.47
C VAL D 940 43.50 25.15 -62.23
N ARG D 941 44.47 26.06 -62.33
CA ARG D 941 44.32 27.21 -63.22
C ARG D 941 44.41 26.78 -64.68
N ALA D 942 45.21 25.75 -64.97
CA ALA D 942 45.18 25.14 -66.30
C ALA D 942 43.84 24.46 -66.55
N GLN D 943 43.28 23.82 -65.54
CA GLN D 943 41.92 23.27 -65.65
C GLN D 943 40.88 24.39 -65.74
N LEU D 944 41.16 25.55 -65.15
CA LEU D 944 40.29 26.70 -65.32
C LEU D 944 40.35 27.23 -66.75
N LYS D 945 41.55 27.19 -67.36
CA LYS D 945 41.66 27.58 -68.77
C LYS D 945 41.01 26.56 -69.69
N PHE D 946 41.03 25.27 -69.31
CA PHE D 946 40.32 24.27 -70.09
C PHE D 946 38.81 24.42 -69.98
N PHE D 947 38.32 24.76 -68.78
CA PHE D 947 36.90 25.08 -68.61
C PHE D 947 36.52 26.35 -69.37
N GLU D 948 37.42 27.34 -69.42
CA GLU D 948 37.19 28.53 -70.22
C GLU D 948 37.19 28.21 -71.72
N GLN D 949 37.99 27.25 -72.15
CA GLN D 949 37.97 26.84 -73.55
C GLN D 949 36.68 26.09 -73.90
N LEU D 950 36.21 25.24 -72.99
CA LEU D 950 34.92 24.58 -73.19
C LEU D 950 33.77 25.58 -73.20
N ASP D 951 33.83 26.58 -72.32
CA ASP D 951 32.83 27.63 -72.30
C ASP D 951 32.92 28.53 -73.52
N GLN D 952 34.12 28.70 -74.08
CA GLN D 952 34.28 29.47 -75.31
C GLN D 952 33.73 28.70 -76.49
N ILE D 953 33.87 27.37 -76.48
CA ILE D 953 33.25 26.53 -77.51
C ILE D 953 31.72 26.61 -77.40
N GLU D 954 31.20 26.59 -76.17
CA GLU D 954 29.76 26.73 -75.97
C GLU D 954 29.26 28.12 -76.35
N LYS D 955 30.05 29.16 -76.10
CA LYS D 955 29.66 30.51 -76.49
C LYS D 955 29.74 30.71 -78.00
N GLN D 956 30.71 30.08 -78.67
CA GLN D 956 30.75 30.10 -80.12
C GLN D 956 29.58 29.33 -80.71
N ARG D 957 29.17 28.23 -80.06
CA ARG D 957 27.98 27.52 -80.48
C ARG D 957 26.71 28.34 -80.25
N LYS D 958 26.67 29.14 -79.19
CA LYS D 958 25.51 30.00 -78.93
C LYS D 958 25.45 31.16 -79.92
N ASP D 959 26.61 31.72 -80.27
CA ASP D 959 26.66 32.76 -81.30
C ASP D 959 26.31 32.20 -82.67
N GLU D 960 26.72 30.95 -82.94
CA GLU D 960 26.32 30.28 -84.18
C GLU D 960 24.83 29.98 -84.19
N GLN D 961 24.24 29.68 -83.04
CA GLN D 961 22.79 29.47 -82.98
C GLN D 961 22.03 30.78 -83.16
N GLU D 962 22.57 31.89 -82.65
CA GLU D 962 21.98 33.20 -82.89
C GLU D 962 22.06 33.58 -84.37
N ARG D 963 23.22 33.30 -84.99
CA ARG D 963 23.36 33.54 -86.43
C ARG D 963 22.49 32.59 -87.25
N GLU D 964 22.24 31.39 -86.75
CA GLU D 964 21.34 30.47 -87.43
C GLU D 964 19.89 30.92 -87.33
N ILE D 965 19.51 31.50 -86.18
CA ILE D 965 18.18 32.09 -86.05
C ILE D 965 18.04 33.32 -86.96
N LEU D 966 19.11 34.11 -87.09
CA LEU D 966 19.08 35.24 -88.01
C LEU D 966 19.02 34.79 -89.46
N MET D 967 19.67 33.68 -89.80
CA MET D 967 19.59 33.14 -91.16
C MET D 967 18.24 32.49 -91.44
N ARG D 968 17.62 31.88 -90.43
CA ARG D 968 16.27 31.35 -90.59
C ARG D 968 15.26 32.48 -90.75
N ALA D 969 15.51 33.62 -90.08
CA ALA D 969 14.73 34.82 -90.37
C ALA D 969 15.01 35.32 -91.78
N ALA D 970 16.25 35.19 -92.24
CA ALA D 970 16.59 35.53 -93.62
C ALA D 970 16.12 34.48 -94.61
N LYS D 971 15.87 33.25 -94.17
CA LYS D 971 15.42 32.19 -95.05
C LYS D 971 13.95 32.38 -95.42
N GLU E 870 -93.73 52.70 70.82
CA GLU E 870 -93.66 54.15 70.96
C GLU E 870 -92.22 54.63 71.05
N THR E 871 -91.72 55.17 69.94
CA THR E 871 -90.37 55.72 69.79
C THR E 871 -89.31 54.70 70.20
N PHE E 872 -89.26 53.61 69.42
CA PHE E 872 -88.30 52.55 69.68
C PHE E 872 -86.89 53.04 69.43
N LEU E 873 -86.60 53.48 68.22
CA LEU E 873 -85.33 54.07 67.87
C LEU E 873 -85.30 55.52 68.33
N LEU E 874 -84.15 56.17 68.20
CA LEU E 874 -84.07 57.61 68.41
C LEU E 874 -84.54 58.30 67.14
N GLN E 875 -85.68 59.00 67.24
CA GLN E 875 -86.35 59.53 66.06
C GLN E 875 -85.55 60.66 65.42
N ALA E 876 -85.02 61.57 66.24
CA ALA E 876 -84.39 62.77 65.69
C ALA E 876 -83.06 62.50 64.99
N PRO E 877 -82.04 61.84 65.58
CA PRO E 877 -80.78 61.71 64.83
C PRO E 877 -80.88 60.77 63.65
N LEU E 878 -81.66 59.69 63.78
CA LEU E 878 -81.89 58.79 62.67
C LEU E 878 -82.67 59.47 61.56
N GLN E 879 -83.68 60.27 61.93
CA GLN E 879 -84.45 61.01 60.94
C GLN E 879 -83.60 62.04 60.23
N ARG E 880 -82.65 62.65 60.95
CA ARG E 880 -81.69 63.55 60.32
C ARG E 880 -80.81 62.81 59.34
N ARG E 881 -80.38 61.60 59.68
CA ARG E 881 -79.55 60.83 58.76
C ARG E 881 -80.34 60.36 57.54
N ILE E 882 -81.62 60.05 57.76
CA ILE E 882 -82.52 59.66 56.68
C ILE E 882 -82.70 60.81 55.70
N LEU E 883 -83.08 61.98 56.20
CA LEU E 883 -83.24 63.16 55.35
C LEU E 883 -81.92 63.60 54.75
N GLU E 884 -80.82 63.39 55.48
CA GLU E 884 -79.47 63.66 54.99
C GLU E 884 -79.19 62.90 53.71
N ILE E 885 -79.25 61.57 53.78
CA ILE E 885 -78.90 60.74 52.63
C ILE E 885 -79.96 60.88 51.52
N GLY E 886 -81.22 61.14 51.89
CA GLY E 886 -82.25 61.36 50.89
C GLY E 886 -82.05 62.63 50.09
N LYS E 887 -81.70 63.73 50.76
CA LYS E 887 -81.33 64.94 50.04
C LYS E 887 -80.05 64.77 49.25
N LYS E 888 -79.15 63.89 49.71
CA LYS E 888 -78.01 63.53 48.88
C LYS E 888 -78.41 62.76 47.64
N HIS E 889 -79.58 62.13 47.64
CA HIS E 889 -80.05 61.44 46.45
C HIS E 889 -81.38 61.99 45.95
N GLY E 890 -81.76 63.19 46.37
CA GLY E 890 -82.86 63.92 45.77
C GLY E 890 -84.15 63.95 46.55
N ILE E 891 -84.17 63.46 47.78
CA ILE E 891 -85.41 63.31 48.54
C ILE E 891 -85.40 64.38 49.62
N THR E 892 -86.27 65.36 49.46
CA THR E 892 -86.30 66.49 50.38
C THR E 892 -86.87 66.09 51.73
N GLU E 893 -88.04 65.45 51.74
CA GLU E 893 -88.80 65.27 52.96
C GLU E 893 -89.09 63.79 53.21
N LEU E 894 -89.84 63.55 54.27
CA LEU E 894 -90.41 62.25 54.58
C LEU E 894 -91.81 62.48 55.11
N HIS E 895 -92.42 61.42 55.62
CA HIS E 895 -93.66 61.56 56.36
C HIS E 895 -93.42 60.91 57.72
N PRO E 896 -93.77 61.59 58.83
CA PRO E 896 -93.20 61.23 60.14
C PRO E 896 -93.63 59.90 60.73
N ASP E 897 -94.94 59.63 60.82
CA ASP E 897 -95.39 58.37 61.39
C ASP E 897 -95.11 57.18 60.48
N VAL E 898 -94.86 57.43 59.20
CA VAL E 898 -94.32 56.40 58.32
C VAL E 898 -92.94 55.97 58.82
N VAL E 899 -92.11 56.93 59.20
CA VAL E 899 -90.78 56.62 59.72
C VAL E 899 -90.88 56.04 61.12
N SER E 900 -91.92 56.41 61.87
CA SER E 900 -92.18 55.75 63.14
C SER E 900 -92.56 54.28 62.94
N TYR E 901 -93.32 54.00 61.89
CA TYR E 901 -93.62 52.62 61.55
C TYR E 901 -92.40 51.91 60.98
N VAL E 902 -91.46 52.66 60.39
CA VAL E 902 -90.17 52.09 60.02
C VAL E 902 -89.42 51.65 61.27
N SER E 903 -89.44 52.48 62.31
CA SER E 903 -88.88 52.11 63.60
C SER E 903 -89.60 50.91 64.20
N HIS E 904 -90.91 50.83 63.99
CA HIS E 904 -91.67 49.68 64.48
C HIS E 904 -91.34 48.41 63.71
N ALA E 905 -91.15 48.53 62.40
CA ALA E 905 -90.74 47.37 61.61
C ALA E 905 -89.31 46.98 61.91
N THR E 906 -88.49 47.94 62.31
CA THR E 906 -87.17 47.64 62.82
C THR E 906 -87.27 46.85 64.13
N GLN E 907 -88.22 47.23 64.97
CA GLN E 907 -88.52 46.43 66.15
C GLN E 907 -89.02 45.04 65.77
N GLN E 908 -89.74 44.93 64.66
CA GLN E 908 -90.16 43.61 64.19
C GLN E 908 -88.97 42.79 63.72
N ARG E 909 -88.01 43.46 63.08
CA ARG E 909 -86.76 42.82 62.69
C ARG E 909 -86.02 42.31 63.92
N LEU E 910 -85.96 43.13 64.95
CA LEU E 910 -85.39 42.72 66.22
C LEU E 910 -86.18 41.59 66.84
N GLN E 911 -87.49 41.60 66.65
CA GLN E 911 -88.34 40.55 67.20
C GLN E 911 -88.07 39.22 66.52
N ASN E 912 -87.82 39.25 65.21
CA ASN E 912 -87.38 38.06 64.49
C ASN E 912 -86.01 37.61 64.99
N LEU E 913 -85.13 38.56 65.28
CA LEU E 913 -83.84 38.23 65.88
C LEU E 913 -84.02 37.54 67.22
N VAL E 914 -84.95 38.03 68.04
CA VAL E 914 -85.21 37.45 69.35
C VAL E 914 -85.86 36.07 69.21
N GLU E 915 -86.62 35.87 68.13
CA GLU E 915 -87.11 34.53 67.81
C GLU E 915 -85.95 33.58 67.57
N LYS E 916 -84.96 34.03 66.80
CA LYS E 916 -83.76 33.22 66.59
C LYS E 916 -82.98 33.03 67.89
N ILE E 917 -83.00 34.04 68.75
CA ILE E 917 -82.36 33.96 70.06
C ILE E 917 -83.06 32.92 70.92
N SER E 918 -84.37 32.85 70.85
CA SER E 918 -85.13 31.84 71.59
C SER E 918 -84.86 30.46 71.04
N GLU E 919 -84.67 30.34 69.73
CA GLU E 919 -84.30 29.06 69.13
C GLU E 919 -82.93 28.61 69.64
N THR E 920 -81.98 29.54 69.69
CA THR E 920 -80.67 29.20 70.24
C THR E 920 -80.72 29.02 71.75
N ALA E 921 -81.72 29.59 72.42
CA ALA E 921 -81.89 29.33 73.83
C ALA E 921 -82.42 27.92 74.06
N GLN E 922 -83.23 27.44 73.14
CA GLN E 922 -83.61 26.03 73.18
C GLN E 922 -82.46 25.14 72.80
N GLN E 923 -81.53 25.65 71.98
CA GLN E 923 -80.28 24.95 71.75
C GLN E 923 -79.45 24.89 73.03
N LYS E 924 -79.54 25.93 73.86
CA LYS E 924 -78.95 25.86 75.20
C LYS E 924 -79.69 24.85 76.08
N ASN E 925 -80.97 24.57 75.76
CA ASN E 925 -81.81 23.69 76.55
C ASN E 925 -81.66 22.24 76.16
N PHE E 926 -80.50 21.85 75.65
CA PHE E 926 -80.23 20.46 75.32
C PHE E 926 -80.22 19.62 76.60
N SER E 927 -81.19 18.74 76.75
CA SER E 927 -81.25 17.81 77.87
C SER E 927 -80.60 16.50 77.42
N TYR E 928 -79.28 16.41 77.60
CA TYR E 928 -78.53 15.22 77.23
C TYR E 928 -78.53 14.18 78.33
N LYS E 929 -79.13 14.49 79.48
CA LYS E 929 -79.35 13.51 80.53
C LYS E 929 -80.79 13.03 80.56
N ASP E 930 -81.48 13.15 79.42
CA ASP E 930 -82.88 12.76 79.32
C ASP E 930 -83.02 11.26 79.09
N ASP E 931 -84.22 10.84 78.71
CA ASP E 931 -84.52 9.42 78.47
C ASP E 931 -83.98 9.02 77.11
N ASP E 932 -82.66 8.90 77.03
CA ASP E 932 -81.96 8.55 75.80
C ASP E 932 -81.85 7.03 75.75
N ARG E 933 -83.01 6.37 75.78
CA ARG E 933 -83.05 4.93 75.51
C ARG E 933 -82.84 4.64 74.03
N TYR E 934 -83.06 5.63 73.16
CA TYR E 934 -82.73 5.47 71.75
C TYR E 934 -81.27 5.81 71.50
N GLU E 935 -80.85 7.01 71.88
CA GLU E 935 -79.57 7.55 71.48
C GLU E 935 -78.50 7.31 72.54
N GLN E 936 -77.26 7.19 72.08
CA GLN E 936 -76.10 7.20 72.95
C GLN E 936 -75.59 8.60 73.21
N ALA E 937 -75.43 9.40 72.14
CA ALA E 937 -75.07 10.82 72.18
C ALA E 937 -73.74 11.05 72.90
N SER E 938 -72.83 10.10 72.78
CA SER E 938 -71.59 10.08 73.53
C SER E 938 -70.41 9.79 72.60
N ASP E 939 -69.27 9.48 73.21
CA ASP E 939 -68.13 8.82 72.58
C ASP E 939 -67.40 9.73 71.59
N VAL E 940 -67.53 11.05 71.73
CA VAL E 940 -66.73 11.95 70.89
C VAL E 940 -65.98 12.94 71.77
N ARG E 941 -66.71 13.79 72.49
CA ARG E 941 -66.10 14.57 73.54
C ARG E 941 -65.62 13.66 74.65
N ALA E 942 -66.31 12.54 74.86
CA ALA E 942 -65.75 11.45 75.64
C ALA E 942 -64.49 10.90 74.98
N GLN E 943 -64.53 10.68 73.67
CA GLN E 943 -63.33 10.20 73.00
C GLN E 943 -62.26 11.27 72.93
N LEU E 944 -62.67 12.54 72.93
CA LEU E 944 -61.70 13.62 73.05
C LEU E 944 -61.05 13.60 74.42
N LYS E 945 -61.83 13.26 75.46
CA LYS E 945 -61.25 13.10 76.78
C LYS E 945 -60.36 11.87 76.84
N PHE E 946 -60.66 10.86 76.02
CA PHE E 946 -59.80 9.68 75.96
C PHE E 946 -58.47 10.00 75.29
N PHE E 947 -58.52 10.80 74.22
CA PHE E 947 -57.31 11.30 73.60
C PHE E 947 -56.57 12.23 74.55
N GLU E 948 -57.30 12.97 75.38
CA GLU E 948 -56.68 13.77 76.43
C GLU E 948 -56.04 12.88 77.47
N GLN E 949 -56.60 11.70 77.73
CA GLN E 949 -56.00 10.77 78.67
C GLN E 949 -54.74 10.17 78.09
N LEU E 950 -54.78 9.83 76.80
CA LEU E 950 -53.59 9.33 76.11
C LEU E 950 -52.50 10.40 76.07
N ASP E 951 -52.89 11.65 75.80
CA ASP E 951 -51.95 12.75 75.79
C ASP E 951 -51.46 13.07 77.19
N GLN E 952 -52.27 12.84 78.21
CA GLN E 952 -51.83 13.05 79.58
C GLN E 952 -50.82 11.99 79.98
N ILE E 953 -51.02 10.76 79.50
CA ILE E 953 -50.05 9.69 79.72
C ILE E 953 -48.74 10.02 79.03
N GLU E 954 -48.80 10.50 77.78
CA GLU E 954 -47.59 10.84 77.05
C GLU E 954 -46.92 12.09 77.62
N LYS E 955 -47.70 13.03 78.14
CA LYS E 955 -47.12 14.24 78.71
C LYS E 955 -46.50 13.96 80.06
N GLN E 956 -47.11 13.04 80.83
CA GLN E 956 -46.48 12.57 82.05
C GLN E 956 -45.21 11.79 81.74
N ARG E 957 -45.22 11.04 80.63
CA ARG E 957 -44.01 10.37 80.18
C ARG E 957 -42.95 11.36 79.72
N LYS E 958 -43.37 12.49 79.15
CA LYS E 958 -42.41 13.49 78.71
C LYS E 958 -41.83 14.25 79.89
N ASP E 959 -42.66 14.56 80.89
CA ASP E 959 -42.15 15.18 82.11
C ASP E 959 -41.27 14.21 82.88
N GLU E 960 -41.60 12.92 82.85
CA GLU E 960 -40.74 11.90 83.42
C GLU E 960 -39.44 11.78 82.65
N GLN E 961 -39.48 11.98 81.33
CA GLN E 961 -38.25 11.96 80.54
C GLN E 961 -37.40 13.18 80.84
N GLU E 962 -38.05 14.32 81.11
CA GLU E 962 -37.34 15.51 81.55
C GLU E 962 -36.67 15.26 82.89
N ARG E 963 -37.41 14.67 83.84
CA ARG E 963 -36.83 14.29 85.12
C ARG E 963 -35.76 13.22 84.97
N GLU E 964 -35.88 12.38 83.94
CA GLU E 964 -34.89 11.34 83.70
C GLU E 964 -33.59 11.91 83.19
N ILE E 965 -33.67 12.88 82.28
CA ILE E 965 -32.47 13.58 81.83
C ILE E 965 -31.88 14.39 82.98
N LEU E 966 -32.74 14.93 83.85
CA LEU E 966 -32.25 15.66 85.02
C LEU E 966 -31.56 14.73 86.00
N MET E 967 -32.02 13.49 86.11
CA MET E 967 -31.37 12.53 86.98
C MET E 967 -30.11 11.98 86.35
N ARG E 968 -30.08 11.88 85.01
CA ARG E 968 -28.85 11.53 84.32
C ARG E 968 -27.81 12.62 84.51
N ALA E 969 -28.24 13.87 84.55
CA ALA E 969 -27.38 14.94 85.00
C ALA E 969 -27.00 14.76 86.48
N ALA E 970 -27.96 14.32 87.29
CA ALA E 970 -27.67 14.07 88.70
C ALA E 970 -26.85 12.79 88.86
N LYS E 971 -26.89 11.92 87.87
CA LYS E 971 -26.00 10.75 87.84
C LYS E 971 -24.58 11.21 87.59
N ASP F 210 14.23 55.42 -7.99
CA ASP F 210 14.42 54.27 -7.11
C ASP F 210 13.91 53.01 -7.83
N PRO F 211 14.82 52.10 -8.15
CA PRO F 211 14.41 50.86 -8.85
C PRO F 211 13.61 49.90 -7.98
N THR F 212 13.81 49.93 -6.66
CA THR F 212 13.07 49.03 -5.78
C THR F 212 11.61 49.44 -5.67
N MET F 213 11.34 50.75 -5.66
CA MET F 213 9.98 51.25 -5.76
C MET F 213 9.33 50.80 -7.06
N TYR F 214 10.11 50.77 -8.15
CA TYR F 214 9.62 50.22 -9.42
C TYR F 214 9.39 48.72 -9.32
N GLU F 215 10.14 48.01 -8.48
CA GLU F 215 9.90 46.59 -8.27
C GLU F 215 8.56 46.35 -7.57
N GLU F 216 8.27 47.13 -6.52
CA GLU F 216 6.94 47.02 -5.92
C GLU F 216 5.83 47.54 -6.84
N TYR F 217 6.15 48.48 -7.74
CA TYR F 217 5.18 48.90 -8.75
C TYR F 217 4.86 47.77 -9.73
N TYR F 218 5.89 47.00 -10.13
CA TYR F 218 5.67 45.81 -10.95
C TYR F 218 4.86 44.76 -10.19
N SER F 219 5.11 44.62 -8.89
CA SER F 219 4.34 43.69 -8.07
C SER F 219 2.86 44.08 -8.02
N GLY F 220 2.58 45.37 -7.82
CA GLY F 220 1.22 45.84 -7.79
C GLY F 220 0.53 45.75 -9.14
N LEU F 221 1.25 46.03 -10.22
CA LEU F 221 0.69 45.90 -11.56
C LEU F 221 0.45 44.44 -11.93
N LYS F 222 1.34 43.54 -11.49
CA LYS F 222 1.15 42.10 -11.71
C LYS F 222 -0.10 41.60 -10.99
N HIS F 223 -0.28 42.01 -9.73
CA HIS F 223 -1.49 41.62 -9.01
C HIS F 223 -2.74 42.28 -9.58
N PHE F 224 -2.61 43.48 -10.15
CA PHE F 224 -3.75 44.15 -10.76
C PHE F 224 -4.19 43.47 -12.05
N ILE F 225 -3.23 43.03 -12.87
CA ILE F 225 -3.59 42.29 -14.08
C ILE F 225 -4.09 40.90 -13.72
N GLU F 226 -3.60 40.32 -12.61
CA GLU F 226 -4.19 39.09 -12.10
C GLU F 226 -5.59 39.30 -11.53
N CYS F 227 -5.94 40.52 -11.15
CA CYS F 227 -7.30 40.86 -10.70
C CYS F 227 -8.17 41.37 -11.84
N SER F 228 -7.90 40.96 -13.08
CA SER F 228 -8.70 41.34 -14.23
C SER F 228 -9.70 40.23 -14.55
N LEU F 229 -10.38 40.38 -15.68
CA LEU F 229 -11.39 39.42 -16.12
C LEU F 229 -10.74 38.32 -16.97
N ASP F 230 -11.57 37.55 -17.67
CA ASP F 230 -11.09 36.36 -18.38
C ASP F 230 -10.29 36.74 -19.62
N CYS F 231 -10.93 37.45 -20.56
CA CYS F 231 -10.27 37.81 -21.81
C CYS F 231 -9.14 38.81 -21.59
N HIS F 232 -9.25 39.65 -20.57
CA HIS F 232 -8.21 40.62 -20.25
C HIS F 232 -6.93 39.91 -19.81
N ARG F 233 -7.03 38.98 -18.85
CA ARG F 233 -5.86 38.23 -18.42
C ARG F 233 -5.36 37.30 -19.53
N ALA F 234 -6.27 36.76 -20.34
CA ALA F 234 -5.88 35.89 -21.44
C ALA F 234 -5.13 36.64 -22.53
N GLU F 235 -5.38 37.94 -22.69
CA GLU F 235 -4.66 38.74 -23.67
C GLU F 235 -3.54 39.59 -23.08
N LEU F 236 -3.36 39.61 -21.75
CA LEU F 236 -2.20 40.28 -21.17
C LEU F 236 -1.24 39.30 -20.49
N SER F 237 -1.49 37.99 -20.63
CA SER F 237 -0.45 37.00 -20.33
C SER F 237 0.79 37.21 -21.19
N GLN F 238 0.62 37.73 -22.40
CA GLN F 238 1.74 38.19 -23.21
C GLN F 238 2.33 39.51 -22.70
N LEU F 239 1.60 40.30 -21.89
CA LEU F 239 2.22 41.48 -21.29
C LEU F 239 3.05 41.15 -20.05
N PHE F 240 2.75 40.02 -19.40
CA PHE F 240 3.45 39.66 -18.16
C PHE F 240 4.96 39.49 -18.36
N TYR F 241 5.40 38.94 -19.51
CA TYR F 241 6.80 38.61 -19.68
C TYR F 241 7.72 39.81 -20.00
N PRO F 242 7.52 40.55 -21.13
CA PRO F 242 8.59 41.48 -21.54
C PRO F 242 8.69 42.71 -20.68
N LEU F 243 7.63 43.04 -19.94
CA LEU F 243 7.71 44.08 -18.91
C LEU F 243 8.73 43.71 -17.84
N PHE F 244 8.64 42.48 -17.33
CA PHE F 244 9.62 41.95 -16.38
C PHE F 244 11.01 41.90 -16.98
N VAL F 245 11.11 41.56 -18.27
CA VAL F 245 12.40 41.47 -18.94
C VAL F 245 13.06 42.85 -19.05
N HIS F 246 12.29 43.87 -19.45
CA HIS F 246 12.83 45.21 -19.57
C HIS F 246 13.12 45.84 -18.22
N MET F 247 12.34 45.48 -17.18
CA MET F 247 12.66 45.98 -15.85
C MET F 247 13.93 45.34 -15.30
N TYR F 248 14.17 44.06 -15.60
CA TYR F 248 15.44 43.46 -15.19
C TYR F 248 16.60 44.02 -15.99
N LEU F 249 16.36 44.41 -17.25
CA LEU F 249 17.35 45.16 -18.02
C LEU F 249 17.68 46.48 -17.35
N GLU F 250 16.66 47.21 -16.89
CA GLU F 250 16.89 48.48 -16.19
C GLU F 250 17.63 48.26 -14.87
N LEU F 251 17.36 47.15 -14.20
CA LEU F 251 18.08 46.80 -12.97
C LEU F 251 19.56 46.53 -13.24
N VAL F 252 19.86 45.78 -14.32
CA VAL F 252 21.25 45.53 -14.67
C VAL F 252 21.95 46.81 -15.15
N TYR F 253 21.23 47.67 -15.87
CA TYR F 253 21.79 48.91 -16.38
C TYR F 253 22.06 49.90 -15.25
N ASN F 254 21.26 49.87 -14.19
CA ASN F 254 21.55 50.65 -13.00
C ASN F 254 22.64 50.05 -12.14
N GLN F 255 23.05 48.79 -12.41
CA GLN F 255 24.15 48.09 -11.76
C GLN F 255 23.93 47.92 -10.26
N HIS F 256 22.76 47.36 -9.92
CA HIS F 256 22.42 46.97 -8.55
C HIS F 256 22.29 45.45 -8.55
N GLU F 257 23.27 44.77 -7.93
CA GLU F 257 23.41 43.33 -8.11
C GLU F 257 22.38 42.56 -7.28
N ASN F 258 22.39 42.75 -5.96
CA ASN F 258 21.60 41.89 -5.08
C ASN F 258 20.11 42.21 -5.13
N GLU F 259 19.75 43.47 -5.43
CA GLU F 259 18.35 43.83 -5.59
C GLU F 259 17.75 43.16 -6.82
N ALA F 260 18.47 43.22 -7.94
CA ALA F 260 18.05 42.52 -9.14
C ALA F 260 18.06 41.01 -8.94
N LYS F 261 19.00 40.49 -8.15
CA LYS F 261 19.06 39.07 -7.84
C LYS F 261 17.82 38.61 -7.07
N SER F 262 17.46 39.35 -6.02
CA SER F 262 16.28 39.00 -5.23
C SER F 262 15.00 39.17 -6.03
N PHE F 263 14.95 40.18 -6.90
CA PHE F 263 13.76 40.41 -7.71
C PHE F 263 13.59 39.33 -8.78
N PHE F 264 14.69 38.88 -9.37
CA PHE F 264 14.65 37.76 -10.31
C PHE F 264 14.27 36.46 -9.61
N GLU F 265 14.86 36.21 -8.43
CA GLU F 265 14.52 34.99 -7.68
C GLU F 265 13.09 35.01 -7.16
N LYS F 266 12.47 36.18 -7.03
CA LYS F 266 11.07 36.22 -6.64
C LYS F 266 10.12 36.12 -7.83
N PHE F 267 10.43 36.77 -8.96
CA PHE F 267 9.47 36.88 -10.05
C PHE F 267 9.94 36.24 -11.36
N HIS F 268 10.69 35.13 -11.31
CA HIS F 268 10.99 34.42 -12.56
C HIS F 268 10.00 33.29 -12.82
N GLY F 269 9.52 32.62 -11.76
CA GLY F 269 8.66 31.46 -11.94
C GLY F 269 7.19 31.79 -12.07
N ASP F 270 6.87 32.71 -12.97
CA ASP F 270 5.49 33.16 -13.16
C ASP F 270 5.00 33.12 -14.59
N GLN F 271 5.89 32.96 -15.57
CA GLN F 271 5.55 33.07 -16.97
C GLN F 271 5.21 31.69 -17.55
N GLU F 272 5.12 31.61 -18.87
CA GLU F 272 4.80 30.36 -19.55
C GLU F 272 6.02 29.45 -19.63
N CYS F 273 5.88 28.34 -20.34
CA CYS F 273 6.88 27.26 -20.34
C CYS F 273 7.71 27.20 -21.63
N TYR F 274 8.04 28.35 -22.22
CA TYR F 274 8.87 28.33 -23.42
C TYR F 274 9.95 29.41 -23.42
N TYR F 275 10.29 29.98 -22.26
CA TYR F 275 11.22 31.09 -22.18
C TYR F 275 12.61 30.67 -21.70
N GLN F 276 12.99 29.41 -21.93
CA GLN F 276 14.06 28.77 -21.16
C GLN F 276 15.44 29.39 -21.42
N ASP F 277 15.79 29.60 -22.69
CA ASP F 277 17.13 30.11 -23.00
C ASP F 277 17.29 31.56 -22.59
N ASP F 278 16.23 32.38 -22.78
CA ASP F 278 16.27 33.75 -22.29
C ASP F 278 16.25 33.80 -20.77
N LEU F 279 15.63 32.82 -20.10
CA LEU F 279 15.72 32.74 -18.65
C LEU F 279 17.15 32.42 -18.20
N ARG F 280 17.85 31.55 -18.93
CA ARG F 280 19.24 31.25 -18.59
C ARG F 280 20.15 32.47 -18.79
N VAL F 281 19.98 33.15 -19.94
CA VAL F 281 20.76 34.36 -20.23
C VAL F 281 20.44 35.45 -19.20
N LEU F 282 19.16 35.56 -18.82
CA LEU F 282 18.73 36.59 -17.88
C LEU F 282 19.22 36.27 -16.47
N SER F 283 19.33 34.99 -16.11
CA SER F 283 19.95 34.60 -14.85
C SER F 283 21.45 34.84 -14.87
N SER F 284 22.06 34.91 -16.05
CA SER F 284 23.50 35.13 -16.17
C SER F 284 23.86 36.60 -16.44
N LEU F 285 23.27 37.56 -15.71
CA LEU F 285 23.51 38.98 -15.95
C LEU F 285 24.03 39.66 -14.69
N THR F 286 25.15 40.39 -14.81
CA THR F 286 25.55 41.34 -13.78
C THR F 286 25.73 42.76 -14.29
N LYS F 287 26.56 42.98 -15.32
CA LYS F 287 26.94 44.33 -15.72
C LYS F 287 27.01 44.42 -17.25
N LYS F 288 27.67 45.48 -17.73
CA LYS F 288 27.64 45.89 -19.13
C LYS F 288 28.53 45.05 -20.04
N GLU F 289 29.38 44.18 -19.50
CA GLU F 289 30.10 43.24 -20.35
C GLU F 289 29.12 42.26 -21.00
N HIS F 290 28.07 41.89 -20.26
CA HIS F 290 27.00 41.08 -20.83
C HIS F 290 26.23 41.86 -21.90
N MET F 291 26.10 43.17 -21.72
CA MET F 291 25.52 44.01 -22.76
C MET F 291 26.40 44.08 -24.00
N LYS F 292 27.74 44.01 -23.81
CA LYS F 292 28.64 43.97 -24.95
C LYS F 292 28.55 42.63 -25.69
N GLY F 293 28.61 41.53 -24.94
CA GLY F 293 28.53 40.20 -25.53
C GLY F 293 27.16 39.88 -26.10
N ASN F 294 26.16 39.81 -25.22
CA ASN F 294 24.78 39.63 -25.64
C ASN F 294 24.19 41.01 -25.95
N GLU F 295 24.20 41.39 -27.23
CA GLU F 295 23.54 42.60 -27.67
C GLU F 295 22.02 42.44 -27.76
N THR F 296 21.55 41.19 -27.62
CA THR F 296 20.12 40.88 -27.44
C THR F 296 19.50 41.76 -26.36
N MET F 297 20.23 41.96 -25.25
CA MET F 297 19.82 42.79 -24.12
C MET F 297 19.47 44.22 -24.51
N LEU F 298 19.94 44.71 -25.65
CA LEU F 298 19.42 45.94 -26.20
C LEU F 298 18.45 45.70 -27.34
N ASP F 299 18.79 44.78 -28.26
CA ASP F 299 18.06 44.73 -29.53
C ASP F 299 16.76 43.94 -29.44
N PHE F 300 16.64 43.03 -28.48
CA PHE F 300 15.33 42.48 -28.14
C PHE F 300 14.51 43.47 -27.30
N ARG F 301 15.17 44.48 -26.73
CA ARG F 301 14.57 45.41 -25.78
C ARG F 301 14.41 46.80 -26.39
N THR F 302 14.22 46.88 -27.71
CA THR F 302 14.19 48.15 -28.44
C THR F 302 12.86 48.20 -29.20
N SER F 303 11.77 48.08 -28.43
CA SER F 303 10.37 48.15 -28.86
C SER F 303 9.96 46.93 -29.67
N LYS F 304 10.59 45.78 -29.38
CA LYS F 304 10.10 44.49 -29.88
C LYS F 304 9.07 43.96 -28.89
N PHE F 305 7.85 44.48 -28.98
CA PHE F 305 6.72 44.00 -28.20
C PHE F 305 5.71 43.38 -29.15
N VAL F 306 5.61 42.05 -29.13
CA VAL F 306 4.53 41.38 -29.84
C VAL F 306 3.26 41.59 -29.00
N LEU F 307 2.44 42.55 -29.41
CA LEU F 307 1.25 42.94 -28.66
C LEU F 307 0.02 42.55 -29.44
N ARG F 308 -0.61 41.46 -29.03
CA ARG F 308 -1.89 41.03 -29.60
C ARG F 308 -3.05 41.52 -28.72
N ILE F 309 -3.09 42.83 -28.51
CA ILE F 309 -3.83 43.39 -27.39
C ILE F 309 -5.12 44.04 -27.90
N SER F 310 -5.97 44.44 -26.96
CA SER F 310 -7.26 45.02 -27.27
C SER F 310 -7.28 46.51 -26.90
N ARG F 311 -8.42 47.15 -27.14
CA ARG F 311 -8.59 48.57 -26.84
C ARG F 311 -8.88 48.79 -25.36
N ASP F 312 -9.79 47.99 -24.79
CA ASP F 312 -10.09 48.08 -23.37
C ASP F 312 -8.93 47.64 -22.48
N SER F 313 -7.99 46.87 -23.02
CA SER F 313 -6.73 46.60 -22.32
C SER F 313 -5.94 47.89 -22.12
N TYR F 314 -5.83 48.71 -23.17
CA TYR F 314 -5.17 50.00 -23.04
C TYR F 314 -6.00 50.97 -22.21
N GLN F 315 -7.33 50.80 -22.18
CA GLN F 315 -8.16 51.62 -21.31
C GLN F 315 -7.90 51.31 -19.84
N LEU F 316 -7.85 50.02 -19.49
CA LEU F 316 -7.48 49.60 -18.13
C LEU F 316 -6.04 50.02 -17.81
N LEU F 317 -5.15 49.98 -18.80
CA LEU F 317 -3.77 50.40 -18.60
C LEU F 317 -3.68 51.89 -18.29
N LYS F 318 -4.44 52.72 -19.01
CA LYS F 318 -4.45 54.15 -18.73
C LYS F 318 -5.08 54.46 -17.39
N ARG F 319 -6.21 53.79 -17.07
CA ARG F 319 -6.89 54.02 -15.81
C ARG F 319 -6.09 53.53 -14.60
N HIS F 320 -5.17 52.58 -14.80
CA HIS F 320 -4.32 52.18 -13.70
C HIS F 320 -3.03 53.01 -13.61
N LEU F 321 -2.42 53.36 -14.76
CA LEU F 321 -1.16 54.09 -14.73
C LEU F 321 -1.35 55.59 -14.52
N GLN F 322 -2.58 56.12 -14.56
CA GLN F 322 -2.78 57.49 -14.09
C GLN F 322 -2.63 57.61 -12.59
N GLU F 323 -2.75 56.52 -11.84
CA GLU F 323 -2.51 56.55 -10.40
C GLU F 323 -1.04 56.75 -10.09
N LYS F 324 -0.14 56.32 -10.98
CA LYS F 324 1.29 56.32 -10.73
C LYS F 324 1.94 57.58 -11.31
N GLN F 325 2.95 58.10 -10.61
CA GLN F 325 3.71 59.26 -11.05
C GLN F 325 5.19 58.91 -11.05
N ASN F 326 5.94 59.65 -11.88
CA ASN F 326 7.33 59.32 -12.26
C ASN F 326 7.43 57.88 -12.75
N ASN F 327 6.49 57.51 -13.61
CA ASN F 327 6.22 56.12 -13.92
C ASN F 327 7.12 55.65 -15.06
N GLN F 328 8.04 54.73 -14.75
CA GLN F 328 8.87 54.10 -15.78
C GLN F 328 8.07 53.13 -16.64
N ILE F 329 7.02 52.51 -16.08
CA ILE F 329 6.13 51.65 -16.86
C ILE F 329 5.41 52.47 -17.92
N TRP F 330 5.03 53.69 -17.58
CA TRP F 330 4.46 54.60 -18.58
C TRP F 330 5.50 55.02 -19.62
N ASN F 331 6.78 55.08 -19.25
CA ASN F 331 7.82 55.32 -20.24
C ASN F 331 8.01 54.12 -21.18
N ILE F 332 7.77 52.90 -20.69
CA ILE F 332 7.79 51.73 -21.55
C ILE F 332 6.58 51.76 -22.49
N VAL F 333 5.43 52.22 -21.98
CA VAL F 333 4.24 52.45 -22.80
C VAL F 333 4.51 53.51 -23.88
N GLN F 334 5.29 54.54 -23.54
CA GLN F 334 5.62 55.58 -24.52
C GLN F 334 6.54 55.06 -25.62
N GLU F 335 7.71 54.54 -25.26
CA GLU F 335 8.74 54.28 -26.27
C GLU F 335 8.84 52.83 -26.74
N HIS F 336 8.05 51.90 -26.21
CA HIS F 336 8.29 50.50 -26.51
C HIS F 336 7.13 49.73 -27.12
N LEU F 337 5.93 50.27 -27.17
CA LEU F 337 4.77 49.48 -27.61
C LEU F 337 4.75 49.31 -29.13
N TYR F 338 4.41 48.10 -29.57
CA TYR F 338 4.13 47.78 -30.98
C TYR F 338 2.79 47.05 -31.01
N ILE F 339 1.71 47.81 -31.20
CA ILE F 339 0.35 47.39 -30.87
C ILE F 339 -0.31 46.73 -32.09
N ASP F 340 -1.05 45.63 -31.86
CA ASP F 340 -1.90 45.01 -32.86
C ASP F 340 -3.24 44.71 -32.21
N ILE F 341 -4.31 45.30 -32.74
CA ILE F 341 -5.63 45.28 -32.12
C ILE F 341 -6.32 43.95 -32.45
N PHE F 342 -6.35 43.04 -31.47
CA PHE F 342 -7.28 41.91 -31.51
C PHE F 342 -8.54 42.24 -30.73
N ASP F 343 -9.69 41.95 -31.32
CA ASP F 343 -10.97 42.14 -30.64
C ASP F 343 -11.82 40.86 -30.71
N LEU F 458 1.35 1.48 -52.47
CA LEU F 458 2.00 0.85 -51.33
C LEU F 458 3.22 1.67 -50.87
N PRO F 459 3.01 2.55 -49.89
CA PRO F 459 4.15 3.26 -49.29
C PRO F 459 5.03 2.31 -48.49
N SER F 460 6.33 2.32 -48.79
CA SER F 460 7.29 1.45 -48.12
C SER F 460 8.67 2.08 -48.23
N ILE F 461 9.49 1.90 -47.20
CA ILE F 461 10.84 2.46 -47.16
C ILE F 461 11.79 1.41 -47.74
N CYS F 462 12.19 1.62 -48.99
CA CYS F 462 13.27 0.82 -49.55
C CYS F 462 14.62 1.34 -49.05
N PHE F 463 15.62 0.47 -49.06
CA PHE F 463 16.91 0.80 -48.49
C PHE F 463 17.98 0.88 -49.57
N TYR F 464 19.03 1.63 -49.26
CA TYR F 464 20.31 1.61 -49.97
C TYR F 464 21.38 1.12 -49.00
N THR F 465 22.63 1.12 -49.44
CA THR F 465 23.75 0.76 -48.58
C THR F 465 25.01 1.45 -49.09
N PHE F 466 25.57 2.32 -48.26
CA PHE F 466 26.80 3.06 -48.54
C PHE F 466 27.80 2.75 -47.42
N LEU F 467 28.91 3.51 -47.41
CA LEU F 467 30.03 3.21 -46.53
C LEU F 467 29.70 3.62 -45.09
N ASN F 468 30.40 2.99 -44.14
CA ASN F 468 29.91 2.77 -42.78
C ASN F 468 30.35 3.81 -41.77
N ALA F 469 30.95 4.92 -42.17
CA ALA F 469 31.59 5.81 -41.21
C ALA F 469 30.56 6.69 -40.49
N TYR F 470 31.07 7.56 -39.62
CA TYR F 470 30.27 8.45 -38.78
C TYR F 470 30.79 9.87 -38.95
N GLN F 471 30.42 10.78 -38.01
CA GLN F 471 30.73 12.22 -38.00
C GLN F 471 29.99 12.98 -39.08
N GLY F 472 28.88 12.45 -39.57
CA GLY F 472 28.10 13.18 -40.57
C GLY F 472 27.38 14.38 -39.96
N LEU F 473 27.40 15.49 -40.69
CA LEU F 473 26.85 16.75 -40.20
C LEU F 473 25.67 17.23 -41.03
N THR F 474 25.81 17.32 -42.35
CA THR F 474 24.71 17.74 -43.21
C THR F 474 24.87 17.08 -44.57
N ALA F 475 23.74 16.89 -45.26
CA ALA F 475 23.77 16.28 -46.58
C ALA F 475 22.57 16.74 -47.39
N VAL F 476 22.82 17.32 -48.56
CA VAL F 476 21.80 17.88 -49.44
C VAL F 476 22.01 17.36 -50.85
N ASP F 477 20.95 16.87 -51.48
CA ASP F 477 20.93 16.52 -52.90
C ASP F 477 19.91 17.38 -53.62
N VAL F 478 20.08 17.51 -54.94
CA VAL F 478 19.17 18.35 -55.72
C VAL F 478 18.51 17.57 -56.84
N THR F 479 19.30 16.98 -57.75
CA THR F 479 18.70 16.41 -58.96
C THR F 479 18.97 14.91 -59.03
N ASP F 480 18.90 14.23 -57.87
CA ASP F 480 18.63 12.81 -57.68
C ASP F 480 19.76 11.87 -58.16
N ASP F 481 20.80 12.35 -58.83
CA ASP F 481 21.85 11.46 -59.31
C ASP F 481 23.04 11.36 -58.38
N SER F 482 23.10 12.20 -57.35
CA SER F 482 24.24 12.28 -56.45
C SER F 482 23.88 13.08 -55.21
N SER F 483 24.57 12.78 -54.10
CA SER F 483 24.34 13.43 -52.82
C SER F 483 25.65 13.97 -52.29
N LEU F 484 25.56 14.86 -51.31
CA LEU F 484 26.72 15.56 -50.76
C LEU F 484 26.80 15.31 -49.26
N ILE F 485 27.42 14.20 -48.85
CA ILE F 485 27.51 13.86 -47.45
C ILE F 485 28.67 14.67 -46.88
N ALA F 486 28.38 15.88 -46.42
CA ALA F 486 29.38 16.75 -45.83
C ALA F 486 29.73 16.24 -44.44
N GLY F 487 30.80 15.46 -44.34
CA GLY F 487 30.97 14.57 -43.20
C GLY F 487 32.05 14.87 -42.18
N GLY F 488 33.17 14.14 -42.25
CA GLY F 488 34.04 13.89 -41.10
C GLY F 488 34.88 15.03 -40.57
N PHE F 489 34.24 16.17 -40.27
CA PHE F 489 34.74 17.31 -39.51
C PHE F 489 35.77 18.16 -40.25
N ALA F 490 36.29 17.65 -41.37
CA ALA F 490 36.87 18.49 -42.43
C ALA F 490 36.79 17.63 -43.71
N ASP F 491 35.69 17.78 -44.44
CA ASP F 491 35.35 16.85 -45.52
C ASP F 491 34.13 17.40 -46.25
N SER F 492 33.99 17.00 -47.51
CA SER F 492 32.72 17.09 -48.23
C SER F 492 32.69 15.89 -49.17
N THR F 493 32.09 14.79 -48.70
CA THR F 493 32.11 13.53 -49.43
C THR F 493 30.96 13.51 -50.43
N VAL F 494 31.27 13.06 -51.64
CA VAL F 494 30.32 13.04 -52.75
C VAL F 494 30.07 11.59 -53.13
N ARG F 495 28.81 11.17 -53.07
CA ARG F 495 28.41 9.82 -53.43
C ARG F 495 27.49 9.86 -54.64
N VAL F 496 27.53 8.79 -55.42
CA VAL F 496 26.86 8.76 -56.72
C VAL F 496 25.69 7.78 -56.73
N UNK F 497 24.50 8.26 -57.10
CA UNK F 497 23.31 7.43 -57.17
C UNK F 497 22.97 7.04 -58.60
N UNK F 498 22.74 5.74 -58.82
CA UNK F 498 22.32 5.15 -60.10
C UNK F 498 23.22 5.46 -61.29
N UNK F 499 24.50 5.70 -61.03
CA UNK F 499 25.46 5.96 -62.09
C UNK F 499 26.84 5.43 -61.68
N UNK F 500 27.70 5.19 -62.66
CA UNK F 500 29.02 4.62 -62.41
C UNK F 500 30.00 5.67 -61.88
N UNK F 501 30.81 6.22 -62.77
CA UNK F 501 31.80 7.21 -62.41
C UNK F 501 32.04 8.19 -63.55
N UNK F 502 32.62 9.34 -63.22
CA UNK F 502 32.92 10.36 -64.23
C UNK F 502 34.13 11.19 -63.83
N UNK F 503 35.05 11.38 -64.77
CA UNK F 503 36.25 12.17 -64.54
C UNK F 503 36.57 13.01 -65.76
N UNK F 504 36.06 14.23 -65.80
CA UNK F 504 36.21 15.09 -66.97
C UNK F 504 37.41 16.01 -66.87
N UNK F 505 38.33 15.71 -65.96
CA UNK F 505 39.54 16.51 -65.79
C UNK F 505 40.73 15.84 -66.45
N UNK F 506 40.53 14.65 -67.00
CA UNK F 506 41.60 13.94 -67.70
C UNK F 506 41.88 14.61 -69.04
N UNK F 507 40.85 15.24 -69.60
CA UNK F 507 41.01 16.05 -70.80
C UNK F 507 41.63 17.39 -70.41
N UNK F 508 41.38 17.80 -69.17
CA UNK F 508 41.93 19.04 -68.65
C UNK F 508 43.27 18.81 -67.96
N UNK F 509 43.68 17.55 -67.86
CA UNK F 509 44.95 17.19 -67.24
C UNK F 509 46.12 17.59 -68.13
N UNK F 510 45.90 17.54 -69.44
CA UNK F 510 46.91 17.95 -70.39
C UNK F 510 46.31 18.94 -71.39
N UNK F 511 47.14 19.85 -71.89
CA UNK F 511 46.69 20.84 -72.87
C UNK F 511 46.41 20.20 -74.22
N UNK F 512 47.15 19.13 -74.51
CA UNK F 512 46.94 18.36 -75.74
C UNK F 512 45.69 17.51 -75.63
N UNK F 513 45.35 17.13 -74.40
CA UNK F 513 44.15 16.35 -74.13
C UNK F 513 42.92 17.24 -74.26
N UNK F 514 43.08 18.53 -73.98
CA UNK F 514 42.02 19.51 -74.18
C UNK F 514 41.91 19.86 -75.65
N UNK F 515 43.03 19.75 -76.36
CA UNK F 515 43.06 19.98 -77.80
C UNK F 515 42.45 18.78 -78.53
N UNK F 516 42.55 17.61 -77.91
CA UNK F 516 41.93 16.40 -78.45
C UNK F 516 40.43 16.45 -78.21
N UNK F 517 40.03 17.12 -77.13
CA UNK F 517 38.62 17.31 -76.82
C UNK F 517 38.04 18.46 -77.63
N UNK F 518 38.93 19.31 -78.14
CA UNK F 518 38.52 20.42 -79.01
C UNK F 518 38.48 19.96 -80.46
N UNK F 519 39.04 18.78 -80.72
CA UNK F 519 38.98 18.18 -82.04
C UNK F 519 37.60 17.58 -82.27
N UNK F 520 36.97 17.17 -81.18
CA UNK F 520 35.59 16.67 -81.22
C UNK F 520 34.67 17.67 -80.54
N UNK F 521 34.87 18.95 -80.86
CA UNK F 521 34.06 20.02 -80.28
C UNK F 521 32.93 20.42 -81.23
N UNK F 522 32.65 19.56 -82.20
CA UNK F 522 31.56 19.81 -83.15
C UNK F 522 30.22 19.57 -82.46
N UNK F 523 30.01 18.33 -82.03
CA UNK F 523 28.78 17.94 -81.34
C UNK F 523 29.02 16.71 -80.47
N UNK F 524 29.86 16.86 -79.46
CA UNK F 524 30.20 15.74 -78.58
C UNK F 524 30.51 16.20 -77.17
N UNK F 525 29.51 16.12 -76.29
CA UNK F 525 29.69 16.48 -74.89
C UNK F 525 30.12 15.27 -74.08
N UNK F 526 30.03 14.09 -74.67
CA UNK F 526 30.42 12.85 -74.01
C UNK F 526 31.90 12.56 -74.24
N UNK F 527 32.50 13.30 -75.17
CA UNK F 527 33.92 13.13 -75.47
C UNK F 527 34.77 14.13 -74.70
N UNK F 528 34.11 14.92 -73.85
CA UNK F 528 34.81 15.89 -73.01
C UNK F 528 35.11 15.29 -71.65
N UNK F 529 34.68 14.04 -71.45
CA UNK F 529 34.89 13.35 -70.18
C UNK F 529 36.23 12.64 -70.15
N UNK F 530 36.31 11.50 -70.84
CA UNK F 530 37.42 10.54 -70.77
C UNK F 530 37.70 10.15 -69.32
N UNK F 531 36.73 9.50 -68.71
CA UNK F 531 36.75 9.16 -67.28
C UNK F 531 37.84 8.14 -66.96
N UNK F 532 38.76 8.53 -66.07
CA UNK F 532 39.87 7.68 -65.68
C UNK F 532 39.99 7.58 -64.17
N UNK F 533 38.91 7.92 -63.47
CA UNK F 533 38.87 7.81 -62.02
C UNK F 533 37.67 6.99 -61.58
N UNK F 534 37.38 7.00 -60.29
CA UNK F 534 36.25 6.24 -59.75
C UNK F 534 35.20 7.17 -59.15
N UNK F 535 34.42 6.63 -58.22
CA UNK F 535 33.39 7.41 -57.52
C UNK F 535 33.65 7.40 -56.03
N UNK F 536 32.66 7.88 -55.27
CA UNK F 536 32.70 7.99 -53.80
C UNK F 536 33.93 8.76 -53.30
N LYS F 537 34.18 9.91 -53.93
CA LYS F 537 35.37 10.70 -53.63
C LYS F 537 35.17 11.60 -52.42
N ILE F 538 36.27 11.95 -51.76
CA ILE F 538 36.27 12.86 -50.63
C ILE F 538 36.92 14.17 -51.04
N LEU F 539 36.29 15.29 -50.68
CA LEU F 539 36.73 16.62 -51.08
C LEU F 539 36.84 17.49 -49.84
N TYR F 540 38.02 18.06 -49.62
CA TYR F 540 38.27 18.80 -48.38
C TYR F 540 39.45 19.75 -48.56
N GLY F 541 39.26 20.99 -48.12
CA GLY F 541 40.33 21.95 -47.95
C GLY F 541 40.13 22.70 -46.64
N HIS F 542 38.98 22.46 -46.03
CA HIS F 542 38.58 23.15 -44.81
C HIS F 542 39.33 22.57 -43.60
N SER F 543 39.37 23.35 -42.53
CA SER F 543 39.92 22.90 -41.25
C SER F 543 38.89 23.01 -40.14
N GLY F 544 37.61 23.06 -40.50
CA GLY F 544 36.53 23.14 -39.55
C GLY F 544 35.36 22.26 -39.94
N PRO F 545 34.48 21.96 -39.00
CA PRO F 545 33.31 21.12 -39.30
C PRO F 545 32.28 21.81 -40.18
N VAL F 546 32.11 21.27 -41.40
CA VAL F 546 31.22 21.84 -42.39
C VAL F 546 29.76 21.77 -41.94
N TYR F 547 29.02 22.85 -42.17
CA TYR F 547 27.67 23.02 -41.68
C TYR F 547 26.62 23.18 -42.78
N GLY F 548 27.02 23.23 -44.05
CA GLY F 548 26.06 23.39 -45.14
C GLY F 548 26.60 23.02 -46.50
N ALA F 549 25.70 22.54 -47.38
CA ALA F 549 26.07 22.18 -48.74
C ALA F 549 24.82 22.20 -49.61
N SER F 550 25.04 22.29 -50.92
CA SER F 550 24.00 22.18 -51.95
C SER F 550 24.67 22.06 -53.31
N PHE F 551 23.92 21.51 -54.27
CA PHE F 551 24.34 21.56 -55.67
C PHE F 551 23.90 22.87 -56.31
N SER F 552 24.62 23.27 -57.35
CA SER F 552 24.06 24.19 -58.31
C SER F 552 22.95 23.49 -59.08
N PRO F 553 21.90 24.21 -59.49
CA PRO F 553 20.80 23.55 -60.21
C PRO F 553 21.14 23.12 -61.63
N ASP F 554 22.30 23.52 -62.17
CA ASP F 554 22.72 23.09 -63.50
C ASP F 554 23.86 22.07 -63.41
N ARG F 555 24.10 21.51 -62.21
CA ARG F 555 25.10 20.47 -61.93
C ARG F 555 26.51 20.93 -62.29
N ASN F 556 26.87 22.13 -61.85
CA ASN F 556 28.16 22.69 -62.21
C ASN F 556 28.97 23.16 -61.01
N TYR F 557 28.29 23.64 -59.96
CA TYR F 557 28.96 24.34 -58.86
C TYR F 557 28.57 23.68 -57.54
N LEU F 558 29.48 22.87 -56.99
CA LEU F 558 29.42 22.46 -55.60
C LEU F 558 29.62 23.65 -54.66
N LEU F 559 29.09 23.52 -53.44
CA LEU F 559 29.25 24.53 -52.41
C LEU F 559 29.42 23.84 -51.07
N SER F 560 30.42 24.26 -50.30
CA SER F 560 30.64 23.79 -48.93
C SER F 560 30.63 24.98 -47.98
N SER F 561 30.31 24.72 -46.70
CA SER F 561 30.13 25.78 -45.70
C SER F 561 30.69 25.32 -44.36
N SER F 562 31.94 25.68 -44.08
CA SER F 562 32.61 25.25 -42.85
C SER F 562 32.44 26.29 -41.74
N GLU F 563 33.04 26.01 -40.58
CA GLU F 563 33.02 26.91 -39.44
C GLU F 563 34.10 27.98 -39.56
N ASP F 564 35.15 27.70 -40.32
CA ASP F 564 36.38 28.49 -40.43
C ASP F 564 36.20 29.94 -40.88
N GLY F 565 35.03 30.29 -41.41
CA GLY F 565 34.81 31.55 -42.06
C GLY F 565 34.90 31.46 -43.57
N THR F 566 35.59 30.44 -44.08
CA THR F 566 35.71 30.22 -45.50
C THR F 566 34.38 29.73 -46.09
N VAL F 567 34.29 29.84 -47.40
CA VAL F 567 33.19 29.29 -48.19
C VAL F 567 33.77 29.01 -49.58
N ARG F 568 33.41 27.86 -50.16
CA ARG F 568 34.12 27.36 -51.34
C ARG F 568 33.13 26.90 -52.38
N LEU F 569 33.32 27.37 -53.62
CA LEU F 569 32.71 26.74 -54.78
C LEU F 569 33.67 25.70 -55.31
N TRP F 570 33.30 24.42 -55.24
CA TRP F 570 34.12 23.32 -55.71
C TRP F 570 33.74 22.95 -57.14
N SER F 571 34.64 22.25 -57.81
CA SER F 571 34.44 21.89 -59.20
C SER F 571 33.47 20.71 -59.33
N LEU F 572 32.93 20.55 -60.54
CA LEU F 572 32.17 19.36 -60.93
C LEU F 572 32.88 18.51 -61.97
N GLN F 573 34.04 18.94 -62.44
CA GLN F 573 34.85 18.13 -63.36
C GLN F 573 36.25 17.86 -62.82
N THR F 574 36.89 18.84 -62.17
CA THR F 574 38.19 18.63 -61.57
C THR F 574 38.06 18.12 -60.13
N PHE F 575 36.89 18.38 -59.52
CA PHE F 575 36.61 18.16 -58.10
C PHE F 575 37.67 18.81 -57.21
N THR F 576 37.97 20.07 -57.50
CA THR F 576 38.84 20.89 -56.68
C THR F 576 38.17 22.25 -56.44
N CYS F 577 38.77 23.02 -55.53
CA CYS F 577 38.27 24.32 -55.15
C CYS F 577 38.48 25.32 -56.28
N LEU F 578 37.39 25.70 -56.96
CA LEU F 578 37.44 26.78 -57.94
C LEU F 578 37.77 28.10 -57.27
N VAL F 579 36.89 28.57 -56.39
CA VAL F 579 37.15 29.77 -55.60
C VAL F 579 36.93 29.44 -54.13
N GLY F 580 37.75 30.07 -53.29
CA GLY F 580 37.63 29.97 -51.86
C GLY F 580 38.00 31.29 -51.23
N TYR F 581 37.11 31.84 -50.42
CA TYR F 581 37.27 33.21 -49.96
C TYR F 581 36.58 33.36 -48.60
N LYS F 582 36.46 34.59 -48.14
CA LYS F 582 36.10 34.87 -46.75
C LYS F 582 35.11 36.03 -46.74
N GLY F 583 34.94 36.62 -45.55
CA GLY F 583 33.88 37.57 -45.29
C GLY F 583 33.40 37.39 -43.87
N HIS F 584 33.91 36.34 -43.22
CA HIS F 584 33.64 36.09 -41.81
C HIS F 584 34.91 35.56 -41.15
N ASN F 585 35.05 35.90 -39.87
CA ASN F 585 35.94 35.20 -38.94
C ASN F 585 35.12 34.36 -37.97
N TYR F 586 34.01 33.83 -38.45
CA TYR F 586 32.90 33.35 -37.64
C TYR F 586 32.31 32.11 -38.28
N PRO F 587 31.59 31.28 -37.51
CA PRO F 587 30.94 30.10 -38.09
C PRO F 587 29.83 30.46 -39.08
N VAL F 588 29.92 29.88 -40.28
CA VAL F 588 28.94 30.10 -41.34
C VAL F 588 28.08 28.85 -41.48
N TRP F 589 26.87 28.88 -40.91
CA TRP F 589 26.05 27.67 -40.85
C TRP F 589 25.42 27.33 -42.19
N ASP F 590 24.52 28.17 -42.69
CA ASP F 590 23.68 27.79 -43.82
C ASP F 590 24.01 28.62 -45.06
N THR F 591 24.01 27.95 -46.21
CA THR F 591 24.13 28.55 -47.52
C THR F 591 23.17 27.82 -48.46
N GLN F 592 22.76 28.50 -49.53
CA GLN F 592 21.77 27.96 -50.45
C GLN F 592 21.86 28.67 -51.79
N PHE F 593 22.03 27.91 -52.87
CA PHE F 593 21.98 28.46 -54.22
C PHE F 593 20.59 28.98 -54.58
N SER F 594 20.56 29.82 -55.60
CA SER F 594 19.32 30.18 -56.27
C SER F 594 18.77 28.97 -57.04
N PRO F 595 17.48 28.96 -57.36
CA PRO F 595 16.97 27.93 -58.29
C PRO F 595 17.51 28.07 -59.71
N TYR F 596 18.08 29.22 -60.08
CA TYR F 596 18.75 29.40 -61.35
C TYR F 596 20.26 29.26 -61.24
N GLY F 597 20.85 29.81 -60.18
CA GLY F 597 22.21 29.49 -59.79
C GLY F 597 23.26 30.58 -59.93
N TYR F 598 22.88 31.80 -60.31
CA TYR F 598 23.88 32.85 -60.42
C TYR F 598 24.24 33.45 -59.06
N TYR F 599 23.28 33.53 -58.14
CA TYR F 599 23.50 34.06 -56.80
C TYR F 599 23.35 32.97 -55.76
N PHE F 600 23.86 33.23 -54.56
CA PHE F 600 23.55 32.41 -53.39
C PHE F 600 23.67 33.28 -52.14
N VAL F 601 23.27 32.69 -51.01
CA VAL F 601 23.23 33.40 -49.73
C VAL F 601 24.22 32.75 -48.77
N SER F 602 24.57 33.50 -47.72
CA SER F 602 25.44 33.01 -46.67
C SER F 602 25.09 33.71 -45.36
N GLY F 603 24.61 32.95 -44.39
CA GLY F 603 24.32 33.46 -43.05
C GLY F 603 25.26 32.82 -42.05
N GLY F 604 25.65 33.59 -41.03
CA GLY F 604 26.68 33.13 -40.10
C GLY F 604 26.37 33.46 -38.65
N HIS F 605 27.44 33.83 -37.93
CA HIS F 605 27.44 34.04 -36.48
C HIS F 605 27.26 35.50 -36.12
N ASP F 606 27.64 36.41 -37.01
CA ASP F 606 27.63 37.84 -36.74
C ASP F 606 26.33 38.52 -37.16
N ARG F 607 25.20 37.80 -37.03
CA ARG F 607 23.81 38.28 -37.22
C ARG F 607 23.58 39.02 -38.55
N VAL F 608 24.31 38.62 -39.59
CA VAL F 608 24.07 39.16 -40.92
C VAL F 608 23.69 38.03 -41.87
N ALA F 609 23.32 38.38 -43.10
CA ALA F 609 23.10 37.44 -44.18
C ALA F 609 23.61 38.12 -45.44
N ARG F 610 24.35 37.38 -46.27
CA ARG F 610 25.15 38.00 -47.32
C ARG F 610 24.87 37.32 -48.66
N LEU F 611 24.55 38.13 -49.67
CA LEU F 611 24.49 37.63 -51.03
C LEU F 611 25.90 37.51 -51.60
N TRP F 612 26.04 36.63 -52.59
CA TRP F 612 27.30 36.45 -53.28
C TRP F 612 27.00 36.11 -54.74
N ALA F 613 27.80 36.66 -55.64
CA ALA F 613 27.74 36.28 -57.04
C ALA F 613 28.71 35.14 -57.29
N THR F 614 28.84 34.73 -58.56
CA THR F 614 29.81 33.68 -58.89
C THR F 614 31.23 34.21 -58.87
N ASP F 615 31.43 35.41 -59.42
CA ASP F 615 32.77 35.95 -59.68
C ASP F 615 33.14 37.14 -58.80
N HIS F 616 32.18 37.77 -58.13
CA HIS F 616 32.39 39.13 -57.62
C HIS F 616 33.23 39.18 -56.35
N TYR F 617 33.26 38.09 -55.57
CA TYR F 617 34.07 37.90 -54.33
C TYR F 617 33.96 39.05 -53.32
N GLN F 618 32.85 39.79 -53.35
CA GLN F 618 32.65 40.94 -52.48
C GLN F 618 31.17 40.86 -52.15
N PRO F 619 30.76 41.16 -50.90
CA PRO F 619 29.33 41.09 -50.56
C PRO F 619 28.49 42.13 -51.29
N LEU F 620 27.66 41.66 -52.23
CA LEU F 620 26.79 42.55 -52.98
C LEU F 620 25.65 43.10 -52.14
N ARG F 621 25.30 42.41 -51.04
CA ARG F 621 24.20 42.85 -50.19
C ARG F 621 24.37 42.20 -48.82
N ILE F 622 23.98 42.93 -47.78
CA ILE F 622 24.02 42.44 -46.42
C ILE F 622 22.62 42.59 -45.83
N PHE F 623 22.27 41.68 -44.93
CA PHE F 623 20.93 41.63 -44.36
C PHE F 623 21.00 41.63 -42.85
N ALA F 624 21.72 42.61 -42.29
CA ALA F 624 21.93 42.73 -40.84
C ALA F 624 20.63 43.21 -40.19
N GLY F 625 19.75 42.26 -39.93
CA GLY F 625 18.51 42.57 -39.25
C GLY F 625 18.32 41.79 -37.96
N HIS F 626 18.92 40.60 -37.88
CA HIS F 626 18.81 39.78 -36.68
C HIS F 626 19.82 40.24 -35.62
N LEU F 627 19.89 39.49 -34.53
CA LEU F 627 20.71 39.86 -33.39
C LEU F 627 21.36 38.65 -32.72
N ALA F 628 21.44 37.53 -33.42
CA ALA F 628 21.99 36.28 -32.89
C ALA F 628 22.49 35.43 -34.06
N ASP F 629 22.77 34.16 -33.80
CA ASP F 629 23.31 33.27 -34.81
C ASP F 629 22.27 32.93 -35.86
N VAL F 630 22.57 33.23 -37.12
CA VAL F 630 21.66 32.89 -38.22
C VAL F 630 21.66 31.38 -38.43
N ASN F 631 20.47 30.79 -38.38
CA ASN F 631 20.34 29.34 -38.51
C ASN F 631 20.08 28.91 -39.95
N CYS F 632 19.00 29.41 -40.55
CA CYS F 632 18.61 28.99 -41.90
C CYS F 632 18.38 30.20 -42.80
N THR F 633 18.66 30.00 -44.10
CA THR F 633 18.43 31.02 -45.12
C THR F 633 18.30 30.34 -46.48
N ARG F 634 17.17 30.57 -47.16
CA ARG F 634 16.88 29.93 -48.44
C ARG F 634 16.17 30.92 -49.37
N PHE F 635 16.34 30.70 -50.68
CA PHE F 635 15.72 31.52 -51.71
C PHE F 635 14.24 31.21 -51.89
N HIS F 636 13.59 32.09 -52.67
CA HIS F 636 12.27 31.88 -53.25
C HIS F 636 12.47 31.13 -54.57
N PRO F 637 11.38 30.54 -55.16
CA PRO F 637 11.45 30.09 -56.56
C PRO F 637 12.04 31.07 -57.56
N ASN F 638 11.71 32.36 -57.48
CA ASN F 638 12.49 33.35 -58.19
C ASN F 638 13.66 33.80 -57.33
N SER F 639 14.72 34.27 -57.99
CA SER F 639 15.98 34.57 -57.32
C SER F 639 15.99 35.90 -56.58
N ASN F 640 14.85 36.55 -56.39
CA ASN F 640 14.84 37.87 -55.75
C ASN F 640 14.75 37.79 -54.23
N TYR F 641 13.81 37.01 -53.70
CA TYR F 641 13.47 37.07 -52.28
C TYR F 641 14.05 35.87 -51.53
N VAL F 642 14.51 36.13 -50.30
CA VAL F 642 15.01 35.10 -49.41
C VAL F 642 14.31 35.24 -48.07
N ALA F 643 14.39 34.17 -47.28
CA ALA F 643 13.99 34.18 -45.88
C ALA F 643 15.22 33.96 -45.02
N THR F 644 15.15 34.37 -43.76
CA THR F 644 16.26 34.18 -42.83
C THR F 644 15.71 33.82 -41.46
N GLY F 645 16.11 32.66 -40.96
CA GLY F 645 15.80 32.26 -39.60
C GLY F 645 17.07 32.21 -38.79
N SER F 646 16.95 32.58 -37.51
CA SER F 646 18.11 32.79 -36.68
C SER F 646 17.81 32.28 -35.27
N ALA F 647 18.75 32.54 -34.35
CA ALA F 647 18.63 32.05 -32.98
C ALA F 647 17.70 32.92 -32.14
N ASP F 648 17.35 34.11 -32.63
CA ASP F 648 16.43 35.00 -31.93
C ASP F 648 14.98 34.73 -32.28
N ARG F 649 14.70 33.49 -32.75
CA ARG F 649 13.40 32.85 -32.87
C ARG F 649 12.54 33.38 -34.00
N THR F 650 12.96 34.46 -34.65
CA THR F 650 12.10 35.19 -35.59
C THR F 650 12.55 34.97 -37.03
N VAL F 651 11.59 35.14 -37.95
CA VAL F 651 11.82 35.04 -39.39
C VAL F 651 11.75 36.44 -39.98
N ARG F 652 12.71 36.76 -40.85
CA ARG F 652 12.77 38.05 -41.53
C ARG F 652 12.97 37.83 -43.02
N LEU F 653 12.07 38.39 -43.83
CA LEU F 653 12.17 38.34 -45.28
C LEU F 653 13.01 39.50 -45.79
N TRP F 654 13.58 39.33 -46.99
CA TRP F 654 14.54 40.29 -47.49
C TRP F 654 14.34 40.48 -48.99
N ASP F 655 14.69 41.68 -49.46
CA ASP F 655 14.55 42.08 -50.85
C ASP F 655 15.90 41.87 -51.55
N VAL F 656 15.98 42.24 -52.83
CA VAL F 656 17.23 42.13 -53.60
C VAL F 656 17.69 43.46 -54.17
N LEU F 657 16.84 44.48 -54.27
CA LEU F 657 17.19 45.77 -54.86
C LEU F 657 17.65 46.79 -53.84
N ASN F 658 17.02 46.83 -52.66
CA ASN F 658 17.40 47.74 -51.58
C ASN F 658 17.92 47.05 -50.33
N GLY F 659 17.49 45.81 -50.07
CA GLY F 659 18.04 45.02 -48.99
C GLY F 659 17.38 45.22 -47.63
N ASN F 660 16.34 46.04 -47.54
CA ASN F 660 15.67 46.23 -46.26
C ASN F 660 14.76 45.04 -45.95
N CYS F 661 14.42 44.92 -44.66
CA CYS F 661 13.53 43.86 -44.20
C CYS F 661 12.11 44.18 -44.62
N VAL F 662 11.57 43.43 -45.59
CA VAL F 662 10.24 43.72 -46.09
C VAL F 662 9.17 43.19 -45.14
N ARG F 663 9.37 42.03 -44.54
CA ARG F 663 8.37 41.43 -43.65
C ARG F 663 9.05 40.77 -42.47
N ILE F 664 8.32 40.72 -41.35
CA ILE F 664 8.77 40.06 -40.13
C ILE F 664 7.68 39.07 -39.72
N PHE F 665 8.07 37.82 -39.49
CA PHE F 665 7.17 36.80 -38.98
C PHE F 665 7.50 36.56 -37.52
N THR F 666 6.46 36.33 -36.71
CA THR F 666 6.57 36.40 -35.26
C THR F 666 7.41 35.25 -34.72
N GLY F 667 8.30 35.57 -33.77
CA GLY F 667 9.18 34.62 -33.11
C GLY F 667 8.49 33.45 -32.43
N HIS F 668 8.71 32.25 -32.95
CA HIS F 668 7.96 31.08 -32.51
C HIS F 668 8.76 30.25 -31.51
N LYS F 669 8.89 30.85 -30.31
CA LYS F 669 8.95 30.15 -29.02
C LYS F 669 10.08 29.12 -28.94
N GLY F 670 11.21 29.43 -29.57
CA GLY F 670 12.34 28.52 -29.62
C GLY F 670 13.17 28.78 -30.87
N PRO F 671 14.46 28.42 -30.81
CA PRO F 671 15.35 28.71 -31.95
C PRO F 671 15.02 27.85 -33.18
N ILE F 672 15.05 28.50 -34.34
CA ILE F 672 14.58 27.90 -35.58
C ILE F 672 15.61 26.90 -36.09
N HIS F 673 15.14 25.75 -36.57
CA HIS F 673 16.00 24.75 -37.16
C HIS F 673 15.67 24.43 -38.62
N SER F 674 14.55 24.91 -39.15
CA SER F 674 14.15 24.58 -40.51
C SER F 674 13.21 25.65 -41.07
N LEU F 675 13.24 25.79 -42.38
CA LEU F 675 12.32 26.67 -43.12
C LEU F 675 12.31 26.21 -44.57
N THR F 676 11.13 26.21 -45.18
CA THR F 676 10.97 25.88 -46.59
C THR F 676 9.96 26.83 -47.23
N PHE F 677 9.99 26.88 -48.56
CA PHE F 677 8.99 27.56 -49.37
C PHE F 677 8.22 26.53 -50.19
N SER F 678 7.31 27.01 -51.01
CA SER F 678 6.42 26.20 -51.84
C SER F 678 6.87 26.22 -53.29
N PRO F 679 6.54 25.17 -54.07
CA PRO F 679 6.95 25.17 -55.49
C PRO F 679 6.27 26.24 -56.33
N ASN F 680 5.02 26.59 -56.03
CA ASN F 680 4.40 27.74 -56.68
C ASN F 680 4.85 29.07 -56.08
N GLY F 681 5.58 29.04 -54.96
CA GLY F 681 6.15 30.23 -54.36
C GLY F 681 5.15 31.08 -53.61
N ARG F 682 4.33 30.46 -52.76
CA ARG F 682 3.28 31.19 -52.07
C ARG F 682 3.28 30.90 -50.57
N PHE F 683 3.68 29.68 -50.18
CA PHE F 683 3.45 29.19 -48.84
C PHE F 683 4.76 28.84 -48.16
N LEU F 684 4.68 28.64 -46.83
CA LEU F 684 5.86 28.42 -46.00
C LEU F 684 5.60 27.33 -44.96
N ALA F 685 6.64 26.55 -44.65
CA ALA F 685 6.67 25.68 -43.49
C ALA F 685 7.88 26.03 -42.64
N THR F 686 7.65 26.33 -41.36
CA THR F 686 8.71 26.75 -40.44
C THR F 686 8.69 25.87 -39.20
N GLY F 687 9.71 25.02 -39.06
CA GLY F 687 9.84 24.13 -37.91
C GLY F 687 10.75 24.74 -36.86
N ALA F 688 10.40 24.51 -35.59
CA ALA F 688 11.09 25.13 -34.46
C ALA F 688 11.43 24.10 -33.41
N THR F 689 12.08 24.58 -32.34
CA THR F 689 12.52 23.76 -31.22
C THR F 689 11.35 23.31 -30.33
N ASP F 690 10.12 23.78 -30.60
CA ASP F 690 8.97 23.16 -29.97
C ASP F 690 8.56 21.84 -30.60
N GLY F 691 9.22 21.43 -31.68
CA GLY F 691 8.69 20.35 -32.48
C GLY F 691 7.42 20.72 -33.22
N ARG F 692 7.29 22.00 -33.59
CA ARG F 692 6.04 22.54 -34.09
C ARG F 692 6.28 23.31 -35.38
N VAL F 693 5.49 22.99 -36.41
CA VAL F 693 5.62 23.61 -37.73
C VAL F 693 4.48 24.58 -37.93
N LEU F 694 4.79 25.79 -38.40
CA LEU F 694 3.80 26.83 -38.65
C LEU F 694 3.64 27.04 -40.15
N LEU F 695 2.41 26.89 -40.63
CA LEU F 695 2.09 27.25 -42.00
C LEU F 695 1.91 28.76 -42.12
N TRP F 696 2.79 29.41 -42.89
CA TRP F 696 2.75 30.85 -43.07
C TRP F 696 2.30 31.21 -44.48
N ASP F 697 1.85 32.45 -44.63
CA ASP F 697 1.61 33.05 -45.94
C ASP F 697 2.51 34.27 -46.08
N ILE F 698 2.87 34.59 -47.32
CA ILE F 698 3.77 35.71 -47.57
C ILE F 698 2.99 37.01 -47.72
N GLY F 699 1.98 37.03 -48.60
CA GLY F 699 1.27 38.25 -48.89
C GLY F 699 0.40 38.78 -47.76
N HIS F 700 -0.09 37.89 -46.89
CA HIS F 700 -0.90 38.31 -45.76
C HIS F 700 -0.13 38.30 -44.44
N GLY F 701 0.91 37.48 -44.32
CA GLY F 701 1.67 37.38 -43.09
C GLY F 701 0.89 36.79 -41.93
N LEU F 702 0.31 35.61 -42.13
CA LEU F 702 -0.58 34.98 -41.17
C LEU F 702 -0.05 33.63 -40.76
N MET F 703 -0.04 33.37 -39.46
CA MET F 703 0.25 32.04 -38.92
C MET F 703 -0.96 31.12 -39.09
N VAL F 704 -1.04 30.47 -40.25
CA VAL F 704 -2.28 29.80 -40.66
C VAL F 704 -2.44 28.47 -39.92
N GLY F 705 -1.54 27.53 -40.16
CA GLY F 705 -1.71 26.17 -39.67
C GLY F 705 -0.67 25.79 -38.64
N GLU F 706 -1.09 24.94 -37.70
CA GLU F 706 -0.21 24.44 -36.64
C GLU F 706 -0.18 22.92 -36.69
N LEU F 707 1.02 22.36 -36.55
CA LEU F 707 1.25 20.92 -36.54
C LEU F 707 2.28 20.63 -35.45
N LYS F 708 2.09 19.55 -34.70
CA LYS F 708 2.99 19.26 -33.60
C LYS F 708 3.08 17.75 -33.36
N GLY F 709 4.06 17.37 -32.55
CA GLY F 709 4.32 15.98 -32.23
C GLY F 709 5.70 15.48 -32.63
N HIS F 710 6.54 16.30 -33.26
CA HIS F 710 7.87 15.88 -33.70
C HIS F 710 8.89 15.79 -32.57
N THR F 711 8.52 16.21 -31.35
CA THR F 711 9.33 16.15 -30.13
C THR F 711 10.63 16.95 -30.29
N ASP F 712 10.44 18.27 -30.36
CA ASP F 712 11.34 19.33 -29.95
C ASP F 712 12.52 19.66 -30.88
N THR F 713 12.72 18.97 -32.01
CA THR F 713 13.77 19.36 -32.96
C THR F 713 13.33 18.98 -34.38
N VAL F 714 12.77 19.95 -35.10
CA VAL F 714 12.36 19.74 -36.48
C VAL F 714 13.57 20.02 -37.37
N CYS F 715 14.17 18.97 -37.93
CA CYS F 715 15.40 19.10 -38.71
C CYS F 715 15.18 19.18 -40.21
N SER F 716 14.21 18.44 -40.75
CA SER F 716 14.06 18.32 -42.21
C SER F 716 12.60 18.52 -42.60
N LEU F 717 12.32 19.66 -43.22
CA LEU F 717 11.02 19.93 -43.84
C LEU F 717 11.16 19.98 -45.35
N ARG F 718 10.06 19.69 -46.04
CA ARG F 718 10.00 19.81 -47.50
C ARG F 718 8.55 19.90 -47.95
N PHE F 719 8.18 21.01 -48.57
CA PHE F 719 7.02 21.03 -49.45
C PHE F 719 7.33 20.20 -50.70
N SER F 720 6.57 19.12 -50.90
CA SER F 720 6.78 18.20 -52.01
C SER F 720 6.17 18.72 -53.31
N ARG F 721 6.00 17.81 -54.28
CA ARG F 721 5.29 18.04 -55.53
C ARG F 721 3.97 18.80 -55.32
N ASP F 722 3.66 19.69 -56.27
CA ASP F 722 2.94 20.96 -56.13
C ASP F 722 1.80 21.04 -55.12
N GLY F 723 1.04 19.96 -54.96
CA GLY F 723 0.00 19.94 -53.95
C GLY F 723 0.55 19.97 -52.53
N GLU F 724 -0.31 20.31 -51.58
CA GLU F 724 0.10 20.48 -50.18
C GLU F 724 0.26 19.11 -49.52
N ILE F 725 1.40 18.48 -49.79
CA ILE F 725 1.76 17.20 -49.19
C ILE F 725 3.12 17.41 -48.54
N LEU F 726 3.13 17.64 -47.24
CA LEU F 726 4.38 17.79 -46.50
C LEU F 726 5.09 16.46 -46.33
N ALA F 727 6.41 16.49 -46.49
CA ALA F 727 7.30 15.51 -45.91
C ALA F 727 8.08 16.18 -44.78
N SER F 728 8.22 15.49 -43.66
CA SER F 728 8.79 16.11 -42.49
C SER F 728 9.57 15.08 -41.68
N GLY F 729 10.55 15.56 -40.93
CA GLY F 729 11.41 14.68 -40.17
C GLY F 729 12.00 15.40 -38.98
N SER F 730 12.38 14.63 -37.96
CA SER F 730 12.83 15.17 -36.70
C SER F 730 13.97 14.34 -36.14
N MET F 731 14.65 14.92 -35.14
CA MET F 731 15.74 14.31 -34.38
C MET F 731 15.43 12.91 -33.84
N ASP F 732 14.19 12.67 -33.42
CA ASP F 732 13.82 11.43 -32.74
C ASP F 732 13.42 10.31 -33.71
N ASN F 733 13.94 10.35 -34.95
CA ASN F 733 13.84 9.26 -35.94
C ASN F 733 12.40 9.04 -36.38
N THR F 734 11.67 10.12 -36.60
CA THR F 734 10.27 10.06 -37.01
C THR F 734 10.09 10.73 -38.36
N VAL F 735 9.24 10.13 -39.20
CA VAL F 735 8.87 10.70 -40.49
C VAL F 735 7.36 10.91 -40.45
N ARG F 736 6.93 12.16 -40.53
CA ARG F 736 5.50 12.46 -40.61
C ARG F 736 5.19 13.11 -41.94
N LEU F 737 4.28 12.48 -42.69
CA LEU F 737 3.65 13.15 -43.81
C LEU F 737 2.49 14.00 -43.30
N TRP F 738 2.01 14.91 -44.13
CA TRP F 738 0.86 15.75 -43.78
C TRP F 738 0.01 15.95 -45.02
N ASP F 739 -1.11 15.22 -45.09
CA ASP F 739 -2.11 15.43 -46.14
C ASP F 739 -3.14 16.41 -45.59
N ALA F 740 -2.90 17.70 -45.78
CA ALA F 740 -3.74 18.73 -45.19
C ALA F 740 -3.83 19.89 -46.19
N ILE F 741 -4.94 19.93 -46.93
CA ILE F 741 -5.16 20.98 -47.93
C ILE F 741 -5.77 22.17 -47.19
N LYS F 742 -4.94 23.15 -46.87
CA LYS F 742 -5.37 24.35 -46.15
C LYS F 742 -5.16 25.56 -47.05
N ALA F 743 -6.26 26.24 -47.38
CA ALA F 743 -6.21 27.42 -48.24
C ALA F 743 -7.44 28.27 -47.96
N PHE F 744 -7.22 29.54 -47.62
CA PHE F 744 -8.30 30.47 -47.32
C PHE F 744 -7.78 31.88 -47.48
N GLU F 745 -8.65 32.85 -47.24
CA GLU F 745 -8.28 34.26 -47.32
C GLU F 745 -9.25 35.05 -46.43
N ASP F 746 -8.77 35.53 -45.29
CA ASP F 746 -9.60 36.25 -44.34
C ASP F 746 -8.68 37.12 -43.48
N LEU F 747 -9.22 37.65 -42.38
CA LEU F 747 -8.43 38.46 -41.46
C LEU F 747 -7.78 37.63 -40.37
N GLU F 748 -8.46 36.60 -39.88
CA GLU F 748 -7.91 35.69 -38.88
C GLU F 748 -8.34 34.27 -39.20
N THR F 749 -7.63 33.31 -38.65
CA THR F 749 -7.86 31.91 -38.98
C THR F 749 -7.37 31.02 -37.84
N ASP F 750 -7.86 29.77 -37.86
CA ASP F 750 -7.44 28.74 -36.93
C ASP F 750 -7.62 27.40 -37.61
N ASP F 751 -6.98 26.37 -37.05
CA ASP F 751 -6.97 25.06 -37.69
C ASP F 751 -7.00 24.00 -36.60
N PHE F 752 -6.71 22.74 -36.98
CA PHE F 752 -6.77 21.63 -36.05
C PHE F 752 -5.77 20.56 -36.47
N THR F 753 -5.60 19.57 -35.59
CA THR F 753 -4.63 18.50 -35.73
C THR F 753 -5.24 17.33 -36.50
N THR F 754 -4.58 16.18 -36.45
CA THR F 754 -5.02 14.87 -36.97
C THR F 754 -5.22 14.91 -38.49
N ALA F 755 -4.10 15.10 -39.20
CA ALA F 755 -4.08 15.05 -40.66
C ALA F 755 -3.57 13.72 -41.18
N THR F 756 -2.34 13.33 -40.85
CA THR F 756 -1.71 12.13 -41.38
C THR F 756 -0.87 11.52 -40.26
N GLY F 757 -0.54 10.23 -40.40
CA GLY F 757 0.20 9.50 -39.40
C GLY F 757 1.68 9.36 -39.73
N HIS F 758 2.43 8.84 -38.75
CA HIS F 758 3.88 8.84 -38.79
C HIS F 758 4.45 7.49 -39.25
N ILE F 759 5.75 7.49 -39.56
CA ILE F 759 6.53 6.28 -39.79
C ILE F 759 7.84 6.47 -39.03
N ASN F 760 8.26 5.44 -38.28
CA ASN F 760 9.40 5.53 -37.38
C ASN F 760 10.65 4.92 -38.02
N LEU F 761 11.73 4.86 -37.24
CA LEU F 761 13.04 4.46 -37.73
C LEU F 761 13.80 3.81 -36.58
N PRO F 762 14.94 3.14 -36.89
CA PRO F 762 15.97 2.92 -35.86
C PRO F 762 16.82 4.17 -35.65
N GLU F 763 17.91 4.06 -34.88
CA GLU F 763 18.71 5.25 -34.58
C GLU F 763 19.51 5.71 -35.78
N ASN F 764 18.94 6.64 -36.56
CA ASN F 764 19.69 7.34 -37.62
C ASN F 764 19.01 8.69 -37.88
N SER F 765 19.61 9.76 -37.36
CA SER F 765 19.00 11.09 -37.41
C SER F 765 19.01 11.64 -38.83
N GLN F 766 18.18 12.65 -39.06
CA GLN F 766 17.90 13.15 -40.40
C GLN F 766 18.42 14.57 -40.55
N GLU F 767 19.36 14.76 -41.47
CA GLU F 767 19.97 16.06 -41.67
C GLU F 767 19.08 16.97 -42.52
N LEU F 768 18.78 16.57 -43.76
CA LEU F 768 17.79 17.26 -44.57
C LEU F 768 16.94 16.23 -45.31
N LEU F 769 16.34 16.67 -46.41
CA LEU F 769 15.22 15.99 -47.04
C LEU F 769 15.06 16.51 -48.46
N LEU F 770 14.51 15.68 -49.33
CA LEU F 770 14.24 16.09 -50.71
C LEU F 770 12.98 15.39 -51.20
N GLY F 771 11.91 16.17 -51.36
CA GLY F 771 10.78 15.75 -52.16
C GLY F 771 11.22 15.67 -53.60
N THR F 772 11.03 14.52 -54.24
CA THR F 772 11.72 14.17 -55.48
C THR F 772 11.30 15.03 -56.67
N TYR F 773 12.26 15.76 -57.23
CA TYR F 773 12.12 16.34 -58.55
C TYR F 773 11.94 15.23 -59.57
N MET F 774 10.89 15.36 -60.41
CA MET F 774 10.47 14.50 -61.53
C MET F 774 9.74 13.21 -61.14
N THR F 775 9.56 12.90 -59.86
CA THR F 775 8.95 11.64 -59.45
C THR F 775 8.20 11.85 -58.13
N LYS F 776 7.09 11.11 -57.95
CA LYS F 776 6.44 11.02 -56.64
C LYS F 776 7.21 10.04 -55.76
N SER F 777 8.25 10.54 -55.11
CA SER F 777 9.05 9.74 -54.18
C SER F 777 9.60 10.64 -53.10
N THR F 778 10.27 10.05 -52.11
CA THR F 778 10.88 10.80 -51.01
C THR F 778 12.09 10.02 -50.49
N PRO F 779 13.31 10.42 -50.89
CA PRO F 779 14.50 9.90 -50.21
C PRO F 779 14.89 10.79 -49.04
N VAL F 780 15.35 10.20 -47.94
CA VAL F 780 15.78 10.93 -46.76
C VAL F 780 17.21 10.47 -46.45
N VAL F 781 17.97 11.33 -45.79
CA VAL F 781 19.37 11.04 -45.43
C VAL F 781 19.42 10.76 -43.94
N HIS F 782 20.15 9.71 -43.56
CA HIS F 782 20.08 9.13 -42.21
C HIS F 782 21.50 8.94 -41.69
N LEU F 783 21.85 9.63 -40.60
CA LEU F 783 23.21 9.55 -40.05
C LEU F 783 23.23 9.45 -38.52
N HIS F 784 23.15 8.22 -38.02
CA HIS F 784 23.77 7.82 -36.76
C HIS F 784 24.46 6.47 -36.83
N PHE F 785 24.17 5.65 -37.83
CA PHE F 785 24.80 4.35 -38.04
C PHE F 785 25.67 4.32 -39.30
N THR F 786 25.08 4.63 -40.46
CA THR F 786 25.68 4.41 -41.77
C THR F 786 25.09 5.47 -42.70
N ARG F 787 25.87 5.86 -43.72
CA ARG F 787 25.48 6.91 -44.67
C ARG F 787 24.43 6.43 -45.67
N ARG F 788 23.29 5.98 -45.15
CA ARG F 788 22.28 5.29 -45.95
C ARG F 788 21.14 6.23 -46.31
N ASN F 789 21.18 6.75 -47.54
CA ASN F 789 20.04 7.39 -48.17
C ASN F 789 18.89 6.39 -48.30
N LEU F 790 17.77 6.63 -47.64
CA LEU F 790 16.64 5.70 -47.68
C LEU F 790 15.45 6.37 -48.33
N VAL F 791 14.78 5.64 -49.23
CA VAL F 791 13.76 6.18 -50.12
C VAL F 791 12.40 5.64 -49.70
N LEU F 792 11.40 6.52 -49.68
CA LEU F 792 10.05 6.13 -49.29
C LEU F 792 9.05 6.82 -50.21
N ALA F 793 7.79 6.38 -50.12
CA ALA F 793 6.77 6.84 -51.06
C ALA F 793 5.55 7.43 -50.35
N ALA F 794 4.53 7.76 -51.14
CA ALA F 794 3.31 8.40 -50.67
C ALA F 794 2.20 8.09 -51.68
N GLY F 795 1.09 8.82 -51.61
CA GLY F 795 0.01 8.61 -52.56
C GLY F 795 -1.35 8.42 -51.93
N ALA F 796 -1.50 8.85 -50.67
CA ALA F 796 -2.79 8.77 -49.99
C ALA F 796 -3.71 9.92 -50.40
N ASP G 210 -63.11 64.08 25.92
CA ASP G 210 -63.77 63.26 24.91
C ASP G 210 -63.07 61.93 24.79
N PRO G 211 -63.78 60.85 25.14
CA PRO G 211 -63.18 59.52 25.01
C PRO G 211 -63.00 59.09 23.59
N THR G 212 -63.78 59.62 22.64
CA THR G 212 -63.63 59.22 21.26
C THR G 212 -62.39 59.83 20.62
N MET G 213 -62.07 61.08 21.00
CA MET G 213 -60.79 61.65 20.65
C MET G 213 -59.66 60.79 21.18
N TYR G 214 -59.81 60.29 22.40
CA TYR G 214 -58.86 59.36 22.99
C TYR G 214 -58.82 58.03 22.23
N GLU G 215 -59.94 57.63 21.62
CA GLU G 215 -59.98 56.42 20.81
C GLU G 215 -59.09 56.58 19.57
N GLU G 216 -59.25 57.69 18.86
CA GLU G 216 -58.35 57.88 17.72
C GLU G 216 -56.93 58.21 18.16
N TYR G 217 -56.75 58.72 19.37
CA TYR G 217 -55.40 58.88 19.90
C TYR G 217 -54.75 57.53 20.12
N TYR G 218 -55.52 56.56 20.64
CA TYR G 218 -55.05 55.19 20.75
C TYR G 218 -54.73 54.62 19.39
N SER G 219 -55.57 54.92 18.39
CA SER G 219 -55.36 54.39 17.06
C SER G 219 -54.05 54.90 16.47
N GLY G 220 -53.82 56.21 16.56
CA GLY G 220 -52.61 56.79 16.03
C GLY G 220 -51.37 56.38 16.80
N LEU G 221 -51.48 56.26 18.13
CA LEU G 221 -50.34 55.82 18.92
C LEU G 221 -50.04 54.35 18.67
N LYS G 222 -51.08 53.56 18.43
CA LYS G 222 -50.92 52.16 18.06
C LYS G 222 -50.14 52.04 16.76
N HIS G 223 -50.54 52.80 15.75
CA HIS G 223 -49.81 52.79 14.49
C HIS G 223 -48.41 53.37 14.64
N PHE G 224 -48.24 54.33 15.56
CA PHE G 224 -46.94 54.93 15.79
C PHE G 224 -45.96 53.92 16.39
N ILE G 225 -46.45 53.09 17.31
CA ILE G 225 -45.62 52.00 17.82
C ILE G 225 -45.43 50.94 16.74
N GLU G 226 -46.42 50.77 15.88
CA GLU G 226 -46.22 49.94 14.71
C GLU G 226 -45.27 50.57 13.72
N CYS G 227 -45.06 51.88 13.80
CA CYS G 227 -44.01 52.55 13.04
C CYS G 227 -42.68 52.61 13.79
N SER G 228 -42.46 51.72 14.75
CA SER G 228 -41.20 51.69 15.46
C SER G 228 -40.31 50.57 14.92
N LEU G 229 -39.15 50.41 15.54
CA LEU G 229 -38.11 49.55 15.00
C LEU G 229 -38.24 48.13 15.55
N ASP G 230 -37.19 47.33 15.34
CA ASP G 230 -37.26 45.91 15.64
C ASP G 230 -37.23 45.66 17.15
N CYS G 231 -36.17 46.09 17.81
CA CYS G 231 -36.07 45.94 19.25
C CYS G 231 -37.10 46.79 19.98
N HIS G 232 -37.46 47.94 19.41
CA HIS G 232 -38.45 48.83 20.02
C HIS G 232 -39.82 48.17 20.07
N ARG G 233 -40.30 47.69 18.93
CA ARG G 233 -41.57 46.96 18.91
C ARG G 233 -41.45 45.65 19.66
N ALA G 234 -40.26 45.03 19.66
CA ALA G 234 -40.07 43.75 20.33
C ALA G 234 -40.19 43.86 21.85
N GLU G 235 -39.82 45.01 22.41
CA GLU G 235 -40.04 45.22 23.84
C GLU G 235 -41.20 46.16 24.15
N LEU G 236 -41.92 46.67 23.16
CA LEU G 236 -43.10 47.46 23.45
C LEU G 236 -44.37 46.86 22.87
N SER G 237 -44.32 45.62 22.40
CA SER G 237 -45.54 44.90 22.07
C SER G 237 -46.42 44.69 23.30
N GLN G 238 -45.78 44.61 24.46
CA GLN G 238 -46.45 44.54 25.75
C GLN G 238 -47.26 45.78 26.09
N LEU G 239 -47.02 46.91 25.42
CA LEU G 239 -47.78 48.10 25.77
C LEU G 239 -49.21 48.05 25.25
N PHE G 240 -49.44 47.27 24.20
CA PHE G 240 -50.69 47.36 23.45
C PHE G 240 -51.89 46.89 24.26
N TYR G 241 -51.72 45.80 25.00
CA TYR G 241 -52.86 45.23 25.72
C TYR G 241 -53.35 46.10 26.86
N PRO G 242 -52.54 46.41 27.90
CA PRO G 242 -53.15 47.01 29.10
C PRO G 242 -53.54 48.46 28.87
N LEU G 243 -52.93 49.09 27.88
CA LEU G 243 -53.36 50.40 27.44
C LEU G 243 -54.81 50.35 26.95
N PHE G 244 -55.10 49.40 26.06
CA PHE G 244 -56.45 49.21 25.56
C PHE G 244 -57.40 48.83 26.69
N VAL G 245 -56.92 48.02 27.63
CA VAL G 245 -57.76 47.55 28.73
C VAL G 245 -58.13 48.71 29.64
N HIS G 246 -57.15 49.52 30.02
CA HIS G 246 -57.40 50.64 30.90
C HIS G 246 -58.24 51.70 30.19
N MET G 247 -58.06 51.86 28.89
CA MET G 247 -58.91 52.77 28.14
C MET G 247 -60.34 52.27 28.09
N TYR G 248 -60.53 50.95 27.95
CA TYR G 248 -61.89 50.43 27.92
C TYR G 248 -62.52 50.47 29.30
N LEU G 249 -61.70 50.38 30.35
CA LEU G 249 -62.18 50.68 31.69
C LEU G 249 -62.68 52.11 31.79
N GLU G 250 -61.91 53.04 31.24
CA GLU G 250 -62.37 54.43 31.18
C GLU G 250 -63.66 54.56 30.39
N LEU G 251 -63.79 53.78 29.32
CA LEU G 251 -64.97 53.83 28.46
C LEU G 251 -66.22 53.34 29.18
N VAL G 252 -66.13 52.17 29.81
CA VAL G 252 -67.25 51.65 30.57
C VAL G 252 -67.50 52.51 31.80
N TYR G 253 -66.43 53.05 32.36
CA TYR G 253 -66.55 53.96 33.48
C TYR G 253 -67.18 55.28 33.06
N ASN G 254 -66.92 55.73 31.83
CA ASN G 254 -67.63 56.88 31.29
C ASN G 254 -69.06 56.55 30.93
N GLN G 255 -69.40 55.26 30.86
CA GLN G 255 -70.76 54.76 30.60
C GLN G 255 -71.26 55.23 29.24
N HIS G 256 -70.42 55.05 28.24
CA HIS G 256 -70.78 55.31 26.84
C HIS G 256 -70.73 53.95 26.13
N GLU G 257 -71.92 53.42 25.85
CA GLU G 257 -72.09 52.00 25.56
C GLU G 257 -71.61 51.65 24.16
N ASN G 258 -72.24 52.23 23.14
CA ASN G 258 -71.99 51.80 21.77
C ASN G 258 -70.64 52.28 21.27
N GLU G 259 -70.14 53.36 21.85
CA GLU G 259 -68.81 53.86 21.51
C GLU G 259 -67.74 52.87 21.94
N ALA G 260 -67.81 52.43 23.19
CA ALA G 260 -66.92 51.41 23.71
C ALA G 260 -67.12 50.08 22.97
N LYS G 261 -68.36 49.80 22.60
CA LYS G 261 -68.69 48.60 21.84
C LYS G 261 -67.96 48.58 20.50
N SER G 262 -68.11 49.67 19.74
CA SER G 262 -67.45 49.79 18.45
C SER G 262 -65.93 49.82 18.59
N PHE G 263 -65.43 50.44 19.65
CA PHE G 263 -63.99 50.54 19.80
C PHE G 263 -63.37 49.21 20.19
N PHE G 264 -64.05 48.45 21.04
CA PHE G 264 -63.62 47.08 21.31
C PHE G 264 -63.68 46.24 20.04
N GLU G 265 -64.78 46.35 19.31
CA GLU G 265 -64.94 45.57 18.09
C GLU G 265 -63.94 45.96 17.01
N LYS G 266 -63.38 47.15 17.08
CA LYS G 266 -62.33 47.49 16.13
C LYS G 266 -60.97 47.02 16.62
N PHE G 267 -60.65 47.20 17.90
CA PHE G 267 -59.28 47.04 18.34
C PHE G 267 -59.06 45.87 19.29
N HIS G 268 -59.97 44.91 19.31
CA HIS G 268 -59.75 43.80 20.22
C HIS G 268 -58.84 42.73 19.63
N GLY G 269 -58.93 42.49 18.32
CA GLY G 269 -58.25 41.36 17.73
C GLY G 269 -56.84 41.71 17.32
N ASP G 270 -56.10 42.34 18.23
CA ASP G 270 -54.79 42.87 17.91
C ASP G 270 -53.67 42.28 18.74
N GLN G 271 -53.99 41.64 19.86
CA GLN G 271 -52.99 41.35 20.87
C GLN G 271 -52.35 39.98 20.63
N GLU G 272 -51.63 39.49 21.63
CA GLU G 272 -51.05 38.17 21.57
C GLU G 272 -52.13 37.13 21.89
N CYS G 273 -51.72 35.86 21.92
CA CYS G 273 -52.64 34.74 21.81
C CYS G 273 -52.99 34.12 23.16
N TYR G 274 -53.08 34.91 24.22
CA TYR G 274 -53.34 34.28 25.51
C TYR G 274 -54.24 35.08 26.45
N TYR G 275 -54.98 36.08 25.97
CA TYR G 275 -55.67 36.99 26.88
C TYR G 275 -57.12 36.59 27.13
N GLN G 276 -57.43 35.32 26.90
CA GLN G 276 -58.75 34.88 26.47
C GLN G 276 -59.83 35.21 27.48
N ASP G 277 -59.54 35.02 28.78
CA ASP G 277 -60.58 35.17 29.79
C ASP G 277 -60.92 36.63 30.05
N ASP G 278 -59.91 37.50 30.12
CA ASP G 278 -60.20 38.93 30.26
C ASP G 278 -60.82 39.49 29.01
N LEU G 279 -60.54 38.90 27.84
CA LEU G 279 -61.27 39.26 26.64
C LEU G 279 -62.75 38.92 26.78
N ARG G 280 -63.04 37.72 27.29
CA ARG G 280 -64.42 37.30 27.45
C ARG G 280 -65.14 38.17 28.48
N VAL G 281 -64.44 38.52 29.56
CA VAL G 281 -64.98 39.46 30.53
C VAL G 281 -65.18 40.81 29.88
N LEU G 282 -64.25 41.20 29.02
CA LEU G 282 -64.21 42.56 28.50
C LEU G 282 -65.32 42.78 27.51
N SER G 283 -65.75 41.69 26.86
CA SER G 283 -66.98 41.72 26.09
C SER G 283 -68.20 42.00 26.96
N SER G 284 -68.15 41.65 28.23
CA SER G 284 -69.35 41.52 29.05
C SER G 284 -69.57 42.69 30.00
N LEU G 285 -69.26 43.92 29.55
CA LEU G 285 -69.24 45.07 30.44
C LEU G 285 -70.17 46.16 29.95
N THR G 286 -71.06 46.62 30.82
CA THR G 286 -71.85 47.82 30.55
C THR G 286 -71.68 48.91 31.59
N LYS G 287 -71.89 48.62 32.87
CA LYS G 287 -71.91 49.67 33.89
C LYS G 287 -71.23 49.17 35.16
N LYS G 288 -71.43 49.90 36.25
CA LYS G 288 -70.68 49.74 37.50
C LYS G 288 -71.12 48.55 38.32
N GLU G 289 -72.24 47.91 37.98
CA GLU G 289 -72.56 46.61 38.57
C GLU G 289 -71.49 45.59 38.22
N HIS G 290 -70.96 45.66 37.00
CA HIS G 290 -69.87 44.79 36.60
C HIS G 290 -68.60 45.12 37.38
N MET G 291 -68.36 46.40 37.62
CA MET G 291 -67.23 46.83 38.44
C MET G 291 -67.38 46.35 39.88
N LYS G 292 -68.62 46.23 40.36
CA LYS G 292 -68.87 45.58 41.63
C LYS G 292 -68.53 44.10 41.56
N GLY G 293 -68.98 43.41 40.51
CA GLY G 293 -68.75 41.99 40.35
C GLY G 293 -67.28 41.63 40.18
N ASN G 294 -66.69 42.05 39.07
CA ASN G 294 -65.26 41.90 38.90
C ASN G 294 -64.57 43.13 39.47
N GLU G 295 -64.02 42.97 40.66
CA GLU G 295 -63.10 43.94 41.23
C GLU G 295 -61.75 43.89 40.54
N THR G 296 -61.54 42.86 39.71
CA THR G 296 -60.51 42.85 38.68
C THR G 296 -60.51 44.14 37.87
N MET G 297 -61.71 44.64 37.57
CA MET G 297 -61.88 45.80 36.70
C MET G 297 -61.28 47.09 37.28
N LEU G 298 -61.04 47.15 38.58
CA LEU G 298 -60.26 48.27 39.10
C LEU G 298 -58.91 47.85 39.59
N ASP G 299 -58.83 46.75 40.35
CA ASP G 299 -57.60 46.37 41.01
C ASP G 299 -56.58 45.73 40.07
N PHE G 300 -57.03 45.24 38.92
CA PHE G 300 -56.11 44.90 37.84
C PHE G 300 -55.59 46.16 37.16
N ARG G 301 -56.26 47.29 37.36
CA ARG G 301 -56.06 48.50 36.58
C ARG G 301 -55.48 49.62 37.44
N THR G 302 -54.83 49.25 38.53
CA THR G 302 -54.43 50.21 39.55
C THR G 302 -52.93 50.09 39.67
N SER G 303 -52.28 50.29 38.52
CA SER G 303 -50.84 50.29 38.25
C SER G 303 -50.25 48.88 38.22
N LYS G 304 -51.04 47.88 37.83
CA LYS G 304 -50.46 46.60 37.44
C LYS G 304 -49.93 46.77 36.02
N PHE G 305 -48.77 47.38 35.91
CA PHE G 305 -48.11 47.49 34.64
C PHE G 305 -46.87 46.62 34.70
N VAL G 306 -46.98 45.41 34.20
CA VAL G 306 -45.83 44.55 34.03
C VAL G 306 -45.04 45.12 32.85
N LEU G 307 -44.01 45.91 33.13
CA LEU G 307 -43.29 46.65 32.11
C LEU G 307 -41.87 46.12 31.99
N ARG G 308 -41.61 45.41 30.91
CA ARG G 308 -40.27 44.93 30.57
C ARG G 308 -39.62 45.89 29.57
N ILE G 309 -39.50 47.15 29.98
CA ILE G 309 -39.32 48.27 29.05
C ILE G 309 -37.93 48.88 29.20
N SER G 310 -37.52 49.64 28.18
CA SER G 310 -36.17 50.17 28.10
C SER G 310 -36.16 51.68 28.34
N ARG G 311 -34.99 52.28 28.16
CA ARG G 311 -34.80 53.71 28.35
C ARG G 311 -35.23 54.49 27.12
N ASP G 312 -34.74 54.08 25.94
CA ASP G 312 -35.10 54.71 24.68
C ASP G 312 -36.57 54.55 24.33
N SER G 313 -37.23 53.53 24.89
CA SER G 313 -38.68 53.39 24.74
C SER G 313 -39.41 54.57 25.36
N TYR G 314 -39.07 54.90 26.61
CA TYR G 314 -39.66 56.08 27.22
C TYR G 314 -39.15 57.36 26.58
N GLN G 315 -37.96 57.34 25.98
CA GLN G 315 -37.52 58.50 25.20
C GLN G 315 -38.45 58.74 24.02
N LEU G 316 -38.79 57.66 23.32
CA LEU G 316 -39.79 57.73 22.25
C LEU G 316 -41.14 58.18 22.80
N LEU G 317 -41.48 57.70 23.99
CA LEU G 317 -42.76 58.04 24.60
C LEU G 317 -42.85 59.52 24.93
N LYS G 318 -41.77 60.07 25.49
CA LYS G 318 -41.72 61.49 25.81
C LYS G 318 -41.69 62.34 24.55
N ARG G 319 -40.98 61.87 23.51
CA ARG G 319 -40.96 62.60 22.26
C ARG G 319 -42.31 62.59 21.54
N HIS G 320 -43.11 61.56 21.75
CA HIS G 320 -44.37 61.51 21.03
C HIS G 320 -45.54 62.12 21.79
N LEU G 321 -45.62 61.93 23.11
CA LEU G 321 -46.79 62.41 23.83
C LEU G 321 -46.78 63.91 24.04
N GLN G 322 -45.64 64.58 23.82
CA GLN G 322 -45.60 66.04 23.86
C GLN G 322 -46.34 66.66 22.70
N GLU G 323 -46.58 65.89 21.63
CA GLU G 323 -47.51 66.30 20.60
C GLU G 323 -48.94 66.37 21.13
N LYS G 324 -49.24 65.59 22.16
CA LYS G 324 -50.59 65.43 22.68
C LYS G 324 -50.79 66.31 23.90
N GLN G 325 -51.99 66.88 24.03
CA GLN G 325 -52.34 67.74 25.15
C GLN G 325 -53.68 67.28 25.72
N ASN G 326 -53.89 67.62 27.00
CA ASN G 326 -54.91 67.00 27.87
C ASN G 326 -54.83 65.49 27.80
N ASN G 327 -53.60 64.98 27.85
CA ASN G 327 -53.29 63.66 27.36
C ASN G 327 -53.63 62.64 28.43
N GLN G 328 -54.72 61.90 28.21
CA GLN G 328 -55.06 60.81 29.11
C GLN G 328 -54.09 59.66 28.99
N ILE G 329 -53.43 59.51 27.82
CA ILE G 329 -52.35 58.54 27.69
C ILE G 329 -51.21 58.90 28.63
N TRP G 330 -50.87 60.19 28.70
CA TRP G 330 -49.91 60.64 29.69
C TRP G 330 -50.44 60.49 31.10
N ASN G 331 -51.77 60.56 31.28
CA ASN G 331 -52.33 60.32 32.61
C ASN G 331 -52.23 58.85 32.99
N ILE G 332 -52.13 57.97 32.00
CA ILE G 332 -51.81 56.58 32.25
C ILE G 332 -50.32 56.42 32.54
N VAL G 333 -49.49 57.19 31.84
CA VAL G 333 -48.04 57.21 32.07
C VAL G 333 -47.71 57.68 33.48
N GLN G 334 -48.50 58.61 34.03
CA GLN G 334 -48.18 59.18 35.34
C GLN G 334 -48.31 58.18 36.48
N GLU G 335 -49.51 57.66 36.72
CA GLU G 335 -49.75 56.91 37.95
C GLU G 335 -49.68 55.39 37.79
N HIS G 336 -49.56 54.86 36.59
CA HIS G 336 -49.77 53.43 36.44
C HIS G 336 -48.50 52.64 36.11
N LEU G 337 -47.40 53.29 35.71
CA LEU G 337 -46.23 52.56 35.23
C LEU G 337 -45.48 51.90 36.38
N TYR G 338 -45.12 50.63 36.16
CA TYR G 338 -44.23 49.89 37.07
C TYR G 338 -43.11 49.38 36.18
N ILE G 339 -42.03 50.16 36.10
CA ILE G 339 -41.05 50.12 35.02
C ILE G 339 -39.91 49.18 35.39
N ASP G 340 -39.50 48.32 34.45
CA ASP G 340 -38.30 47.49 34.61
C ASP G 340 -37.48 47.58 33.34
N ILE G 341 -36.34 48.27 33.40
CA ILE G 341 -35.55 48.58 32.22
C ILE G 341 -34.80 47.33 31.78
N PHE G 342 -35.33 46.67 30.76
CA PHE G 342 -34.57 45.71 29.96
C PHE G 342 -33.76 46.43 28.89
N ASP G 343 -32.50 46.05 28.78
CA ASP G 343 -31.65 46.59 27.73
C ASP G 343 -30.90 45.49 27.00
N LEU G 458 -35.10 -0.24 35.38
CA LEU G 458 -36.28 -0.56 34.58
C LEU G 458 -37.51 0.21 35.05
N PRO G 459 -37.63 1.48 34.65
CA PRO G 459 -38.79 2.28 35.09
C PRO G 459 -40.07 1.75 34.47
N SER G 460 -41.08 1.56 35.32
CA SER G 460 -42.20 0.70 34.98
C SER G 460 -43.41 1.15 35.77
N ILE G 461 -44.57 1.23 35.13
CA ILE G 461 -45.81 1.53 35.84
C ILE G 461 -46.47 0.23 36.30
N CYS G 462 -46.23 -0.14 37.54
CA CYS G 462 -47.04 -1.16 38.20
C CYS G 462 -48.39 -0.53 38.52
N PHE G 463 -49.41 -1.36 38.71
CA PHE G 463 -50.71 -0.83 39.10
C PHE G 463 -51.08 -1.25 40.51
N TYR G 464 -52.11 -0.57 41.03
CA TYR G 464 -52.95 -1.07 42.12
C TYR G 464 -54.38 -1.23 41.61
N THR G 465 -55.27 -1.55 42.52
CA THR G 465 -56.68 -1.73 42.18
C THR G 465 -57.51 -1.48 43.43
N PHE G 466 -58.34 -0.44 43.38
CA PHE G 466 -59.25 -0.08 44.44
C PHE G 466 -60.67 -0.09 43.91
N LEU G 467 -61.57 0.49 44.69
CA LEU G 467 -62.98 0.39 44.38
C LEU G 467 -63.33 1.31 43.21
N ASN G 468 -64.42 1.00 42.53
CA ASN G 468 -64.55 1.26 41.10
C ASN G 468 -65.22 2.56 40.73
N ALA G 469 -65.69 3.35 41.68
CA ALA G 469 -66.68 4.36 41.34
C ALA G 469 -66.05 5.60 40.71
N TYR G 470 -66.87 6.63 40.63
CA TYR G 470 -66.55 7.88 39.97
C TYR G 470 -66.85 8.94 41.02
N GLN G 471 -66.90 10.22 40.59
CA GLN G 471 -67.12 11.48 41.35
C GLN G 471 -65.87 11.92 42.08
N GLY G 472 -64.70 11.38 41.75
CA GLY G 472 -63.49 11.71 42.48
C GLY G 472 -63.03 13.13 42.19
N LEU G 473 -62.62 13.83 43.23
CA LEU G 473 -62.32 15.26 43.12
C LEU G 473 -60.86 15.58 43.41
N THR G 474 -60.32 15.21 44.57
CA THR G 474 -58.88 15.35 44.79
C THR G 474 -58.41 14.36 45.85
N ALA G 475 -57.16 13.96 45.76
CA ALA G 475 -56.74 12.82 46.54
C ALA G 475 -55.29 13.00 46.92
N VAL G 476 -55.02 12.95 48.22
CA VAL G 476 -53.72 13.33 48.76
C VAL G 476 -53.27 12.27 49.77
N ASP G 477 -51.99 11.96 49.76
CA ASP G 477 -51.37 11.12 50.77
C ASP G 477 -50.22 11.86 51.41
N VAL G 478 -49.68 11.32 52.51
CA VAL G 478 -48.40 11.85 52.99
C VAL G 478 -47.37 10.75 53.22
N THR G 479 -47.60 9.86 54.18
CA THR G 479 -46.51 8.95 54.46
C THR G 479 -47.02 7.55 54.21
N ASP G 480 -47.60 7.41 53.03
CA ASP G 480 -47.52 6.25 52.17
C ASP G 480 -48.41 5.12 52.63
N ASP G 481 -49.02 5.19 53.80
CA ASP G 481 -49.74 4.04 54.29
C ASP G 481 -51.20 4.11 53.92
N SER G 482 -51.61 5.21 53.33
CA SER G 482 -53.01 5.57 53.18
C SER G 482 -53.09 6.76 52.26
N SER G 483 -54.17 6.80 51.52
CA SER G 483 -54.43 7.90 50.61
C SER G 483 -55.84 8.42 50.86
N LEU G 484 -56.07 9.64 50.42
CA LEU G 484 -57.24 10.40 50.83
C LEU G 484 -58.01 10.79 49.58
N ILE G 485 -59.04 10.02 49.28
CA ILE G 485 -59.81 10.19 48.06
C ILE G 485 -61.00 11.08 48.42
N ALA G 486 -60.82 12.35 48.18
CA ALA G 486 -61.89 13.32 48.17
C ALA G 486 -62.75 13.06 46.96
N GLY G 487 -63.80 12.30 47.15
CA GLY G 487 -64.59 11.87 46.03
C GLY G 487 -66.01 12.41 46.05
N GLY G 488 -66.93 11.57 46.48
CA GLY G 488 -68.31 11.60 46.03
C GLY G 488 -69.22 12.73 46.47
N PHE G 489 -68.76 13.96 46.31
CA PHE G 489 -69.56 15.19 46.26
C PHE G 489 -70.17 15.57 47.60
N ALA G 490 -70.12 14.67 48.57
CA ALA G 490 -70.00 15.00 49.99
C ALA G 490 -69.42 13.72 50.59
N ASP G 491 -68.11 13.66 50.68
CA ASP G 491 -67.44 12.41 51.03
C ASP G 491 -66.00 12.76 51.30
N SER G 492 -65.35 11.93 52.09
CA SER G 492 -63.90 11.99 52.16
C SER G 492 -63.46 10.57 52.49
N THR G 493 -63.18 9.81 51.46
CA THR G 493 -62.91 8.40 51.66
C THR G 493 -61.43 8.22 51.92
N VAL G 494 -61.10 7.23 52.75
CA VAL G 494 -59.71 6.93 53.10
C VAL G 494 -59.41 5.50 52.69
N ARG G 495 -58.36 5.31 51.92
CA ARG G 495 -57.94 3.96 51.57
C ARG G 495 -56.57 3.71 52.18
N VAL G 496 -56.24 2.44 52.38
CA VAL G 496 -55.05 2.05 53.13
C VAL G 496 -54.10 1.33 52.19
N UNK G 497 -52.83 1.69 52.23
CA UNK G 497 -51.80 0.91 51.57
C UNK G 497 -51.09 0.04 52.60
N UNK G 498 -50.91 -1.25 52.26
CA UNK G 498 -49.94 -2.16 52.86
C UNK G 498 -50.20 -2.58 54.31
N UNK G 499 -51.19 -2.00 54.97
CA UNK G 499 -51.59 -2.44 56.29
C UNK G 499 -53.03 -2.90 56.22
N UNK G 500 -53.45 -3.67 57.23
CA UNK G 500 -54.80 -4.21 57.15
C UNK G 500 -55.85 -3.17 57.52
N UNK G 501 -55.88 -2.78 58.80
CA UNK G 501 -56.92 -1.95 59.38
C UNK G 501 -56.56 -1.68 60.83
N UNK G 502 -57.24 -0.71 61.42
CA UNK G 502 -57.08 -0.40 62.83
C UNK G 502 -58.30 0.37 63.29
N UNK G 503 -58.76 0.08 64.51
CA UNK G 503 -59.83 0.82 65.16
C UNK G 503 -59.32 1.17 66.55
N UNK G 504 -58.64 2.31 66.66
CA UNK G 504 -58.11 2.72 67.94
C UNK G 504 -59.19 3.26 68.88
N UNK G 505 -60.33 3.68 68.34
CA UNK G 505 -61.36 4.36 69.12
C UNK G 505 -62.25 3.41 69.91
N UNK G 506 -62.08 2.09 69.76
CA UNK G 506 -62.87 1.19 70.58
C UNK G 506 -62.41 1.22 72.03
N UNK G 507 -61.14 1.55 72.27
CA UNK G 507 -60.69 1.82 73.63
C UNK G 507 -61.35 3.09 74.18
N UNK G 508 -61.72 4.02 73.30
CA UNK G 508 -62.47 5.20 73.70
C UNK G 508 -63.97 4.96 73.76
N UNK G 509 -64.44 3.85 73.18
CA UNK G 509 -65.86 3.57 73.13
C UNK G 509 -66.43 3.30 74.52
N UNK G 510 -65.59 2.84 75.44
CA UNK G 510 -65.92 2.79 76.84
C UNK G 510 -64.84 3.50 77.62
N UNK G 511 -65.26 4.24 78.65
CA UNK G 511 -64.29 4.82 79.57
C UNK G 511 -63.56 3.75 80.36
N UNK G 512 -64.23 2.61 80.60
CA UNK G 512 -63.54 1.47 81.18
C UNK G 512 -62.59 0.82 80.18
N UNK G 513 -62.91 0.92 78.88
CA UNK G 513 -61.94 0.45 77.88
C UNK G 513 -60.74 1.37 77.84
N UNK G 514 -60.97 2.67 78.03
CA UNK G 514 -59.87 3.60 78.24
C UNK G 514 -59.12 3.30 79.52
N UNK G 515 -59.81 2.80 80.55
CA UNK G 515 -59.15 2.45 81.79
C UNK G 515 -58.28 1.21 81.63
N UNK G 516 -58.76 0.23 80.86
CA UNK G 516 -57.96 -0.95 80.57
C UNK G 516 -56.77 -0.61 79.67
N UNK G 517 -56.94 0.38 78.80
CA UNK G 517 -55.80 0.88 78.04
C UNK G 517 -54.79 1.57 78.94
N UNK G 518 -55.28 2.36 79.90
CA UNK G 518 -54.39 3.04 80.84
C UNK G 518 -53.76 2.07 81.84
N UNK G 519 -54.31 0.87 81.96
CA UNK G 519 -53.61 -0.18 82.70
C UNK G 519 -52.33 -0.57 81.98
N UNK G 520 -52.37 -0.62 80.66
CA UNK G 520 -51.19 -0.92 79.85
C UNK G 520 -50.42 0.32 79.47
N UNK G 521 -50.57 1.41 80.23
CA UNK G 521 -49.91 2.67 79.90
C UNK G 521 -48.51 2.77 80.47
N UNK G 522 -47.87 1.65 80.76
CA UNK G 522 -46.46 1.71 81.10
C UNK G 522 -45.65 1.94 79.83
N UNK G 523 -45.67 0.96 78.92
CA UNK G 523 -45.16 1.17 77.55
C UNK G 523 -45.89 0.18 76.63
N UNK G 524 -47.04 0.61 76.10
CA UNK G 524 -47.76 -0.17 75.08
C UNK G 524 -48.62 0.79 74.26
N UNK G 525 -48.10 1.23 73.13
CA UNK G 525 -48.94 1.96 72.19
C UNK G 525 -49.70 1.03 71.28
N UNK G 526 -49.23 -0.22 71.16
CA UNK G 526 -50.00 -1.21 70.41
C UNK G 526 -51.27 -1.58 71.14
N UNK G 527 -51.27 -1.52 72.47
CA UNK G 527 -52.46 -1.80 73.24
C UNK G 527 -53.48 -0.67 73.16
N UNK G 528 -53.11 0.47 72.58
CA UNK G 528 -54.04 1.57 72.46
C UNK G 528 -55.14 1.31 71.45
N UNK G 529 -55.00 0.30 70.59
CA UNK G 529 -55.92 0.18 69.47
C UNK G 529 -57.25 -0.43 69.89
N UNK G 530 -57.23 -1.71 70.25
CA UNK G 530 -58.41 -2.59 70.25
C UNK G 530 -59.16 -2.46 68.92
N UNK G 531 -58.47 -2.88 67.86
CA UNK G 531 -58.96 -2.74 66.49
C UNK G 531 -60.13 -3.69 66.20
N UNK G 532 -61.35 -3.18 66.33
CA UNK G 532 -62.53 -3.98 66.07
C UNK G 532 -63.31 -3.49 64.86
N UNK G 533 -62.64 -2.83 63.91
CA UNK G 533 -63.32 -2.34 62.72
C UNK G 533 -62.40 -2.56 61.52
N UNK G 534 -62.72 -1.88 60.42
CA UNK G 534 -62.33 -2.29 59.08
C UNK G 534 -61.40 -1.26 58.44
N UNK G 535 -61.19 -1.42 57.13
CA UNK G 535 -60.48 -0.45 56.32
C UNK G 535 -61.39 0.11 55.24
N UNK G 536 -60.85 1.00 54.41
CA UNK G 536 -61.54 1.68 53.31
C UNK G 536 -62.81 2.38 53.80
N LYS G 537 -62.61 3.26 54.78
CA LYS G 537 -63.73 3.90 55.44
C LYS G 537 -64.13 5.19 54.75
N ILE G 538 -65.40 5.53 54.89
CA ILE G 538 -65.99 6.74 54.33
C ILE G 538 -66.29 7.70 55.47
N LEU G 539 -65.83 8.93 55.31
CA LEU G 539 -65.93 9.96 56.33
C LEU G 539 -66.63 11.15 55.69
N TYR G 540 -67.73 11.56 56.28
CA TYR G 540 -68.51 12.63 55.65
C TYR G 540 -69.44 13.27 56.66
N GLY G 541 -69.36 14.59 56.74
CA GLY G 541 -70.37 15.39 57.38
C GLY G 541 -70.70 16.55 56.46
N HIS G 542 -69.89 16.72 55.42
CA HIS G 542 -70.04 17.84 54.51
C HIS G 542 -71.30 17.68 53.69
N SER G 543 -71.73 18.79 53.10
CA SER G 543 -72.68 18.71 52.01
C SER G 543 -72.11 19.39 50.78
N GLY G 544 -70.80 19.31 50.62
CA GLY G 544 -70.15 19.96 49.52
C GLY G 544 -69.25 19.05 48.74
N PRO G 545 -69.11 19.33 47.48
CA PRO G 545 -68.09 18.65 46.70
C PRO G 545 -66.72 19.08 47.16
N VAL G 546 -66.09 18.16 47.87
CA VAL G 546 -64.85 18.41 48.57
C VAL G 546 -63.74 18.74 47.58
N TYR G 547 -62.92 19.72 47.92
CA TYR G 547 -61.96 20.27 46.97
C TYR G 547 -60.53 20.21 47.45
N GLY G 548 -60.26 19.78 48.66
CA GLY G 548 -58.88 19.63 49.08
C GLY G 548 -58.78 18.80 50.33
N ALA G 549 -57.64 18.14 50.49
CA ALA G 549 -57.42 17.32 51.67
C ALA G 549 -55.93 17.15 51.87
N SER G 550 -55.55 16.75 53.08
CA SER G 550 -54.23 16.19 53.32
C SER G 550 -54.19 15.55 54.69
N PHE G 551 -53.17 14.73 54.89
CA PHE G 551 -52.85 14.25 56.22
C PHE G 551 -52.08 15.29 56.99
N SER G 552 -52.24 15.26 58.30
CA SER G 552 -51.23 15.78 59.19
C SER G 552 -49.94 15.00 58.96
N PRO G 553 -48.78 15.66 59.01
CA PRO G 553 -47.52 14.95 58.78
C PRO G 553 -47.14 13.99 59.90
N ASP G 554 -47.82 14.06 61.04
CA ASP G 554 -47.64 13.08 62.09
C ASP G 554 -48.85 12.14 62.17
N ARG G 555 -49.68 12.13 61.12
CA ARG G 555 -50.74 11.14 60.91
C ARG G 555 -51.78 11.18 62.01
N ASN G 556 -52.26 12.37 62.32
CA ASN G 556 -53.13 12.49 63.46
C ASN G 556 -54.40 13.20 63.06
N TYR G 557 -54.31 14.02 62.03
CA TYR G 557 -55.30 15.04 61.76
C TYR G 557 -55.56 15.06 60.27
N LEU G 558 -56.65 14.46 59.84
CA LEU G 558 -57.11 14.68 58.48
C LEU G 558 -57.55 16.10 58.27
N LEU G 559 -57.43 16.58 57.05
CA LEU G 559 -57.89 17.90 56.74
C LEU G 559 -58.74 17.81 55.50
N SER G 560 -60.01 18.20 55.64
CA SER G 560 -60.98 18.25 54.57
C SER G 560 -61.33 19.68 54.26
N SER G 561 -61.56 19.94 52.98
CA SER G 561 -61.61 21.29 52.47
C SER G 561 -62.72 21.35 51.45
N SER G 562 -63.91 21.75 51.88
CA SER G 562 -65.14 21.54 51.15
C SER G 562 -65.32 22.56 50.04
N GLU G 563 -66.49 22.51 49.41
CA GLU G 563 -67.06 23.71 48.82
C GLU G 563 -67.79 24.51 49.87
N ASP G 564 -68.44 23.84 50.83
CA ASP G 564 -69.45 24.38 51.74
C ASP G 564 -69.06 25.66 52.48
N GLY G 565 -67.79 26.02 52.48
CA GLY G 565 -67.27 26.95 53.42
C GLY G 565 -66.63 26.28 54.60
N THR G 566 -67.16 25.13 55.00
CA THR G 566 -66.61 24.43 56.15
C THR G 566 -65.24 23.87 55.82
N VAL G 567 -64.55 23.47 56.88
CA VAL G 567 -63.20 22.97 56.81
C VAL G 567 -63.02 22.19 58.09
N ARG G 568 -62.47 20.98 57.98
CA ARG G 568 -62.62 20.04 59.08
C ARG G 568 -61.36 19.27 59.30
N LEU G 569 -60.84 19.34 60.51
CA LEU G 569 -59.84 18.39 60.97
C LEU G 569 -60.59 17.16 61.46
N TRP G 570 -60.39 16.07 60.76
CA TRP G 570 -61.00 14.80 61.10
C TRP G 570 -60.03 13.96 61.90
N SER G 571 -60.58 12.99 62.62
CA SER G 571 -59.82 12.19 63.55
C SER G 571 -58.90 11.24 62.83
N LEU G 572 -57.87 10.80 63.52
CA LEU G 572 -57.17 9.61 63.07
C LEU G 572 -57.41 8.40 63.95
N GLN G 573 -58.25 8.51 64.97
CA GLN G 573 -58.67 7.31 65.67
C GLN G 573 -60.17 7.12 65.70
N THR G 574 -60.94 8.19 65.92
CA THR G 574 -62.38 8.07 65.86
C THR G 574 -62.86 7.99 64.43
N PHE G 575 -62.05 8.54 63.53
CA PHE G 575 -62.43 8.87 62.17
C PHE G 575 -63.76 9.61 62.16
N THR G 576 -63.81 10.66 62.98
CA THR G 576 -64.89 11.61 62.90
C THR G 576 -64.30 13.01 62.80
N CYS G 577 -65.17 13.95 62.52
CA CYS G 577 -64.81 15.36 62.51
C CYS G 577 -64.47 15.78 63.93
N LEU G 578 -63.18 15.93 64.22
CA LEU G 578 -62.78 16.54 65.48
C LEU G 578 -63.25 17.98 65.55
N VAL G 579 -62.73 18.83 64.67
CA VAL G 579 -63.23 20.19 64.62
C VAL G 579 -63.67 20.49 63.22
N GLY G 580 -64.71 21.30 63.13
CA GLY G 580 -65.29 21.66 61.86
C GLY G 580 -65.82 23.07 61.95
N TYR G 581 -65.36 23.92 61.05
CA TYR G 581 -65.66 25.31 61.20
C TYR G 581 -65.58 26.00 59.86
N LYS G 582 -65.49 27.32 59.89
CA LYS G 582 -65.80 28.16 58.75
C LYS G 582 -64.77 29.28 58.69
N GLY G 583 -65.17 30.36 58.04
CA GLY G 583 -64.33 31.50 57.81
C GLY G 583 -64.76 32.10 56.50
N HIS G 584 -65.65 31.39 55.81
CA HIS G 584 -66.17 31.88 54.56
C HIS G 584 -67.63 31.50 54.47
N ASN G 585 -68.34 32.23 53.63
CA ASN G 585 -69.56 31.77 52.98
C ASN G 585 -69.26 31.39 51.54
N TYR G 586 -68.12 30.77 51.30
CA TYR G 586 -67.54 30.74 49.97
C TYR G 586 -66.86 29.40 49.74
N PRO G 587 -66.63 29.04 48.46
CA PRO G 587 -65.90 27.82 48.17
C PRO G 587 -64.47 27.89 48.62
N VAL G 588 -64.06 26.89 49.38
CA VAL G 588 -62.75 26.94 50.01
C VAL G 588 -61.83 25.98 49.27
N TRP G 589 -61.13 26.50 48.28
CA TRP G 589 -60.41 25.67 47.32
C TRP G 589 -59.25 24.86 47.86
N ASP G 590 -58.25 25.49 48.41
CA ASP G 590 -57.07 24.75 48.79
C ASP G 590 -56.87 24.82 50.29
N THR G 591 -56.40 23.72 50.85
CA THR G 591 -55.83 23.72 52.17
C THR G 591 -54.57 22.89 52.17
N GLN G 592 -53.71 23.17 53.14
CA GLN G 592 -52.41 22.54 53.18
C GLN G 592 -51.89 22.64 54.61
N PHE G 593 -51.57 21.51 55.22
CA PHE G 593 -50.85 21.55 56.49
C PHE G 593 -49.49 22.18 56.34
N SER G 594 -48.97 22.65 57.46
CA SER G 594 -47.56 22.92 57.59
C SER G 594 -46.78 21.61 57.43
N PRO G 595 -45.49 21.69 57.12
CA PRO G 595 -44.67 20.47 57.19
C PRO G 595 -44.53 19.95 58.59
N TYR G 596 -44.76 20.79 59.60
CA TYR G 596 -44.80 20.34 60.97
C TYR G 596 -46.22 20.16 61.45
N GLY G 597 -47.08 21.14 61.19
CA GLY G 597 -48.50 20.91 61.24
C GLY G 597 -49.23 21.57 62.37
N TYR G 598 -48.59 22.44 63.14
CA TYR G 598 -49.34 23.16 64.17
C TYR G 598 -50.29 24.16 63.52
N TYR G 599 -49.87 24.74 62.42
CA TYR G 599 -50.72 25.62 61.66
C TYR G 599 -51.09 24.92 60.37
N PHE G 600 -52.04 25.51 59.65
CA PHE G 600 -52.19 25.16 58.25
C PHE G 600 -52.76 26.37 57.52
N VAL G 601 -52.79 26.27 56.22
CA VAL G 601 -53.33 27.35 55.41
C VAL G 601 -54.57 26.88 54.71
N SER G 602 -55.38 27.86 54.34
CA SER G 602 -56.60 27.63 53.60
C SER G 602 -56.82 28.83 52.71
N GLY G 603 -56.81 28.63 51.41
CA GLY G 603 -57.10 29.68 50.46
C GLY G 603 -58.40 29.35 49.77
N GLY G 604 -59.20 30.36 49.49
CA GLY G 604 -60.52 30.07 49.01
C GLY G 604 -61.01 30.84 47.81
N HIS G 605 -62.26 31.26 47.89
CA HIS G 605 -62.95 31.97 46.83
C HIS G 605 -62.90 33.47 46.97
N ASP G 606 -62.85 33.95 48.20
CA ASP G 606 -63.00 35.37 48.46
C ASP G 606 -61.69 36.08 48.49
N ARG G 607 -60.75 35.65 47.66
CA ARG G 607 -59.49 36.33 47.35
C ARG G 607 -58.67 36.64 48.61
N VAL G 608 -58.78 35.76 49.61
CA VAL G 608 -57.97 35.84 50.81
C VAL G 608 -57.15 34.58 50.91
N ALA G 609 -56.35 34.49 51.95
CA ALA G 609 -55.68 33.25 52.31
C ALA G 609 -55.39 33.32 53.78
N ARG G 610 -55.69 32.25 54.51
CA ARG G 610 -55.85 32.33 55.95
C ARG G 610 -55.04 31.24 56.62
N LEU G 611 -54.28 31.62 57.63
CA LEU G 611 -53.68 30.65 58.52
C LEU G 611 -54.70 30.16 59.53
N TRP G 612 -54.40 29.02 60.13
CA TRP G 612 -55.20 28.49 61.21
C TRP G 612 -54.28 27.73 62.13
N ALA G 613 -54.61 27.72 63.41
CA ALA G 613 -53.86 26.93 64.37
C ALA G 613 -54.39 25.52 64.37
N THR G 614 -53.95 24.74 65.34
CA THR G 614 -54.74 23.58 65.74
C THR G 614 -56.03 24.05 66.41
N ASP G 615 -55.92 24.97 67.36
CA ASP G 615 -56.98 25.18 68.32
C ASP G 615 -57.79 26.44 68.11
N HIS G 616 -57.22 27.47 67.50
CA HIS G 616 -57.59 28.84 67.80
C HIS G 616 -58.96 29.25 67.27
N TYR G 617 -59.47 28.51 66.28
CA TYR G 617 -60.77 28.71 65.62
C TYR G 617 -61.02 30.15 65.18
N GLN G 618 -59.95 30.86 64.86
CA GLN G 618 -60.09 32.20 64.42
C GLN G 618 -58.98 32.31 63.39
N PRO G 619 -59.19 33.03 62.32
CA PRO G 619 -58.12 33.24 61.35
C PRO G 619 -56.94 33.98 61.93
N LEU G 620 -55.81 33.29 62.04
CA LEU G 620 -54.65 33.90 62.66
C LEU G 620 -54.00 34.93 61.77
N ARG G 621 -54.28 34.89 60.47
CA ARG G 621 -53.66 35.80 59.53
C ARG G 621 -54.50 35.78 58.26
N ILE G 622 -54.47 36.88 57.52
CA ILE G 622 -55.17 36.98 56.25
C ILE G 622 -54.17 37.42 55.20
N PHE G 623 -54.34 36.98 53.96
CA PHE G 623 -53.43 37.34 52.89
C PHE G 623 -54.18 37.87 51.69
N ALA G 624 -55.11 38.79 51.91
CA ALA G 624 -56.00 39.25 50.85
C ALA G 624 -55.24 40.19 49.91
N GLY G 625 -54.52 39.60 48.96
CA GLY G 625 -53.68 40.36 48.05
C GLY G 625 -54.01 40.19 46.59
N HIS G 626 -54.57 39.04 46.23
CA HIS G 626 -55.08 38.82 44.88
C HIS G 626 -56.41 39.53 44.73
N LEU G 627 -57.11 39.22 43.64
CA LEU G 627 -58.43 39.84 43.45
C LEU G 627 -59.46 38.87 42.87
N ALA G 628 -59.24 37.56 43.01
CA ALA G 628 -60.15 36.53 42.50
C ALA G 628 -59.86 35.24 43.25
N ASP G 629 -60.36 34.14 42.72
CA ASP G 629 -60.33 32.85 43.40
C ASP G 629 -58.91 32.35 43.59
N VAL G 630 -58.54 32.12 44.84
CA VAL G 630 -57.29 31.46 45.13
C VAL G 630 -57.37 30.02 44.67
N ASN G 631 -56.37 29.57 43.92
CA ASN G 631 -56.36 28.18 43.49
C ASN G 631 -55.55 27.30 44.41
N CYS G 632 -54.27 27.54 44.50
CA CYS G 632 -53.41 26.72 45.33
C CYS G 632 -52.79 27.58 46.39
N THR G 633 -52.41 26.94 47.50
CA THR G 633 -51.66 27.62 48.55
C THR G 633 -50.90 26.60 49.36
N ARG G 634 -49.58 26.72 49.39
CA ARG G 634 -48.77 25.70 50.04
C ARG G 634 -47.64 26.33 50.82
N PHE G 635 -47.27 25.66 51.90
CA PHE G 635 -46.25 26.12 52.82
C PHE G 635 -44.86 26.10 52.21
N HIS G 636 -43.96 26.80 52.87
CA HIS G 636 -42.57 26.46 52.60
C HIS G 636 -42.19 25.26 53.44
N PRO G 637 -41.13 24.55 53.07
CA PRO G 637 -40.45 23.65 54.02
C PRO G 637 -40.30 24.17 55.43
N ASN G 638 -39.78 25.37 55.65
CA ASN G 638 -39.95 25.94 56.98
C ASN G 638 -41.33 26.58 57.03
N SER G 639 -41.96 26.51 58.17
CA SER G 639 -43.39 26.81 58.19
C SER G 639 -43.71 28.31 58.14
N ASN G 640 -42.73 29.19 57.93
CA ASN G 640 -43.03 30.60 58.00
C ASN G 640 -43.65 31.10 56.71
N TYR G 641 -43.20 30.59 55.58
CA TYR G 641 -43.52 31.21 54.31
C TYR G 641 -44.49 30.34 53.54
N VAL G 642 -45.44 30.99 52.89
CA VAL G 642 -46.36 30.24 52.06
C VAL G 642 -46.42 30.91 50.70
N ALA G 643 -46.88 30.14 49.74
CA ALA G 643 -47.16 30.65 48.41
C ALA G 643 -48.64 30.55 48.19
N THR G 644 -49.15 31.44 47.37
CA THR G 644 -50.55 31.40 47.00
C THR G 644 -50.73 31.81 45.55
N GLY G 645 -51.27 30.91 44.75
CA GLY G 645 -51.49 31.13 43.34
C GLY G 645 -52.98 31.04 43.06
N SER G 646 -53.44 31.80 42.08
CA SER G 646 -54.85 32.12 42.08
C SER G 646 -55.37 32.18 40.67
N ALA G 647 -56.57 32.75 40.55
CA ALA G 647 -57.26 32.88 39.28
C ALA G 647 -56.76 34.05 38.48
N ASP G 648 -56.30 35.10 39.15
CA ASP G 648 -55.78 36.29 38.49
C ASP G 648 -54.31 36.12 38.10
N ARG G 649 -53.88 34.87 37.89
CA ARG G 649 -52.72 34.45 37.16
C ARG G 649 -51.42 34.70 37.89
N THR G 650 -51.45 35.38 39.02
CA THR G 650 -50.23 35.75 39.70
C THR G 650 -50.04 34.96 40.97
N VAL G 651 -48.80 34.80 41.33
CA VAL G 651 -48.39 34.17 42.57
C VAL G 651 -48.11 35.28 43.55
N ARG G 652 -48.40 35.05 44.82
CA ARG G 652 -47.95 35.94 45.86
C ARG G 652 -47.37 35.11 46.99
N LEU G 653 -46.18 35.46 47.42
CA LEU G 653 -45.58 34.85 48.59
C LEU G 653 -45.99 35.59 49.84
N TRP G 654 -45.91 34.89 50.98
CA TRP G 654 -46.42 35.49 52.19
C TRP G 654 -45.59 35.05 53.38
N ASP G 655 -45.63 35.90 54.40
CA ASP G 655 -44.85 35.85 55.62
C ASP G 655 -45.58 35.01 56.68
N VAL G 656 -45.10 35.10 57.91
CA VAL G 656 -45.82 34.60 59.06
C VAL G 656 -45.98 35.66 60.15
N LEU G 657 -45.16 36.70 60.13
CA LEU G 657 -45.08 37.57 61.29
C LEU G 657 -45.89 38.85 61.08
N ASN G 658 -45.86 39.43 59.90
CA ASN G 658 -46.75 40.52 59.56
C ASN G 658 -47.75 40.13 58.48
N GLY G 659 -47.36 39.25 57.56
CA GLY G 659 -48.27 38.73 56.57
C GLY G 659 -48.39 39.55 55.31
N ASN G 660 -47.60 40.60 55.14
CA ASN G 660 -47.67 41.35 53.91
C ASN G 660 -47.05 40.56 52.77
N CYS G 661 -47.43 40.92 51.56
CA CYS G 661 -47.03 40.18 50.37
C CYS G 661 -45.55 40.39 50.12
N VAL G 662 -44.76 39.36 50.44
CA VAL G 662 -43.32 39.58 50.45
C VAL G 662 -42.76 39.56 49.03
N ARG G 663 -43.18 38.61 48.18
CA ARG G 663 -42.73 38.63 46.79
C ARG G 663 -43.87 38.25 45.88
N ILE G 664 -43.76 38.69 44.63
CA ILE G 664 -44.75 38.45 43.59
C ILE G 664 -44.02 37.85 42.39
N PHE G 665 -44.56 36.77 41.85
CA PHE G 665 -44.02 36.16 40.64
C PHE G 665 -45.00 36.38 39.51
N THR G 666 -44.45 36.80 38.37
CA THR G 666 -45.23 37.50 37.35
C THR G 666 -46.20 36.57 36.65
N GLY G 667 -47.41 37.08 36.41
CA GLY G 667 -48.54 36.34 35.91
C GLY G 667 -48.33 35.56 34.63
N HIS G 668 -48.36 34.24 34.75
CA HIS G 668 -48.13 33.37 33.61
C HIS G 668 -49.44 32.94 32.96
N LYS G 669 -50.05 33.94 32.31
CA LYS G 669 -50.76 33.78 31.04
C LYS G 669 -51.81 32.67 31.07
N GLY G 670 -52.54 32.58 32.17
CA GLY G 670 -53.52 31.55 32.37
C GLY G 670 -53.64 31.32 33.87
N PRO G 671 -54.79 30.83 34.33
CA PRO G 671 -54.97 30.65 35.77
C PRO G 671 -54.12 29.50 36.28
N ILE G 672 -53.52 29.72 37.45
CA ILE G 672 -52.63 28.72 38.03
C ILE G 672 -53.45 27.55 38.53
N HIS G 673 -52.96 26.35 38.30
CA HIS G 673 -53.56 25.19 38.93
C HIS G 673 -52.61 24.46 39.83
N SER G 674 -51.33 24.83 39.84
CA SER G 674 -50.34 24.01 40.50
C SER G 674 -49.10 24.81 40.84
N LEU G 675 -48.44 24.40 41.93
CA LEU G 675 -47.25 25.06 42.44
C LEU G 675 -46.56 24.08 43.38
N THR G 676 -45.24 24.10 43.38
CA THR G 676 -44.48 23.36 44.38
C THR G 676 -43.28 24.14 44.83
N PHE G 677 -42.68 23.66 45.92
CA PHE G 677 -41.38 24.08 46.40
C PHE G 677 -40.43 22.90 46.34
N SER G 678 -39.26 23.10 46.83
CA SER G 678 -38.21 22.11 46.71
C SER G 678 -37.92 21.48 48.07
N PRO G 679 -37.32 20.28 48.10
CA PRO G 679 -36.96 19.69 49.40
C PRO G 679 -35.87 20.45 50.12
N ASN G 680 -34.95 21.07 49.40
CA ASN G 680 -34.04 21.99 50.04
C ASN G 680 -34.71 23.33 50.36
N GLY G 681 -35.88 23.56 49.78
CA GLY G 681 -36.64 24.76 50.08
C GLY G 681 -36.02 25.94 49.38
N ARG G 682 -35.78 25.80 48.09
CA ARG G 682 -35.08 26.88 47.42
C ARG G 682 -35.78 27.27 46.14
N PHE G 683 -36.41 26.32 45.48
CA PHE G 683 -36.84 26.49 44.10
C PHE G 683 -38.34 26.30 43.97
N LEU G 684 -38.88 26.67 42.81
CA LEU G 684 -40.30 26.55 42.55
C LEU G 684 -40.57 25.98 41.17
N ALA G 685 -41.60 25.14 41.09
CA ALA G 685 -42.28 24.89 39.84
C ALA G 685 -43.68 25.47 39.99
N THR G 686 -44.10 26.24 38.99
CA THR G 686 -45.47 26.72 38.91
C THR G 686 -46.00 26.33 37.55
N GLY G 687 -46.95 25.41 37.52
CA GLY G 687 -47.53 24.94 36.29
C GLY G 687 -48.83 25.68 36.04
N ALA G 688 -49.04 26.05 34.77
CA ALA G 688 -50.18 26.84 34.42
C ALA G 688 -50.87 26.26 33.19
N THR G 689 -52.07 26.80 32.94
CA THR G 689 -53.03 26.39 31.92
C THR G 689 -52.48 26.51 30.50
N ASP G 690 -51.31 27.10 30.31
CA ASP G 690 -50.54 27.05 29.07
C ASP G 690 -49.91 25.69 28.82
N GLY G 691 -50.15 24.71 29.69
CA GLY G 691 -49.35 23.50 29.70
C GLY G 691 -47.94 23.78 30.10
N ARG G 692 -47.71 24.79 30.92
CA ARG G 692 -46.36 25.32 30.96
C ARG G 692 -45.90 25.50 32.38
N VAL G 693 -44.71 25.00 32.65
CA VAL G 693 -44.10 25.03 33.96
C VAL G 693 -43.10 26.16 33.96
N LEU G 694 -43.07 26.92 35.04
CA LEU G 694 -42.01 27.88 35.28
C LEU G 694 -41.22 27.42 36.50
N LEU G 695 -39.95 27.17 36.29
CA LEU G 695 -39.01 27.11 37.39
C LEU G 695 -38.73 28.52 37.86
N TRP G 696 -39.11 28.81 39.11
CA TRP G 696 -38.82 30.07 39.78
C TRP G 696 -37.78 29.89 40.86
N ASP G 697 -37.13 30.99 41.21
CA ASP G 697 -36.33 31.05 42.44
C ASP G 697 -36.90 32.13 43.33
N ILE G 698 -36.59 32.03 44.62
CA ILE G 698 -37.24 32.92 45.58
C ILE G 698 -36.48 34.23 45.72
N GLY G 699 -35.23 34.19 46.22
CA GLY G 699 -34.56 35.41 46.65
C GLY G 699 -34.16 36.29 45.49
N HIS G 700 -33.97 35.70 44.34
CA HIS G 700 -33.70 36.47 43.13
C HIS G 700 -34.99 36.77 42.38
N GLY G 701 -36.05 36.01 42.67
CA GLY G 701 -37.37 36.23 42.12
C GLY G 701 -37.41 36.07 40.62
N LEU G 702 -36.89 34.96 40.12
CA LEU G 702 -36.61 34.84 38.70
C LEU G 702 -37.39 33.69 38.08
N MET G 703 -38.06 33.97 36.96
CA MET G 703 -38.64 32.94 36.10
C MET G 703 -37.52 32.23 35.35
N VAL G 704 -36.93 31.23 36.02
CA VAL G 704 -35.70 30.64 35.50
C VAL G 704 -36.00 29.75 34.31
N GLY G 705 -36.82 28.73 34.50
CA GLY G 705 -36.96 27.64 33.54
C GLY G 705 -38.35 27.55 32.95
N GLU G 706 -38.41 27.09 31.71
CA GLU G 706 -39.67 26.91 31.00
C GLU G 706 -39.81 25.48 30.53
N LEU G 707 -40.99 24.89 30.78
CA LEU G 707 -41.28 23.54 30.34
C LEU G 707 -42.65 23.54 29.69
N LYS G 708 -42.81 22.82 28.58
CA LYS G 708 -44.12 22.83 27.95
C LYS G 708 -44.36 21.54 27.19
N GLY G 709 -45.60 21.37 26.76
CA GLY G 709 -46.03 20.22 25.98
C GLY G 709 -47.06 19.36 26.66
N HIS G 710 -47.38 19.60 27.93
CA HIS G 710 -48.37 18.83 28.67
C HIS G 710 -49.79 19.00 28.17
N THR G 711 -50.02 19.98 27.29
CA THR G 711 -51.32 20.32 26.71
C THR G 711 -52.33 20.68 27.81
N ASP G 712 -51.99 21.78 28.45
CA ASP G 712 -52.85 22.82 29.00
C ASP G 712 -53.49 22.65 30.37
N THR G 713 -53.26 21.59 31.14
CA THR G 713 -53.72 21.72 32.53
C THR G 713 -52.73 21.00 33.42
N VAL G 714 -51.75 21.74 33.91
CA VAL G 714 -50.73 21.13 34.76
C VAL G 714 -51.34 20.93 36.14
N CYS G 715 -51.73 19.71 36.45
CA CYS G 715 -52.38 19.46 37.73
C CYS G 715 -51.44 18.97 38.80
N SER G 716 -50.40 18.22 38.46
CA SER G 716 -49.61 17.55 39.48
C SER G 716 -48.14 17.82 39.27
N LEU G 717 -47.57 18.65 40.13
CA LEU G 717 -46.14 18.91 40.14
C LEU G 717 -45.54 18.30 41.38
N ARG G 718 -44.29 17.84 41.26
CA ARG G 718 -43.56 17.42 42.44
C ARG G 718 -42.07 17.44 42.16
N PHE G 719 -41.35 18.33 42.83
CA PHE G 719 -39.92 18.10 42.97
C PHE G 719 -39.77 16.87 43.83
N SER G 720 -39.12 15.86 43.29
CA SER G 720 -39.05 14.55 43.94
C SER G 720 -38.02 14.55 45.06
N ARG G 721 -37.53 13.35 45.39
CA ARG G 721 -36.31 13.19 46.16
C ARG G 721 -35.22 14.17 45.69
N ASP G 722 -34.51 14.72 46.67
CA ASP G 722 -33.97 16.07 46.75
C ASP G 722 -33.46 16.70 45.46
N GLY G 723 -32.84 15.92 44.58
CA GLY G 723 -32.29 16.46 43.36
C GLY G 723 -33.36 16.93 42.38
N GLU G 724 -32.93 17.74 41.42
CA GLU G 724 -33.83 18.32 40.42
C GLU G 724 -34.26 17.23 39.45
N ILE G 725 -35.19 16.41 39.91
CA ILE G 725 -35.83 15.39 39.11
C ILE G 725 -37.31 15.63 39.30
N LEU G 726 -37.92 16.35 38.36
CA LEU G 726 -39.34 16.60 38.44
C LEU G 726 -40.16 15.39 38.10
N ALA G 727 -41.27 15.25 38.82
CA ALA G 727 -42.43 14.54 38.35
C ALA G 727 -43.49 15.57 37.98
N SER G 728 -44.20 15.32 36.90
CA SER G 728 -45.22 16.25 36.47
C SER G 728 -46.29 15.51 35.71
N GLY G 729 -47.51 16.00 35.81
CA GLY G 729 -48.61 15.37 35.11
C GLY G 729 -49.80 16.27 34.86
N SER G 730 -50.49 15.98 33.75
CA SER G 730 -51.54 16.84 33.24
C SER G 730 -52.74 16.03 32.79
N MET G 731 -53.87 16.77 32.72
CA MET G 731 -55.25 16.39 32.41
C MET G 731 -55.40 15.37 31.31
N ASP G 732 -54.56 15.44 30.28
CA ASP G 732 -54.66 14.57 29.12
C ASP G 732 -53.91 13.27 29.35
N ASN G 733 -53.83 12.86 30.62
CA ASN G 733 -53.34 11.57 31.05
C ASN G 733 -51.86 11.44 30.75
N THR G 734 -51.12 12.52 30.95
CA THR G 734 -49.71 12.56 30.60
C THR G 734 -48.87 12.77 31.83
N VAL G 735 -47.80 12.01 31.95
CA VAL G 735 -46.81 12.20 32.99
C VAL G 735 -45.47 12.39 32.34
N ARG G 736 -44.82 13.49 32.63
CA ARG G 736 -43.44 13.68 32.22
C ARG G 736 -42.58 13.68 33.47
N LEU G 737 -41.50 12.93 33.41
CA LEU G 737 -40.41 13.30 34.27
C LEU G 737 -39.70 14.51 33.67
N TRP G 738 -38.86 15.13 34.48
CA TRP G 738 -37.96 16.15 33.95
C TRP G 738 -36.61 15.97 34.62
N ASP G 739 -35.66 15.46 33.87
CA ASP G 739 -34.26 15.42 34.28
C ASP G 739 -33.66 16.71 33.74
N ALA G 740 -33.59 17.72 34.60
CA ALA G 740 -33.05 19.01 34.21
C ALA G 740 -32.35 19.60 35.43
N ILE G 741 -31.04 19.46 35.47
CA ILE G 741 -30.28 20.12 36.51
C ILE G 741 -30.02 21.54 36.05
N LYS G 742 -30.84 22.48 36.53
CA LYS G 742 -30.70 23.89 36.19
C LYS G 742 -30.28 24.64 37.44
N ALA G 743 -29.15 25.34 37.35
CA ALA G 743 -28.60 26.05 38.50
C ALA G 743 -27.65 27.13 38.02
N PHE G 744 -27.86 28.37 38.48
CA PHE G 744 -26.99 29.48 38.14
C PHE G 744 -27.21 30.61 39.15
N GLU G 745 -26.52 31.72 38.94
CA GLU G 745 -26.73 32.95 39.71
C GLU G 745 -26.19 34.12 38.88
N ASP G 746 -27.08 34.97 38.38
CA ASP G 746 -26.70 36.04 37.44
C ASP G 746 -27.78 37.12 37.46
N LEU G 747 -27.77 37.99 36.45
CA LEU G 747 -28.74 39.07 36.32
C LEU G 747 -29.94 38.73 35.45
N GLU G 748 -29.76 38.01 34.34
CA GLU G 748 -30.86 37.52 33.50
C GLU G 748 -30.48 36.15 32.95
N THR G 749 -31.48 35.42 32.44
CA THR G 749 -31.23 34.04 32.05
C THR G 749 -32.24 33.59 31.01
N ASP G 750 -31.90 32.49 30.33
CA ASP G 750 -32.77 31.82 29.37
C ASP G 750 -32.30 30.37 29.28
N ASP G 751 -33.16 29.50 28.74
CA ASP G 751 -32.85 28.09 28.68
C ASP G 751 -33.46 27.49 27.42
N PHE G 752 -33.56 26.15 27.39
CA PHE G 752 -34.05 25.46 26.22
C PHE G 752 -34.66 24.12 26.62
N THR G 753 -35.28 23.48 25.64
CA THR G 753 -36.14 22.31 25.84
C THR G 753 -35.30 21.04 25.84
N THR G 754 -35.97 19.90 25.64
CA THR G 754 -35.39 18.56 25.50
C THR G 754 -34.62 18.14 26.76
N ALA G 755 -35.39 17.93 27.83
CA ALA G 755 -34.86 17.35 29.05
C ALA G 755 -35.18 15.86 29.20
N THR G 756 -36.46 15.48 29.22
CA THR G 756 -36.83 14.08 29.42
C THR G 756 -38.08 13.80 28.61
N GLY G 757 -38.44 12.52 28.49
CA GLY G 757 -39.66 12.14 27.81
C GLY G 757 -40.71 11.58 28.75
N HIS G 758 -41.92 11.42 28.23
CA HIS G 758 -43.12 11.25 29.03
C HIS G 758 -43.43 9.79 29.21
N ILE G 759 -44.46 9.51 30.01
CA ILE G 759 -45.19 8.25 30.00
C ILE G 759 -46.68 8.60 30.05
N ASN G 760 -47.52 7.85 29.33
CA ASN G 760 -48.95 8.14 29.24
C ASN G 760 -49.81 7.19 30.04
N LEU G 761 -51.12 7.29 29.84
CA LEU G 761 -52.20 6.57 30.51
C LEU G 761 -53.40 6.41 29.58
N PRO G 762 -54.41 5.57 29.94
CA PRO G 762 -55.73 5.69 29.32
C PRO G 762 -56.52 6.81 29.99
N GLU G 763 -57.84 6.89 29.80
CA GLU G 763 -58.61 7.91 30.50
C GLU G 763 -58.56 7.70 32.00
N ASN G 764 -57.58 8.34 32.63
CA ASN G 764 -57.60 8.66 34.06
C ASN G 764 -56.64 9.83 34.29
N SER G 765 -57.18 11.03 34.35
CA SER G 765 -56.38 12.20 34.63
C SER G 765 -55.91 12.17 36.08
N GLN G 766 -55.00 13.09 36.41
CA GLN G 766 -54.20 12.94 37.62
C GLN G 766 -54.45 14.05 38.63
N GLU G 767 -55.06 13.67 39.75
CA GLU G 767 -55.40 14.65 40.78
C GLU G 767 -54.14 15.09 41.50
N LEU G 768 -53.50 14.19 42.22
CA LEU G 768 -52.23 14.51 42.84
C LEU G 768 -51.26 13.38 42.72
N LEU G 769 -50.21 13.51 43.50
CA LEU G 769 -48.92 12.94 43.17
C LEU G 769 -48.04 13.05 44.40
N LEU G 770 -47.08 12.14 44.53
CA LEU G 770 -46.14 12.13 45.64
C LEU G 770 -44.82 11.56 45.17
N GLY G 771 -43.81 12.40 45.09
CA GLY G 771 -42.46 11.87 45.01
C GLY G 771 -42.25 11.18 46.33
N THR G 772 -41.88 9.89 46.31
CA THR G 772 -41.92 9.06 47.49
C THR G 772 -40.99 9.54 48.59
N TYR G 773 -41.58 10.03 49.67
CA TYR G 773 -40.89 10.14 50.93
C TYR G 773 -40.35 8.78 51.33
N MET G 774 -39.03 8.73 51.57
CA MET G 774 -38.14 7.64 51.98
C MET G 774 -37.65 6.74 50.84
N THR G 775 -38.07 6.92 49.58
CA THR G 775 -37.57 6.02 48.55
C THR G 775 -37.55 6.77 47.20
N LYS G 776 -36.67 6.37 46.30
CA LYS G 776 -36.79 6.76 44.90
C LYS G 776 -37.97 6.05 44.22
N SER G 777 -39.19 6.57 44.39
CA SER G 777 -40.36 5.98 43.74
C SER G 777 -41.37 7.08 43.50
N THR G 778 -42.47 6.76 42.82
CA THR G 778 -43.44 7.76 42.41
C THR G 778 -44.82 7.16 42.28
N PRO G 779 -45.69 7.37 43.25
CA PRO G 779 -47.11 7.02 43.08
C PRO G 779 -47.97 8.18 42.66
N VAL G 780 -49.00 7.91 41.85
CA VAL G 780 -49.92 8.93 41.39
C VAL G 780 -51.33 8.39 41.59
N VAL G 781 -52.31 9.28 41.48
CA VAL G 781 -53.72 8.96 41.70
C VAL G 781 -54.46 9.20 40.40
N HIS G 782 -55.34 8.28 40.06
CA HIS G 782 -55.84 8.12 38.71
C HIS G 782 -57.34 7.98 38.80
N LEU G 783 -58.08 8.97 38.30
CA LEU G 783 -59.53 8.95 38.44
C LEU G 783 -60.25 9.42 37.18
N HIS G 784 -60.55 8.46 36.31
CA HIS G 784 -61.69 8.55 35.39
C HIS G 784 -62.39 7.23 35.31
N PHE G 785 -61.74 6.15 35.76
CA PHE G 785 -62.28 4.81 35.71
C PHE G 785 -62.54 4.25 37.11
N THR G 786 -61.55 4.27 37.99
CA THR G 786 -61.53 3.53 39.24
C THR G 786 -60.37 4.11 40.05
N ARG G 787 -60.46 4.02 41.37
CA ARG G 787 -59.61 4.73 42.32
C ARG G 787 -58.22 4.11 42.43
N ARG G 788 -57.53 4.00 41.31
CA ARG G 788 -56.35 3.16 41.20
C ARG G 788 -55.08 4.01 41.26
N ASN G 789 -54.49 4.06 42.45
CA ASN G 789 -53.14 4.53 42.69
C ASN G 789 -52.13 3.78 41.83
N LEU G 790 -51.47 4.41 40.87
CA LEU G 790 -50.52 3.66 40.05
C LEU G 790 -49.11 4.14 40.32
N VAL G 791 -48.19 3.19 40.40
CA VAL G 791 -46.88 3.42 40.96
C VAL G 791 -45.85 3.19 39.87
N LEU G 792 -44.82 4.04 39.83
CA LEU G 792 -43.83 4.00 38.78
C LEU G 792 -42.51 4.56 39.28
N ALA G 793 -41.46 4.29 38.51
CA ALA G 793 -40.09 4.55 38.94
C ALA G 793 -39.35 5.43 37.92
N ALA G 794 -38.05 5.53 38.10
CA ALA G 794 -37.21 6.50 37.42
C ALA G 794 -35.77 5.97 37.46
N GLY G 795 -34.79 6.86 37.27
CA GLY G 795 -33.42 6.48 37.54
C GLY G 795 -32.36 6.79 36.48
N ALA G 796 -32.65 7.74 35.59
CA ALA G 796 -31.71 8.13 34.55
C ALA G 796 -30.54 8.96 35.04
N LYS H 6 8.28 27.56 -12.97
CA LYS H 6 8.33 26.10 -12.98
C LYS H 6 9.77 25.62 -12.90
N LEU H 7 10.71 26.55 -13.05
CA LEU H 7 12.13 26.22 -12.99
C LEU H 7 12.88 27.38 -12.36
N LYS H 8 13.97 27.06 -11.66
CA LYS H 8 14.79 28.06 -10.99
C LYS H 8 16.24 27.76 -11.30
N LEU H 9 16.93 28.73 -11.90
CA LEU H 9 18.32 28.58 -12.30
C LEU H 9 19.17 29.48 -11.39
N SER H 10 19.59 28.93 -10.26
CA SER H 10 20.49 29.65 -9.38
C SER H 10 21.90 29.68 -9.96
N ASN H 11 22.69 30.64 -9.49
CA ASN H 11 24.07 30.76 -9.93
C ASN H 11 24.90 29.68 -9.26
N THR H 12 25.50 28.79 -10.05
CA THR H 12 26.37 27.75 -9.53
C THR H 12 27.69 28.40 -9.14
N VAL H 13 27.87 28.66 -7.85
CA VAL H 13 28.99 29.44 -7.34
C VAL H 13 29.91 28.49 -6.60
N LEU H 14 31.17 28.42 -7.05
CA LEU H 14 32.16 27.59 -6.40
C LEU H 14 32.46 28.12 -5.00
N PRO H 15 32.76 27.26 -4.03
CA PRO H 15 33.09 27.74 -2.67
C PRO H 15 34.40 28.52 -2.67
N SER H 16 34.32 29.75 -2.14
CA SER H 16 35.42 30.70 -2.24
C SER H 16 36.64 30.30 -1.42
N GLU H 17 36.47 29.45 -0.40
CA GLU H 17 37.62 29.01 0.41
C GLU H 17 38.51 28.07 -0.38
N SER H 18 37.91 27.14 -1.15
CA SER H 18 38.69 26.28 -2.03
C SER H 18 39.35 27.09 -3.15
N MET H 19 38.69 28.15 -3.59
CA MET H 19 39.30 29.04 -4.57
C MET H 19 40.47 29.81 -3.98
N LYS H 20 40.40 30.15 -2.69
CA LYS H 20 41.55 30.75 -2.00
C LYS H 20 42.67 29.74 -1.82
N VAL H 21 42.34 28.45 -1.66
CA VAL H 21 43.35 27.40 -1.62
C VAL H 21 44.07 27.30 -2.96
N VAL H 22 43.31 27.32 -4.06
CA VAL H 22 43.90 27.28 -5.41
C VAL H 22 44.72 28.56 -5.67
N ALA H 23 44.27 29.70 -5.15
CA ALA H 23 45.01 30.95 -5.33
C ALA H 23 46.32 30.96 -4.55
N GLU H 24 46.25 30.64 -3.25
CA GLU H 24 47.41 30.62 -2.37
C GLU H 24 48.31 29.40 -2.59
N SER H 25 47.93 28.47 -3.46
CA SER H 25 48.90 27.50 -3.96
C SER H 25 50.00 28.19 -4.75
N MET H 26 49.66 29.27 -5.48
CA MET H 26 50.66 30.14 -6.08
C MET H 26 51.21 31.16 -5.09
N GLY H 27 50.58 31.32 -3.93
CA GLY H 27 51.05 32.24 -2.91
C GLY H 27 50.88 33.70 -3.26
N ILE H 28 49.64 34.19 -3.31
CA ILE H 28 49.39 35.56 -3.74
C ILE H 28 49.43 36.50 -2.53
N ALA H 29 48.46 36.35 -1.63
CA ALA H 29 48.25 37.27 -0.52
C ALA H 29 47.18 36.68 0.40
N GLN H 30 46.77 37.46 1.39
CA GLN H 30 45.59 37.17 2.19
C GLN H 30 44.37 37.78 1.49
N ILE H 31 43.41 36.94 1.12
CA ILE H 31 42.34 37.32 0.22
C ILE H 31 41.03 37.37 1.01
N GLN H 32 40.20 38.36 0.69
CA GLN H 32 38.86 38.47 1.25
C GLN H 32 37.87 37.64 0.43
N GLU H 33 36.69 37.42 1.00
CA GLU H 33 35.75 36.44 0.45
C GLU H 33 35.05 36.95 -0.81
N GLU H 34 34.59 38.21 -0.79
CA GLU H 34 33.72 38.72 -1.85
C GLU H 34 34.45 38.86 -3.18
N THR H 35 35.76 39.07 -3.14
CA THR H 35 36.57 39.09 -4.37
C THR H 35 36.51 37.74 -5.09
N CYS H 36 36.78 36.65 -4.35
CA CYS H 36 36.70 35.32 -4.94
C CYS H 36 35.26 34.94 -5.31
N GLN H 37 34.28 35.46 -4.56
CA GLN H 37 32.88 35.22 -4.91
C GLN H 37 32.54 35.84 -6.27
N LEU H 38 32.93 37.10 -6.49
CA LEU H 38 32.70 37.73 -7.78
C LEU H 38 33.53 37.11 -8.89
N LEU H 39 34.72 36.59 -8.57
CA LEU H 39 35.51 35.87 -9.56
C LEU H 39 34.82 34.58 -10.01
N THR H 40 34.29 33.81 -9.04
CA THR H 40 33.53 32.60 -9.38
C THR H 40 32.27 32.94 -10.16
N ASP H 41 31.63 34.07 -9.84
CA ASP H 41 30.47 34.53 -10.59
C ASP H 41 30.82 34.80 -12.05
N GLU H 42 31.87 35.60 -12.29
CA GLU H 42 32.25 36.00 -13.64
C GLU H 42 32.74 34.81 -14.47
N VAL H 43 33.53 33.92 -13.86
CA VAL H 43 33.97 32.71 -14.54
C VAL H 43 32.79 31.80 -14.85
N SER H 44 31.79 31.74 -13.95
CA SER H 44 30.60 30.94 -14.22
C SER H 44 29.77 31.52 -15.36
N TYR H 45 29.71 32.86 -15.47
CA TYR H 45 29.01 33.48 -16.60
C TYR H 45 29.70 33.14 -17.91
N ARG H 46 31.04 33.21 -17.93
CA ARG H 46 31.77 32.87 -19.16
C ARG H 46 31.62 31.39 -19.52
N ILE H 47 31.63 30.50 -18.51
CA ILE H 47 31.46 29.07 -18.75
C ILE H 47 30.07 28.77 -19.31
N LYS H 48 29.04 29.40 -18.74
CA LYS H 48 27.68 29.14 -19.23
C LYS H 48 27.42 29.77 -20.60
N GLU H 49 28.07 30.90 -20.91
CA GLU H 49 27.94 31.49 -22.24
C GLU H 49 28.63 30.63 -23.31
N ILE H 50 29.84 30.13 -23.01
CA ILE H 50 30.51 29.21 -23.94
C ILE H 50 29.74 27.89 -24.03
N ALA H 51 29.05 27.50 -22.96
CA ALA H 51 28.19 26.31 -23.00
C ALA H 51 27.00 26.52 -23.91
N GLN H 52 26.36 27.70 -23.83
CA GLN H 52 25.26 28.04 -24.76
C GLN H 52 25.75 28.05 -26.21
N ASP H 53 26.97 28.56 -26.43
CA ASP H 53 27.53 28.59 -27.78
C ASP H 53 27.77 27.17 -28.31
N ALA H 54 28.37 26.29 -27.49
CA ALA H 54 28.61 24.92 -27.91
C ALA H 54 27.33 24.11 -28.07
N LEU H 55 26.29 24.42 -27.29
CA LEU H 55 25.00 23.76 -27.49
C LEU H 55 24.33 24.22 -28.78
N LYS H 56 24.50 25.51 -29.13
CA LYS H 56 24.03 25.96 -30.45
C LYS H 56 24.81 25.29 -31.58
N PHE H 57 26.11 25.09 -31.38
CA PHE H 57 26.92 24.33 -32.35
C PHE H 57 26.40 22.91 -32.55
N MET H 58 26.25 22.15 -31.47
CA MET H 58 25.88 20.76 -31.65
C MET H 58 24.37 20.54 -31.81
N HIS H 59 23.54 21.57 -31.66
CA HIS H 59 22.19 21.51 -32.19
C HIS H 59 22.11 22.06 -33.60
N MET H 60 23.23 22.56 -34.13
CA MET H 60 23.43 22.65 -35.57
C MET H 60 24.39 21.60 -36.10
N GLY H 61 25.18 20.97 -35.24
CA GLY H 61 25.83 19.71 -35.56
C GLY H 61 24.92 18.50 -35.45
N LYS H 62 23.73 18.69 -34.85
CA LYS H 62 22.63 17.71 -34.80
C LYS H 62 23.03 16.43 -34.08
N ARG H 63 23.66 16.59 -32.91
CA ARG H 63 23.88 15.51 -31.95
C ARG H 63 23.65 16.05 -30.55
N GLN H 64 23.03 15.24 -29.71
CA GLN H 64 22.70 15.64 -28.34
C GLN H 64 23.83 15.39 -27.34
N LYS H 65 25.04 15.12 -27.82
CA LYS H 65 26.19 14.91 -26.97
C LYS H 65 27.27 15.94 -27.31
N LEU H 66 28.02 16.36 -26.30
CA LEU H 66 29.10 17.33 -26.47
C LEU H 66 30.45 16.65 -26.25
N THR H 67 31.31 16.70 -27.25
CA THR H 67 32.66 16.17 -27.13
C THR H 67 33.65 17.30 -26.81
N THR H 68 34.92 16.92 -26.64
CA THR H 68 35.97 17.90 -26.36
C THR H 68 36.20 18.82 -27.55
N SER H 69 36.16 18.25 -28.76
CA SER H 69 36.43 19.03 -29.98
C SER H 69 35.35 20.07 -30.24
N ASP H 70 34.11 19.83 -29.76
CA ASP H 70 33.03 20.79 -29.92
C ASP H 70 33.33 22.09 -29.20
N ILE H 71 33.74 22.00 -27.93
CA ILE H 71 34.08 23.20 -27.19
C ILE H 71 35.44 23.75 -27.66
N ASP H 72 36.31 22.87 -28.19
CA ASP H 72 37.56 23.35 -28.80
C ASP H 72 37.31 24.24 -30.01
N TYR H 73 36.35 23.89 -30.86
CA TYR H 73 35.93 24.81 -31.92
C TYR H 73 35.10 25.97 -31.39
N ALA H 74 34.46 25.81 -30.22
CA ALA H 74 33.79 26.93 -29.57
C ALA H 74 34.75 27.90 -28.91
N LEU H 75 36.05 27.56 -28.84
CA LEU H 75 37.07 28.45 -28.31
C LEU H 75 37.71 29.34 -29.37
N LYS H 76 36.96 29.70 -30.42
CA LYS H 76 37.46 30.58 -31.48
C LYS H 76 37.14 32.04 -31.23
N LEU H 77 37.05 32.46 -29.97
CA LEU H 77 36.74 33.84 -29.64
C LEU H 77 37.95 34.55 -29.05
N SER H 217 -13.28 -22.63 -3.28
CA SER H 217 -12.39 -23.50 -4.01
C SER H 217 -12.33 -23.13 -5.49
N VAL H 218 -12.38 -24.13 -6.36
CA VAL H 218 -12.21 -23.95 -7.78
C VAL H 218 -13.49 -24.23 -8.53
N GLU H 219 -14.10 -25.39 -8.26
CA GLU H 219 -15.27 -25.85 -8.99
C GLU H 219 -16.46 -24.93 -8.81
N GLN H 220 -16.49 -24.18 -7.71
CA GLN H 220 -17.47 -23.13 -7.55
C GLN H 220 -17.46 -22.19 -8.76
N GLN H 221 -16.33 -21.56 -9.02
CA GLN H 221 -16.32 -20.62 -10.11
C GLN H 221 -16.21 -21.30 -11.45
N LEU H 222 -15.81 -22.57 -11.50
CA LEU H 222 -15.88 -23.31 -12.76
C LEU H 222 -17.32 -23.47 -13.21
N TYR H 223 -18.15 -24.00 -12.32
CA TYR H 223 -19.56 -24.18 -12.58
C TYR H 223 -20.19 -22.86 -12.91
N TYR H 224 -19.80 -21.84 -12.15
CA TYR H 224 -20.30 -20.49 -12.36
C TYR H 224 -19.90 -19.97 -13.72
N LYS H 225 -18.66 -20.24 -14.13
CA LYS H 225 -18.15 -19.77 -15.42
C LYS H 225 -18.93 -20.36 -16.56
N GLU H 226 -19.03 -21.68 -16.61
CA GLU H 226 -19.66 -22.23 -17.79
C GLU H 226 -21.17 -22.05 -17.77
N ILE H 227 -21.78 -21.93 -16.58
CA ILE H 227 -23.22 -21.78 -16.67
C ILE H 227 -23.60 -20.34 -16.96
N THR H 228 -22.77 -19.38 -16.58
CA THR H 228 -23.00 -18.03 -17.03
C THR H 228 -22.71 -17.87 -18.51
N GLU H 229 -21.67 -18.54 -19.01
CA GLU H 229 -21.33 -18.43 -20.41
C GLU H 229 -22.37 -19.09 -21.28
N ALA H 230 -22.95 -20.18 -20.82
CA ALA H 230 -24.09 -20.75 -21.53
C ALA H 230 -25.33 -19.91 -21.35
N CYS H 231 -25.40 -19.16 -20.24
CA CYS H 231 -26.53 -18.28 -20.05
C CYS H 231 -26.47 -17.10 -21.00
N VAL H 232 -25.29 -16.74 -21.46
CA VAL H 232 -25.18 -15.60 -22.36
C VAL H 232 -25.13 -16.05 -23.81
N GLY H 233 -24.33 -17.07 -24.13
CA GLY H 233 -24.24 -17.54 -25.49
C GLY H 233 -25.51 -18.25 -25.92
N SER H 234 -25.80 -18.17 -27.22
CA SER H 234 -27.08 -18.64 -27.76
C SER H 234 -27.02 -20.07 -28.28
N CYS H 235 -26.16 -20.91 -27.74
CA CYS H 235 -26.16 -22.34 -28.08
C CYS H 235 -27.42 -22.93 -27.48
N GLU H 236 -28.41 -23.16 -28.35
CA GLU H 236 -29.79 -23.27 -27.91
C GLU H 236 -30.04 -24.56 -27.15
N ALA H 237 -29.41 -25.65 -27.58
CA ALA H 237 -29.50 -26.87 -26.81
C ALA H 237 -28.77 -26.74 -25.49
N LYS H 238 -27.62 -26.07 -25.50
CA LYS H 238 -26.88 -25.87 -24.27
C LYS H 238 -27.59 -24.88 -23.37
N ARG H 239 -28.24 -23.89 -23.97
CA ARG H 239 -29.20 -23.02 -23.30
C ARG H 239 -30.21 -23.82 -22.49
N ALA H 240 -31.01 -24.64 -23.19
CA ALA H 240 -32.09 -25.38 -22.53
C ALA H 240 -31.55 -26.43 -21.58
N GLU H 241 -30.36 -26.95 -21.86
CA GLU H 241 -29.78 -27.96 -20.99
C GLU H 241 -29.27 -27.34 -19.71
N ALA H 242 -28.77 -26.11 -19.80
CA ALA H 242 -28.40 -25.38 -18.59
C ALA H 242 -29.64 -25.06 -17.77
N LEU H 243 -30.75 -24.78 -18.45
CA LEU H 243 -31.98 -24.48 -17.73
C LEU H 243 -32.51 -25.71 -17.00
N GLN H 244 -32.50 -26.85 -17.67
CA GLN H 244 -32.91 -28.09 -17.00
C GLN H 244 -31.90 -28.51 -15.94
N SER H 245 -30.64 -28.12 -16.12
CA SER H 245 -29.64 -28.36 -15.09
C SER H 245 -29.99 -27.63 -13.82
N ILE H 246 -30.18 -26.32 -13.92
CA ILE H 246 -30.53 -25.50 -12.77
C ILE H 246 -31.84 -25.97 -12.16
N ALA H 247 -32.79 -26.37 -13.00
CA ALA H 247 -34.04 -26.93 -12.51
C ALA H 247 -33.85 -28.27 -11.81
N THR H 248 -32.76 -28.98 -12.08
CA THR H 248 -32.63 -30.33 -11.55
C THR H 248 -31.34 -30.39 -10.73
N ASP H 249 -31.19 -29.46 -9.82
CA ASP H 249 -29.98 -29.44 -9.01
C ASP H 249 -30.25 -29.85 -7.59
N PRO H 250 -29.78 -30.98 -7.16
CA PRO H 250 -29.77 -31.26 -5.72
C PRO H 250 -28.66 -30.47 -5.06
N GLY H 251 -29.03 -29.46 -4.29
CA GLY H 251 -28.04 -28.80 -3.46
C GLY H 251 -27.14 -27.82 -4.17
N LEU H 252 -27.54 -27.34 -5.35
CA LEU H 252 -26.93 -26.11 -5.83
C LEU H 252 -27.47 -24.96 -4.98
N TYR H 253 -26.71 -24.63 -3.97
CA TYR H 253 -26.72 -23.28 -3.47
C TYR H 253 -25.32 -23.00 -2.96
N GLN H 254 -25.17 -21.80 -2.38
CA GLN H 254 -23.96 -21.05 -2.07
C GLN H 254 -23.35 -20.48 -3.35
N MET H 255 -23.80 -20.94 -4.50
CA MET H 255 -23.57 -20.22 -5.72
C MET H 255 -24.67 -19.22 -5.93
N LEU H 256 -25.82 -19.50 -5.34
CA LEU H 256 -26.99 -18.63 -5.41
C LEU H 256 -26.75 -17.15 -5.09
N PRO H 257 -25.92 -16.74 -4.12
CA PRO H 257 -25.75 -15.29 -3.92
C PRO H 257 -25.05 -14.63 -5.07
N ARG H 258 -23.99 -15.24 -5.57
CA ARG H 258 -23.28 -14.68 -6.71
C ARG H 258 -24.15 -14.75 -7.94
N PHE H 259 -25.02 -15.78 -7.98
CA PHE H 259 -25.89 -16.05 -9.10
C PHE H 259 -26.87 -14.91 -9.28
N SER H 260 -27.61 -14.66 -8.20
CA SER H 260 -28.61 -13.61 -8.19
C SER H 260 -28.00 -12.24 -8.39
N THR H 261 -26.80 -12.04 -7.83
CA THR H 261 -26.13 -10.76 -7.99
C THR H 261 -25.81 -10.51 -9.45
N PHE H 262 -25.32 -11.56 -10.12
CA PHE H 262 -25.13 -11.50 -11.56
C PHE H 262 -26.42 -11.17 -12.27
N ILE H 263 -27.52 -11.77 -11.82
CA ILE H 263 -28.80 -11.55 -12.47
C ILE H 263 -29.21 -10.10 -12.35
N SER H 264 -29.03 -9.53 -11.17
CA SER H 264 -29.40 -8.15 -10.94
C SER H 264 -28.58 -7.20 -11.79
N GLU H 265 -27.27 -7.39 -11.80
CA GLU H 265 -26.48 -6.38 -12.46
C GLU H 265 -26.51 -6.57 -13.97
N GLY H 266 -26.61 -7.82 -14.44
CA GLY H 266 -26.83 -8.04 -15.86
C GLY H 266 -28.17 -7.51 -16.33
N VAL H 267 -29.17 -7.52 -15.45
CA VAL H 267 -30.43 -6.88 -15.76
C VAL H 267 -30.22 -5.39 -15.95
N ARG H 268 -29.46 -4.75 -15.06
CA ARG H 268 -29.22 -3.33 -15.20
C ARG H 268 -28.47 -3.00 -16.48
N VAL H 269 -27.49 -3.84 -16.82
CA VAL H 269 -26.75 -3.70 -18.06
C VAL H 269 -27.67 -3.78 -19.25
N ASN H 270 -28.47 -4.82 -19.29
CA ASN H 270 -29.28 -5.02 -20.48
C ASN H 270 -30.49 -4.14 -20.49
N VAL H 271 -30.81 -3.50 -19.37
CA VAL H 271 -31.67 -2.33 -19.40
C VAL H 271 -31.00 -1.22 -20.19
N VAL H 272 -29.74 -0.95 -19.86
CA VAL H 272 -29.02 0.07 -20.61
C VAL H 272 -28.79 -0.37 -22.04
N GLN H 273 -28.66 -1.68 -22.27
CA GLN H 273 -28.30 -2.14 -23.60
C GLN H 273 -29.48 -2.57 -24.45
N ASN H 274 -30.62 -2.90 -23.84
CA ASN H 274 -31.87 -3.21 -24.52
C ASN H 274 -31.73 -4.43 -25.44
N ASN H 275 -31.18 -5.50 -24.88
CA ASN H 275 -31.03 -6.76 -25.60
C ASN H 275 -32.03 -7.74 -25.05
N LEU H 276 -33.17 -7.82 -25.74
CA LEU H 276 -34.30 -8.64 -25.34
C LEU H 276 -33.96 -10.12 -25.22
N ALA H 277 -33.00 -10.58 -26.02
CA ALA H 277 -32.61 -11.98 -25.97
C ALA H 277 -31.98 -12.31 -24.63
N LEU H 278 -31.11 -11.42 -24.15
CA LEU H 278 -30.55 -11.61 -22.84
C LEU H 278 -31.60 -11.49 -21.76
N LEU H 279 -32.63 -10.71 -22.03
CA LEU H 279 -33.69 -10.53 -21.06
C LEU H 279 -34.50 -11.80 -20.89
N ILE H 280 -34.88 -12.43 -22.00
CA ILE H 280 -35.61 -13.69 -21.87
C ILE H 280 -34.68 -14.79 -21.35
N TYR H 281 -33.38 -14.66 -21.60
CA TYR H 281 -32.42 -15.58 -21.01
C TYR H 281 -32.42 -15.49 -19.50
N LEU H 282 -32.32 -14.27 -18.99
CA LEU H 282 -32.35 -14.06 -17.55
C LEU H 282 -33.68 -14.45 -16.95
N MET H 283 -34.76 -14.28 -17.69
CA MET H 283 -36.06 -14.64 -17.14
C MET H 283 -36.20 -16.14 -17.06
N ARG H 284 -35.68 -16.86 -18.05
CA ARG H 284 -35.67 -18.31 -17.94
C ARG H 284 -34.76 -18.76 -16.83
N MET H 285 -33.69 -18.00 -16.58
CA MET H 285 -32.80 -18.31 -15.48
C MET H 285 -33.52 -18.19 -14.15
N VAL H 286 -34.32 -17.14 -14.01
CA VAL H 286 -35.10 -16.95 -12.79
C VAL H 286 -36.15 -18.03 -12.66
N LYS H 287 -36.76 -18.40 -13.79
CA LYS H 287 -37.74 -19.49 -13.82
C LYS H 287 -37.12 -20.78 -13.34
N ALA H 288 -35.88 -21.01 -13.70
CA ALA H 288 -35.19 -22.22 -13.28
C ALA H 288 -34.85 -22.18 -11.80
N LEU H 289 -34.41 -21.02 -11.33
CA LEU H 289 -34.18 -20.82 -9.90
C LEU H 289 -35.43 -21.10 -9.10
N MET H 290 -36.58 -20.70 -9.66
CA MET H 290 -37.84 -20.92 -9.01
C MET H 290 -38.17 -22.39 -8.91
N ASP H 291 -37.76 -23.17 -9.90
CA ASP H 291 -38.16 -24.56 -9.95
C ASP H 291 -37.16 -25.48 -9.28
N ASN H 292 -36.45 -24.99 -8.30
CA ASN H 292 -35.87 -26.02 -7.48
C ASN H 292 -36.77 -26.27 -6.29
N PRO H 293 -37.16 -27.53 -6.06
CA PRO H 293 -37.73 -27.92 -4.78
C PRO H 293 -36.71 -28.06 -3.66
N THR H 294 -35.48 -27.61 -3.83
CA THR H 294 -34.54 -27.49 -2.75
C THR H 294 -34.22 -26.05 -2.41
N LEU H 295 -34.26 -25.16 -3.39
CA LEU H 295 -33.81 -23.79 -3.19
C LEU H 295 -34.76 -23.00 -2.31
N TYR H 296 -34.36 -22.85 -1.06
CA TYR H 296 -34.99 -21.89 -0.17
C TYR H 296 -34.55 -20.53 -0.67
N LEU H 297 -35.36 -19.96 -1.53
CA LEU H 297 -34.97 -18.76 -2.24
C LEU H 297 -35.09 -17.50 -1.39
N GLU H 298 -35.70 -17.64 -0.21
CA GLU H 298 -36.24 -16.57 0.64
C GLU H 298 -35.37 -15.36 0.81
N LYS H 299 -34.21 -15.56 1.44
CA LYS H 299 -33.37 -14.45 1.89
C LYS H 299 -32.83 -13.62 0.75
N TYR H 300 -32.86 -14.15 -0.47
CA TYR H 300 -32.26 -13.48 -1.58
C TYR H 300 -33.30 -12.87 -2.49
N VAL H 301 -34.58 -13.08 -2.18
CA VAL H 301 -35.68 -12.72 -3.06
C VAL H 301 -35.69 -11.23 -3.35
N HIS H 302 -35.20 -10.44 -2.40
CA HIS H 302 -35.13 -8.99 -2.52
C HIS H 302 -34.18 -8.52 -3.60
N GLU H 303 -33.38 -9.40 -4.18
CA GLU H 303 -32.65 -9.00 -5.36
C GLU H 303 -33.39 -9.36 -6.63
N LEU H 304 -34.16 -10.43 -6.59
CA LEU H 304 -34.86 -10.88 -7.77
C LEU H 304 -35.98 -9.93 -8.11
N ILE H 305 -36.69 -9.48 -7.09
CA ILE H 305 -37.91 -8.68 -7.30
C ILE H 305 -37.63 -7.37 -8.03
N PRO H 306 -36.58 -6.59 -7.71
CA PRO H 306 -36.22 -5.52 -8.64
C PRO H 306 -35.88 -6.05 -10.01
N ALA H 307 -35.04 -7.09 -10.06
CA ALA H 307 -34.60 -7.64 -11.33
C ALA H 307 -35.76 -8.22 -12.11
N VAL H 308 -36.80 -8.67 -11.42
CA VAL H 308 -38.04 -8.96 -12.11
C VAL H 308 -38.66 -7.67 -12.62
N MET H 309 -39.03 -6.78 -11.70
CA MET H 309 -40.02 -5.79 -12.05
C MET H 309 -39.43 -4.67 -12.88
N THR H 310 -38.12 -4.48 -12.81
CA THR H 310 -37.48 -3.51 -13.70
C THR H 310 -37.59 -3.98 -15.14
N CYS H 311 -37.59 -5.29 -15.35
CA CYS H 311 -37.90 -5.85 -16.66
C CYS H 311 -39.31 -5.56 -17.10
N ILE H 312 -40.18 -5.21 -16.16
CA ILE H 312 -41.53 -4.79 -16.49
C ILE H 312 -41.60 -3.26 -16.58
N VAL H 313 -40.49 -2.60 -16.84
CA VAL H 313 -40.47 -1.14 -16.85
C VAL H 313 -40.19 -0.55 -18.21
N SER H 314 -39.03 -0.91 -18.79
CA SER H 314 -38.08 0.02 -19.40
C SER H 314 -38.71 0.95 -20.43
N ARG H 315 -38.04 2.06 -20.65
CA ARG H 315 -38.65 3.32 -21.09
C ARG H 315 -38.94 3.35 -22.57
N GLN H 316 -39.28 2.18 -23.15
CA GLN H 316 -39.55 1.90 -24.55
C GLN H 316 -38.30 2.01 -25.40
N LEU H 317 -37.14 1.71 -24.81
CA LEU H 317 -35.87 2.09 -25.41
C LEU H 317 -35.25 0.98 -26.26
N CYS H 318 -36.06 0.06 -26.75
CA CYS H 318 -35.62 -0.86 -27.78
C CYS H 318 -36.03 -0.29 -29.13
N LEU H 319 -35.87 -1.09 -30.17
CA LEU H 319 -36.59 -0.82 -31.41
C LEU H 319 -38.06 -1.14 -31.19
N ARG H 320 -38.92 -0.57 -32.02
CA ARG H 320 -40.33 -0.74 -31.70
C ARG H 320 -40.90 -2.15 -31.94
N PRO H 321 -41.05 -2.60 -33.20
CA PRO H 321 -42.32 -3.26 -33.60
C PRO H 321 -42.62 -4.55 -32.86
N ASP H 322 -41.78 -5.55 -33.13
CA ASP H 322 -41.96 -6.88 -32.61
C ASP H 322 -41.74 -6.91 -31.11
N VAL H 323 -40.99 -5.93 -30.60
CA VAL H 323 -40.67 -5.84 -29.20
C VAL H 323 -41.91 -5.69 -28.35
N ASP H 324 -42.97 -5.08 -28.93
CA ASP H 324 -44.30 -5.02 -28.30
C ASP H 324 -44.77 -6.39 -27.86
N ASN H 325 -44.72 -7.35 -28.77
CA ASN H 325 -45.06 -8.72 -28.43
C ASN H 325 -44.02 -9.31 -27.51
N HIS H 326 -42.76 -8.92 -27.71
CA HIS H 326 -41.75 -9.28 -26.74
C HIS H 326 -42.02 -8.62 -25.40
N TRP H 327 -42.62 -7.42 -25.40
CA TRP H 327 -43.15 -6.87 -24.16
C TRP H 327 -44.19 -7.80 -23.58
N ALA H 328 -45.06 -8.32 -24.44
CA ALA H 328 -45.95 -9.42 -24.08
C ALA H 328 -45.20 -10.62 -23.56
N LEU H 329 -44.05 -10.92 -24.15
CA LEU H 329 -43.26 -12.04 -23.66
C LEU H 329 -42.64 -11.73 -22.31
N ARG H 330 -42.37 -10.45 -22.06
CA ARG H 330 -41.98 -10.04 -20.72
C ARG H 330 -43.11 -10.23 -19.74
N ASP H 331 -44.34 -10.28 -20.23
CA ASP H 331 -45.48 -10.63 -19.39
C ASP H 331 -45.42 -12.07 -18.95
N PHE H 332 -44.79 -12.91 -19.77
CA PHE H 332 -44.33 -14.22 -19.31
C PHE H 332 -43.57 -14.10 -18.00
N ALA H 333 -42.63 -13.15 -17.97
CA ALA H 333 -41.92 -12.81 -16.75
C ALA H 333 -42.86 -12.40 -15.64
N ALA H 334 -43.93 -11.70 -16.00
CA ALA H 334 -44.93 -11.31 -15.01
C ALA H 334 -45.61 -12.51 -14.40
N ARG H 335 -45.72 -13.60 -15.17
CA ARG H 335 -46.19 -14.86 -14.65
C ARG H 335 -45.35 -15.31 -13.47
N LEU H 336 -44.02 -15.15 -13.61
CA LEU H 336 -43.07 -15.40 -12.56
C LEU H 336 -43.41 -14.68 -11.28
N VAL H 337 -43.95 -13.47 -11.40
CA VAL H 337 -44.33 -12.64 -10.26
C VAL H 337 -45.31 -13.36 -9.37
N ALA H 338 -46.37 -13.91 -9.98
CA ALA H 338 -47.31 -14.69 -9.21
C ALA H 338 -46.65 -15.95 -8.69
N GLN H 339 -45.79 -16.53 -9.52
CA GLN H 339 -44.99 -17.67 -9.13
C GLN H 339 -43.91 -17.31 -8.14
N ILE H 340 -43.71 -16.03 -7.89
CA ILE H 340 -43.01 -15.65 -6.67
C ILE H 340 -43.96 -15.64 -5.50
N CYS H 341 -45.06 -14.90 -5.64
CA CYS H 341 -45.77 -14.45 -4.47
C CYS H 341 -46.53 -15.58 -3.80
N LYS H 342 -46.99 -16.56 -4.58
CA LYS H 342 -47.60 -17.75 -4.02
C LYS H 342 -46.68 -18.47 -3.06
N HIS H 343 -45.40 -18.45 -3.33
CA HIS H 343 -44.47 -19.08 -2.43
C HIS H 343 -43.89 -18.10 -1.43
N PHE H 344 -44.16 -16.79 -1.57
CA PHE H 344 -43.37 -15.86 -0.78
C PHE H 344 -44.12 -14.67 -0.22
N SER H 345 -45.45 -14.72 -0.12
CA SER H 345 -46.14 -13.72 0.67
C SER H 345 -46.22 -14.10 2.12
N THR H 346 -45.38 -15.04 2.54
CA THR H 346 -45.34 -15.69 3.84
C THR H 346 -44.77 -14.76 4.92
N THR H 347 -44.55 -13.50 4.57
CA THR H 347 -43.74 -12.54 5.29
C THR H 347 -44.45 -12.17 6.61
N THR H 348 -43.77 -11.38 7.43
CA THR H 348 -44.56 -10.40 8.15
C THR H 348 -45.12 -9.57 7.01
N ASN H 349 -46.41 -9.77 6.73
CA ASN H 349 -46.91 -9.92 5.37
C ASN H 349 -46.70 -8.65 4.55
N ASN H 350 -45.73 -8.72 3.66
CA ASN H 350 -45.15 -7.56 3.03
C ASN H 350 -45.29 -7.57 1.52
N ILE H 351 -45.09 -8.73 0.90
CA ILE H 351 -44.69 -8.78 -0.50
C ILE H 351 -45.80 -8.36 -1.43
N GLN H 352 -46.97 -8.97 -1.27
CA GLN H 352 -48.09 -8.67 -2.15
C GLN H 352 -48.51 -7.22 -2.00
N SER H 353 -48.51 -6.72 -0.77
CA SER H 353 -48.84 -5.32 -0.53
C SER H 353 -47.88 -4.40 -1.26
N ARG H 354 -46.60 -4.74 -1.22
CA ARG H 354 -45.57 -3.96 -1.88
C ARG H 354 -45.81 -3.90 -3.38
N ILE H 355 -45.97 -5.07 -3.99
CA ILE H 355 -46.03 -5.12 -5.44
C ILE H 355 -47.32 -4.52 -5.94
N THR H 356 -48.38 -4.69 -5.17
CA THR H 356 -49.65 -4.17 -5.61
C THR H 356 -49.74 -2.66 -5.45
N LYS H 357 -49.12 -2.10 -4.40
CA LYS H 357 -49.01 -0.64 -4.34
C LYS H 357 -48.19 -0.10 -5.50
N THR H 358 -47.16 -0.86 -5.87
CA THR H 358 -46.31 -0.44 -6.99
C THR H 358 -47.09 -0.40 -8.29
N PHE H 359 -47.81 -1.48 -8.56
CA PHE H 359 -48.67 -1.54 -9.72
C PHE H 359 -49.79 -0.51 -9.65
N THR H 360 -50.22 -0.16 -8.45
CA THR H 360 -51.29 0.82 -8.30
C THR H 360 -50.82 2.19 -8.73
N LYS H 361 -49.69 2.62 -8.18
CA LYS H 361 -49.11 3.90 -8.57
C LYS H 361 -48.70 3.90 -10.03
N SER H 362 -48.38 2.74 -10.56
CA SER H 362 -48.18 2.61 -11.98
C SER H 362 -49.48 2.85 -12.74
N TRP H 363 -50.55 2.19 -12.32
CA TRP H 363 -51.75 2.05 -13.14
C TRP H 363 -52.55 3.33 -13.15
N VAL H 364 -52.54 4.06 -12.04
CA VAL H 364 -53.48 5.16 -11.89
C VAL H 364 -53.09 6.34 -12.76
N ASP H 365 -51.85 6.77 -12.68
CA ASP H 365 -51.52 8.13 -13.09
C ASP H 365 -51.42 8.28 -14.59
N GLU H 366 -51.36 9.53 -15.01
CA GLU H 366 -50.93 9.92 -16.34
C GLU H 366 -49.43 10.13 -16.24
N LYS H 367 -48.80 10.66 -17.30
CA LYS H 367 -47.35 10.66 -17.51
C LYS H 367 -46.81 9.23 -17.42
N THR H 368 -47.59 8.29 -17.91
CA THR H 368 -47.32 6.87 -17.77
C THR H 368 -47.23 6.23 -19.13
N PRO H 369 -46.05 5.81 -19.58
CA PRO H 369 -45.91 5.25 -20.92
C PRO H 369 -46.57 3.89 -21.04
N TRP H 370 -46.62 3.44 -22.28
CA TRP H 370 -47.35 2.22 -22.58
C TRP H 370 -46.60 0.99 -22.15
N THR H 371 -45.27 1.07 -22.09
CA THR H 371 -44.48 0.04 -21.44
C THR H 371 -44.92 -0.14 -19.99
N THR H 372 -45.11 0.98 -19.30
CA THR H 372 -45.37 0.96 -17.88
C THR H 372 -46.77 0.46 -17.61
N ARG H 373 -47.74 1.08 -18.29
CA ARG H 373 -49.13 0.73 -18.10
C ARG H 373 -49.39 -0.70 -18.55
N TYR H 374 -48.81 -1.07 -19.69
CA TYR H 374 -48.97 -2.40 -20.24
C TYR H 374 -48.45 -3.45 -19.28
N GLY H 375 -47.22 -3.28 -18.79
CA GLY H 375 -46.63 -4.27 -17.92
C GLY H 375 -47.26 -4.30 -16.56
N SER H 376 -47.73 -3.16 -16.06
CA SER H 376 -48.42 -3.14 -14.78
C SER H 376 -49.72 -3.89 -14.86
N ILE H 377 -50.47 -3.65 -15.95
CA ILE H 377 -51.69 -4.40 -16.21
C ILE H 377 -51.39 -5.87 -16.32
N ALA H 378 -50.26 -6.21 -16.92
CA ALA H 378 -49.86 -7.59 -17.04
C ALA H 378 -49.57 -8.22 -15.68
N GLY H 379 -48.89 -7.49 -14.81
CA GLY H 379 -48.56 -8.06 -13.51
C GLY H 379 -49.77 -8.25 -12.63
N LEU H 380 -50.69 -7.28 -12.68
CA LEU H 380 -51.96 -7.44 -12.01
C LEU H 380 -52.76 -8.59 -12.61
N ALA H 381 -52.65 -8.78 -13.92
CA ALA H 381 -53.34 -9.87 -14.60
C ALA H 381 -52.84 -11.20 -14.10
N GLU H 382 -51.53 -11.31 -13.93
CA GLU H 382 -50.98 -12.55 -13.41
C GLU H 382 -51.28 -12.73 -11.93
N LEU H 383 -51.54 -11.63 -11.22
CA LEU H 383 -51.96 -11.79 -9.83
C LEU H 383 -53.32 -12.45 -9.70
N GLY H 384 -54.17 -12.32 -10.70
CA GLY H 384 -55.33 -13.17 -10.70
C GLY H 384 -56.63 -12.50 -10.30
N HIS H 385 -57.49 -13.30 -9.68
CA HIS H 385 -58.94 -13.17 -9.85
C HIS H 385 -59.49 -11.89 -9.24
N ASP H 386 -59.40 -11.77 -7.93
CA ASP H 386 -60.02 -10.62 -7.31
C ASP H 386 -59.19 -9.37 -7.43
N VAL H 387 -57.91 -9.49 -7.81
CA VAL H 387 -57.13 -8.34 -8.23
C VAL H 387 -57.82 -7.65 -9.38
N ILE H 388 -58.23 -8.42 -10.38
CA ILE H 388 -58.91 -7.84 -11.52
C ILE H 388 -60.30 -7.39 -11.11
N LYS H 389 -60.97 -8.21 -10.28
CA LYS H 389 -62.34 -7.93 -9.89
C LYS H 389 -62.46 -6.62 -9.12
N THR H 390 -61.47 -6.32 -8.30
CA THR H 390 -61.52 -5.15 -7.44
C THR H 390 -60.77 -3.97 -8.00
N LEU H 391 -59.67 -4.23 -8.69
CA LEU H 391 -58.69 -3.21 -8.96
C LEU H 391 -58.72 -2.72 -10.39
N ILE H 392 -59.11 -3.58 -11.31
CA ILE H 392 -59.06 -3.18 -12.71
C ILE H 392 -60.41 -2.70 -13.17
N LEU H 393 -61.47 -3.30 -12.65
CA LEU H 393 -62.84 -2.83 -12.81
C LEU H 393 -63.07 -1.33 -12.65
N PRO H 394 -62.52 -0.60 -11.61
CA PRO H 394 -62.89 0.82 -11.48
C PRO H 394 -62.47 1.77 -12.60
N ARG H 395 -61.18 1.92 -12.87
CA ARG H 395 -60.75 2.86 -13.89
C ARG H 395 -60.49 2.16 -15.20
N LEU H 396 -61.04 0.95 -15.34
CA LEU H 396 -61.31 0.32 -16.62
C LEU H 396 -61.84 1.31 -17.65
N GLN H 397 -62.95 1.97 -17.33
CA GLN H 397 -63.62 2.82 -18.29
C GLN H 397 -62.81 4.08 -18.57
N GLN H 398 -62.13 4.61 -17.55
CA GLN H 398 -61.34 5.82 -17.75
C GLN H 398 -60.12 5.55 -18.61
N GLU H 399 -59.45 4.43 -18.40
CA GLU H 399 -58.32 4.12 -19.25
C GLU H 399 -58.76 3.67 -20.63
N GLY H 400 -59.97 3.12 -20.72
CA GLY H 400 -60.56 2.90 -22.02
C GLY H 400 -60.78 4.19 -22.76
N GLU H 401 -61.17 5.24 -22.05
CA GLU H 401 -61.26 6.55 -22.66
C GLU H 401 -59.89 7.11 -22.99
N ARG H 402 -58.87 6.77 -22.21
CA ARG H 402 -57.50 7.14 -22.57
C ARG H 402 -57.13 6.52 -23.91
N ILE H 403 -57.50 5.28 -24.12
CA ILE H 403 -57.21 4.63 -25.38
C ILE H 403 -58.13 5.15 -26.49
N ARG H 404 -59.34 5.53 -26.13
CA ARG H 404 -60.24 6.17 -27.09
C ARG H 404 -59.72 7.52 -27.53
N SER H 405 -58.96 8.19 -26.67
CA SER H 405 -58.24 9.38 -27.07
C SER H 405 -57.03 9.01 -27.91
N VAL H 406 -56.39 7.89 -27.59
CA VAL H 406 -55.37 7.34 -28.47
C VAL H 406 -56.00 6.90 -29.78
N LEU H 407 -57.19 6.34 -29.70
CA LEU H 407 -57.99 6.16 -30.89
C LEU H 407 -58.44 7.50 -31.46
N ASP H 408 -58.84 7.45 -32.72
CA ASP H 408 -59.77 8.40 -33.35
C ASP H 408 -59.20 9.81 -33.53
N GLY H 409 -57.96 10.05 -33.14
CA GLY H 409 -57.39 11.38 -33.24
C GLY H 409 -56.19 11.43 -34.16
N PRO H 410 -55.00 11.57 -33.58
CA PRO H 410 -53.78 11.52 -34.38
C PRO H 410 -53.48 10.09 -34.82
N VAL H 411 -52.48 9.97 -35.68
CA VAL H 411 -52.16 8.73 -36.34
C VAL H 411 -50.76 8.23 -35.97
N LEU H 412 -49.75 9.09 -36.12
CA LEU H 412 -48.37 8.63 -36.19
C LEU H 412 -47.69 8.68 -34.83
N SER H 413 -48.30 7.99 -33.87
CA SER H 413 -47.58 7.44 -32.73
C SER H 413 -48.01 5.99 -32.74
N ASN H 414 -47.39 5.22 -33.63
CA ASN H 414 -47.87 3.87 -33.86
C ASN H 414 -47.26 2.90 -32.88
N ILE H 415 -46.13 3.27 -32.29
CA ILE H 415 -45.71 2.68 -31.03
C ILE H 415 -46.85 2.71 -30.04
N ASP H 416 -47.36 3.92 -29.78
CA ASP H 416 -48.42 4.10 -28.80
C ASP H 416 -49.73 3.51 -29.27
N ARG H 417 -49.96 3.54 -30.59
CA ARG H 417 -51.20 2.99 -31.14
C ARG H 417 -51.26 1.48 -30.96
N ILE H 418 -50.25 0.76 -31.45
CA ILE H 418 -50.27 -0.69 -31.32
C ILE H 418 -50.02 -1.10 -29.88
N GLY H 419 -49.36 -0.23 -29.11
CA GLY H 419 -49.24 -0.44 -27.68
C GLY H 419 -50.59 -0.51 -27.00
N ALA H 420 -51.40 0.52 -27.20
CA ALA H 420 -52.75 0.54 -26.64
C ALA H 420 -53.63 -0.53 -27.26
N ASP H 421 -53.32 -0.95 -28.48
CA ASP H 421 -54.06 -2.04 -29.11
C ASP H 421 -53.86 -3.34 -28.36
N HIS H 422 -52.62 -3.71 -28.10
CA HIS H 422 -52.50 -4.96 -27.37
C HIS H 422 -52.64 -4.76 -25.86
N VAL H 423 -52.73 -3.51 -25.40
CA VAL H 423 -53.33 -3.24 -24.10
C VAL H 423 -54.79 -3.69 -24.09
N GLN H 424 -55.55 -3.27 -25.10
CA GLN H 424 -56.94 -3.70 -25.26
C GLN H 424 -57.04 -5.20 -25.31
N SER H 425 -56.07 -5.83 -25.97
CA SER H 425 -56.01 -7.28 -26.00
C SER H 425 -55.82 -7.86 -24.61
N LEU H 426 -54.92 -7.27 -23.80
CA LEU H 426 -54.74 -7.70 -22.42
C LEU H 426 -56.02 -7.56 -21.62
N LEU H 427 -56.67 -6.40 -21.77
CA LEU H 427 -57.85 -6.08 -20.99
C LEU H 427 -58.98 -7.04 -21.31
N LEU H 428 -59.28 -7.21 -22.59
CA LEU H 428 -60.36 -8.08 -23.01
C LEU H 428 -60.05 -9.52 -22.67
N LYS H 429 -58.95 -10.04 -23.23
CA LYS H 429 -58.61 -11.45 -23.11
C LYS H 429 -57.78 -11.74 -21.88
N HIS H 430 -57.94 -10.92 -20.84
CA HIS H 430 -57.70 -11.37 -19.49
C HIS H 430 -58.83 -11.03 -18.53
N CYS H 431 -59.68 -10.06 -18.86
CA CYS H 431 -60.64 -9.48 -17.93
C CYS H 431 -62.06 -9.96 -18.22
N ALA H 432 -62.27 -10.64 -19.32
CA ALA H 432 -63.54 -11.35 -19.56
C ALA H 432 -64.01 -12.25 -18.41
N PRO H 433 -63.23 -13.21 -17.88
CA PRO H 433 -63.88 -14.28 -17.08
C PRO H 433 -64.39 -13.81 -15.73
N VAL H 434 -63.83 -12.75 -15.18
CA VAL H 434 -64.33 -12.29 -13.89
C VAL H 434 -65.68 -11.65 -14.05
N LEU H 435 -65.90 -10.93 -15.15
CA LEU H 435 -67.23 -10.44 -15.42
C LEU H 435 -68.15 -11.55 -15.86
N ALA H 436 -67.60 -12.60 -16.48
CA ALA H 436 -68.40 -13.76 -16.85
C ALA H 436 -68.95 -14.44 -15.60
N LYS H 437 -68.16 -14.47 -14.53
CA LYS H 437 -68.68 -14.92 -13.26
C LYS H 437 -69.67 -13.91 -12.69
N LEU H 438 -69.29 -12.64 -12.66
CA LEU H 438 -70.12 -11.64 -11.97
C LEU H 438 -71.34 -11.26 -12.79
N ARG H 439 -71.10 -10.63 -13.92
CA ARG H 439 -72.20 -10.09 -14.70
C ARG H 439 -72.89 -11.23 -15.43
N PRO H 440 -74.20 -11.42 -15.26
CA PRO H 440 -74.87 -12.54 -15.90
C PRO H 440 -74.97 -12.32 -17.40
N PRO H 441 -74.92 -13.38 -18.20
CA PRO H 441 -74.70 -13.22 -19.64
C PRO H 441 -75.96 -13.06 -20.47
N PRO H 442 -76.96 -12.22 -20.07
CA PRO H 442 -77.61 -11.41 -21.11
C PRO H 442 -77.01 -10.03 -21.28
N ASP H 443 -77.62 -9.23 -22.16
CA ASP H 443 -77.46 -7.77 -22.26
C ASP H 443 -76.02 -7.39 -22.63
N ASN H 444 -75.64 -7.75 -23.86
CA ASN H 444 -74.31 -7.41 -24.36
C ASN H 444 -74.15 -5.91 -24.57
N GLN H 445 -75.12 -5.28 -25.24
CA GLN H 445 -75.02 -3.85 -25.52
C GLN H 445 -75.18 -3.04 -24.24
N ASP H 446 -75.97 -3.54 -23.29
CA ASP H 446 -76.06 -2.88 -22.00
C ASP H 446 -74.80 -3.07 -21.17
N ALA H 447 -74.13 -4.21 -21.33
CA ALA H 447 -72.83 -4.40 -20.68
C ALA H 447 -71.80 -3.47 -21.27
N TYR H 448 -71.89 -3.21 -22.57
CA TYR H 448 -71.09 -2.15 -23.19
C TYR H 448 -71.43 -0.81 -22.57
N ARG H 449 -72.73 -0.55 -22.37
CA ARG H 449 -73.13 0.63 -21.61
C ARG H 449 -72.67 0.55 -20.16
N ALA H 450 -72.65 -0.65 -19.59
CA ALA H 450 -72.19 -0.79 -18.22
C ALA H 450 -70.67 -0.79 -18.10
N GLU H 451 -69.95 -0.97 -19.20
CA GLU H 451 -68.50 -1.02 -19.17
C GLU H 451 -67.90 -0.27 -20.35
N PHE H 452 -68.49 0.90 -20.66
CA PHE H 452 -67.93 1.91 -21.57
C PHE H 452 -67.71 1.38 -22.98
N GLY H 453 -68.72 0.70 -23.53
CA GLY H 453 -68.81 0.51 -24.96
C GLY H 453 -67.86 -0.47 -25.60
N SER H 454 -66.56 -0.12 -25.60
CA SER H 454 -65.61 -0.70 -26.54
C SER H 454 -65.29 -2.17 -26.25
N LEU H 455 -65.23 -2.56 -24.98
CA LEU H 455 -64.98 -3.95 -24.64
C LEU H 455 -66.16 -4.82 -25.06
N GLY H 456 -67.36 -4.30 -24.91
CA GLY H 456 -68.53 -4.95 -25.46
C GLY H 456 -68.53 -4.82 -26.97
N PRO H 457 -69.21 -5.77 -27.64
CA PRO H 457 -69.79 -6.99 -27.08
C PRO H 457 -68.79 -8.11 -27.12
N LEU H 458 -67.55 -7.76 -27.49
CA LEU H 458 -66.45 -8.71 -27.44
C LEU H 458 -66.15 -9.13 -26.02
N LEU H 459 -66.47 -8.29 -25.04
CA LEU H 459 -66.56 -8.75 -23.67
C LEU H 459 -67.57 -9.88 -23.55
N CYS H 460 -68.78 -9.66 -24.06
CA CYS H 460 -69.80 -10.68 -23.98
C CYS H 460 -69.53 -11.83 -24.93
N SER H 461 -68.88 -11.54 -26.07
CA SER H 461 -68.56 -12.61 -27.01
C SER H 461 -67.49 -13.52 -26.44
N GLN H 462 -66.44 -12.93 -25.86
CA GLN H 462 -65.45 -13.71 -25.15
C GLN H 462 -66.03 -14.35 -23.91
N VAL H 463 -67.08 -13.77 -23.33
CA VAL H 463 -67.75 -14.38 -22.20
C VAL H 463 -68.51 -15.62 -22.65
N VAL H 464 -69.11 -15.57 -23.84
CA VAL H 464 -69.73 -16.75 -24.42
C VAL H 464 -68.69 -17.80 -24.71
N LYS H 465 -67.52 -17.38 -25.20
CA LYS H 465 -66.41 -18.29 -25.43
C LYS H 465 -65.92 -18.92 -24.13
N ALA H 466 -65.92 -18.14 -23.04
CA ALA H 466 -65.44 -18.65 -21.77
C ALA H 466 -66.46 -19.57 -21.14
N ARG H 467 -67.74 -19.28 -21.31
CA ARG H 467 -68.78 -20.20 -20.87
C ARG H 467 -68.72 -21.50 -21.64
N ALA H 468 -68.37 -21.41 -22.93
CA ALA H 468 -68.16 -22.62 -23.73
C ALA H 468 -66.94 -23.39 -23.25
N GLN H 469 -65.87 -22.69 -22.89
CA GLN H 469 -64.68 -23.35 -22.38
C GLN H 469 -64.93 -23.99 -21.03
N ALA H 470 -65.81 -23.39 -20.22
CA ALA H 470 -66.19 -24.00 -18.96
C ALA H 470 -67.05 -25.23 -19.19
N ALA H 471 -68.01 -25.15 -20.11
CA ALA H 471 -68.89 -26.27 -20.40
C ALA H 471 -68.22 -27.35 -21.24
N LEU H 472 -67.00 -27.11 -21.72
CA LEU H 472 -66.29 -28.10 -22.52
C LEU H 472 -65.87 -29.33 -21.71
N GLN H 473 -65.79 -29.20 -20.40
CA GLN H 473 -65.45 -30.34 -19.55
C GLN H 473 -66.61 -31.32 -19.46
N LYS I 6 -57.63 37.41 16.66
CA LYS I 6 -57.85 36.06 16.18
C LYS I 6 -59.19 35.51 16.65
N LEU I 7 -59.87 36.28 17.51
CA LEU I 7 -61.18 35.88 18.01
C LEU I 7 -62.01 37.12 18.26
N LYS I 8 -63.32 36.99 18.07
CA LYS I 8 -64.29 38.05 18.34
C LYS I 8 -65.49 37.45 19.06
N LEU I 9 -65.80 37.98 20.23
CA LEU I 9 -66.87 37.46 21.06
C LEU I 9 -68.01 38.48 21.07
N SER I 10 -68.88 38.40 20.06
CA SER I 10 -70.07 39.24 20.04
C SER I 10 -71.08 38.76 21.07
N ASN I 11 -72.00 39.63 21.42
CA ASN I 11 -72.98 39.32 22.45
C ASN I 11 -74.07 38.43 21.90
N THR I 12 -74.24 37.27 22.52
CA THR I 12 -75.37 36.39 22.22
C THR I 12 -76.61 37.05 22.80
N VAL I 13 -77.38 37.69 21.93
CA VAL I 13 -78.54 38.49 22.33
C VAL I 13 -79.78 37.83 21.77
N LEU I 14 -80.72 37.48 22.65
CA LEU I 14 -81.98 36.91 22.24
C LEU I 14 -82.78 37.91 21.43
N PRO I 15 -83.52 37.44 20.42
CA PRO I 15 -84.40 38.35 19.67
C PRO I 15 -85.49 38.91 20.56
N SER I 16 -85.51 40.24 20.67
CA SER I 16 -86.35 40.91 21.65
C SER I 16 -87.83 40.78 21.36
N GLU I 17 -88.21 40.46 20.12
CA GLU I 17 -89.62 40.19 19.82
C GLU I 17 -90.07 38.90 20.48
N SER I 18 -89.21 37.87 20.46
CA SER I 18 -89.49 36.65 21.22
C SER I 18 -89.54 36.93 22.71
N MET I 19 -88.70 37.85 23.18
CA MET I 19 -88.72 38.21 24.59
C MET I 19 -89.99 38.95 24.95
N LYS I 20 -90.53 39.75 24.03
CA LYS I 20 -91.82 40.37 24.25
C LYS I 20 -92.95 39.36 24.19
N VAL I 21 -92.80 38.31 23.37
CA VAL I 21 -93.79 37.24 23.36
C VAL I 21 -93.81 36.52 24.70
N VAL I 22 -92.63 36.23 25.25
CA VAL I 22 -92.54 35.63 26.58
C VAL I 22 -93.06 36.60 27.65
N ALA I 23 -92.83 37.89 27.44
CA ALA I 23 -93.25 38.90 28.40
C ALA I 23 -94.76 39.05 28.43
N GLU I 24 -95.34 39.34 27.28
CA GLU I 24 -96.77 39.51 27.10
C GLU I 24 -97.52 38.19 27.11
N SER I 25 -96.82 37.06 27.25
CA SER I 25 -97.49 35.84 27.69
C SER I 25 -98.03 36.00 29.10
N MET I 26 -97.35 36.77 29.93
CA MET I 26 -97.92 37.23 31.19
C MET I 26 -98.85 38.42 31.00
N GLY I 27 -98.89 39.00 29.81
CA GLY I 27 -99.77 40.12 29.49
C GLY I 27 -99.35 41.39 30.18
N ILE I 28 -98.20 41.93 29.81
CA ILE I 28 -97.65 43.04 30.56
C ILE I 28 -98.15 44.38 30.03
N ALA I 29 -97.72 44.73 28.82
CA ALA I 29 -97.95 46.04 28.21
C ALA I 29 -97.49 45.97 26.77
N GLN I 30 -97.55 47.11 26.08
CA GLN I 30 -96.92 47.26 24.77
C GLN I 30 -95.48 47.69 24.99
N ILE I 31 -94.55 46.88 24.53
CA ILE I 31 -93.15 46.99 24.93
C ILE I 31 -92.34 47.56 23.79
N GLN I 32 -91.41 48.45 24.11
CA GLN I 32 -90.45 48.92 23.13
C GLN I 32 -89.23 48.02 23.11
N GLU I 33 -88.47 48.13 22.02
CA GLU I 33 -87.46 47.13 21.69
C GLU I 33 -86.25 47.22 22.61
N GLU I 34 -85.71 48.44 22.78
CA GLU I 34 -84.43 48.65 23.45
C GLU I 34 -84.46 48.20 24.90
N THR I 35 -85.63 48.27 25.53
CA THR I 35 -85.83 47.72 26.87
C THR I 35 -85.47 46.25 26.92
N CYS I 36 -86.13 45.44 26.08
CA CYS I 36 -85.86 44.01 26.05
C CYS I 36 -84.46 43.70 25.52
N GLN I 37 -83.94 44.56 24.65
CA GLN I 37 -82.56 44.41 24.17
C GLN I 37 -81.58 44.49 25.32
N LEU I 38 -81.67 45.55 26.12
CA LEU I 38 -80.79 45.69 27.26
C LEU I 38 -81.09 44.65 28.34
N LEU I 39 -82.32 44.17 28.41
CA LEU I 39 -82.64 43.08 29.33
C LEU I 39 -81.91 41.80 28.95
N THR I 40 -81.95 41.45 27.66
CA THR I 40 -81.19 40.30 27.18
C THR I 40 -79.71 40.50 27.38
N ASP I 41 -79.24 41.75 27.24
CA ASP I 41 -77.85 42.07 27.52
C ASP I 41 -77.48 41.76 28.97
N GLU I 42 -78.29 42.26 29.91
CA GLU I 42 -78.02 42.11 31.34
C GLU I 42 -78.07 40.65 31.78
N VAL I 43 -79.10 39.94 31.33
CA VAL I 43 -79.23 38.54 31.67
C VAL I 43 -78.11 37.75 31.02
N SER I 44 -77.69 38.12 29.81
CA SER I 44 -76.55 37.46 29.18
C SER I 44 -75.27 37.72 29.93
N TYR I 45 -75.12 38.92 30.52
CA TYR I 45 -73.96 39.21 31.34
C TYR I 45 -73.92 38.29 32.54
N ARG I 46 -75.06 38.20 33.25
CA ARG I 46 -75.10 37.37 34.45
C ARG I 46 -74.92 35.89 34.12
N ILE I 47 -75.51 35.45 33.01
CA ILE I 47 -75.38 34.07 32.58
C ILE I 47 -73.93 33.75 32.24
N LYS I 48 -73.28 34.61 31.47
CA LYS I 48 -71.93 34.29 31.04
C LYS I 48 -70.93 34.47 32.16
N GLU I 49 -71.20 35.37 33.10
CA GLU I 49 -70.44 35.42 34.34
C GLU I 49 -70.52 34.10 35.09
N ILE I 50 -71.74 33.63 35.34
CA ILE I 50 -71.98 32.36 36.01
C ILE I 50 -71.41 31.21 35.21
N ALA I 51 -71.36 31.36 33.89
CA ALA I 51 -70.73 30.36 33.06
C ALA I 51 -69.24 30.29 33.31
N GLN I 52 -68.57 31.45 33.39
CA GLN I 52 -67.18 31.47 33.81
C GLN I 52 -67.01 30.88 35.20
N ASP I 53 -67.99 31.11 36.07
CA ASP I 53 -67.89 30.66 37.44
C ASP I 53 -68.00 29.14 37.55
N ALA I 54 -68.94 28.55 36.82
CA ALA I 54 -69.05 27.10 36.80
C ALA I 54 -67.88 26.48 36.07
N LEU I 55 -67.26 27.22 35.16
CA LEU I 55 -66.00 26.74 34.60
C LEU I 55 -64.91 26.73 35.67
N LYS I 56 -64.91 27.70 36.56
CA LYS I 56 -63.91 27.69 37.61
C LYS I 56 -64.16 26.54 38.59
N PHE I 57 -65.45 26.23 38.80
CA PHE I 57 -65.84 25.01 39.50
C PHE I 57 -65.23 23.77 38.86
N MET I 58 -65.60 23.48 37.62
CA MET I 58 -65.20 22.20 37.07
C MET I 58 -63.76 22.17 36.60
N HIS I 59 -63.08 23.29 36.60
CA HIS I 59 -61.65 23.25 36.41
C HIS I 59 -60.91 23.27 37.73
N MET I 60 -61.62 23.23 38.84
CA MET I 60 -60.97 22.63 40.00
C MET I 60 -61.53 21.29 40.42
N GLY I 61 -62.76 20.97 40.08
CA GLY I 61 -63.19 19.59 40.18
C GLY I 61 -62.63 18.70 39.13
N LYS I 62 -62.00 19.30 38.11
CA LYS I 62 -61.11 18.65 37.17
C LYS I 62 -61.86 17.64 36.32
N ARG I 63 -62.94 18.10 35.72
CA ARG I 63 -63.59 17.40 34.62
C ARG I 63 -63.99 18.43 33.59
N GLN I 64 -63.82 18.08 32.32
CA GLN I 64 -64.10 19.02 31.24
C GLN I 64 -65.56 18.98 30.80
N LYS I 65 -66.42 18.30 31.54
CA LYS I 65 -67.85 18.26 31.27
C LYS I 65 -68.61 18.94 32.39
N LEU I 66 -69.66 19.65 32.03
CA LEU I 66 -70.36 20.52 32.97
C LEU I 66 -71.74 19.95 33.23
N THR I 67 -72.00 19.59 34.47
CA THR I 67 -73.27 18.99 34.82
C THR I 67 -74.23 20.06 35.31
N THR I 68 -75.47 19.63 35.52
CA THR I 68 -76.43 20.46 36.22
C THR I 68 -75.97 20.75 37.64
N SER I 69 -75.36 19.75 38.28
CA SER I 69 -74.96 19.86 39.67
C SER I 69 -73.88 20.92 39.84
N ASP I 70 -73.03 21.07 38.83
CA ASP I 70 -71.95 22.06 38.89
C ASP I 70 -72.52 23.46 38.97
N ILE I 71 -73.52 23.73 38.13
CA ILE I 71 -74.14 25.04 38.11
C ILE I 71 -75.01 25.22 39.33
N ASP I 72 -75.55 24.12 39.86
CA ASP I 72 -76.24 24.16 41.14
C ASP I 72 -75.32 24.65 42.24
N TYR I 73 -74.07 24.19 42.22
CA TYR I 73 -73.15 24.73 43.18
C TYR I 73 -72.69 26.13 42.79
N ALA I 74 -72.81 26.48 41.51
CA ALA I 74 -72.57 27.87 41.15
C ALA I 74 -73.68 28.79 41.61
N LEU I 75 -74.84 28.27 41.99
CA LEU I 75 -75.93 29.08 42.48
C LEU I 75 -75.87 29.32 43.97
N LYS I 76 -74.68 29.40 44.54
CA LYS I 76 -74.56 29.85 45.92
C LYS I 76 -74.35 31.34 46.01
N LEU I 77 -74.96 32.11 45.10
CA LEU I 77 -74.92 33.58 45.17
C LEU I 77 -76.32 34.16 45.36
N UNK I 207 -17.69 -8.68 3.26
CA UNK I 207 -18.99 -8.08 3.58
C UNK I 207 -20.03 -9.14 3.87
N UNK I 208 -20.02 -9.65 5.10
CA UNK I 208 -21.09 -10.48 5.62
C UNK I 208 -21.85 -9.67 6.65
N UNK I 209 -23.17 -9.56 6.47
CA UNK I 209 -23.97 -8.69 7.31
C UNK I 209 -24.08 -9.26 8.72
N UNK I 210 -24.52 -8.41 9.64
CA UNK I 210 -24.76 -8.85 10.99
C UNK I 210 -25.94 -9.80 11.02
N UNK I 211 -25.87 -10.79 11.91
CA UNK I 211 -26.92 -11.77 12.04
C UNK I 211 -28.20 -11.12 12.52
N UNK I 212 -29.33 -11.73 12.17
CA UNK I 212 -30.61 -11.08 12.37
C UNK I 212 -31.04 -11.16 13.83
N UNK I 213 -32.17 -10.51 14.12
CA UNK I 213 -32.85 -10.65 15.39
C UNK I 213 -34.34 -10.67 15.09
N UNK I 214 -35.07 -11.58 15.74
CA UNK I 214 -36.47 -11.77 15.41
C UNK I 214 -37.31 -10.60 15.91
N UNK I 215 -38.62 -10.67 15.64
CA UNK I 215 -39.51 -9.69 16.22
C UNK I 215 -39.68 -9.91 17.71
N UNK I 216 -39.50 -11.14 18.15
CA UNK I 216 -39.73 -11.49 19.54
C UNK I 216 -38.63 -10.97 20.44
N SER I 217 -38.90 -10.99 21.73
CA SER I 217 -37.84 -11.20 22.70
C SER I 217 -37.81 -12.68 23.04
N VAL I 218 -36.71 -13.08 23.69
CA VAL I 218 -36.67 -14.43 24.26
C VAL I 218 -37.73 -14.56 25.34
N GLU I 219 -37.93 -13.49 26.11
CA GLU I 219 -38.94 -13.47 27.15
C GLU I 219 -40.33 -13.67 26.57
N GLN I 220 -40.69 -12.89 25.57
CA GLN I 220 -42.05 -13.00 25.10
C GLN I 220 -42.23 -14.18 24.18
N GLN I 221 -41.17 -14.71 23.59
CA GLN I 221 -41.39 -15.95 22.89
C GLN I 221 -41.56 -17.10 23.87
N LEU I 222 -40.96 -17.01 25.05
CA LEU I 222 -41.26 -18.05 26.03
C LEU I 222 -42.65 -17.85 26.60
N TYR I 223 -43.09 -16.60 26.67
CA TYR I 223 -44.48 -16.30 27.00
C TYR I 223 -45.41 -16.91 25.95
N TYR I 224 -45.01 -16.80 24.69
CA TYR I 224 -45.74 -17.43 23.60
C TYR I 224 -45.76 -18.94 23.74
N LYS I 225 -44.66 -19.53 24.18
CA LYS I 225 -44.64 -20.98 24.38
C LYS I 225 -45.57 -21.38 25.50
N GLU I 226 -45.66 -20.55 26.53
CA GLU I 226 -46.66 -20.79 27.57
C GLU I 226 -48.07 -20.72 26.99
N ILE I 227 -48.30 -19.76 26.08
CA ILE I 227 -49.60 -19.63 25.43
C ILE I 227 -49.95 -20.89 24.66
N THR I 228 -48.97 -21.41 23.93
CA THR I 228 -49.21 -22.58 23.09
C THR I 228 -49.44 -23.83 23.93
N GLU I 229 -48.60 -24.06 24.93
CA GLU I 229 -48.80 -25.26 25.71
C GLU I 229 -49.97 -25.15 26.67
N ALA I 230 -50.46 -23.95 26.93
CA ALA I 230 -51.74 -23.84 27.60
C ALA I 230 -52.89 -24.04 26.64
N CYS I 231 -52.69 -23.75 25.36
CA CYS I 231 -53.65 -24.18 24.36
C CYS I 231 -53.68 -25.70 24.25
N VAL I 232 -52.55 -26.35 24.49
CA VAL I 232 -52.58 -27.80 24.66
C VAL I 232 -53.29 -28.16 25.95
N GLY I 233 -53.18 -27.30 26.97
CA GLY I 233 -53.44 -27.56 28.38
C GLY I 233 -54.64 -28.38 28.80
N SER I 234 -54.36 -29.47 29.52
CA SER I 234 -55.43 -30.33 30.03
C SER I 234 -56.16 -29.69 31.19
N CYS I 235 -55.44 -29.01 32.07
CA CYS I 235 -56.07 -28.33 33.19
C CYS I 235 -56.87 -27.14 32.66
N GLU I 236 -58.17 -27.17 32.91
CA GLU I 236 -59.07 -26.15 32.41
C GLU I 236 -58.84 -24.80 33.07
N ALA I 237 -58.23 -24.79 34.26
CA ALA I 237 -57.76 -23.54 34.84
C ALA I 237 -56.68 -22.91 33.95
N LYS I 238 -55.73 -23.73 33.48
CA LYS I 238 -54.71 -23.25 32.56
C LYS I 238 -55.33 -22.84 31.24
N ARG I 239 -56.38 -23.57 30.83
CA ARG I 239 -57.14 -23.23 29.63
C ARG I 239 -57.75 -21.85 29.73
N ALA I 240 -58.51 -21.60 30.79
CA ALA I 240 -59.18 -20.32 30.96
C ALA I 240 -58.19 -19.20 31.20
N GLU I 241 -57.08 -19.50 31.87
CA GLU I 241 -56.00 -18.54 32.01
C GLU I 241 -55.47 -18.12 30.65
N ALA I 242 -55.28 -19.10 29.77
CA ALA I 242 -54.85 -18.78 28.42
C ALA I 242 -55.89 -17.96 27.68
N LEU I 243 -57.16 -18.30 27.87
CA LEU I 243 -58.23 -17.63 27.15
C LEU I 243 -58.32 -16.16 27.56
N GLN I 244 -58.21 -15.91 28.85
CA GLN I 244 -58.21 -14.54 29.34
C GLN I 244 -56.94 -13.82 28.92
N SER I 245 -55.81 -14.53 28.89
CA SER I 245 -54.55 -13.92 28.48
C SER I 245 -54.58 -13.52 27.02
N ILE I 246 -55.27 -14.29 26.19
CA ILE I 246 -55.48 -13.89 24.80
C ILE I 246 -56.36 -12.67 24.75
N ALA I 247 -57.55 -12.79 25.33
CA ALA I 247 -58.59 -11.79 25.12
C ALA I 247 -58.26 -10.45 25.76
N THR I 248 -57.32 -10.42 26.69
CA THR I 248 -56.98 -9.19 27.38
C THR I 248 -55.47 -9.05 27.48
N ASP I 249 -54.76 -9.18 26.35
CA ASP I 249 -53.43 -8.61 26.22
C ASP I 249 -53.45 -7.66 25.03
N PRO I 250 -53.99 -6.46 25.21
CA PRO I 250 -53.86 -5.46 24.16
C PRO I 250 -52.45 -4.91 24.14
N GLY I 251 -52.08 -4.39 22.99
CA GLY I 251 -50.69 -4.03 22.79
C GLY I 251 -49.77 -5.21 22.60
N LEU I 252 -50.31 -6.41 22.43
CA LEU I 252 -49.42 -7.54 22.22
C LEU I 252 -48.91 -7.51 20.79
N TYR I 253 -49.79 -7.76 19.81
CA TYR I 253 -49.70 -7.22 18.44
C TYR I 253 -48.49 -7.66 17.62
N GLN I 254 -47.56 -8.32 18.28
CA GLN I 254 -46.24 -8.58 17.78
C GLN I 254 -45.87 -10.01 18.04
N MET I 255 -46.55 -10.65 19.00
CA MET I 255 -46.85 -12.07 18.96
C MET I 255 -48.15 -12.33 18.23
N LEU I 256 -48.45 -11.50 17.27
CA LEU I 256 -49.40 -11.69 16.19
C LEU I 256 -48.59 -12.25 15.02
N PRO I 257 -49.03 -12.13 13.77
CA PRO I 257 -49.37 -13.30 12.96
C PRO I 257 -48.66 -14.62 13.17
N ARG I 258 -47.33 -14.66 13.46
CA ARG I 258 -46.55 -15.89 13.55
C ARG I 258 -47.25 -16.95 14.39
N PHE I 259 -47.72 -16.50 15.54
CA PHE I 259 -48.73 -17.10 16.36
C PHE I 259 -49.89 -17.66 15.55
N SER I 260 -50.65 -16.78 14.91
CA SER I 260 -51.88 -17.18 14.26
C SER I 260 -51.59 -17.97 13.01
N THR I 261 -50.43 -17.72 12.41
CA THR I 261 -50.09 -18.37 11.15
C THR I 261 -49.87 -19.85 11.35
N PHE I 262 -48.93 -20.26 12.21
CA PHE I 262 -48.94 -21.71 12.30
C PHE I 262 -49.86 -22.23 13.40
N ILE I 263 -50.70 -21.38 13.98
CA ILE I 263 -51.98 -21.86 14.47
C ILE I 263 -52.84 -22.41 13.33
N SER I 264 -52.96 -21.65 12.24
CA SER I 264 -53.74 -22.11 11.10
C SER I 264 -53.09 -23.32 10.44
N GLU I 265 -51.77 -23.37 10.48
CA GLU I 265 -51.09 -24.54 9.93
C GLU I 265 -51.35 -25.77 10.80
N GLY I 266 -51.36 -25.59 12.13
CA GLY I 266 -51.78 -26.66 13.01
C GLY I 266 -53.22 -27.08 12.79
N VAL I 267 -54.07 -26.12 12.40
CA VAL I 267 -55.45 -26.43 12.05
C VAL I 267 -55.49 -27.39 10.88
N ARG I 268 -54.74 -27.08 9.81
CA ARG I 268 -54.70 -27.97 8.64
C ARG I 268 -54.17 -29.35 8.99
N VAL I 269 -53.07 -29.39 9.75
CA VAL I 269 -52.44 -30.66 10.09
C VAL I 269 -53.35 -31.51 10.98
N ASN I 270 -54.12 -30.86 11.83
CA ASN I 270 -55.02 -31.64 12.67
C ASN I 270 -56.37 -31.89 12.04
N VAL I 271 -56.72 -31.15 10.98
CA VAL I 271 -57.78 -31.58 10.10
C VAL I 271 -57.43 -32.92 9.47
N VAL I 272 -56.17 -33.05 9.04
CA VAL I 272 -55.67 -34.35 8.62
C VAL I 272 -55.71 -35.35 9.76
N GLN I 273 -55.28 -34.91 10.95
CA GLN I 273 -55.28 -35.82 12.09
C GLN I 273 -56.67 -36.08 12.64
N ASN I 274 -57.63 -35.18 12.36
CA ASN I 274 -59.05 -35.37 12.63
C ASN I 274 -59.30 -35.59 14.13
N ASN I 275 -58.99 -34.55 14.91
CA ASN I 275 -58.95 -34.62 16.37
C ASN I 275 -59.73 -33.44 16.93
N LEU I 276 -60.87 -33.74 17.58
CA LEU I 276 -61.80 -32.71 18.02
C LEU I 276 -61.26 -31.85 19.15
N ALA I 277 -60.35 -32.40 19.97
CA ALA I 277 -59.88 -31.64 21.12
C ALA I 277 -59.02 -30.47 20.67
N LEU I 278 -58.12 -30.71 19.72
CA LEU I 278 -57.35 -29.63 19.13
C LEU I 278 -58.26 -28.65 18.41
N LEU I 279 -59.35 -29.14 17.85
CA LEU I 279 -60.32 -28.28 17.17
C LEU I 279 -60.99 -27.32 18.14
N ILE I 280 -61.53 -27.84 19.24
CA ILE I 280 -62.24 -26.98 20.19
C ILE I 280 -61.28 -26.03 20.86
N TYR I 281 -60.03 -26.47 21.08
CA TYR I 281 -59.04 -25.59 21.68
C TYR I 281 -58.71 -24.44 20.74
N LEU I 282 -58.52 -24.73 19.46
CA LEU I 282 -58.23 -23.67 18.51
C LEU I 282 -59.41 -22.78 18.25
N MET I 283 -60.62 -23.31 18.33
CA MET I 283 -61.74 -22.45 17.98
C MET I 283 -62.10 -21.51 19.12
N ARG I 284 -62.02 -21.99 20.36
CA ARG I 284 -62.13 -21.06 21.47
C ARG I 284 -60.95 -20.11 21.51
N MET I 285 -59.79 -20.56 21.01
CA MET I 285 -58.66 -19.67 20.90
C MET I 285 -58.93 -18.54 19.92
N VAL I 286 -59.58 -18.87 18.81
CA VAL I 286 -59.91 -17.85 17.83
C VAL I 286 -60.99 -16.92 18.37
N LYS I 287 -61.89 -17.44 19.21
CA LYS I 287 -62.88 -16.60 19.86
C LYS I 287 -62.21 -15.56 20.75
N ALA I 288 -61.29 -16.03 21.60
CA ALA I 288 -60.53 -15.13 22.45
C ALA I 288 -59.65 -14.20 21.65
N LEU I 289 -59.21 -14.63 20.48
CA LEU I 289 -58.54 -13.72 19.57
C LEU I 289 -59.49 -12.68 19.02
N MET I 290 -60.74 -13.02 18.86
CA MET I 290 -61.66 -12.10 18.25
C MET I 290 -62.06 -11.01 19.22
N ASP I 291 -62.05 -11.29 20.52
CA ASP I 291 -62.47 -10.27 21.48
C ASP I 291 -61.33 -9.48 22.12
N ASN I 292 -60.09 -9.61 21.65
CA ASN I 292 -59.08 -8.75 22.23
C ASN I 292 -59.02 -7.48 21.40
N PRO I 293 -59.61 -6.39 21.90
CA PRO I 293 -60.17 -5.37 20.98
C PRO I 293 -59.13 -4.56 20.25
N THR I 294 -57.91 -4.49 20.76
CA THR I 294 -56.94 -3.62 20.13
C THR I 294 -56.35 -4.26 18.88
N LEU I 295 -56.18 -5.57 18.91
CA LEU I 295 -55.40 -6.30 17.92
C LEU I 295 -56.25 -6.43 16.66
N TYR I 296 -56.12 -5.47 15.74
CA TYR I 296 -57.05 -5.40 14.64
C TYR I 296 -56.80 -6.49 13.62
N LEU I 297 -57.86 -7.01 13.09
CA LEU I 297 -57.79 -8.29 12.43
C LEU I 297 -57.40 -8.16 10.97
N GLU I 298 -57.60 -6.96 10.41
CA GLU I 298 -57.81 -6.71 8.98
C GLU I 298 -56.70 -7.32 8.12
N LYS I 299 -55.48 -6.86 8.34
CA LYS I 299 -54.33 -7.26 7.55
C LYS I 299 -54.02 -8.72 7.73
N TYR I 300 -54.41 -9.30 8.84
CA TYR I 300 -54.01 -10.65 9.15
C TYR I 300 -55.17 -11.61 9.04
N VAL I 301 -56.32 -11.12 8.58
CA VAL I 301 -57.52 -11.91 8.35
C VAL I 301 -57.23 -13.13 7.48
N HIS I 302 -56.53 -12.92 6.40
CA HIS I 302 -56.66 -13.76 5.25
C HIS I 302 -55.80 -15.00 5.30
N GLU I 303 -55.36 -15.42 6.48
CA GLU I 303 -54.94 -16.81 6.66
C GLU I 303 -55.62 -17.43 7.86
N LEU I 304 -56.76 -16.90 8.26
CA LEU I 304 -57.44 -17.38 9.46
C LEU I 304 -58.83 -17.93 9.15
N ILE I 305 -59.65 -17.13 8.51
CA ILE I 305 -61.01 -17.45 8.08
C ILE I 305 -61.13 -18.76 7.31
N PRO I 306 -60.22 -19.11 6.37
CA PRO I 306 -60.34 -20.45 5.76
C PRO I 306 -60.12 -21.58 6.72
N ALA I 307 -59.34 -21.40 7.79
CA ALA I 307 -59.22 -22.45 8.79
C ALA I 307 -60.54 -22.64 9.52
N VAL I 308 -61.25 -21.54 9.74
CA VAL I 308 -62.58 -21.60 10.35
C VAL I 308 -63.53 -22.35 9.44
N MET I 309 -63.47 -22.07 8.14
CA MET I 309 -64.42 -22.72 7.27
C MET I 309 -64.05 -24.17 7.03
N THR I 310 -62.76 -24.50 7.10
CA THR I 310 -62.38 -25.90 7.04
C THR I 310 -62.84 -26.63 8.29
N CYS I 311 -62.88 -25.93 9.41
CA CYS I 311 -63.56 -26.48 10.57
C CYS I 311 -65.05 -26.59 10.35
N ILE I 312 -65.62 -25.77 9.47
CA ILE I 312 -67.06 -25.87 9.24
C ILE I 312 -67.41 -27.08 8.38
N VAL I 313 -66.64 -27.36 7.33
CA VAL I 313 -67.18 -28.13 6.20
C VAL I 313 -67.44 -29.61 6.50
N SER I 314 -66.41 -30.42 6.75
CA SER I 314 -66.69 -31.84 6.63
C SER I 314 -65.71 -32.68 7.43
N ARG I 315 -66.11 -33.94 7.61
CA ARG I 315 -65.22 -35.07 7.85
C ARG I 315 -64.48 -34.95 9.17
N GLN I 316 -65.05 -34.20 10.10
CA GLN I 316 -64.56 -34.16 11.47
C GLN I 316 -65.01 -35.45 12.13
N LEU I 317 -64.26 -36.50 11.87
CA LEU I 317 -64.68 -37.86 12.18
C LEU I 317 -63.57 -38.47 13.03
N CYS I 318 -63.64 -38.20 14.34
CA CYS I 318 -62.83 -38.98 15.26
C CYS I 318 -63.36 -40.40 15.34
N LEU I 319 -64.61 -40.54 15.74
CA LEU I 319 -65.33 -41.81 15.69
C LEU I 319 -66.74 -41.57 15.20
N ARG I 320 -67.27 -42.57 14.51
CA ARG I 320 -68.63 -42.56 13.99
C ARG I 320 -69.73 -42.54 15.05
N PRO I 321 -69.61 -43.17 16.24
CA PRO I 321 -70.58 -42.84 17.29
C PRO I 321 -70.28 -41.54 18.00
N ASP I 322 -69.15 -40.90 17.70
CA ASP I 322 -68.73 -39.70 18.39
C ASP I 322 -68.69 -38.50 17.45
N VAL I 323 -69.60 -38.48 16.47
CA VAL I 323 -69.77 -37.31 15.63
C VAL I 323 -70.57 -36.23 16.37
N ASP I 324 -71.09 -36.56 17.56
CA ASP I 324 -72.02 -35.74 18.32
C ASP I 324 -71.43 -34.39 18.69
N ASN I 325 -70.19 -34.39 19.17
CA ASN I 325 -69.55 -33.16 19.60
C ASN I 325 -69.20 -32.29 18.41
N HIS I 326 -69.04 -32.90 17.23
CA HIS I 326 -68.65 -32.15 16.06
C HIS I 326 -69.77 -31.24 15.58
N TRP I 327 -71.02 -31.60 15.85
CA TRP I 327 -72.10 -30.72 15.48
C TRP I 327 -72.06 -29.45 16.30
N ALA I 328 -71.80 -29.59 17.59
CA ALA I 328 -71.62 -28.43 18.45
C ALA I 328 -70.40 -27.62 18.06
N LEU I 329 -69.34 -28.31 17.59
CA LEU I 329 -68.19 -27.62 17.04
C LEU I 329 -68.57 -26.76 15.85
N ARG I 330 -69.42 -27.30 14.97
CA ARG I 330 -69.86 -26.53 13.82
C ARG I 330 -70.75 -25.38 14.23
N ASP I 331 -71.57 -25.58 15.27
CA ASP I 331 -72.41 -24.52 15.81
C ASP I 331 -71.56 -23.37 16.30
N PHE I 332 -70.57 -23.70 17.13
CA PHE I 332 -69.65 -22.74 17.68
C PHE I 332 -68.87 -22.04 16.58
N ALA I 333 -68.52 -22.78 15.53
CA ALA I 333 -67.75 -22.23 14.43
C ALA I 333 -68.57 -21.22 13.64
N ALA I 334 -69.80 -21.59 13.30
CA ALA I 334 -70.65 -20.68 12.55
C ALA I 334 -71.01 -19.47 13.39
N ARG I 335 -71.11 -19.65 14.70
CA ARG I 335 -71.27 -18.54 15.62
C ARG I 335 -70.07 -17.60 15.55
N LEU I 336 -68.87 -18.18 15.44
CA LEU I 336 -67.68 -17.36 15.30
C LEU I 336 -67.69 -16.60 13.99
N VAL I 337 -68.16 -17.25 12.93
CA VAL I 337 -68.26 -16.58 11.63
C VAL I 337 -69.24 -15.44 11.70
N ALA I 338 -70.34 -15.63 12.42
CA ALA I 338 -71.29 -14.56 12.67
C ALA I 338 -70.64 -13.40 13.41
N GLN I 339 -69.76 -13.72 14.35
CA GLN I 339 -69.02 -12.65 15.01
C GLN I 339 -68.04 -11.98 14.07
N ILE I 340 -67.56 -12.70 13.06
CA ILE I 340 -66.65 -12.10 12.10
C ILE I 340 -67.38 -11.12 11.22
N CYS I 341 -68.51 -11.56 10.66
CA CYS I 341 -69.15 -10.91 9.52
C CYS I 341 -69.66 -9.52 9.80
N LYS I 342 -69.75 -9.11 11.06
CA LYS I 342 -70.27 -7.80 11.40
C LYS I 342 -69.20 -6.73 11.42
N HIS I 343 -68.03 -6.98 10.84
CA HIS I 343 -66.95 -6.01 10.93
C HIS I 343 -66.22 -5.71 9.63
N PHE I 344 -66.30 -6.58 8.63
CA PHE I 344 -65.30 -6.52 7.58
C PHE I 344 -65.86 -6.43 6.18
N SER I 345 -67.15 -6.65 5.99
CA SER I 345 -67.69 -6.66 4.64
C SER I 345 -68.07 -5.28 4.13
N THR I 346 -67.74 -4.21 4.86
CA THR I 346 -67.90 -2.86 4.34
C THR I 346 -67.04 -2.65 3.11
N THR I 347 -65.87 -3.28 3.11
CA THR I 347 -64.83 -3.18 2.12
C THR I 347 -65.21 -4.08 0.95
N THR I 348 -64.20 -4.50 0.21
CA THR I 348 -64.22 -5.74 -0.54
C THR I 348 -65.01 -6.81 0.19
N ASN I 349 -65.91 -7.43 -0.55
CA ASN I 349 -66.98 -8.22 0.01
C ASN I 349 -66.62 -9.69 0.04
N ASN I 350 -65.37 -10.01 0.38
CA ASN I 350 -64.97 -11.41 0.59
C ASN I 350 -65.90 -12.08 1.60
N ILE I 351 -66.23 -11.35 2.66
CA ILE I 351 -66.94 -11.87 3.82
C ILE I 351 -68.33 -12.30 3.41
N GLN I 352 -69.19 -11.32 3.12
CA GLN I 352 -70.57 -11.64 2.85
C GLN I 352 -70.72 -12.38 1.54
N SER I 353 -70.24 -11.78 0.45
CA SER I 353 -70.50 -12.34 -0.87
C SER I 353 -69.82 -13.69 -1.05
N ARG I 354 -68.57 -13.82 -0.61
CA ARG I 354 -67.88 -15.07 -0.86
C ARG I 354 -68.35 -16.17 0.07
N ILE I 355 -68.63 -15.86 1.33
CA ILE I 355 -69.07 -16.93 2.23
C ILE I 355 -70.50 -17.33 1.92
N THR I 356 -71.34 -16.37 1.52
CA THR I 356 -72.69 -16.70 1.12
C THR I 356 -72.72 -17.52 -0.15
N LYS I 357 -71.97 -17.14 -1.17
CA LYS I 357 -71.98 -17.93 -2.40
C LYS I 357 -71.28 -19.27 -2.19
N THR I 358 -70.31 -19.30 -1.27
CA THR I 358 -69.70 -20.54 -0.84
C THR I 358 -70.73 -21.50 -0.31
N PHE I 359 -71.50 -21.04 0.67
CA PHE I 359 -72.49 -21.92 1.28
C PHE I 359 -73.66 -22.16 0.35
N THR I 360 -73.89 -21.24 -0.59
CA THR I 360 -74.91 -21.42 -1.60
C THR I 360 -74.61 -22.61 -2.47
N LYS I 361 -73.48 -22.55 -3.19
CA LYS I 361 -73.09 -23.66 -4.05
C LYS I 361 -72.71 -24.89 -3.26
N SER I 362 -72.39 -24.73 -1.98
CA SER I 362 -72.18 -25.88 -1.12
C SER I 362 -73.50 -26.58 -0.81
N TRP I 363 -74.57 -25.81 -0.61
CA TRP I 363 -75.89 -26.39 -0.44
C TRP I 363 -76.37 -27.03 -1.73
N VAL I 364 -75.95 -26.47 -2.87
CA VAL I 364 -76.30 -27.05 -4.17
C VAL I 364 -75.59 -28.39 -4.37
N ASP I 365 -74.45 -28.60 -3.70
CA ASP I 365 -73.61 -29.77 -3.92
C ASP I 365 -74.32 -31.04 -3.50
N GLU I 366 -74.80 -31.78 -4.48
CA GLU I 366 -75.47 -33.05 -4.27
C GLU I 366 -74.41 -34.12 -4.11
N LYS I 367 -74.78 -35.20 -3.41
CA LYS I 367 -73.93 -36.35 -3.13
C LYS I 367 -72.68 -35.93 -2.36
N THR I 368 -72.91 -35.20 -1.29
CA THR I 368 -71.90 -34.82 -0.30
C THR I 368 -72.36 -35.29 1.07
N PRO I 369 -71.45 -35.51 2.01
CA PRO I 369 -71.88 -35.89 3.35
C PRO I 369 -72.63 -34.76 4.03
N TRP I 370 -73.54 -35.15 4.93
CA TRP I 370 -74.46 -34.17 5.50
C TRP I 370 -73.78 -33.26 6.50
N THR I 371 -72.56 -33.57 6.92
CA THR I 371 -71.76 -32.61 7.67
C THR I 371 -71.56 -31.32 6.87
N THR I 372 -71.36 -31.44 5.57
CA THR I 372 -71.26 -30.28 4.70
C THR I 372 -72.56 -29.50 4.70
N ARG I 373 -73.67 -30.22 4.62
CA ARG I 373 -74.98 -29.59 4.57
C ARG I 373 -75.28 -28.87 5.87
N TYR I 374 -74.93 -29.50 6.99
CA TYR I 374 -75.16 -28.93 8.30
C TYR I 374 -74.32 -27.69 8.51
N GLY I 375 -73.03 -27.78 8.15
CA GLY I 375 -72.15 -26.63 8.33
C GLY I 375 -72.56 -25.46 7.46
N SER I 376 -72.98 -25.75 6.23
CA SER I 376 -73.44 -24.72 5.31
C SER I 376 -74.68 -24.01 5.84
N ILE I 377 -75.70 -24.79 6.18
CA ILE I 377 -76.96 -24.21 6.57
C ILE I 377 -76.83 -23.55 7.94
N ALA I 378 -75.97 -24.06 8.80
CA ALA I 378 -75.73 -23.41 10.08
C ALA I 378 -75.01 -22.10 9.91
N GLY I 379 -74.05 -22.05 8.99
CA GLY I 379 -73.37 -20.79 8.71
C GLY I 379 -74.30 -19.76 8.13
N LEU I 380 -75.22 -20.20 7.27
CA LEU I 380 -76.21 -19.27 6.74
C LEU I 380 -77.19 -18.85 7.81
N ALA I 381 -77.45 -19.73 8.78
CA ALA I 381 -78.33 -19.40 9.89
C ALA I 381 -77.70 -18.34 10.76
N GLU I 382 -76.40 -18.42 10.97
CA GLU I 382 -75.72 -17.44 11.81
C GLU I 382 -75.60 -16.08 11.15
N LEU I 383 -75.80 -16.00 9.84
CA LEU I 383 -75.69 -14.71 9.18
C LEU I 383 -76.85 -13.78 9.49
N GLY I 384 -78.00 -14.31 9.88
CA GLY I 384 -79.05 -13.43 10.33
C GLY I 384 -80.46 -13.79 9.93
N HIS I 385 -81.40 -12.98 10.41
CA HIS I 385 -82.81 -13.18 10.17
C HIS I 385 -83.15 -13.05 8.69
N ASP I 386 -82.77 -11.92 8.10
CA ASP I 386 -83.14 -11.66 6.72
C ASP I 386 -82.36 -12.52 5.74
N VAL I 387 -81.18 -12.98 6.16
CA VAL I 387 -80.40 -13.94 5.37
C VAL I 387 -81.21 -15.21 5.16
N ILE I 388 -81.72 -15.78 6.25
CA ILE I 388 -82.52 -16.98 6.17
C ILE I 388 -83.85 -16.71 5.50
N LYS I 389 -84.38 -15.50 5.71
CA LYS I 389 -85.61 -15.08 5.04
C LYS I 389 -85.45 -15.11 3.52
N THR I 390 -84.28 -14.72 3.02
CA THR I 390 -83.99 -14.91 1.61
C THR I 390 -83.82 -16.39 1.30
N LEU I 391 -82.99 -17.07 2.08
CA LEU I 391 -82.46 -18.35 1.63
C LEU I 391 -83.43 -19.49 1.84
N ILE I 392 -84.10 -19.54 2.98
CA ILE I 392 -84.83 -20.76 3.29
C ILE I 392 -86.28 -20.47 2.98
N LEU I 393 -86.52 -19.44 2.19
CA LEU I 393 -87.85 -19.29 1.61
C LEU I 393 -88.11 -20.36 0.56
N PRO I 394 -87.23 -20.63 -0.46
CA PRO I 394 -87.49 -21.84 -1.25
C PRO I 394 -86.94 -23.09 -0.58
N ARG I 395 -85.89 -22.90 0.22
CA ARG I 395 -85.23 -24.03 0.84
C ARG I 395 -86.05 -24.62 1.97
N LEU I 396 -87.13 -23.98 2.39
CA LEU I 396 -88.12 -24.57 3.27
C LEU I 396 -88.62 -25.90 2.71
N GLN I 397 -89.34 -25.84 1.59
CA GLN I 397 -89.84 -27.08 1.05
C GLN I 397 -88.81 -27.85 0.24
N GLN I 398 -87.75 -27.19 -0.26
CA GLN I 398 -86.71 -27.96 -0.95
C GLN I 398 -85.91 -28.81 0.03
N GLU I 399 -85.58 -28.26 1.18
CA GLU I 399 -84.93 -29.05 2.19
C GLU I 399 -85.93 -29.98 2.88
N GLY I 400 -87.23 -29.69 2.82
CA GLY I 400 -88.20 -30.69 3.22
C GLY I 400 -88.22 -31.88 2.28
N GLU I 401 -88.01 -31.62 0.99
CA GLU I 401 -87.79 -32.70 0.03
C GLU I 401 -86.52 -33.46 0.36
N ARG I 402 -85.49 -32.77 0.84
CA ARG I 402 -84.29 -33.46 1.30
C ARG I 402 -84.57 -34.28 2.54
N ILE I 403 -85.45 -33.79 3.42
CA ILE I 403 -85.85 -34.51 4.64
C ILE I 403 -86.52 -35.82 4.27
N ARG I 404 -87.55 -35.75 3.45
CA ARG I 404 -88.26 -36.96 3.11
C ARG I 404 -87.61 -37.74 1.98
N SER I 405 -86.48 -37.25 1.47
CA SER I 405 -85.55 -38.15 0.80
C SER I 405 -84.76 -38.94 1.82
N VAL I 406 -84.37 -38.28 2.92
CA VAL I 406 -83.71 -38.99 4.00
C VAL I 406 -84.72 -39.81 4.79
N LEU I 407 -85.70 -39.13 5.39
CA LEU I 407 -86.72 -39.84 6.15
C LEU I 407 -87.66 -40.56 5.21
N ASP I 408 -88.03 -41.78 5.60
CA ASP I 408 -88.68 -42.76 4.73
C ASP I 408 -87.88 -42.95 3.45
N GLY I 409 -86.57 -43.06 3.60
CA GLY I 409 -85.66 -43.04 2.48
C GLY I 409 -84.98 -44.37 2.23
N PRO I 410 -83.75 -44.52 2.71
CA PRO I 410 -82.91 -45.65 2.31
C PRO I 410 -83.31 -46.97 2.93
N VAL I 411 -82.56 -48.01 2.61
CA VAL I 411 -82.78 -49.30 3.25
C VAL I 411 -82.19 -49.22 4.66
N LEU I 412 -80.87 -49.06 4.75
CA LEU I 412 -80.18 -48.98 6.03
C LEU I 412 -78.85 -48.25 5.83
N SER I 413 -78.73 -47.05 6.37
CA SER I 413 -77.43 -46.48 6.73
C SER I 413 -77.68 -45.58 7.94
N ASN I 414 -77.60 -46.18 9.12
CA ASN I 414 -78.10 -45.53 10.31
C ASN I 414 -77.16 -44.47 10.85
N ILE I 415 -75.88 -44.56 10.51
CA ILE I 415 -74.96 -43.45 10.78
C ILE I 415 -75.45 -42.20 10.07
N ASP I 416 -75.64 -42.31 8.76
CA ASP I 416 -76.10 -41.20 7.96
C ASP I 416 -77.55 -40.85 8.28
N ARG I 417 -78.36 -41.85 8.59
CA ARG I 417 -79.75 -41.62 8.98
C ARG I 417 -79.85 -40.76 10.24
N ILE I 418 -79.17 -41.20 11.31
CA ILE I 418 -79.25 -40.50 12.58
C ILE I 418 -78.58 -39.13 12.50
N GLY I 419 -77.44 -39.06 11.80
CA GLY I 419 -76.77 -37.82 11.52
C GLY I 419 -77.65 -36.80 10.81
N ALA I 420 -78.06 -37.12 9.58
CA ALA I 420 -78.90 -36.22 8.81
C ALA I 420 -80.24 -35.94 9.49
N ASP I 421 -80.75 -36.90 10.27
CA ASP I 421 -82.05 -36.72 10.92
C ASP I 421 -81.96 -35.67 12.01
N HIS I 422 -80.96 -35.78 12.89
CA HIS I 422 -80.86 -34.77 13.93
C HIS I 422 -80.39 -33.45 13.35
N VAL I 423 -79.65 -33.49 12.24
CA VAL I 423 -79.26 -32.27 11.55
C VAL I 423 -80.48 -31.53 11.03
N GLN I 424 -81.38 -32.26 10.37
CA GLN I 424 -82.58 -31.67 9.84
C GLN I 424 -83.48 -31.16 10.95
N SER I 425 -83.51 -31.87 12.08
CA SER I 425 -84.30 -31.43 13.21
C SER I 425 -83.75 -30.13 13.80
N LEU I 426 -82.42 -30.09 13.99
CA LEU I 426 -81.74 -28.91 14.51
C LEU I 426 -81.96 -27.71 13.62
N LEU I 427 -81.75 -27.89 12.33
CA LEU I 427 -81.86 -26.77 11.42
C LEU I 427 -83.31 -26.38 11.21
N LEU I 428 -84.22 -27.34 11.39
CA LEU I 428 -85.65 -27.05 11.37
C LEU I 428 -86.03 -26.09 12.49
N LYS I 429 -85.84 -26.51 13.73
CA LYS I 429 -86.26 -25.64 14.81
C LYS I 429 -85.31 -24.47 15.05
N HIS I 430 -84.17 -24.44 14.39
CA HIS I 430 -83.35 -23.25 14.43
C HIS I 430 -83.73 -22.27 13.33
N CYS I 431 -84.27 -22.77 12.23
CA CYS I 431 -84.79 -21.92 11.18
C CYS I 431 -86.17 -21.39 11.54
N ALA I 432 -86.86 -22.09 12.44
CA ALA I 432 -88.21 -21.72 12.86
C ALA I 432 -88.46 -20.27 13.30
N PRO I 433 -87.57 -19.57 14.05
CA PRO I 433 -87.92 -18.20 14.45
C PRO I 433 -88.01 -17.19 13.30
N VAL I 434 -87.48 -17.51 12.12
CA VAL I 434 -87.61 -16.60 10.99
C VAL I 434 -89.05 -16.54 10.52
N LEU I 435 -89.61 -17.69 10.15
CA LEU I 435 -91.01 -17.74 9.75
C LEU I 435 -91.95 -17.50 10.91
N ALA I 436 -91.49 -17.72 12.14
CA ALA I 436 -92.28 -17.30 13.29
C ALA I 436 -92.37 -15.79 13.37
N LYS I 437 -91.25 -15.11 13.16
CA LYS I 437 -91.30 -13.65 13.05
C LYS I 437 -91.97 -13.24 11.75
N LEU I 438 -91.89 -14.06 10.72
CA LEU I 438 -92.55 -13.72 9.46
C LEU I 438 -94.04 -14.04 9.52
N ARG I 439 -94.37 -15.29 9.68
CA ARG I 439 -95.79 -15.59 9.59
C ARG I 439 -96.44 -15.61 10.96
N PRO I 440 -97.74 -15.29 11.03
CA PRO I 440 -98.47 -15.53 12.26
C PRO I 440 -98.65 -17.02 12.49
N PRO I 441 -98.84 -17.44 13.74
CA PRO I 441 -98.87 -18.88 14.03
C PRO I 441 -100.27 -19.45 13.86
N PRO I 442 -100.98 -19.10 12.80
CA PRO I 442 -102.26 -19.78 12.53
C PRO I 442 -102.13 -20.90 11.52
N ASP I 443 -103.08 -21.84 11.55
CA ASP I 443 -103.31 -22.87 10.53
C ASP I 443 -102.06 -23.75 10.33
N ASN I 444 -101.75 -24.49 11.39
CA ASN I 444 -100.56 -25.34 11.38
C ASN I 444 -100.69 -26.49 10.38
N GLN I 445 -101.92 -26.96 10.16
CA GLN I 445 -102.14 -27.96 9.11
C GLN I 445 -101.90 -27.37 7.73
N ASP I 446 -102.27 -26.11 7.54
CA ASP I 446 -101.97 -25.45 6.27
C ASP I 446 -100.51 -25.02 6.20
N ALA I 447 -99.93 -24.64 7.33
CA ALA I 447 -98.53 -24.25 7.35
C ALA I 447 -97.62 -25.43 7.07
N TYR I 448 -98.02 -26.64 7.47
CA TYR I 448 -97.26 -27.83 7.10
C TYR I 448 -97.38 -28.08 5.60
N ARG I 449 -98.56 -27.83 5.02
CA ARG I 449 -98.69 -27.83 3.58
C ARG I 449 -97.89 -26.69 2.97
N ALA I 450 -97.78 -25.57 3.70
CA ALA I 450 -96.91 -24.48 3.27
C ALA I 450 -95.44 -24.76 3.55
N GLU I 451 -95.11 -25.87 4.21
CA GLU I 451 -93.73 -26.21 4.52
C GLU I 451 -93.43 -27.69 4.27
N PHE I 452 -94.13 -28.29 3.31
CA PHE I 452 -93.92 -29.67 2.85
C PHE I 452 -94.10 -30.70 3.97
N GLY I 453 -94.99 -30.44 4.91
CA GLY I 453 -95.41 -31.51 5.83
C GLY I 453 -94.48 -31.99 6.93
N SER I 454 -93.22 -32.27 6.59
CA SER I 454 -92.27 -32.80 7.57
C SER I 454 -91.93 -31.80 8.66
N LEU I 455 -92.00 -30.51 8.35
CA LEU I 455 -91.88 -29.49 9.38
C LEU I 455 -93.04 -29.56 10.36
N GLY I 456 -94.23 -29.84 9.86
CA GLY I 456 -95.38 -30.05 10.71
C GLY I 456 -95.25 -31.34 11.47
N PRO I 457 -95.55 -31.31 12.77
CA PRO I 457 -95.88 -30.10 13.55
C PRO I 457 -94.73 -29.70 14.45
N LEU I 458 -93.53 -30.17 14.10
CA LEU I 458 -92.34 -29.69 14.78
C LEU I 458 -92.13 -28.21 14.52
N LEU I 459 -92.46 -27.76 13.31
CA LEU I 459 -92.57 -26.33 13.07
C LEU I 459 -93.67 -25.73 13.92
N CYS I 460 -94.80 -26.43 14.05
CA CYS I 460 -95.89 -25.93 14.88
C CYS I 460 -95.53 -25.97 16.36
N SER I 461 -94.78 -26.99 16.78
CA SER I 461 -94.33 -27.05 18.17
C SER I 461 -93.33 -25.94 18.45
N GLN I 462 -92.46 -25.65 17.49
CA GLN I 462 -91.55 -24.53 17.64
C GLN I 462 -92.28 -23.20 17.59
N VAL I 463 -93.40 -23.15 16.87
CA VAL I 463 -94.22 -21.94 16.85
C VAL I 463 -94.91 -21.75 18.18
N VAL I 464 -95.31 -22.86 18.81
CA VAL I 464 -95.85 -22.79 20.16
C VAL I 464 -94.78 -22.34 21.13
N LYS I 465 -93.55 -22.81 20.95
CA LYS I 465 -92.43 -22.37 21.77
C LYS I 465 -92.12 -20.90 21.54
N ALA I 466 -92.29 -20.42 20.31
CA ALA I 466 -92.05 -19.02 20.02
C ALA I 466 -93.15 -18.14 20.60
N ARG I 467 -94.39 -18.62 20.56
CA ARG I 467 -95.47 -17.93 21.23
C ARG I 467 -95.27 -17.89 22.74
N ALA I 468 -94.68 -18.96 23.29
CA ALA I 468 -94.35 -18.97 24.71
C ALA I 468 -93.22 -17.99 25.02
N GLN I 469 -92.25 -17.89 24.13
CA GLN I 469 -91.16 -16.93 24.30
C GLN I 469 -91.67 -15.50 24.17
N ALA I 470 -92.68 -15.29 23.33
CA ALA I 470 -93.31 -13.97 23.23
C ALA I 470 -94.12 -13.67 24.48
N ALA I 471 -94.79 -14.70 25.04
CA ALA I 471 -95.52 -14.53 26.29
C ALA I 471 -94.59 -14.31 27.46
N LEU I 472 -93.33 -14.73 27.35
CA LEU I 472 -92.34 -14.42 28.37
C LEU I 472 -92.03 -12.93 28.40
N GLN I 473 -92.18 -12.24 27.28
CA GLN I 473 -91.99 -10.80 27.24
C GLN I 473 -93.18 -10.08 27.88
N GLU J 11 63.33 -45.28 14.70
CA GLU J 11 63.09 -44.42 15.85
C GLU J 11 62.49 -43.09 15.40
N LEU J 12 61.79 -42.42 16.30
CA LEU J 12 61.20 -41.13 16.00
C LEU J 12 62.27 -40.06 15.83
N GLU J 13 62.14 -39.27 14.76
CA GLU J 13 63.09 -38.20 14.49
C GLU J 13 62.88 -37.05 15.47
N SER J 14 63.99 -36.58 16.06
CA SER J 14 63.92 -35.47 17.01
C SER J 14 64.12 -34.15 16.28
N GLN J 15 63.22 -33.21 16.54
CA GLN J 15 63.32 -31.87 15.96
C GLN J 15 63.06 -30.84 17.05
N PHE J 16 63.77 -29.72 16.94
CA PHE J 16 63.65 -28.63 17.90
C PHE J 16 64.01 -27.33 17.20
N ILE J 17 63.62 -26.22 17.81
CA ILE J 17 63.80 -24.89 17.23
C ILE J 17 65.14 -24.34 17.69
N LEU J 18 65.93 -23.80 16.76
CA LEU J 18 67.18 -23.13 17.08
C LEU J 18 67.02 -21.63 16.90
N ARG J 19 67.26 -20.86 17.95
CA ARG J 19 67.19 -19.41 17.93
C ARG J 19 68.57 -18.82 18.11
N LEU J 20 68.94 -17.89 17.22
CA LEU J 20 70.23 -17.23 17.19
C LEU J 20 70.07 -15.72 17.39
N PRO J 21 71.14 -15.01 17.72
CA PRO J 21 71.12 -13.55 17.57
C PRO J 21 70.94 -13.15 16.12
N PRO J 22 70.31 -11.98 15.86
CA PRO J 22 69.89 -11.64 14.48
C PRO J 22 71.02 -11.50 13.46
N GLU J 23 72.19 -10.98 13.83
CA GLU J 23 73.31 -10.95 12.89
C GLU J 23 73.80 -12.36 12.57
N TYR J 24 73.86 -13.24 13.58
CA TYR J 24 74.26 -14.61 13.34
C TYR J 24 73.17 -15.38 12.62
N ALA J 25 71.91 -15.07 12.92
CA ALA J 25 70.79 -15.67 12.20
C ALA J 25 70.80 -15.26 10.73
N SER J 26 71.17 -14.01 10.44
CA SER J 26 71.25 -13.57 9.05
C SER J 26 72.41 -14.23 8.31
N THR J 27 73.56 -14.38 8.99
CA THR J 27 74.71 -15.05 8.37
C THR J 27 74.40 -16.53 8.09
N VAL J 28 73.87 -17.24 9.08
CA VAL J 28 73.52 -18.66 8.90
C VAL J 28 72.37 -18.80 7.90
N ARG J 29 71.46 -17.82 7.86
CA ARG J 29 70.37 -17.84 6.89
C ARG J 29 70.88 -17.69 5.46
N ARG J 30 71.85 -16.79 5.25
CA ARG J 30 72.50 -16.68 3.94
C ARG J 30 73.25 -17.95 3.59
N ALA J 31 73.86 -18.61 4.59
CA ALA J 31 74.56 -19.86 4.35
C ALA J 31 73.59 -20.98 3.96
N VAL J 32 72.42 -21.04 4.61
CA VAL J 32 71.41 -22.04 4.28
C VAL J 32 70.81 -21.79 2.90
N GLN J 33 70.52 -20.52 2.59
CA GLN J 33 69.99 -20.17 1.27
C GLN J 33 71.03 -20.39 0.17
N SER J 34 72.31 -20.28 0.50
CA SER J 34 73.35 -20.55 -0.49
C SER J 34 73.51 -22.05 -0.74
N GLY J 35 73.28 -22.88 0.27
CA GLY J 35 73.31 -24.33 0.11
C GLY J 35 74.67 -24.96 0.04
N HIS J 36 75.75 -24.21 0.32
CA HIS J 36 77.10 -24.78 0.30
C HIS J 36 77.30 -25.79 1.42
N VAL J 37 78.11 -26.82 1.13
CA VAL J 37 78.36 -27.92 2.05
C VAL J 37 79.07 -27.45 3.31
N ASN J 38 79.98 -26.47 3.19
CA ASN J 38 80.85 -26.02 4.28
C ASN J 38 80.10 -25.36 5.46
N LEU J 39 78.77 -25.19 5.35
CA LEU J 39 77.92 -24.90 6.50
C LEU J 39 78.10 -25.92 7.62
N LYS J 40 78.41 -27.18 7.28
CA LYS J 40 78.69 -28.20 8.29
C LYS J 40 79.93 -27.86 9.11
N ASP J 41 80.83 -27.01 8.58
CA ASP J 41 81.88 -26.42 9.38
C ASP J 41 81.50 -25.05 9.92
N ARG J 42 80.64 -24.31 9.21
CA ARG J 42 80.30 -22.95 9.63
C ARG J 42 79.32 -22.91 10.79
N LEU J 43 78.61 -24.00 11.06
CA LEU J 43 77.63 -24.04 12.14
C LEU J 43 77.74 -25.37 12.87
N THR J 44 78.16 -25.32 14.13
CA THR J 44 78.23 -26.53 14.96
C THR J 44 77.49 -26.31 16.27
N ILE J 45 77.02 -27.41 16.85
CA ILE J 45 76.27 -27.40 18.10
C ILE J 45 76.93 -28.39 19.05
N GLU J 46 77.25 -27.95 20.26
CA GLU J 46 77.79 -28.81 21.31
C GLU J 46 76.88 -28.74 22.53
N LEU J 47 76.49 -29.90 23.05
CA LEU J 47 75.62 -29.98 24.20
C LEU J 47 76.42 -30.49 25.40
N HIS J 48 76.25 -29.83 26.55
CA HIS J 48 76.93 -30.21 27.77
C HIS J 48 76.26 -31.44 28.38
N PRO J 49 76.99 -32.21 29.23
CA PRO J 49 76.38 -33.39 29.86
C PRO J 49 75.16 -33.13 30.74
N ASP J 50 74.91 -31.90 31.18
CA ASP J 50 73.68 -31.63 31.92
C ASP J 50 72.43 -31.65 31.04
N GLY J 51 72.60 -31.58 29.72
CA GLY J 51 71.48 -31.66 28.80
C GLY J 51 70.67 -30.40 28.66
N ARG J 52 71.12 -29.27 29.23
CA ARG J 52 70.33 -28.06 29.22
C ARG J 52 71.11 -26.87 28.64
N HIS J 53 72.43 -26.88 28.81
CA HIS J 53 73.28 -25.82 28.28
C HIS J 53 74.07 -26.32 27.09
N GLY J 54 74.57 -25.38 26.30
CA GLY J 54 75.36 -25.75 25.14
C GLY J 54 76.11 -24.56 24.58
N ILE J 55 76.83 -24.83 23.49
CA ILE J 55 77.60 -23.82 22.77
C ILE J 55 77.28 -23.99 21.28
N VAL J 56 76.77 -22.93 20.66
CA VAL J 56 76.55 -22.92 19.22
C VAL J 56 77.64 -22.07 18.58
N ARG J 57 78.40 -22.67 17.68
CA ARG J 57 79.53 -22.01 17.05
C ARG J 57 79.16 -21.64 15.63
N VAL J 58 79.20 -20.34 15.35
CA VAL J 58 78.95 -19.78 14.02
C VAL J 58 80.26 -19.16 13.55
N ASP J 59 80.85 -19.76 12.50
CA ASP J 59 82.16 -19.38 11.95
C ASP J 59 83.24 -19.37 13.03
N ARG J 60 83.23 -20.43 13.85
CA ARG J 60 84.07 -20.67 15.03
C ARG J 60 83.80 -19.69 16.17
N VAL J 61 82.77 -18.85 16.08
CA VAL J 61 82.43 -17.91 17.14
C VAL J 61 81.46 -18.60 18.09
N PRO J 62 81.80 -18.76 19.37
CA PRO J 62 80.90 -19.45 20.32
C PRO J 62 79.81 -18.51 20.85
N LEU J 63 78.58 -19.02 20.87
CA LEU J 63 77.44 -18.35 21.48
C LEU J 63 76.87 -19.27 22.56
N ALA J 64 76.68 -18.72 23.76
CA ALA J 64 76.20 -19.52 24.88
C ALA J 64 74.71 -19.85 24.70
N SER J 65 74.36 -21.12 24.80
CA SER J 65 73.04 -21.57 24.41
C SER J 65 72.36 -22.29 25.55
N LYS J 66 71.04 -22.18 25.58
CA LYS J 66 70.21 -22.71 26.64
C LYS J 66 69.04 -23.45 26.02
N LEU J 67 68.81 -24.69 26.46
CA LEU J 67 67.71 -25.49 25.96
C LEU J 67 66.48 -25.25 26.85
N VAL J 68 65.46 -24.61 26.29
CA VAL J 68 64.25 -24.28 27.03
C VAL J 68 63.09 -25.08 26.44
N ASP J 69 62.06 -25.27 27.28
CA ASP J 69 60.90 -26.04 26.92
C ASP J 69 59.80 -25.10 26.45
N LEU J 70 59.33 -25.27 25.21
CA LEU J 70 58.25 -24.45 24.70
C LEU J 70 56.93 -24.86 25.34
N PRO J 71 56.07 -23.88 25.67
CA PRO J 71 54.81 -24.21 26.37
C PRO J 71 53.77 -24.87 25.49
N CYS J 72 53.69 -24.46 24.23
CA CYS J 72 52.71 -24.99 23.30
C CYS J 72 53.30 -26.17 22.53
N VAL J 73 52.50 -27.22 22.37
CA VAL J 73 52.90 -28.34 21.53
C VAL J 73 52.90 -27.89 20.06
N MET J 74 53.97 -28.20 19.34
CA MET J 74 54.12 -27.73 17.97
C MET J 74 54.30 -28.95 17.07
N GLU J 75 53.68 -28.92 15.90
CA GLU J 75 53.80 -30.02 14.95
C GLU J 75 54.44 -29.53 13.65
N SER J 76 55.41 -30.28 13.16
CA SER J 76 56.04 -30.02 11.86
C SER J 76 55.54 -31.06 10.87
N LEU J 77 55.05 -30.58 9.72
CA LEU J 77 54.30 -31.36 8.75
C LEU J 77 54.92 -31.16 7.37
N LYS J 78 54.95 -32.23 6.56
CA LYS J 78 55.47 -32.14 5.20
C LYS J 78 54.33 -32.17 4.18
N THR J 79 54.63 -31.71 2.97
CA THR J 79 53.64 -31.73 1.89
C THR J 79 54.31 -31.86 0.53
N ILE J 80 53.52 -32.30 -0.44
CA ILE J 80 53.92 -32.31 -1.84
C ILE J 80 53.03 -31.40 -2.68
N ASP J 81 51.71 -31.49 -2.51
CA ASP J 81 50.75 -30.76 -3.33
C ASP J 81 50.20 -29.52 -2.65
N LYS J 82 50.68 -29.20 -1.45
CA LYS J 82 50.27 -28.06 -0.61
C LYS J 82 48.80 -28.10 -0.20
N LYS J 83 48.16 -29.26 -0.25
CA LYS J 83 46.79 -29.41 0.21
C LYS J 83 46.61 -30.50 1.26
N THR J 84 47.17 -31.69 1.02
CA THR J 84 47.15 -32.77 2.00
C THR J 84 48.53 -32.83 2.65
N PHE J 85 48.55 -32.74 3.98
CA PHE J 85 49.79 -32.60 4.72
C PHE J 85 50.03 -33.85 5.55
N TYR J 86 51.30 -34.22 5.69
CA TYR J 86 51.70 -35.39 6.48
C TYR J 86 52.57 -34.93 7.64
N LYS J 87 52.12 -35.23 8.85
CA LYS J 87 52.83 -34.82 10.06
C LYS J 87 54.16 -35.55 10.19
N THR J 88 55.25 -34.79 10.39
CA THR J 88 56.58 -35.38 10.54
C THR J 88 57.08 -35.45 11.97
N ALA J 89 56.83 -34.44 12.80
CA ALA J 89 57.45 -34.46 14.12
C ALA J 89 56.72 -33.55 15.10
N ASP J 90 56.94 -33.83 16.39
CA ASP J 90 56.51 -32.98 17.49
C ASP J 90 57.70 -32.20 18.02
N ILE J 91 57.52 -30.88 18.15
CA ILE J 91 58.54 -29.95 18.62
C ILE J 91 58.01 -29.25 19.85
N CYS J 92 58.82 -29.27 20.92
CA CYS J 92 58.50 -28.59 22.16
C CYS J 92 59.70 -27.92 22.81
N GLN J 93 60.86 -27.89 22.16
CA GLN J 93 62.08 -27.36 22.77
C GLN J 93 62.79 -26.41 21.82
N MET J 94 63.51 -25.46 22.41
CA MET J 94 64.22 -24.44 21.65
C MET J 94 65.58 -24.17 22.28
N LEU J 95 66.62 -24.22 21.46
CA LEU J 95 67.98 -23.90 21.88
C LEU J 95 68.24 -22.44 21.54
N VAL J 96 68.35 -21.61 22.57
CA VAL J 96 68.48 -20.16 22.42
C VAL J 96 69.94 -19.79 22.61
N SER J 97 70.53 -19.16 21.62
CA SER J 97 71.92 -18.72 21.66
C SER J 97 71.97 -17.23 21.98
N THR J 98 72.85 -16.86 22.91
CA THR J 98 73.11 -15.49 23.28
C THR J 98 74.59 -15.18 23.12
N VAL J 99 74.88 -13.90 22.92
CA VAL J 99 76.25 -13.43 22.75
C VAL J 99 76.96 -13.29 24.09
N ASP J 100 76.22 -13.10 25.18
CA ASP J 100 76.76 -13.09 26.52
C ASP J 100 76.31 -14.33 27.28
N GLY J 101 76.95 -14.57 28.42
CA GLY J 101 76.64 -15.73 29.21
C GLY J 101 77.82 -16.67 29.35
N ASP J 102 77.81 -17.49 30.39
CA ASP J 102 78.90 -18.44 30.64
C ASP J 102 78.85 -19.56 29.62
N LEU J 103 79.95 -19.76 28.91
CA LEU J 103 80.05 -20.87 27.96
C LEU J 103 80.07 -22.22 28.67
N TYR J 104 80.64 -22.28 29.87
CA TYR J 104 80.70 -23.50 30.68
C TYR J 104 80.06 -23.21 32.03
N PRO J 105 78.74 -23.29 32.12
CA PRO J 105 78.05 -22.96 33.38
C PRO J 105 78.30 -24.01 34.44
N PRO J 106 78.58 -23.59 35.69
CA PRO J 106 78.83 -24.52 36.79
C PRO J 106 77.57 -25.28 37.22
N LYS J 128 63.10 -24.80 35.74
CA LYS J 128 62.47 -23.56 36.19
C LYS J 128 62.96 -22.38 35.37
N LYS J 129 64.28 -22.17 35.34
CA LYS J 129 64.88 -21.20 34.43
C LYS J 129 64.96 -21.72 33.00
N PHE J 130 64.62 -22.98 32.78
CA PHE J 130 64.55 -23.57 31.45
C PHE J 130 63.11 -23.66 30.95
N ILE J 131 62.19 -22.96 31.61
CA ILE J 131 60.79 -22.92 31.22
C ILE J 131 60.56 -21.65 30.42
N TRP J 132 60.26 -21.81 29.13
CA TRP J 132 59.99 -20.67 28.28
C TRP J 132 58.50 -20.35 28.35
N ASN J 133 58.19 -19.06 28.44
CA ASN J 133 56.85 -18.62 28.80
C ASN J 133 55.99 -18.21 27.60
N HIS J 134 56.57 -18.13 26.41
CA HIS J 134 55.91 -17.46 25.30
C HIS J 134 55.76 -18.41 24.12
N GLY J 135 54.81 -18.10 23.24
CA GLY J 135 54.79 -18.75 21.95
C GLY J 135 55.82 -18.16 21.02
N ILE J 136 56.10 -18.91 19.94
CA ILE J 136 57.00 -18.39 18.91
C ILE J 136 56.30 -17.30 18.11
N THR J 137 55.02 -17.50 17.81
CA THR J 137 54.25 -16.55 17.02
C THR J 137 53.82 -15.35 17.87
N LEU J 138 53.46 -14.28 17.17
CA LEU J 138 53.07 -13.01 17.83
C LEU J 138 51.84 -13.08 18.73
N PRO J 139 50.70 -13.71 18.35
CA PRO J 139 49.55 -13.68 19.28
C PRO J 139 49.71 -14.54 20.51
N LEU J 140 50.66 -15.48 20.51
CA LEU J 140 50.82 -16.42 21.62
C LEU J 140 51.83 -15.92 22.67
N LYS J 141 51.96 -14.60 22.82
CA LYS J 141 52.76 -14.04 23.90
C LYS J 141 52.08 -14.30 25.24
N ASN J 142 52.87 -14.70 26.25
CA ASN J 142 52.43 -14.89 27.65
C ASN J 142 51.31 -15.93 27.78
N VAL J 143 51.40 -17.04 27.04
CA VAL J 143 50.35 -18.08 27.09
C VAL J 143 50.27 -18.74 28.46
N ARG J 144 51.41 -18.91 29.13
CA ARG J 144 51.43 -19.56 30.44
C ARG J 144 50.70 -18.73 31.49
N LYS J 145 50.81 -17.41 31.41
CA LYS J 145 50.19 -16.54 32.40
C LYS J 145 48.81 -16.04 32.00
N ARG J 146 48.51 -15.99 30.70
CA ARG J 146 47.27 -15.37 30.21
C ARG J 146 46.36 -16.31 29.44
N ARG J 147 46.89 -17.27 28.68
CA ARG J 147 46.06 -18.03 27.76
C ARG J 147 46.04 -19.52 28.11
N PHE J 148 46.54 -19.90 29.28
CA PHE J 148 46.47 -21.28 29.73
C PHE J 148 45.63 -21.36 30.99
N ARG J 149 44.49 -22.04 30.89
CA ARG J 149 43.71 -22.42 32.06
C ARG J 149 44.55 -23.29 33.00
N LYS J 150 44.62 -22.87 34.26
CA LYS J 150 45.47 -23.54 35.23
C LYS J 150 44.69 -24.63 35.97
N THR J 151 45.37 -25.73 36.25
CA THR J 151 44.74 -26.90 36.83
C THR J 151 44.43 -26.67 38.31
N ALA J 152 43.22 -27.01 38.73
CA ALA J 152 42.80 -26.90 40.12
C ALA J 152 43.05 -28.24 40.81
N LYS J 153 43.88 -28.21 41.85
CA LYS J 153 44.25 -29.41 42.57
C LYS J 153 43.14 -29.86 43.52
N LYS J 154 43.38 -31.01 44.16
CA LYS J 154 42.48 -31.67 45.13
C LYS J 154 41.13 -31.97 44.49
N ASN K 28 -74.11 9.24 34.30
CA ASN K 28 -75.23 8.44 33.84
C ASN K 28 -75.78 7.54 34.94
N TYR K 29 -74.88 6.94 35.71
CA TYR K 29 -75.27 5.86 36.60
C TYR K 29 -75.90 6.38 37.88
N HIS K 30 -75.79 7.69 38.12
CA HIS K 30 -76.49 8.31 39.23
C HIS K 30 -78.00 8.29 39.04
N LEU K 31 -78.45 8.31 37.79
CA LEU K 31 -79.80 8.70 37.42
C LEU K 31 -80.89 7.80 37.99
N ALA K 32 -80.55 6.54 38.25
CA ALA K 32 -81.56 5.55 38.61
C ALA K 32 -82.15 5.82 39.98
N ARG K 33 -81.38 6.43 40.88
CA ARG K 33 -81.96 6.83 42.16
C ARG K 33 -82.96 7.96 41.98
N ARG K 34 -82.71 8.84 41.02
CA ARG K 34 -83.66 9.91 40.75
C ARG K 34 -84.94 9.35 40.15
N ARG K 35 -84.81 8.37 39.25
CA ARG K 35 -86.02 7.75 38.74
C ARG K 35 -86.69 6.85 39.77
N THR K 36 -85.94 6.38 40.77
CA THR K 36 -86.54 5.71 41.90
C THR K 36 -87.39 6.66 42.72
N LEU K 37 -86.91 7.90 42.88
CA LEU K 37 -87.73 8.91 43.51
C LEU K 37 -88.96 9.21 42.68
N GLN K 38 -88.84 9.16 41.36
CA GLN K 38 -90.00 9.30 40.49
C GLN K 38 -91.00 8.17 40.71
N VAL K 39 -90.50 6.97 41.00
CA VAL K 39 -91.37 5.85 41.33
C VAL K 39 -92.12 6.12 42.63
N VAL K 40 -91.43 6.70 43.60
CA VAL K 40 -92.07 7.05 44.87
C VAL K 40 -93.14 8.13 44.64
N VAL K 41 -92.85 9.06 43.72
CA VAL K 41 -93.81 10.08 43.32
C VAL K 41 -95.06 9.45 42.74
N SER K 42 -94.87 8.48 41.82
CA SER K 42 -96.00 7.80 41.21
C SER K 42 -96.79 6.99 42.22
N SER K 43 -96.10 6.42 43.22
CA SER K 43 -96.77 5.70 44.28
C SER K 43 -97.66 6.63 45.10
N LEU K 44 -97.16 7.83 45.39
CA LEU K 44 -97.96 8.76 46.17
C LEU K 44 -99.09 9.36 45.36
N LEU K 45 -98.91 9.47 44.04
CA LEU K 45 -100.03 9.88 43.20
C LEU K 45 -101.09 8.80 43.10
N THR K 46 -100.66 7.54 43.12
CA THR K 46 -101.60 6.43 43.12
C THR K 46 -102.37 6.39 44.42
N GLU K 47 -101.70 6.66 45.53
CA GLU K 47 -102.40 6.81 46.81
C GLU K 47 -103.33 8.01 46.79
N ALA K 48 -102.93 9.07 46.10
CA ALA K 48 -103.85 10.18 45.85
C ALA K 48 -104.97 9.75 44.92
N GLY K 49 -104.61 9.34 43.70
CA GLY K 49 -105.60 8.85 42.77
C GLY K 49 -105.69 9.62 41.47
N PHE K 50 -104.60 10.28 41.08
CA PHE K 50 -104.58 10.95 39.80
C PHE K 50 -104.43 9.94 38.68
N GLU K 51 -105.36 9.98 37.73
CA GLU K 51 -105.24 9.10 36.59
C GLU K 51 -104.16 9.57 35.64
N SER K 52 -104.10 10.86 35.36
CA SER K 52 -103.11 11.42 34.46
C SER K 52 -102.26 12.44 35.20
N ALA K 53 -101.29 13.02 34.48
CA ALA K 53 -100.33 13.96 35.04
C ALA K 53 -99.62 14.67 33.91
N GLU K 54 -98.86 15.71 34.27
CA GLU K 54 -97.95 16.39 33.37
C GLU K 54 -96.52 15.99 33.74
N LYS K 55 -95.82 15.36 32.80
CA LYS K 55 -94.60 14.62 33.08
C LYS K 55 -93.47 15.50 33.57
N ALA K 56 -93.25 16.64 32.89
CA ALA K 56 -92.19 17.55 33.29
C ALA K 56 -92.48 18.18 34.64
N SER K 57 -93.76 18.46 34.93
CA SER K 57 -94.14 18.95 36.23
C SER K 57 -93.90 17.90 37.31
N VAL K 58 -94.16 16.63 36.99
CA VAL K 58 -93.91 15.53 37.91
C VAL K 58 -92.43 15.44 38.25
N GLU K 59 -91.59 15.49 37.23
CA GLU K 59 -90.15 15.39 37.48
C GLU K 59 -89.62 16.63 38.18
N THR K 60 -90.24 17.79 37.93
CA THR K 60 -89.86 18.99 38.64
C THR K 60 -90.24 18.91 40.10
N LEU K 61 -91.41 18.33 40.41
CA LEU K 61 -91.79 18.08 41.78
C LEU K 61 -90.87 17.07 42.44
N THR K 62 -90.37 16.12 41.67
CA THR K 62 -89.41 15.16 42.19
C THR K 62 -88.11 15.85 42.57
N GLU K 63 -87.67 16.79 41.73
CA GLU K 63 -86.52 17.63 42.05
C GLU K 63 -86.78 18.44 43.29
N MET K 64 -88.00 18.96 43.43
CA MET K 64 -88.38 19.70 44.63
C MET K 64 -88.33 18.81 45.85
N LEU K 65 -88.68 17.54 45.69
CA LEU K 65 -88.67 16.62 46.81
C LEU K 65 -87.24 16.33 47.25
N GLN K 66 -86.35 16.09 46.29
CA GLN K 66 -84.98 15.78 46.68
C GLN K 66 -84.28 17.01 47.24
N SER K 67 -84.67 18.18 46.76
CA SER K 67 -84.16 19.40 47.37
C SER K 67 -84.73 19.58 48.76
N TYR K 68 -85.94 19.09 49.00
CA TYR K 68 -86.49 19.18 50.35
C TYR K 68 -85.76 18.24 51.31
N ILE K 69 -85.42 17.06 50.80
CA ILE K 69 -84.56 16.13 51.54
C ILE K 69 -83.24 16.78 51.89
N SER K 70 -82.61 17.39 50.90
CA SER K 70 -81.32 18.04 51.13
C SER K 70 -81.47 19.27 52.01
N GLU K 71 -82.64 19.89 52.02
CA GLU K 71 -82.88 21.05 52.86
C GLU K 71 -82.98 20.62 54.32
N ILE K 72 -83.67 19.50 54.56
CA ILE K 72 -83.64 18.84 55.86
C ILE K 72 -82.21 18.53 56.28
N GLY K 73 -81.43 18.00 55.34
CA GLY K 73 -80.07 17.60 55.67
C GLY K 73 -79.15 18.76 55.98
N ARG K 74 -79.29 19.86 55.24
CA ARG K 74 -78.53 21.08 55.56
C ARG K 74 -78.92 21.63 56.90
N SER K 75 -80.22 21.66 57.19
CA SER K 75 -80.72 22.20 58.44
C SER K 75 -80.19 21.39 59.62
N ALA K 76 -80.35 20.06 59.55
CA ALA K 76 -79.86 19.19 60.62
C ALA K 76 -78.34 19.18 60.69
N LYS K 77 -77.69 19.30 59.54
CA LYS K 77 -76.24 19.41 59.45
C LYS K 77 -75.74 20.57 60.28
N SER K 78 -76.13 21.79 59.91
CA SER K 78 -75.64 22.94 60.63
C SER K 78 -76.32 23.11 61.98
N TYR K 79 -77.36 22.34 62.27
CA TYR K 79 -78.07 22.49 63.51
C TYR K 79 -77.51 21.61 64.62
N CYS K 80 -77.03 20.41 64.30
CA CYS K 80 -76.45 19.54 65.29
C CYS K 80 -74.95 19.68 65.37
N GLU K 81 -74.40 20.63 64.63
CA GLU K 81 -73.07 21.11 64.94
C GLU K 81 -73.11 22.16 66.04
N HIS K 82 -74.30 22.52 66.51
CA HIS K 82 -74.40 23.33 67.72
C HIS K 82 -74.10 22.54 68.98
N THR K 83 -74.07 21.22 68.87
CA THR K 83 -73.32 20.42 69.82
C THR K 83 -71.92 20.23 69.29
N ALA K 84 -70.95 20.11 70.21
CA ALA K 84 -69.58 19.80 69.80
C ALA K 84 -69.48 18.42 69.20
N ARG K 85 -70.36 17.53 69.62
CA ARG K 85 -70.56 16.24 69.00
C ARG K 85 -71.55 16.37 67.85
N THR K 86 -71.64 15.32 67.04
CA THR K 86 -72.28 15.40 65.73
C THR K 86 -73.71 14.89 65.73
N GLN K 87 -73.91 13.63 66.18
CA GLN K 87 -75.04 12.75 65.92
C GLN K 87 -76.40 13.37 66.11
N PRO K 88 -77.13 13.60 65.01
CA PRO K 88 -78.46 14.22 65.11
C PRO K 88 -79.49 13.21 65.55
N THR K 89 -80.12 13.48 66.69
CA THR K 89 -81.05 12.55 67.28
C THR K 89 -82.47 12.89 66.85
N LEU K 90 -83.44 12.27 67.51
CA LEU K 90 -84.83 12.34 67.08
C LEU K 90 -85.41 13.73 67.31
N SER K 91 -85.29 14.24 68.53
CA SER K 91 -85.85 15.55 68.88
C SER K 91 -85.17 16.66 68.12
N ASP K 92 -83.93 16.45 67.71
CA ASP K 92 -83.25 17.36 66.80
C ASP K 92 -84.02 17.52 65.52
N ILE K 93 -84.43 16.40 64.94
CA ILE K 93 -85.14 16.44 63.67
C ILE K 93 -86.57 16.90 63.89
N VAL K 94 -87.10 16.68 65.10
CA VAL K 94 -88.41 17.22 65.47
C VAL K 94 -88.39 18.74 65.42
N VAL K 95 -87.40 19.33 66.08
CA VAL K 95 -87.25 20.78 66.07
C VAL K 95 -86.89 21.28 64.68
N THR K 96 -86.23 20.42 63.89
CA THR K 96 -85.93 20.78 62.51
C THR K 96 -87.19 20.87 61.66
N LEU K 97 -88.07 19.88 61.78
CA LEU K 97 -89.27 19.87 60.96
C LEU K 97 -90.29 20.90 61.42
N VAL K 98 -90.36 21.15 62.73
CA VAL K 98 -91.18 22.25 63.20
C VAL K 98 -90.58 23.57 62.76
N GLU K 99 -89.25 23.65 62.75
CA GLU K 99 -88.55 24.77 62.15
C GLU K 99 -88.80 24.84 60.66
N MET K 100 -88.84 23.68 59.99
CA MET K 100 -89.17 23.64 58.57
C MET K 100 -90.66 23.51 58.32
N GLY K 101 -91.48 23.84 59.31
CA GLY K 101 -92.91 23.98 59.10
C GLY K 101 -93.68 22.69 58.89
N PHE K 102 -93.80 21.86 59.93
CA PHE K 102 -94.66 20.70 59.84
C PHE K 102 -95.24 20.31 61.20
N ASN K 103 -96.54 20.04 61.20
CA ASN K 103 -97.26 19.50 62.36
C ASN K 103 -97.00 18.00 62.43
N VAL K 104 -96.12 17.59 63.34
CA VAL K 104 -95.70 16.19 63.44
C VAL K 104 -96.75 15.28 64.02
N ASP K 105 -97.85 15.83 64.56
CA ASP K 105 -98.88 15.03 65.20
C ASP K 105 -99.59 14.11 64.22
N THR K 106 -99.59 14.49 62.94
CA THR K 106 -100.19 13.67 61.90
C THR K 106 -99.29 12.53 61.46
N LEU K 107 -98.04 12.49 61.92
CA LEU K 107 -97.13 11.41 61.53
C LEU K 107 -97.56 10.00 61.93
N PRO K 108 -98.15 9.73 63.11
CA PRO K 108 -98.73 8.39 63.28
C PRO K 108 -99.92 8.15 62.37
N ALA K 109 -100.80 9.14 62.23
CA ALA K 109 -102.00 8.99 61.41
C ALA K 109 -101.64 8.83 59.94
N TYR K 110 -100.61 9.55 59.48
CA TYR K 110 -100.14 9.35 58.11
C TYR K 110 -99.50 7.99 57.94
N ALA K 111 -99.04 7.36 59.03
CA ALA K 111 -98.63 5.95 59.00
C ALA K 111 -99.76 5.06 58.47
N LYS K 112 -101.00 5.38 58.86
CA LYS K 112 -102.18 4.68 58.34
C LYS K 112 -102.30 4.80 56.82
N ARG K 113 -101.83 5.90 56.26
CA ARG K 113 -101.73 6.01 54.82
C ARG K 113 -100.45 5.40 54.27
N SER K 114 -99.34 5.50 55.00
CA SER K 114 -98.04 5.40 54.35
C SER K 114 -97.58 3.95 54.20
N GLN K 115 -97.37 3.28 55.32
CA GLN K 115 -96.89 1.91 55.31
C GLN K 115 -98.04 0.91 55.34
N ARG K 116 -99.27 1.40 55.23
CA ARG K 116 -100.46 0.58 55.36
C ARG K 116 -101.38 0.65 54.15
N MET K 117 -101.16 1.61 53.24
CA MET K 117 -101.96 1.69 52.03
C MET K 117 -101.12 1.75 50.75
N VAL K 118 -99.81 1.90 50.84
CA VAL K 118 -98.90 1.89 49.69
C VAL K 118 -97.89 0.78 49.91
N ILE K 119 -97.66 -0.03 48.88
CA ILE K 119 -96.68 -1.11 48.96
C ILE K 119 -95.29 -0.55 48.72
N THR K 120 -94.34 -0.94 49.57
CA THR K 120 -92.96 -0.52 49.44
C THR K 120 -92.33 -1.11 48.18
N UNK K 121 -91.66 -0.27 47.40
CA UNK K 121 -90.85 -0.73 46.29
C UNK K 121 -89.45 -1.08 46.75
N UNK K 122 -88.82 -2.04 46.08
CA UNK K 122 -87.50 -2.49 46.44
C UNK K 122 -86.44 -1.81 45.57
N UNK K 123 -85.22 -1.75 46.10
CA UNK K 123 -84.12 -1.11 45.40
C UNK K 123 -83.51 -2.08 44.39
N UNK K 124 -82.48 -1.62 43.68
CA UNK K 124 -81.81 -2.45 42.68
C UNK K 124 -80.37 -2.00 42.54
N UNK K 125 -79.44 -2.95 42.69
CA UNK K 125 -78.02 -2.66 42.52
C UNK K 125 -77.34 -3.98 42.21
N UNK K 126 -76.83 -4.10 40.98
CA UNK K 126 -76.26 -5.36 40.49
C UNK K 126 -74.77 -5.19 40.26
N UNK K 127 -73.98 -5.38 41.31
CA UNK K 127 -72.54 -5.23 41.24
C UNK K 127 -71.85 -6.58 41.28
N UNK K 128 -70.77 -6.70 40.50
CA UNK K 128 -70.06 -7.96 40.39
C UNK K 128 -68.56 -7.70 40.30
N UNK K 129 -67.79 -8.73 40.63
CA UNK K 129 -66.34 -8.71 40.52
C UNK K 129 -65.92 -9.90 39.70
N UNK K 130 -65.59 -9.66 38.43
CA UNK K 130 -65.29 -10.75 37.50
C UNK K 130 -63.96 -11.40 37.82
N UNK K 131 -63.72 -12.55 37.19
CA UNK K 131 -62.53 -13.35 37.42
C UNK K 131 -61.64 -13.35 36.18
N UNK K 132 -60.35 -13.54 36.41
CA UNK K 132 -59.36 -13.52 35.35
C UNK K 132 -58.11 -14.25 35.84
N UNK K 133 -57.27 -14.63 34.88
CA UNK K 133 -56.00 -15.28 35.18
C UNK K 133 -55.08 -15.08 33.99
N UNK K 134 -53.88 -14.56 34.25
CA UNK K 134 -52.93 -14.24 33.18
C UNK K 134 -51.53 -14.72 33.58
N UNK K 135 -51.45 -15.96 34.03
CA UNK K 135 -50.26 -16.46 34.70
C UNK K 135 -49.09 -16.70 33.76
N UNK K 136 -48.20 -15.73 33.64
CA UNK K 136 -46.84 -15.98 33.21
C UNK K 136 -46.01 -16.33 34.44
N UNK K 137 -44.72 -16.62 34.26
CA UNK K 137 -43.85 -16.93 35.39
C UNK K 137 -42.59 -16.07 35.32
N UNK K 138 -42.71 -14.83 35.79
CA UNK K 138 -41.60 -13.88 35.81
C UNK K 138 -41.96 -12.74 36.75
N UNK K 139 -41.23 -12.60 37.84
CA UNK K 139 -41.27 -11.38 38.63
C UNK K 139 -39.90 -10.74 38.72
N UNK K 140 -38.91 -11.48 39.21
CA UNK K 140 -37.47 -11.22 39.09
C UNK K 140 -36.95 -10.01 39.85
N UNK K 141 -37.84 -9.21 40.43
CA UNK K 141 -37.45 -8.09 41.27
C UNK K 141 -38.65 -7.80 42.17
N UNK K 142 -38.60 -8.32 43.38
CA UNK K 142 -39.74 -8.16 44.29
C UNK K 142 -39.83 -6.73 44.80
N UNK K 143 -38.81 -6.31 45.54
CA UNK K 143 -38.66 -4.94 46.01
C UNK K 143 -37.24 -4.50 45.78
N UNK K 144 -36.76 -4.71 44.56
CA UNK K 144 -35.41 -4.31 44.17
C UNK K 144 -35.25 -2.80 44.30
N UNK K 145 -34.00 -2.36 44.20
CA UNK K 145 -33.38 -1.33 45.04
C UNK K 145 -34.29 -0.27 45.61
N UNK K 146 -35.19 0.28 44.80
CA UNK K 146 -36.26 1.12 45.34
C UNK K 146 -37.24 0.19 46.06
N UNK K 147 -36.91 -0.13 47.29
CA UNK K 147 -37.60 -1.19 48.02
C UNK K 147 -38.90 -0.64 48.59
N UNK K 148 -40.02 -1.17 48.12
CA UNK K 148 -41.31 -0.81 48.68
C UNK K 148 -42.19 -2.03 48.57
N UNK K 149 -42.56 -2.62 49.71
CA UNK K 149 -43.38 -3.84 49.70
C UNK K 149 -44.87 -3.50 49.66
N UNK K 150 -45.23 -2.62 48.73
CA UNK K 150 -46.63 -2.35 48.42
C UNK K 150 -46.64 -1.96 46.94
N UNK K 151 -46.78 -2.98 46.09
CA UNK K 151 -46.81 -2.86 44.64
C UNK K 151 -47.26 -4.21 44.10
N UNK K 152 -47.12 -4.38 42.78
CA UNK K 152 -47.15 -5.70 42.17
C UNK K 152 -46.37 -5.58 40.87
N UNK K 153 -45.19 -6.18 40.82
CA UNK K 153 -44.39 -6.16 39.59
C UNK K 153 -45.14 -6.94 38.52
N UNK K 154 -45.25 -6.34 37.33
CA UNK K 154 -46.15 -6.84 36.29
C UNK K 154 -45.76 -8.21 35.79
N UNK K 155 -44.66 -8.30 35.05
CA UNK K 155 -44.08 -9.53 34.51
C UNK K 155 -42.74 -9.17 33.91
N UNK K 156 -42.14 -10.12 33.20
CA UNK K 156 -41.22 -9.75 32.14
C UNK K 156 -41.88 -9.81 30.78
N UNK K 157 -43.03 -10.49 30.69
CA UNK K 157 -43.70 -10.75 29.42
C UNK K 157 -44.29 -9.50 28.80
N UNK K 158 -44.39 -8.43 29.54
CA UNK K 158 -44.78 -7.17 28.94
C UNK K 158 -43.70 -6.11 29.01
N UNK K 159 -43.06 -5.95 30.16
CA UNK K 159 -42.18 -4.80 30.36
C UNK K 159 -40.81 -5.01 29.73
N UNK K 160 -40.08 -6.00 30.21
CA UNK K 160 -38.72 -6.18 29.75
C UNK K 160 -38.68 -6.85 28.38
N UNK K 161 -37.51 -6.81 27.77
CA UNK K 161 -37.27 -7.40 26.45
C UNK K 161 -35.96 -8.17 26.50
N UNK K 162 -35.53 -8.70 25.35
CA UNK K 162 -34.35 -9.54 25.26
C UNK K 162 -33.73 -9.34 23.88
N UNK K 163 -32.83 -10.25 23.51
CA UNK K 163 -32.13 -10.19 22.24
C UNK K 163 -32.10 -11.58 21.61
N UNK K 164 -32.23 -11.63 20.29
CA UNK K 164 -32.31 -12.88 19.55
C UNK K 164 -31.13 -13.00 18.60
N UNK K 165 -30.28 -14.00 18.81
CA UNK K 165 -29.26 -14.35 17.84
C UNK K 165 -29.69 -15.50 16.94
N UNK K 166 -30.28 -16.54 17.52
CA UNK K 166 -31.16 -17.52 16.90
C UNK K 166 -30.50 -18.50 15.93
N UNK K 167 -29.19 -18.45 15.73
CA UNK K 167 -28.58 -19.36 14.76
C UNK K 167 -27.21 -19.78 15.27
N UNK K 168 -27.17 -20.90 15.99
CA UNK K 168 -25.92 -21.47 16.43
C UNK K 168 -25.34 -22.40 15.39
N UNK K 169 -26.06 -23.48 15.09
CA UNK K 169 -25.79 -24.44 14.00
C UNK K 169 -24.42 -25.07 14.06
N UNK K 170 -23.78 -25.09 15.23
CA UNK K 170 -22.40 -25.53 15.34
C UNK K 170 -22.38 -27.01 15.73
N UNK K 171 -22.60 -27.85 14.72
CA UNK K 171 -22.51 -29.31 14.86
C UNK K 171 -21.44 -29.78 13.89
N TYR K 172 -20.27 -30.09 14.47
CA TYR K 172 -19.01 -30.15 13.74
C TYR K 172 -19.04 -31.14 12.59
N GLN K 173 -19.26 -32.40 12.91
CA GLN K 173 -19.27 -33.44 11.90
C GLN K 173 -20.43 -33.21 10.93
N VAL K 174 -21.55 -32.72 11.45
CA VAL K 174 -22.68 -32.38 10.61
C VAL K 174 -22.33 -31.23 9.67
N LEU K 175 -21.56 -30.25 10.16
CA LEU K 175 -21.10 -29.14 9.32
C LEU K 175 -20.28 -29.64 8.15
N ARG K 176 -19.28 -30.46 8.44
CA ARG K 176 -18.43 -30.86 7.34
C ARG K 176 -19.09 -31.89 6.45
N GLU K 177 -20.11 -32.59 6.97
CA GLU K 177 -21.00 -33.37 6.12
C GLU K 177 -21.75 -32.49 5.14
N LYS K 178 -22.27 -31.36 5.61
CA LYS K 178 -22.96 -30.40 4.74
C LYS K 178 -22.03 -29.91 3.64
N ALA K 179 -20.81 -29.52 4.02
CA ALA K 179 -19.89 -28.94 3.05
C ALA K 179 -19.44 -29.98 2.03
N ALA K 180 -19.11 -31.18 2.48
CA ALA K 180 -18.62 -32.19 1.55
C ALA K 180 -19.72 -32.72 0.65
N SER K 181 -20.93 -32.87 1.20
CA SER K 181 -22.07 -33.24 0.40
C SER K 181 -22.35 -32.20 -0.66
N GLN K 182 -22.19 -30.92 -0.31
CA GLN K 182 -22.40 -29.87 -1.30
C GLN K 182 -21.33 -29.89 -2.37
N ARG K 183 -20.10 -30.22 -1.99
CA ARG K 183 -19.03 -30.33 -2.97
C ARG K 183 -19.31 -31.46 -3.94
N ARG K 184 -19.82 -32.58 -3.42
CA ARG K 184 -20.23 -33.71 -4.26
C ARG K 184 -21.35 -33.31 -5.20
N ASP K 185 -22.25 -32.46 -4.72
CA ASP K 185 -23.33 -31.96 -5.55
C ASP K 185 -22.80 -31.16 -6.72
N VAL K 186 -21.86 -30.25 -6.45
CA VAL K 186 -21.37 -29.39 -7.52
C VAL K 186 -20.55 -30.19 -8.52
N GLU K 187 -19.83 -31.21 -8.02
CA GLU K 187 -19.17 -32.20 -8.87
C GLU K 187 -20.13 -32.79 -9.87
N ARG K 188 -21.19 -33.41 -9.36
CA ARG K 188 -22.09 -34.14 -10.23
C ARG K 188 -22.90 -33.21 -11.10
N ALA K 189 -23.09 -31.97 -10.65
CA ALA K 189 -23.81 -30.99 -11.44
C ALA K 189 -23.03 -30.59 -12.67
N LEU K 190 -21.77 -30.19 -12.49
CA LEU K 190 -20.96 -29.79 -13.63
C LEU K 190 -20.69 -30.97 -14.53
N THR K 191 -20.60 -32.16 -13.94
CA THR K 191 -20.49 -33.38 -14.73
C THR K 191 -21.70 -33.58 -15.63
N ARG K 192 -22.91 -33.45 -15.08
CA ARG K 192 -24.10 -33.57 -15.90
C ARG K 192 -24.17 -32.48 -16.96
N PHE K 193 -23.68 -31.29 -16.63
CA PHE K 193 -23.73 -30.20 -17.59
C PHE K 193 -22.83 -30.45 -18.78
N MET K 194 -21.54 -30.66 -18.53
CA MET K 194 -20.70 -30.87 -19.69
C MET K 194 -20.86 -32.26 -20.25
N ALA K 195 -21.53 -33.12 -19.52
CA ALA K 195 -21.95 -34.40 -20.04
C ALA K 195 -22.90 -34.23 -21.20
N LYS K 196 -24.03 -33.56 -20.97
CA LYS K 196 -24.93 -33.36 -22.08
C LYS K 196 -24.50 -32.24 -23.01
N THR K 197 -23.45 -31.49 -22.65
CA THR K 197 -23.03 -30.37 -23.48
C THR K 197 -22.18 -30.81 -24.66
N GLY K 198 -21.03 -31.40 -24.38
CA GLY K 198 -19.99 -31.58 -25.36
C GLY K 198 -20.06 -32.92 -26.08
N GLU K 199 -18.91 -33.32 -26.63
CA GLU K 199 -18.81 -34.61 -27.29
C GLU K 199 -18.90 -35.71 -26.25
N THR K 200 -19.84 -36.62 -26.46
CA THR K 200 -20.21 -37.58 -25.44
C THR K 200 -20.00 -38.98 -25.98
N GLN K 201 -19.25 -39.79 -25.25
CA GLN K 201 -19.25 -41.22 -25.49
C GLN K 201 -19.54 -41.96 -24.21
N SER K 202 -20.15 -43.11 -24.34
CA SER K 202 -20.92 -43.70 -23.28
C SER K 202 -20.19 -44.87 -22.66
N LEU K 203 -20.90 -45.57 -21.79
CA LEU K 203 -20.45 -46.86 -21.27
C LEU K 203 -21.29 -47.98 -21.84
N PHE K 204 -22.59 -47.87 -21.67
CA PHE K 204 -23.52 -48.72 -22.39
C PHE K 204 -23.80 -48.09 -23.75
N LYS K 205 -24.89 -48.49 -24.37
CA LYS K 205 -25.35 -47.78 -25.56
C LYS K 205 -26.45 -46.80 -25.18
N ASP K 206 -26.24 -45.53 -25.54
CA ASP K 206 -27.18 -44.43 -25.34
C ASP K 206 -27.55 -44.24 -23.87
N ASP K 207 -26.56 -43.83 -23.08
CA ASP K 207 -26.82 -43.35 -21.72
C ASP K 207 -26.55 -41.85 -21.70
N VAL K 208 -27.53 -41.08 -22.19
CA VAL K 208 -27.55 -39.65 -21.95
C VAL K 208 -28.07 -39.41 -20.54
N SER K 209 -28.82 -40.35 -19.98
CA SER K 209 -29.36 -40.20 -18.63
C SER K 209 -28.33 -40.55 -17.57
N THR K 210 -27.93 -41.82 -17.50
CA THR K 210 -27.19 -42.31 -16.34
C THR K 210 -25.74 -41.88 -16.40
N PHE K 211 -25.02 -42.29 -17.43
CA PHE K 211 -23.61 -41.93 -17.54
C PHE K 211 -23.30 -41.45 -18.95
N PRO K 212 -23.42 -40.18 -19.19
CA PRO K 212 -22.88 -39.59 -20.43
C PRO K 212 -21.48 -38.99 -20.31
N LEU K 213 -20.45 -39.84 -20.31
CA LEU K 213 -19.07 -39.37 -20.25
C LEU K 213 -18.69 -38.47 -21.41
N ILE K 214 -17.94 -37.42 -21.09
CA ILE K 214 -17.38 -36.56 -22.12
C ILE K 214 -16.41 -37.38 -22.95
N ALA K 215 -16.53 -37.27 -24.26
CA ALA K 215 -15.57 -37.96 -25.10
C ALA K 215 -14.21 -37.25 -25.07
N ALA K 216 -13.28 -37.77 -25.85
CA ALA K 216 -11.93 -37.24 -25.85
C ALA K 216 -11.85 -35.95 -26.64
N ARG K 217 -11.04 -35.02 -26.17
CA ARG K 217 -10.79 -33.80 -26.92
C ARG K 217 -9.83 -33.99 -28.10
N PRO K 218 -8.94 -34.99 -28.07
CA PRO K 218 -7.48 -34.73 -28.10
C PRO K 218 -7.01 -33.51 -28.86
N PHE K 219 -6.20 -32.74 -28.15
CA PHE K 219 -5.75 -31.43 -28.57
C PHE K 219 -4.28 -31.48 -28.92
N THR K 220 -3.73 -30.32 -29.27
CA THR K 220 -2.43 -30.27 -29.94
C THR K 220 -1.28 -30.50 -28.97
N ILE K 221 -1.27 -29.76 -27.87
CA ILE K 221 -0.14 -29.73 -26.96
C ILE K 221 -0.58 -30.35 -25.64
N PRO K 222 -0.21 -31.56 -25.35
CA PRO K 222 -0.68 -32.18 -24.10
C PRO K 222 0.13 -31.77 -22.90
N TYR K 223 1.43 -31.56 -23.06
CA TYR K 223 2.30 -31.45 -21.90
C TYR K 223 2.10 -30.13 -21.18
N LEU K 224 1.89 -29.04 -21.93
CA LEU K 224 1.65 -27.74 -21.32
C LEU K 224 0.35 -27.72 -20.54
N THR K 225 -0.55 -28.63 -20.86
CA THR K 225 -1.80 -28.73 -20.13
C THR K 225 -1.66 -29.65 -18.92
N ALA K 226 -1.14 -30.85 -19.13
CA ALA K 226 -1.11 -31.84 -18.06
C ALA K 226 0.02 -31.62 -17.10
N LEU K 227 0.86 -30.62 -17.31
CA LEU K 227 1.96 -30.40 -16.40
C LEU K 227 1.93 -28.97 -15.87
N LEU K 228 0.73 -28.47 -15.66
CA LEU K 228 0.50 -27.07 -15.35
C LEU K 228 -0.22 -26.95 -14.03
N PRO K 229 0.43 -26.49 -12.97
CA PRO K 229 -0.26 -26.28 -11.69
C PRO K 229 -1.28 -25.15 -11.74
N PRO L 13 34.94 14.54 -7.90
CA PRO L 13 34.71 15.00 -6.52
C PRO L 13 33.57 16.00 -6.42
N LYS L 14 33.80 17.11 -5.72
CA LYS L 14 32.78 18.15 -5.61
C LYS L 14 32.60 18.91 -6.93
N ASP L 15 33.66 19.01 -7.73
CA ASP L 15 33.60 19.74 -8.99
C ASP L 15 32.69 19.06 -10.01
N ALA L 16 32.61 17.72 -9.95
CA ALA L 16 31.64 17.00 -10.77
C ALA L 16 30.21 17.33 -10.36
N GLN L 17 29.96 17.52 -9.06
CA GLN L 17 28.64 17.95 -8.60
C GLN L 17 28.34 19.38 -9.03
N MET L 18 29.36 20.24 -9.04
CA MET L 18 29.17 21.63 -9.49
C MET L 18 28.85 21.69 -10.98
N MET L 19 29.56 20.89 -11.79
CA MET L 19 29.24 20.78 -13.21
C MET L 19 27.89 20.12 -13.44
N ALA L 20 27.49 19.21 -12.55
CA ALA L 20 26.15 18.63 -12.63
C ALA L 20 25.09 19.70 -12.40
N GLN L 21 25.31 20.59 -11.43
CA GLN L 21 24.40 21.71 -11.21
C GLN L 21 24.37 22.66 -12.42
N ILE L 22 25.54 22.91 -13.02
CA ILE L 22 25.61 23.75 -14.22
C ILE L 22 24.82 23.13 -15.37
N LEU L 23 25.04 21.85 -15.64
CA LEU L 23 24.38 21.20 -16.77
C LEU L 23 22.91 20.92 -16.50
N LYS L 24 22.49 20.84 -15.24
CA LYS L 24 21.07 20.86 -14.92
C LYS L 24 20.47 22.23 -15.17
N ASP L 25 21.24 23.30 -14.92
CA ASP L 25 20.77 24.63 -15.29
C ASP L 25 20.72 24.81 -16.81
N MET L 26 21.53 24.05 -17.55
CA MET L 26 21.51 24.16 -19.01
C MET L 26 20.33 23.43 -19.65
N GLY L 27 19.73 22.47 -18.95
CA GLY L 27 18.53 21.80 -19.41
C GLY L 27 18.71 20.70 -20.44
N ILE L 28 19.88 20.55 -21.03
CA ILE L 28 20.15 19.51 -22.02
C ILE L 28 20.98 18.43 -21.32
N THR L 29 20.78 17.17 -21.72
CA THR L 29 20.98 16.02 -20.85
C THR L 29 22.29 15.26 -21.07
N GLU L 30 22.65 14.94 -22.31
CA GLU L 30 23.65 13.89 -22.57
C GLU L 30 25.01 14.50 -22.84
N TYR L 31 26.03 13.97 -22.18
CA TYR L 31 27.40 14.48 -22.28
C TYR L 31 28.37 13.31 -22.16
N GLU L 32 29.66 13.62 -21.96
CA GLU L 32 30.70 12.72 -21.53
C GLU L 32 31.43 13.32 -20.33
N PRO L 33 31.86 12.50 -19.36
CA PRO L 33 32.50 13.06 -18.16
C PRO L 33 33.91 13.55 -18.39
N ARG L 34 34.62 13.06 -19.41
CA ARG L 34 35.97 13.53 -19.69
C ARG L 34 35.94 14.95 -20.25
N VAL L 35 34.92 15.26 -21.06
CA VAL L 35 34.70 16.62 -21.54
C VAL L 35 34.45 17.56 -20.37
N ILE L 36 33.65 17.10 -19.40
CA ILE L 36 33.35 17.84 -18.17
C ILE L 36 34.63 18.12 -17.38
N ASN L 37 35.48 17.10 -17.21
CA ASN L 37 36.67 17.27 -16.40
C ASN L 37 37.72 18.13 -17.10
N GLN L 38 37.80 18.06 -18.44
CA GLN L 38 38.72 18.96 -19.13
C GLN L 38 38.20 20.40 -19.14
N MET L 39 36.89 20.59 -19.22
CA MET L 39 36.29 21.92 -19.00
C MET L 39 36.64 22.46 -17.62
N LEU L 40 36.56 21.61 -16.60
CA LEU L 40 36.96 21.98 -15.24
C LEU L 40 38.41 22.42 -15.18
N GLU L 41 39.32 21.61 -15.75
CA GLU L 41 40.74 21.90 -15.59
C GLU L 41 41.17 23.13 -16.39
N PHE L 42 40.66 23.28 -17.63
CA PHE L 42 40.95 24.51 -18.37
C PHE L 42 40.28 25.73 -17.75
N ALA L 43 39.10 25.58 -17.13
CA ALA L 43 38.46 26.70 -16.46
C ALA L 43 39.24 27.15 -15.24
N PHE L 44 39.74 26.21 -14.42
CA PHE L 44 40.59 26.58 -13.29
C PHE L 44 41.92 27.17 -13.77
N ARG L 45 42.41 26.75 -14.94
CA ARG L 45 43.63 27.38 -15.45
C ARG L 45 43.37 28.79 -15.98
N TYR L 46 42.18 29.07 -16.52
CA TYR L 46 41.83 30.46 -16.82
C TYR L 46 41.69 31.28 -15.53
N VAL L 47 41.18 30.65 -14.46
CA VAL L 47 41.11 31.31 -13.16
C VAL L 47 42.51 31.65 -12.65
N THR L 48 43.48 30.74 -12.83
CA THR L 48 44.84 31.03 -12.39
C THR L 48 45.50 32.09 -13.28
N THR L 49 45.12 32.21 -14.55
CA THR L 49 45.60 33.34 -15.33
C THR L 49 44.99 34.66 -14.88
N ILE L 50 43.72 34.64 -14.45
CA ILE L 50 43.12 35.81 -13.81
C ILE L 50 43.87 36.18 -12.53
N LEU L 51 44.28 35.17 -11.76
CA LEU L 51 45.05 35.41 -10.55
C LEU L 51 46.46 35.91 -10.85
N ASP L 52 47.04 35.49 -11.98
CA ASP L 52 48.33 36.04 -12.40
C ASP L 52 48.19 37.51 -12.80
N ASP L 53 47.08 37.85 -13.47
CA ASP L 53 46.79 39.26 -13.75
C ASP L 53 46.58 40.04 -12.46
N ALA L 54 45.98 39.41 -11.45
CA ALA L 54 45.83 40.04 -10.14
C ALA L 54 47.18 40.28 -9.48
N LYS L 55 48.11 39.33 -9.62
CA LYS L 55 49.49 39.53 -9.15
C LYS L 55 50.15 40.70 -9.86
N ILE L 56 49.96 40.79 -11.18
CA ILE L 56 50.60 41.83 -11.98
C ILE L 56 50.07 43.22 -11.61
N TYR L 57 48.75 43.38 -11.56
CA TYR L 57 48.17 44.67 -11.21
C TYR L 57 48.17 44.95 -9.72
N SER L 58 48.56 43.98 -8.88
CA SER L 58 48.91 44.31 -7.51
C SER L 58 50.35 44.80 -7.41
N SER L 59 51.24 44.25 -8.24
CA SER L 59 52.64 44.66 -8.22
C SER L 59 52.81 46.05 -8.83
N HIS L 60 52.05 46.36 -9.88
CA HIS L 60 52.14 47.68 -10.52
C HIS L 60 51.34 48.74 -9.81
N ALA L 61 50.41 48.35 -8.92
CA ALA L 61 49.80 49.30 -8.00
C ALA L 61 50.63 49.47 -6.72
N LYS L 62 51.68 48.66 -6.57
CA LYS L 62 52.59 48.67 -5.42
C LYS L 62 51.84 48.43 -4.11
N LYS L 63 50.90 47.48 -4.14
CA LYS L 63 50.13 47.09 -2.97
C LYS L 63 50.14 45.58 -2.84
N ALA L 64 50.14 45.09 -1.61
CA ALA L 64 50.17 43.65 -1.35
C ALA L 64 48.81 42.99 -1.53
N THR L 65 47.73 43.77 -1.58
CA THR L 65 46.38 43.23 -1.66
C THR L 65 45.86 43.26 -3.09
N VAL L 66 44.77 42.53 -3.32
CA VAL L 66 44.08 42.51 -4.60
C VAL L 66 42.74 43.23 -4.40
N ASP L 67 42.60 44.40 -5.01
CA ASP L 67 41.41 45.20 -4.86
C ASP L 67 40.29 44.69 -5.78
N ALA L 68 39.11 45.29 -5.62
CA ALA L 68 38.02 45.02 -6.55
C ALA L 68 38.30 45.61 -7.92
N ASP L 69 38.95 46.78 -7.97
CA ASP L 69 39.31 47.42 -9.24
C ASP L 69 40.32 46.59 -10.02
N ASP L 70 41.14 45.80 -9.32
CA ASP L 70 42.02 44.82 -9.96
C ASP L 70 41.20 43.82 -10.77
N VAL L 71 40.16 43.25 -10.15
CA VAL L 71 39.24 42.34 -10.83
C VAL L 71 38.53 43.07 -11.97
N ARG L 72 38.18 44.34 -11.77
CA ARG L 72 37.45 45.11 -12.78
C ARG L 72 38.27 45.31 -14.04
N LEU L 73 39.50 45.82 -13.92
CA LEU L 73 40.25 46.05 -15.15
C LEU L 73 40.79 44.75 -15.73
N ALA L 74 40.97 43.72 -14.89
CA ALA L 74 41.34 42.40 -15.42
C ALA L 74 40.24 41.81 -16.30
N ILE L 75 38.98 41.92 -15.85
CA ILE L 75 37.91 41.37 -16.69
C ILE L 75 37.59 42.29 -17.85
N GLN L 76 37.89 43.60 -17.75
CA GLN L 76 37.77 44.48 -18.92
C GLN L 76 38.77 44.09 -20.00
N CYS L 77 40.03 43.84 -19.61
CA CYS L 77 41.04 43.45 -20.57
C CYS L 77 40.76 42.06 -21.16
N ARG L 78 40.37 41.10 -20.31
CA ARG L 78 40.12 39.78 -20.86
C ARG L 78 38.75 39.64 -21.52
N ALA L 79 37.86 40.63 -21.35
CA ALA L 79 36.70 40.74 -22.23
C ALA L 79 37.06 41.39 -23.55
N ASP L 80 38.09 42.24 -23.55
CA ASP L 80 38.63 42.72 -24.82
C ASP L 80 39.40 41.64 -25.57
N GLN L 81 39.92 40.63 -24.87
CA GLN L 81 40.74 39.61 -25.54
C GLN L 81 39.91 38.55 -26.24
N SER L 82 39.18 37.74 -25.47
CA SER L 82 38.55 36.53 -25.99
C SER L 82 37.04 36.55 -25.78
N PHE L 83 36.43 37.72 -25.89
CA PHE L 83 34.99 37.87 -25.74
C PHE L 83 34.46 38.78 -26.85
N THR L 84 34.89 38.49 -28.08
CA THR L 84 34.59 39.32 -29.23
C THR L 84 33.15 39.09 -29.70
N SER L 85 32.65 40.08 -30.44
CA SER L 85 31.27 40.09 -30.93
C SER L 85 31.17 41.17 -32.01
N PRO L 86 30.20 41.06 -32.91
CA PRO L 86 30.02 42.09 -33.93
C PRO L 86 29.11 43.19 -33.42
N PRO L 87 29.48 44.45 -33.65
CA PRO L 87 28.70 45.57 -33.09
C PRO L 87 27.44 45.82 -33.90
N PRO L 88 26.31 46.10 -33.23
CA PRO L 88 25.08 46.41 -33.97
C PRO L 88 25.12 47.78 -34.62
N ARG L 89 25.87 48.74 -34.07
CA ARG L 89 26.06 50.02 -34.75
C ARG L 89 26.91 49.84 -36.01
N ASP L 90 27.97 49.02 -35.91
CA ASP L 90 28.73 48.68 -37.11
C ASP L 90 27.92 47.83 -38.07
N PHE L 91 26.99 47.03 -37.55
CA PHE L 91 26.07 46.28 -38.41
C PHE L 91 25.16 47.21 -39.19
N LEU L 92 24.63 48.25 -38.53
CA LEU L 92 23.81 49.23 -39.23
C LEU L 92 24.63 50.08 -40.20
N LEU L 93 25.89 50.35 -39.86
CA LEU L 93 26.77 51.10 -40.78
C LEU L 93 27.08 50.29 -42.03
N ASP L 94 27.40 49.00 -41.87
CA ASP L 94 27.59 48.12 -43.02
C ASP L 94 26.30 47.91 -43.78
N ILE L 95 25.16 47.95 -43.09
CA ILE L 95 23.86 47.85 -43.75
C ILE L 95 23.64 49.04 -44.66
N ALA L 96 23.88 50.25 -44.15
CA ALA L 96 23.75 51.46 -44.97
C ALA L 96 24.75 51.47 -46.12
N ARG L 97 25.98 51.03 -45.86
CA ARG L 97 27.03 51.00 -46.88
C ARG L 97 26.68 50.05 -48.03
N GLN L 98 26.41 48.79 -47.72
CA GLN L 98 26.16 47.81 -48.78
C GLN L 98 24.77 47.97 -49.38
N ARG L 99 23.74 48.21 -48.57
CA ARG L 99 22.39 48.37 -49.06
C ARG L 99 22.17 49.68 -49.81
N ASN L 100 23.03 50.69 -49.58
CA ASN L 100 22.96 51.90 -50.39
C ASN L 100 23.39 51.62 -51.83
N GLN L 101 24.35 50.73 -52.00
CA GLN L 101 24.77 50.29 -53.34
C GLN L 101 23.73 49.31 -53.89
N THR L 102 23.19 49.62 -55.06
CA THR L 102 22.19 48.74 -55.66
C THR L 102 22.67 48.30 -57.05
N PRO L 103 23.92 47.86 -57.17
CA PRO L 103 24.41 47.39 -58.47
C PRO L 103 24.27 45.88 -58.63
N LEU L 104 23.92 45.48 -59.84
CA LEU L 104 23.75 44.06 -60.18
C LEU L 104 23.95 43.86 -61.67
N PRO L 105 25.19 43.95 -62.15
CA PRO L 105 25.42 43.79 -63.59
C PRO L 105 25.32 42.33 -64.02
N LEU L 106 24.68 42.11 -65.16
CA LEU L 106 24.49 40.77 -65.72
C LEU L 106 25.20 40.69 -67.06
N ILE L 107 25.94 39.61 -67.27
CA ILE L 107 26.67 39.39 -68.51
C ILE L 107 26.10 38.15 -69.20
N LYS L 108 26.49 37.98 -70.47
CA LYS L 108 26.06 36.83 -71.25
C LYS L 108 26.78 35.58 -70.76
N PRO L 109 28.12 35.57 -70.74
CA PRO L 109 28.88 34.43 -70.24
C PRO L 109 29.03 34.48 -68.72
N UNK L 110 28.64 33.41 -68.04
CA UNK L 110 28.72 33.35 -66.59
C UNK L 110 29.38 32.04 -66.13
N UNK L 111 30.14 31.42 -67.02
CA UNK L 111 30.85 30.19 -66.68
C UNK L 111 32.10 30.53 -65.89
N UNK L 112 32.72 31.65 -66.21
CA UNK L 112 33.87 32.15 -65.46
C UNK L 112 33.39 32.69 -64.11
N UNK L 113 34.15 32.42 -63.06
CA UNK L 113 33.74 32.81 -61.72
C UNK L 113 34.92 33.15 -60.81
N UNK L 114 36.04 33.56 -61.40
CA UNK L 114 37.25 33.84 -60.62
C UNK L 114 37.98 35.09 -61.10
N UNK L 115 38.53 35.83 -60.14
CA UNK L 115 39.31 37.02 -60.44
C UNK L 115 40.30 37.30 -59.30
N UNK L 116 41.03 36.27 -58.90
CA UNK L 116 41.96 36.36 -57.78
C UNK L 116 43.19 37.18 -58.14
N PRO M 13 -84.33 24.11 19.77
CA PRO M 13 -84.66 25.03 18.67
C PRO M 13 -83.62 26.13 18.52
N LYS M 14 -84.09 27.38 18.37
CA LYS M 14 -83.19 28.51 18.28
C LYS M 14 -82.44 28.76 19.58
N ASP M 15 -83.04 28.40 20.72
CA ASP M 15 -82.41 28.66 22.00
C ASP M 15 -81.17 27.80 22.19
N ALA M 16 -81.19 26.58 21.63
CA ALA M 16 -80.00 25.75 21.61
C ALA M 16 -78.91 26.36 20.75
N GLN M 17 -79.30 27.04 19.66
CA GLN M 17 -78.33 27.76 18.84
C GLN M 17 -77.72 28.91 19.62
N MET M 18 -78.53 29.60 20.42
CA MET M 18 -78.04 30.70 21.25
C MET M 18 -77.04 30.19 22.28
N MET M 19 -77.36 29.06 22.91
CA MET M 19 -76.44 28.47 23.86
C MET M 19 -75.17 27.95 23.20
N ALA M 20 -75.28 27.46 21.97
CA ALA M 20 -74.09 27.02 21.24
C ALA M 20 -73.18 28.20 20.96
N GLN M 21 -73.76 29.32 20.57
CA GLN M 21 -73.01 30.57 20.43
C GLN M 21 -72.39 31.01 21.75
N ILE M 22 -73.11 30.79 22.85
CA ILE M 22 -72.60 31.12 24.18
C ILE M 22 -71.37 30.29 24.50
N LEU M 23 -71.48 28.98 24.33
CA LEU M 23 -70.41 28.09 24.72
C LEU M 23 -69.22 28.16 23.77
N LYS M 24 -69.45 28.57 22.53
CA LYS M 24 -68.35 28.99 21.68
C LYS M 24 -67.71 30.27 22.20
N ASP M 25 -68.54 31.23 22.64
CA ASP M 25 -68.00 32.43 23.27
C ASP M 25 -67.40 32.08 24.62
N MET M 26 -67.86 31.02 25.26
CA MET M 26 -67.15 30.52 26.43
C MET M 26 -65.89 29.78 26.06
N GLY M 27 -65.74 29.36 24.80
CA GLY M 27 -64.51 28.79 24.31
C GLY M 27 -64.21 27.37 24.74
N ILE M 28 -64.93 26.84 25.72
CA ILE M 28 -64.67 25.52 26.27
C ILE M 28 -65.79 24.60 25.80
N THR M 29 -65.52 23.29 25.81
CA THR M 29 -65.94 22.39 24.76
C THR M 29 -67.11 21.46 25.11
N GLU M 30 -67.04 20.76 26.24
CA GLU M 30 -67.80 19.52 26.42
C GLU M 30 -68.82 19.65 27.54
N TYR M 31 -70.04 19.17 27.28
CA TYR M 31 -71.20 19.47 28.11
C TYR M 31 -72.14 18.26 28.10
N GLU M 32 -73.33 18.49 28.65
CA GLU M 32 -74.54 17.79 28.27
C GLU M 32 -75.56 18.82 27.83
N PRO M 33 -76.39 18.49 26.83
CA PRO M 33 -77.41 19.45 26.39
C PRO M 33 -78.57 19.60 27.36
N ARG M 34 -78.80 18.63 28.25
CA ARG M 34 -79.84 18.80 29.26
C ARG M 34 -79.43 19.86 30.27
N VAL M 35 -78.14 19.90 30.60
CA VAL M 35 -77.56 20.95 31.43
C VAL M 35 -77.80 22.31 30.80
N ILE M 36 -77.53 22.39 29.50
CA ILE M 36 -77.73 23.58 28.70
C ILE M 36 -79.19 24.02 28.71
N ASN M 37 -80.10 23.07 28.57
CA ASN M 37 -81.52 23.41 28.48
C ASN M 37 -82.06 23.85 29.83
N GLN M 38 -81.56 23.26 30.91
CA GLN M 38 -82.06 23.66 32.21
C GLN M 38 -81.48 25.00 32.64
N MET M 39 -80.25 25.30 32.18
CA MET M 39 -79.74 26.67 32.19
C MET M 39 -80.70 27.64 31.52
N LEU M 40 -81.13 27.29 30.30
CA LEU M 40 -82.06 28.12 29.53
C LEU M 40 -83.34 28.39 30.29
N GLU M 41 -84.00 27.34 30.77
CA GLU M 41 -85.34 27.54 31.31
C GLU M 41 -85.30 28.25 32.66
N PHE M 42 -84.30 27.96 33.51
CA PHE M 42 -84.19 28.75 34.73
C PHE M 42 -83.82 30.20 34.44
N ALA M 43 -83.00 30.44 33.40
CA ALA M 43 -82.62 31.80 33.04
C ALA M 43 -83.82 32.59 32.52
N PHE M 44 -84.63 31.98 31.65
CA PHE M 44 -85.87 32.61 31.20
C PHE M 44 -86.82 32.88 32.36
N ARG M 45 -86.87 31.98 33.34
CA ARG M 45 -87.76 32.27 34.45
C ARG M 45 -87.21 33.39 35.33
N TYR M 46 -85.88 33.56 35.37
CA TYR M 46 -85.33 34.75 36.01
C TYR M 46 -85.72 36.00 35.25
N VAL M 47 -85.74 35.91 33.92
CA VAL M 47 -86.20 37.02 33.09
C VAL M 47 -87.65 37.35 33.39
N THR M 48 -88.49 36.32 33.57
CA THR M 48 -89.89 36.57 33.88
C THR M 48 -90.06 37.18 35.26
N THR M 49 -89.17 36.84 36.19
CA THR M 49 -89.24 37.51 37.49
C THR M 49 -88.81 38.96 37.39
N ILE M 50 -87.85 39.26 36.50
CA ILE M 50 -87.54 40.65 36.17
C ILE M 50 -88.78 41.35 35.62
N LEU M 51 -89.54 40.65 34.79
CA LEU M 51 -90.78 41.19 34.26
C LEU M 51 -91.82 41.40 35.35
N ASP M 52 -91.83 40.53 36.35
CA ASP M 52 -92.71 40.71 37.50
C ASP M 52 -92.34 41.97 38.26
N ASP M 53 -91.04 42.20 38.42
CA ASP M 53 -90.55 43.42 39.05
C ASP M 53 -90.93 44.64 38.21
N ALA M 54 -90.90 44.49 36.90
CA ALA M 54 -91.32 45.56 36.01
C ALA M 54 -92.80 45.87 36.17
N LYS M 55 -93.62 44.83 36.36
CA LYS M 55 -95.03 45.04 36.67
C LYS M 55 -95.20 45.78 37.98
N ILE M 56 -94.40 45.43 38.98
CA ILE M 56 -94.51 46.03 40.31
C ILE M 56 -94.15 47.51 40.26
N TYR M 57 -93.00 47.83 39.69
CA TYR M 57 -92.59 49.23 39.70
C TYR M 57 -93.26 50.05 38.60
N SER M 58 -93.95 49.41 37.66
CA SER M 58 -94.91 50.15 36.85
C SER M 58 -96.15 50.47 37.65
N SER M 59 -96.56 49.55 38.54
CA SER M 59 -97.76 49.75 39.33
C SER M 59 -97.55 50.84 40.38
N HIS M 60 -96.37 50.88 41.01
CA HIS M 60 -96.16 51.85 42.07
C HIS M 60 -95.65 53.19 41.57
N ALA M 61 -95.18 53.25 40.32
CA ALA M 61 -95.10 54.53 39.64
C ALA M 61 -96.42 54.93 39.01
N LYS M 62 -97.41 54.03 39.06
CA LYS M 62 -98.78 54.25 38.58
C LYS M 62 -98.79 54.58 37.09
N LYS M 63 -98.02 53.81 36.32
CA LYS M 63 -97.92 53.96 34.87
C LYS M 63 -98.07 52.60 34.23
N ALA M 64 -98.69 52.58 33.05
CA ALA M 64 -98.87 51.33 32.33
C ALA M 64 -97.61 50.85 31.64
N THR M 65 -96.59 51.71 31.53
CA THR M 65 -95.37 51.37 30.81
C THR M 65 -94.27 50.95 31.76
N VAL M 66 -93.25 50.32 31.21
CA VAL M 66 -92.04 49.96 31.93
C VAL M 66 -90.90 50.80 31.40
N ASP M 67 -90.38 51.67 32.26
CA ASP M 67 -89.33 52.58 31.85
C ASP M 67 -87.99 51.85 31.80
N ALA M 68 -86.99 52.54 31.26
CA ALA M 68 -85.61 52.11 31.48
C ALA M 68 -85.24 52.19 32.94
N ASP M 69 -85.78 53.19 33.64
CA ASP M 69 -85.58 53.34 35.09
C ASP M 69 -86.11 52.16 35.87
N ASP M 70 -87.21 51.57 35.39
CA ASP M 70 -87.77 50.36 35.98
C ASP M 70 -86.77 49.21 35.87
N VAL M 71 -86.18 49.05 34.68
CA VAL M 71 -85.13 48.07 34.46
C VAL M 71 -83.94 48.35 35.37
N ARG M 72 -83.63 49.65 35.57
CA ARG M 72 -82.48 50.03 36.38
C ARG M 72 -82.65 49.64 37.83
N LEU M 73 -83.79 49.97 38.44
CA LEU M 73 -83.89 49.64 39.85
C LEU M 73 -84.16 48.17 40.06
N ALA M 74 -84.76 47.50 39.08
CA ALA M 74 -84.88 46.05 39.15
C ALA M 74 -83.51 45.37 39.14
N ILE M 75 -82.62 45.80 38.26
CA ILE M 75 -81.32 45.15 38.22
C ILE M 75 -80.45 45.60 39.39
N GLN M 76 -80.69 46.80 39.94
CA GLN M 76 -79.98 47.19 41.15
C GLN M 76 -80.39 46.32 42.33
N CYS M 77 -81.69 46.07 42.48
CA CYS M 77 -82.18 45.22 43.55
C CYS M 77 -81.68 43.79 43.40
N ARG M 78 -81.77 43.23 42.20
CA ARG M 78 -81.37 41.85 42.07
C ARG M 78 -79.86 41.67 42.00
N ALA M 79 -79.12 42.74 41.68
CA ALA M 79 -77.67 42.71 41.82
C ALA M 79 -77.27 42.81 43.27
N ASP M 80 -78.10 43.46 44.09
CA ASP M 80 -77.92 43.32 45.53
C ASP M 80 -78.32 41.93 46.01
N GLN M 81 -79.20 41.26 45.27
CA GLN M 81 -79.72 39.99 45.74
C GLN M 81 -78.76 38.83 45.47
N SER M 82 -78.50 38.51 44.20
CA SER M 82 -77.79 37.27 43.88
C SER M 82 -76.50 37.52 43.14
N PHE M 83 -75.79 38.59 43.50
CA PHE M 83 -74.59 38.96 42.77
C PHE M 83 -73.50 39.40 43.76
N THR M 84 -73.24 38.56 44.76
CA THR M 84 -72.34 38.96 45.83
C THR M 84 -70.86 38.89 45.40
N SER M 85 -70.01 39.51 46.22
CA SER M 85 -68.54 39.56 46.13
C SER M 85 -67.99 40.18 47.42
N PRO M 86 -66.74 39.93 47.77
CA PRO M 86 -66.15 40.59 48.95
C PRO M 86 -65.41 41.86 48.56
N PRO M 87 -65.60 42.95 49.31
CA PRO M 87 -65.06 44.24 48.89
C PRO M 87 -63.56 44.35 49.16
N PRO M 88 -62.81 44.91 48.22
CA PRO M 88 -61.35 45.02 48.41
C PRO M 88 -60.98 46.04 49.47
N ARG M 89 -61.88 47.01 49.68
CA ARG M 89 -61.73 47.90 50.82
C ARG M 89 -61.91 47.13 52.12
N ASP M 90 -62.92 46.25 52.17
CA ASP M 90 -63.09 45.39 53.32
C ASP M 90 -61.94 44.41 53.45
N PHE M 91 -61.36 44.02 52.32
CA PHE M 91 -60.18 43.16 52.33
C PHE M 91 -59.00 43.89 52.96
N LEU M 92 -58.77 45.14 52.56
CA LEU M 92 -57.68 45.91 53.15
C LEU M 92 -57.94 46.23 54.61
N LEU M 93 -59.21 46.43 54.98
CA LEU M 93 -59.55 46.69 56.38
C LEU M 93 -59.28 45.47 57.24
N ASP M 94 -59.70 44.29 56.76
CA ASP M 94 -59.42 43.06 57.46
C ASP M 94 -57.94 42.76 57.50
N ILE M 95 -57.23 43.17 56.44
CA ILE M 95 -55.79 43.02 56.38
C ILE M 95 -55.14 43.83 57.49
N ALA M 96 -55.55 45.09 57.63
CA ALA M 96 -55.03 45.97 58.68
C ALA M 96 -55.34 45.41 60.05
N ARG M 97 -56.55 44.87 60.23
CA ARG M 97 -56.96 44.31 61.50
C ARG M 97 -56.12 43.09 61.89
N GLN M 98 -56.19 42.03 61.09
CA GLN M 98 -55.56 40.79 61.51
C GLN M 98 -54.06 40.81 61.30
N ARG M 99 -53.58 41.33 60.17
CA ARG M 99 -52.17 41.49 59.94
C ARG M 99 -51.54 42.52 60.88
N ASN M 100 -52.34 43.41 61.48
CA ASN M 100 -51.84 44.20 62.58
C ASN M 100 -51.51 43.31 63.78
N GLN M 101 -52.33 42.29 64.00
CA GLN M 101 -52.11 41.38 65.13
C GLN M 101 -50.99 40.41 64.80
N THR M 102 -49.95 40.43 65.62
CA THR M 102 -48.84 39.52 65.39
C THR M 102 -48.62 38.67 66.63
N PRO M 103 -49.68 38.16 67.24
CA PRO M 103 -49.51 37.21 68.33
C PRO M 103 -49.57 35.78 67.81
N LEU M 104 -48.74 34.93 68.41
CA LEU M 104 -48.59 33.56 67.95
C LEU M 104 -48.09 32.73 69.13
N PRO M 105 -48.94 32.55 70.14
CA PRO M 105 -48.48 31.90 71.36
C PRO M 105 -48.29 30.40 71.17
N LEU M 106 -47.20 29.88 71.72
CA LEU M 106 -46.80 28.50 71.55
C LEU M 106 -46.82 27.81 72.90
N ILE M 107 -47.39 26.63 72.95
CA ILE M 107 -47.53 25.90 74.20
C ILE M 107 -46.77 24.58 74.10
N LYS M 108 -46.56 23.95 75.26
CA LYS M 108 -45.92 22.64 75.28
C LYS M 108 -46.87 21.55 74.82
N PRO M 109 -48.02 21.33 75.47
CA PRO M 109 -48.96 20.31 74.98
C PRO M 109 -49.84 20.87 73.87
N UNK M 110 -50.00 20.07 72.80
CA UNK M 110 -50.66 20.57 71.61
C UNK M 110 -51.62 19.57 70.94
N UNK M 111 -51.89 18.43 71.56
CA UNK M 111 -52.84 17.49 70.98
C UNK M 111 -54.26 18.03 71.01
N UNK M 112 -54.61 18.76 72.07
CA UNK M 112 -55.89 19.43 72.14
C UNK M 112 -55.96 20.51 71.07
N UNK M 113 -57.12 20.63 70.43
CA UNK M 113 -57.23 21.60 69.37
C UNK M 113 -58.59 22.28 69.37
N UNK M 114 -59.22 22.44 70.53
CA UNK M 114 -60.60 22.88 70.54
C UNK M 114 -61.00 23.48 71.88
N UNK M 115 -61.89 24.48 71.81
CA UNK M 115 -62.78 24.84 72.90
C UNK M 115 -64.04 25.38 72.23
N UNK M 116 -65.00 24.50 72.01
CA UNK M 116 -66.15 24.83 71.17
C UNK M 116 -67.16 25.64 71.96
N SER N 113 77.66 22.64 -51.33
CA SER N 113 76.99 21.83 -52.33
C SER N 113 75.48 21.93 -52.22
N THR N 114 75.03 22.92 -51.43
CA THR N 114 73.64 23.23 -51.09
C THR N 114 72.90 22.00 -50.57
N PRO N 115 73.14 21.58 -49.31
CA PRO N 115 72.54 20.34 -48.82
C PRO N 115 71.05 20.42 -48.55
N LEU N 116 70.44 21.61 -48.47
CA LEU N 116 69.02 21.70 -48.15
C LEU N 116 68.16 21.29 -49.33
N VAL N 117 68.50 21.76 -50.53
CA VAL N 117 67.78 21.33 -51.73
C VAL N 117 68.11 19.88 -52.07
N ASP N 118 69.30 19.39 -51.69
CA ASP N 118 69.62 17.98 -51.84
C ASP N 118 68.79 17.13 -50.88
N PHE N 119 68.53 17.65 -49.68
CA PHE N 119 67.61 17.02 -48.74
C PHE N 119 66.19 16.96 -49.29
N LEU N 120 65.74 18.06 -49.91
CA LEU N 120 64.42 18.10 -50.53
C LEU N 120 64.33 17.11 -51.70
N MET N 121 65.44 16.90 -52.41
CA MET N 121 65.46 15.88 -53.46
C MET N 121 65.42 14.47 -52.88
N GLN N 122 66.23 14.20 -51.84
CA GLN N 122 66.32 12.85 -51.29
C GLN N 122 65.21 12.54 -50.29
N LEU N 123 64.23 13.44 -50.11
CA LEU N 123 63.00 13.11 -49.38
C LEU N 123 62.26 11.89 -49.95
N GLU N 124 62.45 11.57 -51.23
CA GLU N 124 61.85 10.38 -51.85
C GLU N 124 62.40 9.07 -51.32
N ASP N 125 63.51 9.09 -50.58
CA ASP N 125 64.16 7.87 -50.12
C ASP N 125 63.81 7.48 -48.69
N TYR N 126 63.38 8.43 -47.86
CA TYR N 126 63.22 8.16 -46.44
C TYR N 126 61.94 7.38 -46.16
N THR N 127 61.92 6.72 -44.99
CA THR N 127 60.78 6.00 -44.44
C THR N 127 60.58 6.43 -42.99
N PRO N 128 59.44 7.05 -42.64
CA PRO N 128 59.29 7.63 -41.30
C PRO N 128 59.09 6.59 -40.19
N THR N 129 58.94 7.08 -38.98
CA THR N 129 58.63 6.26 -37.81
C THR N 129 57.18 6.41 -37.37
N ILE N 130 56.64 7.62 -37.44
CA ILE N 130 55.20 7.83 -37.25
C ILE N 130 54.46 7.24 -38.45
N PRO N 131 53.35 6.53 -38.23
CA PRO N 131 52.55 6.04 -39.37
C PRO N 131 52.02 7.19 -40.23
N ASP N 132 52.34 7.12 -41.53
CA ASP N 132 51.98 8.19 -42.45
C ASP N 132 50.48 8.25 -42.70
N ALA N 133 49.75 7.16 -42.45
CA ALA N 133 48.30 7.21 -42.54
C ALA N 133 47.70 8.05 -41.41
N VAL N 134 48.29 7.96 -40.21
CA VAL N 134 47.78 8.72 -39.06
C VAL N 134 48.09 10.19 -39.21
N THR N 135 49.32 10.53 -39.63
CA THR N 135 49.69 11.91 -39.94
C THR N 135 48.83 12.45 -41.08
N GLY N 136 48.56 11.60 -42.08
CA GLY N 136 47.68 11.99 -43.16
C GLY N 136 46.26 12.28 -42.71
N TYR N 137 45.73 11.48 -41.79
CA TYR N 137 44.38 11.70 -41.26
C TYR N 137 44.31 12.97 -40.41
N TYR N 138 45.30 13.19 -39.55
CA TYR N 138 45.32 14.42 -38.76
C TYR N 138 45.57 15.65 -39.61
N LEU N 139 46.18 15.48 -40.79
CA LEU N 139 46.18 16.55 -41.76
C LEU N 139 44.90 16.61 -42.60
N ASN N 140 44.11 15.52 -42.64
CA ASN N 140 42.80 15.60 -43.28
C ASN N 140 41.83 16.39 -42.41
N ARG N 141 41.93 16.24 -41.09
CA ARG N 141 41.23 17.15 -40.19
C ARG N 141 41.76 18.57 -40.30
N ALA N 142 43.05 18.71 -40.57
CA ALA N 142 43.64 20.03 -40.84
C ALA N 142 43.57 20.37 -42.33
N GLY N 143 42.85 19.56 -43.11
CA GLY N 143 42.51 19.88 -44.48
C GLY N 143 43.59 19.69 -45.52
N PHE N 144 44.61 18.89 -45.23
CA PHE N 144 45.80 18.82 -46.06
C PHE N 144 45.83 17.47 -46.78
N GLU N 145 45.87 17.52 -48.10
CA GLU N 145 45.79 16.33 -48.95
C GLU N 145 46.99 16.34 -49.90
N ALA N 146 48.00 15.55 -49.58
CA ALA N 146 49.18 15.41 -50.42
C ALA N 146 49.25 13.98 -50.94
N SER N 147 49.14 13.82 -52.27
CA SER N 147 49.41 12.52 -52.87
C SER N 147 50.89 12.18 -52.85
N ASP N 148 51.75 13.19 -52.71
CA ASP N 148 53.19 13.04 -52.53
C ASP N 148 53.48 12.85 -51.05
N PRO N 149 53.99 11.69 -50.63
CA PRO N 149 54.22 11.45 -49.19
C PRO N 149 55.45 12.12 -48.61
N ARG N 150 56.24 12.84 -49.42
CA ARG N 150 57.46 13.47 -48.93
C ARG N 150 57.16 14.62 -47.97
N ILE N 151 56.09 15.35 -48.22
CA ILE N 151 55.69 16.42 -47.31
C ILE N 151 55.20 15.83 -45.99
N ILE N 152 54.54 14.67 -46.05
CA ILE N 152 54.12 13.95 -44.86
C ILE N 152 55.33 13.50 -44.05
N ARG N 153 56.37 13.00 -44.75
CA ARG N 153 57.64 12.66 -44.11
C ARG N 153 58.26 13.86 -43.41
N LEU N 154 58.26 15.01 -44.09
CA LEU N 154 58.87 16.23 -43.54
C LEU N 154 58.14 16.71 -42.29
N ILE N 155 56.80 16.74 -42.35
CA ILE N 155 56.00 17.20 -41.21
C ILE N 155 56.11 16.24 -40.03
N SER N 156 56.14 14.91 -40.30
CA SER N 156 56.26 13.92 -39.23
C SER N 156 57.61 14.01 -38.54
N LEU N 157 58.70 14.07 -39.32
CA LEU N 157 60.03 14.14 -38.71
C LEU N 157 60.27 15.48 -38.04
N ALA N 158 59.63 16.56 -38.52
CA ALA N 158 59.73 17.84 -37.83
C ALA N 158 58.97 17.84 -36.51
N ALA N 159 57.81 17.16 -36.45
CA ALA N 159 57.11 17.01 -35.18
C ALA N 159 57.90 16.14 -34.22
N GLN N 160 58.62 15.14 -34.75
CA GLN N 160 59.54 14.36 -33.92
C GLN N 160 60.66 15.23 -33.37
N LYS N 161 61.19 16.16 -34.18
CA LYS N 161 62.25 17.04 -33.69
C LYS N 161 61.70 18.07 -32.69
N PHE N 162 60.44 18.45 -32.83
CA PHE N 162 59.76 19.28 -31.85
C PHE N 162 59.68 18.59 -30.49
N ILE N 163 59.21 17.33 -30.48
CA ILE N 163 59.20 16.52 -29.26
C ILE N 163 60.61 16.28 -28.75
N SER N 164 61.59 16.14 -29.63
CA SER N 164 62.96 15.89 -29.20
C SER N 164 63.57 17.11 -28.54
N ASP N 165 63.31 18.32 -29.06
CA ASP N 165 63.81 19.53 -28.42
C ASP N 165 63.12 19.81 -27.09
N ILE N 166 61.81 19.57 -27.00
CA ILE N 166 61.10 19.74 -25.74
C ILE N 166 61.60 18.73 -24.69
N ALA N 167 61.74 17.46 -25.08
CA ALA N 167 62.21 16.45 -24.15
C ALA N 167 63.70 16.60 -23.84
N ASN N 168 64.48 17.24 -24.71
CA ASN N 168 65.87 17.56 -24.38
C ASN N 168 65.95 18.70 -23.36
N ASP N 169 65.06 19.69 -23.47
CA ASP N 169 64.98 20.69 -22.40
C ASP N 169 64.54 20.04 -21.09
N ALA N 170 63.60 19.09 -21.16
CA ALA N 170 63.17 18.33 -19.99
C ALA N 170 64.30 17.46 -19.42
N LEU N 171 65.18 16.95 -20.29
CA LEU N 171 66.30 16.14 -19.83
C LEU N 171 67.39 16.99 -19.22
N GLN N 172 67.66 18.17 -19.79
CA GLN N 172 68.66 19.08 -19.21
C GLN N 172 68.20 19.65 -17.88
N HIS N 173 66.90 19.91 -17.73
CA HIS N 173 66.38 20.27 -16.40
C HIS N 173 66.09 19.05 -15.53
N CYS N 174 66.15 17.84 -16.08
CA CYS N 174 65.91 16.64 -15.29
C CYS N 174 67.09 16.31 -14.39
N LYS N 175 68.29 16.79 -14.74
CA LYS N 175 69.45 16.60 -13.87
C LYS N 175 69.37 17.42 -12.60
N MET N 176 68.57 18.49 -12.59
CA MET N 176 68.31 19.25 -11.38
C MET N 176 67.08 18.67 -10.68
N LYS N 177 67.23 18.38 -9.40
CA LYS N 177 66.14 17.79 -8.62
C LYS N 177 65.04 18.81 -8.35
N LYS N 192 65.57 6.37 -13.32
CA LYS N 192 66.84 7.08 -13.47
C LYS N 192 66.59 8.53 -13.87
N TYR N 193 65.63 8.75 -14.76
CA TYR N 193 65.22 10.07 -15.20
C TYR N 193 63.70 10.12 -15.25
N THR N 194 63.12 11.25 -14.83
CA THR N 194 61.67 11.35 -14.72
C THR N 194 61.20 12.69 -15.26
N LEU N 195 60.26 12.63 -16.21
CA LEU N 195 59.57 13.84 -16.66
C LEU N 195 58.64 14.33 -15.56
N THR N 196 58.81 15.58 -15.15
CA THR N 196 58.06 16.14 -14.04
C THR N 196 57.39 17.43 -14.47
N MET N 197 56.58 17.98 -13.55
CA MET N 197 56.03 19.32 -13.72
C MET N 197 57.14 20.37 -13.67
N GLU N 198 58.21 20.09 -12.92
CA GLU N 198 59.40 20.93 -12.96
C GLU N 198 60.03 20.91 -14.35
N ASP N 199 60.02 19.76 -15.02
CA ASP N 199 60.54 19.68 -16.38
C ASP N 199 59.56 20.23 -17.40
N LEU N 200 58.27 20.25 -17.07
CA LEU N 200 57.26 20.76 -18.00
C LEU N 200 57.29 22.29 -18.06
N THR N 201 57.79 22.94 -17.01
CA THR N 201 57.81 24.40 -16.91
C THR N 201 58.72 25.10 -17.94
N PRO N 202 59.97 24.65 -18.22
CA PRO N 202 60.67 25.28 -19.36
C PRO N 202 60.13 24.84 -20.71
N ALA N 203 59.37 23.74 -20.77
CA ALA N 203 58.71 23.35 -22.01
C ALA N 203 57.52 24.23 -22.35
N LEU N 204 57.03 25.03 -21.40
CA LEU N 204 55.94 25.98 -21.64
C LEU N 204 56.44 27.30 -22.22
N SER N 205 57.69 27.38 -22.68
CA SER N 205 58.23 28.62 -23.21
C SER N 205 57.67 28.96 -24.59
N GLU N 206 57.14 27.98 -25.32
CA GLU N 206 56.71 28.24 -26.69
C GLU N 206 55.33 28.88 -26.74
N TYR N 207 54.30 28.15 -26.30
CA TYR N 207 52.94 28.71 -26.18
C TYR N 207 52.27 28.17 -24.92
N GLY N 208 53.01 28.13 -23.83
CA GLY N 208 52.46 27.62 -22.58
C GLY N 208 51.57 28.63 -21.86
N SER O 113 -101.50 10.42 76.92
CA SER O 113 -100.52 9.35 77.10
C SER O 113 -99.22 9.70 76.39
N THR O 114 -99.13 10.96 75.93
CA THR O 114 -98.06 11.53 75.11
C THR O 114 -97.79 10.65 73.89
N PRO O 115 -98.70 10.63 72.90
CA PRO O 115 -98.54 9.71 71.77
C PRO O 115 -97.46 10.10 70.79
N LEU O 116 -96.93 11.33 70.86
CA LEU O 116 -95.88 11.73 69.95
C LEU O 116 -94.57 11.03 70.29
N VAL O 117 -94.18 11.06 71.56
CA VAL O 117 -92.98 10.33 71.96
C VAL O 117 -93.21 8.83 71.93
N ASP O 118 -94.47 8.38 72.03
CA ASP O 118 -94.78 6.97 71.80
C ASP O 118 -94.56 6.60 70.35
N PHE O 119 -94.91 7.52 69.44
CA PHE O 119 -94.60 7.35 68.03
C PHE O 119 -93.10 7.31 67.81
N LEU O 120 -92.36 8.15 68.53
CA LEU O 120 -90.90 8.14 68.47
C LEU O 120 -90.33 6.81 68.94
N MET O 121 -90.93 6.23 69.98
CA MET O 121 -90.49 4.92 70.47
C MET O 121 -90.79 3.83 69.45
N GLN O 122 -92.00 3.82 68.90
CA GLN O 122 -92.39 2.79 67.96
C GLN O 122 -91.84 3.02 66.56
N LEU O 123 -91.03 4.07 66.35
CA LEU O 123 -90.24 4.19 65.14
C LEU O 123 -89.35 2.97 64.87
N GLU O 124 -88.99 2.21 65.90
CA GLU O 124 -88.32 0.94 65.74
C GLU O 124 -89.17 -0.13 65.05
N ASP O 125 -90.48 0.06 64.95
CA ASP O 125 -91.36 -0.94 64.39
C ASP O 125 -91.66 -0.72 62.91
N TYR O 126 -91.56 0.51 62.43
CA TYR O 126 -92.06 0.84 61.10
C TYR O 126 -91.15 0.28 60.01
N THR O 127 -91.72 0.11 58.83
CA THR O 127 -90.99 -0.34 57.64
C THR O 127 -91.46 0.52 56.48
N PRO O 128 -90.62 1.42 55.95
CA PRO O 128 -91.12 2.50 55.10
C PRO O 128 -91.55 2.07 53.71
N THR O 129 -91.89 3.06 52.91
CA THR O 129 -92.12 2.85 51.49
C THR O 129 -90.95 3.30 50.64
N ILE O 130 -90.27 4.38 51.03
CA ILE O 130 -89.12 4.86 50.28
C ILE O 130 -87.93 3.93 50.52
N PRO O 131 -87.15 3.60 49.49
CA PRO O 131 -85.87 2.91 49.69
C PRO O 131 -84.95 3.69 50.60
N ASP O 132 -84.64 3.08 51.74
CA ASP O 132 -83.88 3.74 52.77
C ASP O 132 -82.40 3.86 52.42
N ALA O 133 -81.91 3.05 51.48
CA ALA O 133 -80.56 3.25 50.99
C ALA O 133 -80.48 4.50 50.13
N VAL O 134 -81.50 4.74 49.31
CA VAL O 134 -81.55 5.95 48.49
C VAL O 134 -81.75 7.17 49.38
N THR O 135 -82.62 7.04 50.38
CA THR O 135 -82.82 8.08 51.36
C THR O 135 -81.54 8.39 52.09
N GLY O 136 -80.83 7.34 52.51
CA GLY O 136 -79.57 7.51 53.19
C GLY O 136 -78.52 8.16 52.30
N TYR O 137 -78.49 7.77 51.02
CA TYR O 137 -77.59 8.38 50.04
C TYR O 137 -77.80 9.88 49.93
N TYR O 138 -79.05 10.29 49.71
CA TYR O 138 -79.32 11.72 49.62
C TYR O 138 -79.05 12.44 50.93
N LEU O 139 -79.15 11.75 52.05
CA LEU O 139 -78.70 12.39 53.28
C LEU O 139 -77.18 12.37 53.41
N ASN O 140 -76.50 11.48 52.70
CA ASN O 140 -75.05 11.54 52.73
C ASN O 140 -74.53 12.69 51.90
N ARG O 141 -75.19 12.99 50.79
CA ARG O 141 -74.94 14.26 50.12
C ARG O 141 -75.37 15.43 50.97
N ALA O 142 -76.35 15.23 51.84
CA ALA O 142 -76.82 16.29 52.72
C ALA O 142 -76.17 16.22 54.08
N GLY O 143 -75.03 15.56 54.19
CA GLY O 143 -74.25 15.62 55.40
C GLY O 143 -74.78 14.83 56.56
N PHE O 144 -75.56 13.80 56.32
CA PHE O 144 -76.24 13.10 57.39
C PHE O 144 -76.00 11.61 57.24
N GLU O 145 -75.48 11.00 58.29
CA GLU O 145 -75.16 9.57 58.33
C GLU O 145 -75.79 8.98 59.57
N ALA O 146 -76.92 8.30 59.39
CA ALA O 146 -77.61 7.68 60.50
C ALA O 146 -77.44 6.17 60.42
N SER O 147 -76.72 5.60 61.39
CA SER O 147 -76.74 4.16 61.55
C SER O 147 -78.05 3.68 62.16
N ASP O 148 -78.78 4.57 62.82
CA ASP O 148 -80.14 4.27 63.22
C ASP O 148 -81.06 4.58 62.04
N PRO O 149 -81.73 3.58 61.46
CA PRO O 149 -82.64 3.85 60.35
C PRO O 149 -83.96 4.47 60.76
N ARG O 150 -84.21 4.67 62.05
CA ARG O 150 -85.48 5.25 62.49
C ARG O 150 -85.60 6.69 62.04
N ILE O 151 -84.49 7.42 62.06
CA ILE O 151 -84.49 8.79 61.58
C ILE O 151 -84.71 8.82 60.09
N ILE O 152 -84.16 7.83 59.39
CA ILE O 152 -84.34 7.69 57.96
C ILE O 152 -85.80 7.44 57.64
N ARG O 153 -86.43 6.58 58.44
CA ARG O 153 -87.87 6.35 58.37
C ARG O 153 -88.65 7.63 58.55
N LEU O 154 -88.25 8.42 59.55
CA LEU O 154 -88.99 9.63 59.90
C LEU O 154 -88.94 10.64 58.78
N ILE O 155 -87.75 10.86 58.24
CA ILE O 155 -87.57 11.81 57.15
C ILE O 155 -88.26 11.30 55.90
N SER O 156 -88.24 9.98 55.70
CA SER O 156 -88.89 9.36 54.56
C SER O 156 -90.38 9.62 54.58
N LEU O 157 -91.03 9.29 55.70
CA LEU O 157 -92.47 9.47 55.80
C LEU O 157 -92.85 10.94 55.84
N ALA O 158 -91.95 11.79 56.34
CA ALA O 158 -92.19 13.22 56.28
C ALA O 158 -92.20 13.73 54.85
N ALA O 159 -91.26 13.24 54.03
CA ALA O 159 -91.26 13.57 52.61
C ALA O 159 -92.50 13.01 51.92
N GLN O 160 -92.95 11.84 52.37
CA GLN O 160 -94.14 11.24 51.78
C GLN O 160 -95.37 12.10 52.05
N LYS O 161 -95.53 12.57 53.28
CA LYS O 161 -96.70 13.40 53.57
C LYS O 161 -96.56 14.79 52.97
N PHE O 162 -95.32 15.25 52.81
CA PHE O 162 -95.05 16.45 52.03
C PHE O 162 -95.62 16.33 50.63
N ILE O 163 -95.28 15.26 49.94
CA ILE O 163 -95.82 15.02 48.61
C ILE O 163 -97.32 14.73 48.67
N SER O 164 -97.81 14.15 49.76
CA SER O 164 -99.22 13.83 49.88
C SER O 164 -100.06 15.09 50.01
N ASP O 165 -99.55 16.07 50.74
CA ASP O 165 -100.28 17.32 50.89
C ASP O 165 -100.16 18.15 49.63
N ILE O 166 -99.04 18.00 48.90
CA ILE O 166 -98.96 18.54 47.54
C ILE O 166 -100.05 17.94 46.66
N ALA O 167 -100.25 16.62 46.77
CA ALA O 167 -101.26 15.95 45.97
C ALA O 167 -102.67 16.34 46.38
N ASN O 168 -102.86 16.62 47.67
CA ASN O 168 -104.16 17.10 48.14
C ASN O 168 -104.45 18.49 47.60
N ASP O 169 -103.42 19.36 47.61
CA ASP O 169 -103.52 20.69 47.03
C ASP O 169 -103.86 20.62 45.54
N ALA O 170 -103.27 19.65 44.84
CA ALA O 170 -103.58 19.47 43.44
C ALA O 170 -105.00 18.95 43.25
N LEU O 171 -105.40 17.96 44.05
CA LEU O 171 -106.65 17.24 43.86
C LEU O 171 -107.87 18.08 44.19
N GLN O 172 -107.79 18.89 45.25
CA GLN O 172 -108.87 19.81 45.56
C GLN O 172 -109.03 20.86 44.48
N HIS O 173 -107.93 21.22 43.83
CA HIS O 173 -107.97 22.09 42.66
C HIS O 173 -108.13 21.32 41.36
N CYS O 174 -107.92 20.00 41.36
CA CYS O 174 -108.20 19.21 40.17
C CYS O 174 -109.70 19.04 39.96
N LYS O 175 -110.50 19.25 41.00
CA LYS O 175 -111.94 19.33 40.84
C LYS O 175 -112.36 20.57 40.05
N MET O 176 -111.53 21.60 40.02
CA MET O 176 -111.79 22.81 39.24
C MET O 176 -111.09 22.68 37.89
N LYS O 177 -111.82 22.96 36.81
CA LYS O 177 -111.27 22.86 35.47
C LYS O 177 -110.31 24.01 35.16
N LYS O 192 -109.31 10.69 34.90
CA LYS O 192 -110.32 11.17 35.83
C LYS O 192 -109.76 12.33 36.64
N TYR O 193 -108.51 12.21 37.06
CA TYR O 193 -107.84 13.28 37.76
C TYR O 193 -106.41 13.39 37.27
N THR O 194 -105.96 14.63 37.08
CA THR O 194 -104.77 14.94 36.31
C THR O 194 -104.00 16.06 36.98
N LEU O 195 -102.70 15.88 37.14
CA LEU O 195 -101.84 16.97 37.56
C LEU O 195 -101.72 18.00 36.44
N THR O 196 -101.93 19.28 36.78
CA THR O 196 -101.86 20.37 35.82
C THR O 196 -100.92 21.45 36.32
N MET O 197 -100.59 22.38 35.42
CA MET O 197 -99.99 23.63 35.83
C MET O 197 -100.94 24.43 36.71
N GLU O 198 -102.24 24.34 36.42
CA GLU O 198 -103.27 24.93 37.27
C GLU O 198 -103.24 24.33 38.66
N ASP O 199 -103.00 23.03 38.76
CA ASP O 199 -102.80 22.42 40.07
C ASP O 199 -101.44 22.76 40.63
N LEU O 200 -100.46 23.02 39.76
CA LEU O 200 -99.10 23.30 40.21
C LEU O 200 -99.01 24.67 40.85
N THR O 201 -99.87 25.60 40.45
CA THR O 201 -99.78 26.98 40.92
C THR O 201 -100.04 27.14 42.42
N PRO O 202 -101.07 26.54 43.04
CA PRO O 202 -101.15 26.63 44.51
C PRO O 202 -100.09 25.81 45.22
N ALA O 203 -99.50 24.83 44.54
CA ALA O 203 -98.37 24.10 45.11
C ALA O 203 -97.11 24.94 45.16
N LEU O 204 -97.08 26.10 44.49
CA LEU O 204 -95.99 27.05 44.57
C LEU O 204 -96.06 27.93 45.82
N SER O 205 -96.99 27.65 46.74
CA SER O 205 -97.18 28.46 47.92
C SER O 205 -96.01 28.37 48.89
N GLU O 206 -95.23 27.30 48.85
CA GLU O 206 -94.15 27.14 49.82
C GLU O 206 -92.92 27.95 49.42
N TYR O 207 -92.27 27.57 48.33
CA TYR O 207 -91.13 28.32 47.79
C TYR O 207 -91.15 28.32 46.27
N GLY O 208 -92.30 28.58 45.68
CA GLY O 208 -92.43 28.58 44.23
C GLY O 208 -91.67 29.68 43.50
N PHE P 113 93.77 45.07 -44.94
CA PHE P 113 92.69 45.67 -44.15
C PHE P 113 93.10 47.05 -43.64
N SER P 114 92.21 47.72 -42.93
CA SER P 114 92.36 49.13 -42.60
C SER P 114 92.57 49.34 -41.10
N GLU P 115 93.08 50.54 -40.79
CA GLU P 115 93.42 50.96 -39.44
C GLU P 115 92.18 51.16 -38.56
N GLU P 116 91.08 51.58 -39.18
CA GLU P 116 89.86 51.86 -38.43
C GLU P 116 89.14 50.56 -38.05
N GLN P 117 89.21 49.55 -38.92
CA GLN P 117 88.71 48.21 -38.57
C GLN P 117 89.50 47.60 -37.43
N LEU P 118 90.82 47.84 -37.40
CA LEU P 118 91.65 47.49 -36.25
C LEU P 118 91.14 48.13 -34.96
N ASN P 119 90.94 49.46 -34.99
CA ASN P 119 90.50 50.21 -33.81
C ASN P 119 89.11 49.79 -33.37
N ARG P 120 88.23 49.47 -34.32
CA ARG P 120 86.86 49.14 -34.04
C ARG P 120 86.68 47.72 -33.52
N TYR P 121 87.47 46.76 -34.04
CA TYR P 121 87.36 45.40 -33.52
C TYR P 121 88.04 45.27 -32.16
N GLU P 122 89.06 46.08 -31.88
CA GLU P 122 89.63 46.04 -30.53
C GLU P 122 88.70 46.68 -29.50
N MET P 123 88.04 47.79 -29.87
CA MET P 123 87.00 48.38 -29.01
C MET P 123 85.79 47.48 -28.86
N TYR P 124 85.51 46.63 -29.87
CA TYR P 124 84.56 45.53 -29.68
C TYR P 124 85.03 44.60 -28.58
N ARG P 125 86.19 43.98 -28.81
CA ARG P 125 86.76 42.90 -28.01
C ARG P 125 86.83 43.23 -26.52
N ARG P 126 87.31 44.42 -26.15
CA ARG P 126 87.47 44.67 -24.72
C ARG P 126 86.45 45.60 -24.08
N SER P 127 85.35 45.96 -24.76
CA SER P 127 84.29 46.68 -24.07
C SER P 127 83.58 45.77 -23.07
N ALA P 128 83.32 46.31 -21.88
CA ALA P 128 82.65 45.60 -20.79
C ALA P 128 82.17 46.63 -19.77
N PHE P 129 81.12 46.26 -19.03
CA PHE P 129 80.48 47.13 -18.05
C PHE P 129 81.21 47.08 -16.71
N PRO P 130 81.17 48.18 -15.95
CA PRO P 130 81.77 48.16 -14.60
C PRO P 130 81.01 47.24 -13.65
N LYS P 131 81.78 46.43 -12.91
CA LYS P 131 81.22 45.44 -12.00
C LYS P 131 80.43 46.09 -10.87
N ALA P 132 80.87 47.28 -10.43
CA ALA P 132 80.20 48.02 -9.37
C ALA P 132 78.76 48.35 -9.71
N ALA P 133 78.51 48.85 -10.93
CA ALA P 133 77.17 49.25 -11.31
C ALA P 133 76.25 48.07 -11.60
N ILE P 134 76.78 46.98 -12.16
CA ILE P 134 75.98 45.78 -12.39
C ILE P 134 75.61 45.14 -11.05
N LYS P 135 76.57 45.10 -10.12
CA LYS P 135 76.32 44.56 -8.79
C LYS P 135 75.33 45.43 -8.03
N ARG P 136 75.45 46.76 -8.18
CA ARG P 136 74.54 47.69 -7.52
C ARG P 136 73.11 47.54 -8.03
N LEU P 137 72.94 47.37 -9.34
CA LEU P 137 71.59 47.24 -9.87
C LEU P 137 70.97 45.89 -9.51
N ILE P 138 71.74 44.80 -9.60
CA ILE P 138 71.21 43.49 -9.26
C ILE P 138 70.91 43.39 -7.76
N GLN P 139 71.74 44.03 -6.91
CA GLN P 139 71.43 44.06 -5.49
C GLN P 139 70.36 45.09 -5.12
N SER P 140 70.05 46.05 -5.98
CA SER P 140 68.92 46.95 -5.76
C SER P 140 67.67 46.48 -6.48
N ILE P 141 67.68 45.26 -7.03
CA ILE P 141 66.47 44.65 -7.55
C ILE P 141 66.15 43.38 -6.75
N THR P 142 67.14 42.50 -6.59
CA THR P 142 66.95 41.32 -5.75
C THR P 142 66.78 41.68 -4.29
N GLY P 143 67.62 42.58 -3.77
CA GLY P 143 67.62 42.92 -2.36
C GLY P 143 68.51 42.06 -1.50
N THR P 144 69.26 41.12 -2.09
CA THR P 144 70.22 40.30 -1.36
C THR P 144 71.55 40.33 -2.11
N SER P 145 72.57 39.74 -1.49
CA SER P 145 73.88 39.66 -2.12
C SER P 145 73.87 38.61 -3.23
N VAL P 146 74.61 38.90 -4.30
CA VAL P 146 74.69 38.03 -5.47
C VAL P 146 76.14 37.72 -5.76
N SER P 147 76.39 36.53 -6.31
CA SER P 147 77.75 36.12 -6.63
C SER P 147 78.29 36.91 -7.83
N GLN P 148 79.62 36.88 -7.98
CA GLN P 148 80.29 37.69 -8.98
C GLN P 148 80.19 37.07 -10.36
N ASN P 149 79.97 35.75 -10.43
CA ASN P 149 79.73 35.06 -11.70
C ASN P 149 78.43 35.54 -12.33
N VAL P 150 77.43 35.87 -11.50
CA VAL P 150 76.19 36.49 -11.98
C VAL P 150 76.47 37.84 -12.62
N VAL P 151 77.42 38.60 -12.09
CA VAL P 151 77.81 39.88 -12.67
C VAL P 151 78.48 39.66 -14.02
N ILE P 152 79.33 38.63 -14.11
CA ILE P 152 79.98 38.27 -15.38
C ILE P 152 78.94 37.90 -16.43
N ALA P 153 78.02 36.99 -16.08
CA ALA P 153 76.99 36.53 -17.00
C ALA P 153 76.06 37.65 -17.44
N MET P 154 75.64 38.50 -16.49
CA MET P 154 74.76 39.61 -16.81
C MET P 154 75.43 40.67 -17.68
N SER P 155 76.71 40.93 -17.46
CA SER P 155 77.43 41.87 -18.32
C SER P 155 77.66 41.29 -19.71
N GLY P 156 77.86 39.98 -19.82
CA GLY P 156 78.02 39.37 -21.12
C GLY P 156 76.73 39.35 -21.93
N ILE P 157 75.62 38.94 -21.30
CA ILE P 157 74.32 38.94 -21.96
C ILE P 157 73.87 40.36 -22.31
N SER P 158 74.20 41.33 -21.45
CA SER P 158 73.92 42.74 -21.76
C SER P 158 74.76 43.23 -22.93
N LYS P 159 76.01 42.75 -23.02
CA LYS P 159 76.85 43.11 -24.17
C LYS P 159 76.30 42.54 -25.47
N VAL P 160 75.82 41.29 -25.42
CA VAL P 160 75.14 40.69 -26.59
C VAL P 160 73.94 41.53 -27.01
N PHE P 161 73.14 41.97 -26.02
CA PHE P 161 72.00 42.85 -26.28
C PHE P 161 72.43 44.16 -26.95
N VAL P 162 73.44 44.83 -26.39
CA VAL P 162 73.94 46.10 -26.94
C VAL P 162 74.46 45.90 -28.36
N GLY P 163 75.17 44.79 -28.60
CA GLY P 163 75.69 44.50 -29.93
C GLY P 163 74.62 44.31 -30.98
N GLU P 164 73.60 43.51 -30.66
CA GLU P 164 72.46 43.32 -31.56
C GLU P 164 71.76 44.66 -31.84
N VAL P 165 71.68 45.52 -30.81
CA VAL P 165 71.04 46.82 -30.95
C VAL P 165 71.81 47.73 -31.91
N VAL P 166 73.14 47.83 -31.73
CA VAL P 166 73.95 48.70 -32.58
C VAL P 166 73.99 48.18 -34.02
N GLU P 167 74.05 46.86 -34.20
CA GLU P 167 74.02 46.28 -35.54
C GLU P 167 72.71 46.57 -36.27
N GLU P 168 71.59 46.45 -35.56
CA GLU P 168 70.29 46.74 -36.17
C GLU P 168 70.17 48.24 -36.45
N ALA P 169 70.79 49.08 -35.60
CA ALA P 169 70.79 50.52 -35.83
C ALA P 169 71.58 50.90 -37.06
N LEU P 170 72.69 50.20 -37.31
CA LEU P 170 73.45 50.39 -38.55
C LEU P 170 72.61 50.00 -39.75
N ASP P 171 71.87 48.87 -39.64
CA ASP P 171 70.95 48.46 -40.70
C ASP P 171 69.90 49.53 -40.98
N VAL P 172 69.35 50.12 -39.92
CA VAL P 172 68.36 51.21 -40.02
C VAL P 172 68.97 52.42 -40.72
N CYS P 173 70.08 52.92 -40.19
CA CYS P 173 70.86 54.04 -40.71
C CYS P 173 71.19 53.93 -42.20
N GLU P 174 71.77 52.80 -42.62
CA GLU P 174 72.17 52.67 -44.01
C GLU P 174 70.96 52.43 -44.91
N LYS P 175 69.89 51.82 -44.38
CA LYS P 175 68.68 51.68 -45.18
C LYS P 175 67.86 52.97 -45.22
N TRP P 176 68.07 53.89 -44.27
CA TRP P 176 67.52 55.24 -44.37
C TRP P 176 68.36 56.20 -45.20
N GLY P 177 69.51 55.77 -45.72
CA GLY P 177 70.33 56.69 -46.49
C GLY P 177 71.34 57.47 -45.67
N GLU P 178 70.92 57.87 -44.46
CA GLU P 178 71.72 58.63 -43.49
C GLU P 178 73.00 57.90 -43.10
N MET P 179 73.94 58.63 -42.49
CA MET P 179 75.26 58.10 -42.19
C MET P 179 75.48 58.22 -40.69
N PRO P 180 76.32 57.35 -40.11
CA PRO P 180 76.60 57.43 -38.66
C PRO P 180 77.37 58.70 -38.33
N PRO P 181 77.38 59.16 -37.04
CA PRO P 181 76.92 58.63 -35.73
C PRO P 181 75.43 58.36 -35.58
N LEU P 182 75.10 57.29 -34.85
CA LEU P 182 73.72 56.85 -34.72
C LEU P 182 72.93 57.76 -33.80
N GLN P 183 71.77 58.16 -34.26
CA GLN P 183 70.81 59.08 -33.67
C GLN P 183 69.86 58.33 -32.75
N PRO P 184 69.17 59.02 -31.82
CA PRO P 184 68.17 58.35 -30.97
C PRO P 184 67.10 57.56 -31.70
N LYS P 185 66.64 58.07 -32.85
CA LYS P 185 65.65 57.33 -33.63
C LYS P 185 66.25 56.05 -34.21
N HIS P 186 67.55 56.02 -34.52
CA HIS P 186 68.18 54.84 -35.09
C HIS P 186 68.30 53.72 -34.07
N MET P 187 68.88 54.01 -32.90
CA MET P 187 69.04 53.00 -31.85
C MET P 187 67.69 52.53 -31.33
N ARG P 188 66.76 53.45 -31.10
CA ARG P 188 65.48 53.06 -30.53
C ARG P 188 64.62 52.31 -31.56
N GLU P 189 64.60 52.76 -32.82
CA GLU P 189 64.11 52.05 -34.01
C GLU P 189 64.69 50.65 -34.12
N ALA P 190 65.94 50.45 -33.73
CA ALA P 190 66.64 49.18 -33.82
C ALA P 190 66.22 48.20 -32.75
N VAL P 191 66.15 48.65 -31.48
CA VAL P 191 65.70 47.76 -30.41
C VAL P 191 64.27 47.35 -30.69
N ARG P 192 63.45 48.32 -31.14
CA ARG P 192 62.09 48.08 -31.64
C ARG P 192 62.03 46.98 -32.70
N ARG P 193 62.88 47.10 -33.73
CA ARG P 193 62.88 46.10 -34.80
C ARG P 193 63.34 44.74 -34.29
N LEU P 194 64.28 44.70 -33.33
CA LEU P 194 64.71 43.42 -32.78
C LEU P 194 63.62 42.77 -31.93
N LYS P 195 62.70 43.57 -31.37
CA LYS P 195 61.51 43.04 -30.69
C LYS P 195 60.46 42.58 -31.68
N SER P 196 60.34 43.27 -32.82
CA SER P 196 59.33 42.93 -33.81
C SER P 196 59.61 41.60 -34.49
N LYS P 197 60.89 41.24 -34.67
CA LYS P 197 61.27 40.01 -35.33
C LYS P 197 61.13 38.77 -34.46
N GLY P 198 60.65 38.91 -33.21
CA GLY P 198 60.71 37.88 -32.21
C GLY P 198 62.12 37.39 -31.94
N GLN P 199 62.98 38.31 -31.49
CA GLN P 199 64.37 37.95 -31.21
C GLN P 199 64.87 38.45 -29.87
N ILE P 200 64.17 39.37 -29.20
CA ILE P 200 64.46 39.76 -27.82
C ILE P 200 63.17 39.86 -27.00
N PRO P 201 63.13 39.27 -25.79
CA PRO P 201 61.92 39.23 -24.93
C PRO P 201 61.87 40.26 -23.80
N ASN Q 55 43.82 66.98 -37.38
CA ASN Q 55 43.20 65.95 -38.21
C ASN Q 55 43.98 64.64 -38.11
N GLN Q 56 44.74 64.32 -39.14
CA GLN Q 56 45.59 63.13 -39.12
C GLN Q 56 46.77 63.33 -38.19
N VAL Q 57 47.32 62.22 -37.70
CA VAL Q 57 48.44 62.23 -36.78
C VAL Q 57 49.67 61.53 -37.37
N LEU Q 58 49.65 61.19 -38.65
CA LEU Q 58 50.79 60.57 -39.29
C LEU Q 58 50.86 60.99 -40.76
N THR Q 59 52.05 61.40 -41.16
CA THR Q 59 52.31 61.73 -42.55
C THR Q 59 52.44 60.46 -43.38
N LYS Q 60 52.21 60.61 -44.69
CA LYS Q 60 52.48 59.52 -45.63
C LYS Q 60 53.97 59.35 -45.86
N LYS Q 61 54.75 60.40 -45.56
CA LYS Q 61 56.18 60.44 -45.84
C LYS Q 61 56.94 59.38 -45.04
N LYS Q 62 56.71 59.33 -43.73
CA LYS Q 62 57.45 58.40 -42.88
C LYS Q 62 57.04 56.95 -43.16
N LEU Q 63 55.76 56.73 -43.48
CA LEU Q 63 55.28 55.41 -43.91
C LEU Q 63 55.99 54.93 -45.16
N GLN Q 64 55.99 55.76 -46.22
CA GLN Q 64 56.65 55.37 -47.46
C GLN Q 64 58.17 55.29 -47.30
N ASP Q 65 58.74 56.06 -46.36
CA ASP Q 65 60.15 55.94 -46.03
C ASP Q 65 60.47 54.57 -45.45
N LEU Q 66 59.66 54.11 -44.50
CA LEU Q 66 59.90 52.79 -43.93
C LEU Q 66 59.60 51.67 -44.94
N VAL Q 67 58.61 51.87 -45.82
CA VAL Q 67 58.25 50.85 -46.81
C VAL Q 67 59.34 50.69 -47.86
N ARG Q 68 59.74 51.78 -48.50
CA ARG Q 68 60.84 51.70 -49.48
C ARG Q 68 62.21 51.61 -48.82
N GLU Q 69 62.27 51.79 -47.50
CA GLU Q 69 63.45 51.42 -46.74
C GLU Q 69 63.61 49.92 -46.66
N VAL Q 70 62.54 49.22 -46.25
CA VAL Q 70 62.60 47.76 -46.12
C VAL Q 70 62.60 47.09 -47.49
N ASP Q 71 61.54 47.33 -48.28
CA ASP Q 71 61.39 46.71 -49.61
C ASP Q 71 61.25 47.82 -50.64
N PRO Q 72 62.37 48.32 -51.20
CA PRO Q 72 62.27 49.35 -52.25
C PRO Q 72 61.72 48.82 -53.57
N ASN Q 73 62.17 47.65 -53.99
CA ASN Q 73 61.83 47.10 -55.31
C ASN Q 73 60.63 46.18 -55.24
N GLU Q 74 59.50 46.75 -54.84
CA GLU Q 74 58.22 46.04 -54.77
C GLU Q 74 57.17 46.79 -55.55
N GLN Q 75 56.43 46.06 -56.40
CA GLN Q 75 55.23 46.62 -57.01
C GLN Q 75 54.11 46.63 -55.97
N LEU Q 76 53.94 47.76 -55.29
CA LEU Q 76 53.00 47.88 -54.18
C LEU Q 76 52.05 49.03 -54.47
N ASP Q 77 50.78 48.85 -54.10
CA ASP Q 77 49.73 49.80 -54.41
C ASP Q 77 49.65 50.85 -53.29
N GLU Q 78 48.82 51.88 -53.50
CA GLU Q 78 48.73 53.02 -52.60
C GLU Q 78 47.62 52.87 -51.57
N ASP Q 79 46.39 52.51 -51.99
CA ASP Q 79 45.24 52.50 -51.10
C ASP Q 79 45.36 51.47 -49.99
N VAL Q 80 46.10 50.39 -50.25
CA VAL Q 80 46.54 49.41 -49.25
C VAL Q 80 47.24 50.12 -48.09
N GLU Q 81 48.14 51.05 -48.43
CA GLU Q 81 48.90 51.74 -47.40
C GLU Q 81 48.03 52.71 -46.58
N GLU Q 82 47.04 53.37 -47.20
CA GLU Q 82 46.14 54.19 -46.41
C GLU Q 82 45.21 53.36 -45.54
N MET Q 83 44.81 52.16 -45.99
CA MET Q 83 44.05 51.28 -45.12
C MET Q 83 44.90 50.79 -43.94
N LEU Q 84 46.18 50.53 -44.19
CA LEU Q 84 47.11 50.20 -43.11
C LEU Q 84 47.25 51.37 -42.12
N LEU Q 85 47.29 52.60 -42.63
CA LEU Q 85 47.36 53.77 -41.75
C LEU Q 85 46.09 53.94 -40.92
N GLN Q 86 44.93 53.64 -41.51
CA GLN Q 86 43.67 53.76 -40.78
C GLN Q 86 43.56 52.72 -39.67
N ILE Q 87 43.94 51.47 -39.97
CA ILE Q 87 43.94 50.44 -38.94
C ILE Q 87 45.03 50.70 -37.90
N ALA Q 88 46.13 51.35 -38.31
CA ALA Q 88 47.15 51.73 -37.35
C ALA Q 88 46.66 52.83 -36.41
N ASP Q 89 45.88 53.78 -36.94
CA ASP Q 89 45.30 54.83 -36.08
C ASP Q 89 44.26 54.25 -35.13
N ASP Q 90 43.54 53.21 -35.58
CA ASP Q 90 42.66 52.49 -34.65
C ASP Q 90 43.47 51.76 -33.58
N PHE Q 91 44.66 51.26 -33.94
CA PHE Q 91 45.54 50.67 -32.93
C PHE Q 91 46.07 51.73 -31.97
N ILE Q 92 46.28 52.95 -32.46
CA ILE Q 92 46.64 54.08 -31.59
C ILE Q 92 45.54 54.34 -30.58
N GLU Q 93 44.29 54.32 -31.04
CA GLU Q 93 43.15 54.51 -30.15
C GLU Q 93 43.04 53.39 -29.12
N SER Q 94 43.39 52.15 -29.52
CA SER Q 94 43.41 51.04 -28.56
C SER Q 94 44.52 51.21 -27.52
N VAL Q 95 45.69 51.69 -27.95
CA VAL Q 95 46.79 51.95 -27.01
C VAL Q 95 46.44 53.08 -26.06
N VAL Q 96 45.72 54.11 -26.56
CA VAL Q 96 45.25 55.20 -25.71
C VAL Q 96 44.25 54.71 -24.68
N THR Q 97 43.35 53.81 -25.09
CA THR Q 97 42.38 53.23 -24.16
C THR Q 97 43.08 52.40 -23.08
N ALA Q 98 44.05 51.58 -23.48
CA ALA Q 98 44.80 50.76 -22.53
C ALA Q 98 45.65 51.63 -21.59
N ALA Q 99 46.21 52.72 -22.11
CA ALA Q 99 47.01 53.62 -21.27
C ALA Q 99 46.14 54.40 -20.30
N CYS Q 100 44.92 54.77 -20.71
CA CYS Q 100 43.99 55.43 -19.78
C CYS Q 100 43.55 54.46 -18.69
N GLN Q 101 43.30 53.19 -19.04
CA GLN Q 101 42.93 52.20 -18.04
C GLN Q 101 44.07 51.93 -17.05
N LEU Q 102 45.30 51.80 -17.55
CA LEU Q 102 46.43 51.53 -16.67
C LEU Q 102 46.94 52.77 -15.96
N ALA Q 103 46.52 53.97 -16.36
CA ALA Q 103 46.80 55.17 -15.59
C ALA Q 103 45.71 55.42 -14.55
N ARG Q 104 44.48 54.97 -14.81
CA ARG Q 104 43.43 54.93 -13.79
C ARG Q 104 43.66 53.81 -12.78
N HIS Q 105 44.50 52.82 -13.14
CA HIS Q 105 44.96 51.79 -12.21
C HIS Q 105 45.58 52.38 -10.95
N ARG Q 106 46.64 53.17 -11.10
CA ARG Q 106 47.35 53.74 -9.95
C ARG Q 106 46.65 54.95 -9.36
N LYS Q 107 45.50 55.36 -9.91
CA LYS Q 107 44.71 56.51 -9.47
C LYS Q 107 45.53 57.81 -9.50
N SER Q 108 46.38 57.94 -10.50
CA SER Q 108 47.18 59.12 -10.71
C SER Q 108 46.60 59.94 -11.86
N SER Q 109 47.29 61.02 -12.22
CA SER Q 109 46.85 61.87 -13.32
C SER Q 109 47.99 62.21 -14.27
N THR Q 110 48.98 61.33 -14.36
CA THR Q 110 50.13 61.53 -15.24
C THR Q 110 50.56 60.19 -15.79
N LEU Q 111 50.58 60.06 -17.12
CA LEU Q 111 50.96 58.82 -17.77
C LEU Q 111 52.47 58.63 -17.67
N GLU Q 112 52.89 57.40 -17.37
CA GLU Q 112 54.30 57.12 -17.12
C GLU Q 112 54.79 55.90 -17.90
N VAL Q 113 56.01 55.45 -17.57
CA VAL Q 113 56.68 54.39 -18.31
C VAL Q 113 56.07 53.03 -18.01
N LYS Q 114 55.60 52.82 -16.77
CA LYS Q 114 55.20 51.48 -16.32
C LYS Q 114 53.93 51.00 -17.00
N ASP Q 115 52.98 51.91 -17.24
CA ASP Q 115 51.71 51.55 -17.87
C ASP Q 115 51.91 51.16 -19.33
N VAL Q 116 52.68 51.99 -20.05
CA VAL Q 116 53.05 51.70 -21.43
C VAL Q 116 53.81 50.38 -21.51
N GLN Q 117 54.76 50.18 -20.59
CA GLN Q 117 55.57 48.96 -20.56
C GLN Q 117 54.73 47.72 -20.29
N LEU Q 118 53.69 47.82 -19.46
CA LEU Q 118 52.85 46.66 -19.18
C LEU Q 118 51.94 46.33 -20.36
N HIS Q 119 51.44 47.36 -21.06
CA HIS Q 119 50.72 47.07 -22.30
C HIS Q 119 51.64 46.47 -23.38
N LEU Q 120 52.92 46.85 -23.38
CA LEU Q 120 53.88 46.24 -24.27
C LEU Q 120 54.18 44.79 -23.88
N GLU Q 121 54.19 44.50 -22.58
CA GLU Q 121 54.33 43.12 -22.14
C GLU Q 121 53.10 42.29 -22.52
N ARG Q 122 51.93 42.93 -22.59
CA ARG Q 122 50.78 42.28 -23.22
C ARG Q 122 50.99 42.08 -24.71
N GLN Q 123 51.75 42.96 -25.37
CA GLN Q 123 51.82 42.93 -26.83
C GLN Q 123 53.16 42.45 -27.35
N TRP Q 124 54.28 43.06 -26.95
CA TRP Q 124 55.55 42.78 -27.59
C TRP Q 124 56.58 42.15 -26.66
N ASN Q 125 56.50 42.46 -25.36
CA ASN Q 125 57.60 42.33 -24.40
C ASN Q 125 58.85 43.02 -24.93
N MET Q 126 58.83 44.35 -24.83
CA MET Q 126 59.94 45.19 -25.24
C MET Q 126 61.11 45.06 -24.24
N TRP Q 127 62.19 45.77 -24.56
CA TRP Q 127 63.22 46.16 -23.60
C TRP Q 127 63.45 47.63 -23.90
N ILE Q 128 63.11 48.52 -22.99
CA ILE Q 128 63.81 49.80 -22.99
C ILE Q 128 64.66 49.85 -21.76
N ASN R 55 -75.39 60.57 67.42
CA ASN R 55 -74.51 59.41 67.35
C ASN R 55 -75.32 58.14 67.12
N GLN R 56 -75.47 57.34 68.17
CA GLN R 56 -76.31 56.16 68.09
C GLN R 56 -77.77 56.57 68.00
N VAL R 57 -78.60 55.69 67.44
CA VAL R 57 -80.00 55.96 67.22
C VAL R 57 -80.90 54.95 67.90
N LEU R 58 -80.34 54.10 68.77
CA LEU R 58 -81.14 53.12 69.51
C LEU R 58 -80.50 52.87 70.86
N THR R 59 -81.33 52.84 71.89
CA THR R 59 -80.87 52.52 73.23
C THR R 59 -80.52 51.04 73.35
N LYS R 60 -79.68 50.75 74.34
CA LYS R 60 -79.57 49.39 74.85
C LYS R 60 -80.82 49.03 75.66
N LYS R 61 -81.51 50.06 76.14
CA LYS R 61 -82.67 49.91 77.03
C LYS R 61 -83.80 49.16 76.35
N LYS R 62 -84.28 49.68 75.21
CA LYS R 62 -85.40 49.07 74.51
C LYS R 62 -85.07 47.68 74.00
N LEU R 63 -83.82 47.49 73.58
CA LEU R 63 -83.26 46.19 73.25
C LEU R 63 -83.46 45.19 74.38
N GLN R 64 -82.90 45.49 75.55
CA GLN R 64 -82.96 44.56 76.67
C GLN R 64 -84.37 44.42 77.21
N ASP R 65 -85.20 45.46 77.02
CA ASP R 65 -86.63 45.37 77.32
C ASP R 65 -87.28 44.25 76.52
N LEU R 66 -87.11 44.26 75.20
CA LEU R 66 -87.73 43.23 74.38
C LEU R 66 -87.09 41.87 74.63
N VAL R 67 -85.78 41.85 74.91
CA VAL R 67 -85.06 40.59 75.11
C VAL R 67 -85.53 39.90 76.38
N ARG R 68 -85.39 40.56 77.53
CA ARG R 68 -85.83 39.95 78.78
C ARG R 68 -87.33 39.97 78.93
N GLU R 69 -88.03 40.69 78.06
CA GLU R 69 -89.47 40.54 77.93
C GLU R 69 -89.81 39.17 77.36
N VAL R 70 -89.14 38.78 76.28
CA VAL R 70 -89.37 37.46 75.71
C VAL R 70 -88.69 36.39 76.55
N ASP R 71 -87.36 36.49 76.70
CA ASP R 71 -86.58 35.51 77.45
C ASP R 71 -85.87 36.21 78.60
N PRO R 72 -86.48 36.27 79.78
CA PRO R 72 -85.76 36.78 80.95
C PRO R 72 -84.70 35.83 81.49
N ASN R 73 -85.02 34.55 81.63
CA ASN R 73 -84.18 33.62 82.40
C ASN R 73 -83.18 32.92 81.48
N GLU R 74 -82.34 33.73 80.86
CA GLU R 74 -81.29 33.22 80.00
C GLU R 74 -79.95 33.74 80.49
N GLN R 75 -78.97 32.84 80.57
CA GLN R 75 -77.58 33.28 80.66
C GLN R 75 -77.20 33.84 79.30
N LEU R 76 -77.39 35.14 79.11
CA LEU R 76 -77.19 35.79 77.83
C LEU R 76 -76.22 36.94 78.02
N ASP R 77 -75.29 37.08 77.08
CA ASP R 77 -74.16 37.95 77.26
C ASP R 77 -74.39 39.28 76.54
N GLU R 78 -73.44 40.21 76.69
CA GLU R 78 -73.62 41.61 76.34
C GLU R 78 -73.04 41.98 74.98
N ASP R 79 -71.76 41.67 74.75
CA ASP R 79 -71.08 42.01 73.49
C ASP R 79 -71.76 41.37 72.30
N VAL R 80 -72.34 40.19 72.52
CA VAL R 80 -73.34 39.61 71.63
C VAL R 80 -74.37 40.67 71.23
N GLU R 81 -74.99 41.30 72.23
CA GLU R 81 -76.10 42.20 71.97
C GLU R 81 -75.64 43.50 71.34
N GLU R 82 -74.42 43.95 71.63
CA GLU R 82 -73.96 45.17 70.95
C GLU R 82 -73.59 44.90 69.51
N MET R 83 -73.05 43.72 69.20
CA MET R 83 -72.86 43.38 67.79
C MET R 83 -74.19 43.25 67.08
N LEU R 84 -75.20 42.72 67.79
CA LEU R 84 -76.56 42.66 67.25
C LEU R 84 -77.08 44.05 66.92
N LEU R 85 -76.92 45.00 67.85
CA LEU R 85 -77.39 46.35 67.62
C LEU R 85 -76.66 47.01 66.46
N GLN R 86 -75.36 46.74 66.34
CA GLN R 86 -74.60 47.33 65.26
C GLN R 86 -75.07 46.83 63.91
N ILE R 87 -75.23 45.51 63.78
CA ILE R 87 -75.65 44.98 62.49
C ILE R 87 -77.13 45.29 62.24
N ALA R 88 -77.91 45.48 63.30
CA ALA R 88 -79.29 45.90 63.12
C ALA R 88 -79.35 47.33 62.60
N ASP R 89 -78.47 48.19 63.09
CA ASP R 89 -78.37 49.54 62.55
C ASP R 89 -77.88 49.53 61.11
N ASP R 90 -77.04 48.55 60.77
CA ASP R 90 -76.62 48.40 59.39
C ASP R 90 -77.80 48.01 58.51
N PHE R 91 -78.69 47.16 59.05
CA PHE R 91 -79.91 46.85 58.34
C PHE R 91 -80.79 48.06 58.19
N ILE R 92 -80.81 48.93 59.20
CA ILE R 92 -81.55 50.18 59.12
C ILE R 92 -81.00 51.04 57.99
N GLU R 93 -79.68 51.06 57.84
CA GLU R 93 -79.08 51.78 56.72
C GLU R 93 -79.45 51.16 55.39
N SER R 94 -79.56 49.84 55.34
CA SER R 94 -80.03 49.18 54.12
C SER R 94 -81.48 49.55 53.82
N VAL R 95 -82.28 49.68 54.86
CA VAL R 95 -83.66 50.13 54.73
C VAL R 95 -83.70 51.55 54.19
N VAL R 96 -82.77 52.38 54.65
CA VAL R 96 -82.62 53.74 54.15
C VAL R 96 -82.29 53.73 52.67
N THR R 97 -81.40 52.82 52.26
CA THR R 97 -80.98 52.73 50.87
C THR R 97 -82.15 52.33 49.97
N ALA R 98 -82.89 51.30 50.39
CA ALA R 98 -84.05 50.85 49.63
C ALA R 98 -85.15 51.89 49.60
N ALA R 99 -85.33 52.62 50.71
CA ALA R 99 -86.35 53.66 50.74
C ALA R 99 -85.96 54.82 49.85
N CYS R 100 -84.67 55.12 49.76
CA CYS R 100 -84.21 56.16 48.84
C CYS R 100 -84.45 55.79 47.40
N GLN R 101 -84.14 54.54 47.05
CA GLN R 101 -84.41 54.09 45.68
C GLN R 101 -85.89 54.07 45.38
N LEU R 102 -86.71 53.59 46.31
CA LEU R 102 -88.14 53.51 46.11
C LEU R 102 -88.85 54.85 46.24
N ALA R 103 -88.19 55.86 46.79
CA ALA R 103 -88.74 57.21 46.75
C ALA R 103 -88.34 57.95 45.50
N ARG R 104 -87.14 57.66 44.97
CA ARG R 104 -86.73 58.19 43.68
C ARG R 104 -87.44 57.47 42.54
N HIS R 105 -88.07 56.33 42.84
CA HIS R 105 -89.01 55.65 41.93
C HIS R 105 -90.06 56.60 41.37
N ARG R 106 -90.85 57.20 42.25
CA ARG R 106 -91.94 58.06 41.83
C ARG R 106 -91.47 59.48 41.49
N LYS R 107 -90.16 59.74 41.58
CA LYS R 107 -89.53 61.04 41.30
C LYS R 107 -90.15 62.14 42.15
N SER R 108 -90.42 61.81 43.41
CA SER R 108 -90.93 62.73 44.40
C SER R 108 -89.80 63.08 45.35
N SER R 109 -90.13 63.81 46.41
CA SER R 109 -89.12 64.23 47.38
C SER R 109 -89.64 64.07 48.81
N THR R 110 -90.54 63.12 49.03
CA THR R 110 -91.14 62.89 50.34
C THR R 110 -91.46 61.42 50.49
N LEU R 111 -90.95 60.81 51.54
CA LEU R 111 -91.11 59.37 51.75
C LEU R 111 -92.53 59.07 52.24
N GLU R 112 -93.07 57.95 51.77
CA GLU R 112 -94.45 57.59 52.05
C GLU R 112 -94.60 56.14 52.48
N VAL R 113 -95.84 55.68 52.62
CA VAL R 113 -96.12 54.35 53.15
C VAL R 113 -95.78 53.28 52.13
N LYS R 114 -95.93 53.59 50.83
CA LYS R 114 -95.88 52.59 49.78
C LYS R 114 -94.49 52.00 49.62
N ASP R 115 -93.46 52.84 49.76
CA ASP R 115 -92.08 52.37 49.65
C ASP R 115 -91.73 51.43 50.79
N VAL R 116 -92.15 51.81 52.00
CA VAL R 116 -91.98 51.00 53.19
C VAL R 116 -92.67 49.65 53.02
N GLN R 117 -93.92 49.69 52.58
CA GLN R 117 -94.73 48.47 52.47
C GLN R 117 -94.24 47.57 51.35
N LEU R 118 -93.65 48.15 50.30
CA LEU R 118 -93.10 47.32 49.24
C LEU R 118 -91.81 46.65 49.68
N HIS R 119 -91.00 47.35 50.47
CA HIS R 119 -89.87 46.62 51.03
C HIS R 119 -90.31 45.64 52.12
N LEU R 120 -91.46 45.87 52.74
CA LEU R 120 -92.02 44.86 53.62
C LEU R 120 -92.43 43.63 52.84
N GLU R 121 -92.95 43.81 51.64
CA GLU R 121 -93.22 42.68 50.77
C GLU R 121 -91.93 42.00 50.34
N ARG R 122 -90.84 42.76 50.25
CA ARG R 122 -89.53 42.14 50.08
C ARG R 122 -89.07 41.42 51.34
N GLN R 123 -89.60 41.79 52.51
CA GLN R 123 -89.11 41.22 53.76
C GLN R 123 -90.16 40.41 54.50
N TRP R 124 -91.31 41.01 54.82
CA TRP R 124 -92.23 40.49 55.82
C TRP R 124 -93.57 40.04 55.26
N ASN R 125 -94.13 40.81 54.33
CA ASN R 125 -95.56 40.89 54.08
C ASN R 125 -96.31 41.16 55.38
N MET R 126 -96.07 42.35 55.93
CA MET R 126 -96.67 42.80 57.18
C MET R 126 -98.18 42.93 57.08
N TRP R 127 -98.81 43.08 58.25
CA TRP R 127 -100.26 43.17 58.39
C TRP R 127 -100.59 44.22 59.43
N ILE R 128 -100.86 45.45 58.98
CA ILE R 128 -101.36 46.50 59.87
C ILE R 128 -102.63 47.10 59.28
N LEU S 31 75.92 56.07 -15.48
CA LEU S 31 76.42 54.83 -14.89
C LEU S 31 77.38 54.12 -15.84
N PHE S 32 77.02 54.10 -17.12
CA PHE S 32 77.77 53.38 -18.13
C PHE S 32 78.25 54.27 -19.26
N SER S 33 77.95 55.58 -19.21
CA SER S 33 78.10 56.56 -20.28
C SER S 33 79.46 56.63 -20.95
N LYS S 34 80.52 56.24 -20.24
CA LYS S 34 81.86 56.24 -20.81
C LYS S 34 82.28 54.87 -21.33
N GLU S 35 81.90 53.80 -20.64
CA GLU S 35 82.24 52.45 -21.08
C GLU S 35 81.32 51.95 -22.18
N LEU S 36 80.05 52.38 -22.18
CA LEU S 36 79.12 51.97 -23.23
C LEU S 36 79.38 52.71 -24.54
N ARG S 37 79.98 53.91 -24.49
CA ARG S 37 80.35 54.62 -25.71
C ARG S 37 81.43 53.86 -26.46
N CYS S 38 82.37 53.29 -25.72
CA CYS S 38 83.40 52.40 -26.23
C CYS S 38 82.84 51.04 -26.62
N MET S 39 81.60 50.74 -26.24
CA MET S 39 80.87 49.58 -26.74
C MET S 39 79.97 49.94 -27.91
N MET S 40 79.49 51.19 -27.96
CA MET S 40 78.74 51.63 -29.14
C MET S 40 79.65 51.75 -30.36
N TYR S 41 80.88 52.24 -30.18
CA TYR S 41 81.81 52.31 -31.30
C TYR S 41 82.25 50.94 -31.78
N GLY S 42 82.42 49.99 -30.85
CA GLY S 42 82.96 48.68 -31.19
C GLY S 42 82.06 47.81 -32.05
N PHE S 43 80.78 48.15 -32.18
CA PHE S 43 79.88 47.39 -33.03
C PHE S 43 79.52 48.12 -34.31
N GLY S 44 80.19 49.24 -34.61
CA GLY S 44 80.10 49.84 -35.92
C GLY S 44 79.60 51.27 -35.97
N ASP S 45 79.34 51.86 -34.82
CA ASP S 45 78.95 53.26 -34.74
C ASP S 45 80.22 54.12 -34.77
N ASP S 46 80.06 55.44 -34.72
CA ASP S 46 81.18 56.36 -34.76
C ASP S 46 81.93 56.35 -33.42
N GLN S 47 83.18 56.83 -33.46
CA GLN S 47 84.02 56.95 -32.27
C GLN S 47 83.56 58.07 -31.34
N ASN S 48 82.70 58.97 -31.79
CA ASN S 48 82.06 59.97 -30.93
C ASN S 48 80.57 60.02 -31.25
N PRO S 49 79.80 59.02 -30.80
CA PRO S 49 78.35 59.03 -31.06
C PRO S 49 77.62 60.08 -30.23
N TYR S 50 76.37 60.31 -30.60
CA TYR S 50 75.52 61.26 -29.89
C TYR S 50 75.24 60.78 -28.47
N THR S 51 75.47 61.66 -27.50
CA THR S 51 75.30 61.33 -26.07
C THR S 51 73.85 61.02 -25.71
N GLU S 52 72.89 61.54 -26.48
CA GLU S 52 71.48 61.18 -26.35
C GLU S 52 71.27 59.67 -26.52
N SER S 53 71.86 59.11 -27.58
CA SER S 53 71.82 57.66 -27.78
C SER S 53 72.56 56.92 -26.67
N VAL S 54 73.61 57.53 -26.10
CA VAL S 54 74.32 56.94 -24.98
C VAL S 54 73.43 56.88 -23.72
N ASP S 55 72.62 57.91 -23.48
CA ASP S 55 71.72 57.90 -22.33
C ASP S 55 70.57 56.92 -22.53
N ILE S 56 70.00 56.92 -23.74
CA ILE S 56 68.99 55.95 -24.13
C ILE S 56 69.51 54.51 -24.00
N LEU S 57 70.75 54.29 -24.42
CA LEU S 57 71.30 52.93 -24.40
C LEU S 57 71.62 52.52 -22.97
N GLU S 58 71.98 53.49 -22.12
CA GLU S 58 72.09 53.26 -20.69
C GLU S 58 70.74 52.85 -20.08
N ASP S 59 69.65 53.49 -20.53
CA ASP S 59 68.31 53.10 -20.09
C ASP S 59 67.96 51.68 -20.53
N LEU S 60 68.27 51.36 -21.80
CA LEU S 60 68.17 50.01 -22.38
C LEU S 60 68.87 48.98 -21.49
N VAL S 61 70.08 49.32 -21.04
CA VAL S 61 70.86 48.42 -20.18
C VAL S 61 70.19 48.24 -18.83
N ILE S 62 69.76 49.34 -18.19
CA ILE S 62 69.20 49.28 -16.84
C ILE S 62 67.92 48.45 -16.79
N GLU S 63 66.98 48.72 -17.69
CA GLU S 63 65.73 47.97 -17.69
C GLU S 63 65.91 46.55 -18.25
N PHE S 64 66.90 46.37 -19.15
CA PHE S 64 67.29 45.04 -19.60
C PHE S 64 67.69 44.15 -18.43
N ILE S 65 68.64 44.63 -17.61
CA ILE S 65 69.07 43.93 -16.40
C ILE S 65 67.90 43.73 -15.45
N THR S 66 67.03 44.73 -15.33
CA THR S 66 65.85 44.65 -14.46
C THR S 66 64.92 43.49 -14.82
N GLU S 67 64.46 43.44 -16.07
CA GLU S 67 63.54 42.38 -16.48
C GLU S 67 64.24 41.01 -16.54
N MET S 68 65.52 40.98 -16.96
CA MET S 68 66.29 39.73 -16.89
C MET S 68 66.38 39.21 -15.45
N THR S 69 66.56 40.11 -14.49
CA THR S 69 66.63 39.73 -13.09
C THR S 69 65.27 39.22 -12.59
N HIS S 70 64.20 39.88 -13.03
CA HIS S 70 62.84 39.45 -12.67
C HIS S 70 62.53 38.07 -13.24
N LYS S 71 62.99 37.78 -14.45
CA LYS S 71 62.81 36.44 -15.01
C LYS S 71 63.72 35.43 -14.33
N ALA S 72 64.92 35.86 -13.90
CA ALA S 72 65.87 34.95 -13.27
C ALA S 72 65.40 34.51 -11.90
N MET S 73 64.86 35.44 -11.11
CA MET S 73 64.37 35.11 -9.77
C MET S 73 63.16 34.17 -9.83
N SER S 74 62.30 34.35 -10.84
CA SER S 74 61.08 33.59 -11.01
C SER S 74 61.28 32.07 -11.17
N ILE S 75 62.49 31.64 -11.53
CA ILE S 75 62.77 30.22 -11.69
C ILE S 75 63.72 29.73 -10.61
N SER T 159 113.01 50.54 -25.75
CA SER T 159 111.97 51.44 -25.26
C SER T 159 112.30 51.99 -23.88
N GLY T 160 111.61 53.06 -23.49
CA GLY T 160 111.74 53.63 -22.17
C GLY T 160 110.86 53.02 -21.11
N ILE T 161 110.22 51.89 -21.41
CA ILE T 161 109.38 51.19 -20.45
C ILE T 161 110.21 50.09 -19.79
N VAL T 162 110.29 50.12 -18.47
CA VAL T 162 111.03 49.15 -17.68
C VAL T 162 110.02 48.34 -16.89
N PRO T 163 110.03 47.00 -16.99
CA PRO T 163 109.12 46.20 -16.18
C PRO T 163 109.47 46.27 -14.70
N GLN T 164 108.49 46.65 -13.89
CA GLN T 164 108.67 46.77 -12.45
C GLN T 164 108.27 45.45 -11.81
N LEU T 165 109.14 44.94 -10.94
CA LEU T 165 108.89 43.64 -10.32
C LEU T 165 107.77 43.71 -9.31
N GLN T 166 106.93 42.68 -9.31
CA GLN T 166 105.82 42.58 -8.36
C GLN T 166 105.97 41.42 -7.39
N ASN T 167 106.71 40.37 -7.74
CA ASN T 167 106.93 39.27 -6.82
C ASN T 167 108.18 38.49 -7.20
N ILE T 168 108.90 38.05 -6.17
CA ILE T 168 109.95 37.05 -6.28
C ILE T 168 109.67 35.95 -5.26
N VAL T 169 109.62 34.71 -5.74
CA VAL T 169 109.19 33.55 -4.96
C VAL T 169 110.40 32.65 -4.76
N SER T 170 110.70 32.33 -3.50
CA SER T 170 111.93 31.59 -3.21
C SER T 170 111.64 30.38 -2.32
N THR T 171 112.66 29.51 -2.20
CA THR T 171 112.61 28.36 -1.32
C THR T 171 113.93 28.23 -0.57
N VAL T 172 113.87 27.56 0.58
CA VAL T 172 115.05 27.34 1.41
C VAL T 172 114.80 26.10 2.26
N ASN T 173 115.87 25.44 2.69
CA ASN T 173 115.80 24.26 3.55
C ASN T 173 116.43 24.62 4.90
N LEU T 174 115.63 24.49 5.96
CA LEU T 174 116.12 24.79 7.30
C LEU T 174 116.96 23.67 7.89
N GLY T 175 116.99 22.49 7.25
CA GLY T 175 117.85 21.41 7.66
C GLY T 175 117.46 20.67 8.91
N CYS T 176 116.23 20.85 9.41
CA CYS T 176 115.78 20.14 10.60
C CYS T 176 114.28 19.97 10.55
N LYS T 177 113.80 18.85 11.10
CA LYS T 177 112.37 18.61 11.21
C LYS T 177 111.74 19.57 12.20
N LEU T 178 110.51 19.99 11.91
CA LEU T 178 109.87 21.08 12.62
C LEU T 178 108.56 20.61 13.23
N ASP T 179 108.29 21.05 14.46
CA ASP T 179 107.00 20.84 15.11
C ASP T 179 106.14 22.05 14.79
N LEU T 180 105.21 21.89 13.85
CA LEU T 180 104.42 23.01 13.37
C LEU T 180 103.42 23.50 14.40
N LYS T 181 102.97 22.61 15.30
CA LYS T 181 102.00 23.00 16.33
C LYS T 181 102.64 23.94 17.35
N THR T 182 103.88 23.65 17.75
CA THR T 182 104.64 24.53 18.64
C THR T 182 104.86 25.90 18.03
N ILE T 183 105.19 25.93 16.74
CA ILE T 183 105.37 27.19 16.00
C ILE T 183 104.06 27.98 15.93
N ALA T 184 102.95 27.27 15.68
CA ALA T 184 101.65 27.94 15.59
C ALA T 184 101.18 28.47 16.95
N LEU T 185 101.51 27.77 18.04
CA LEU T 185 101.07 28.20 19.36
C LEU T 185 101.95 29.29 19.96
N ARG T 186 103.25 29.29 19.69
CA ARG T 186 104.14 30.21 20.36
C ARG T 186 104.41 31.49 19.59
N ALA T 187 104.38 31.45 18.26
CA ALA T 187 104.54 32.66 17.47
C ALA T 187 103.20 33.34 17.26
N ARG T 188 103.24 34.67 17.13
CA ARG T 188 102.06 35.45 16.76
C ARG T 188 102.04 35.66 15.25
N ASN T 189 100.85 35.96 14.73
CA ASN T 189 100.55 36.12 13.30
C ASN T 189 100.89 34.85 12.53
N ALA T 190 100.40 33.72 13.03
CA ALA T 190 100.63 32.43 12.39
C ALA T 190 99.31 31.72 12.15
N GLU T 191 99.22 31.04 11.01
CA GLU T 191 98.02 30.31 10.62
C GLU T 191 98.41 28.85 10.36
N TYR T 192 97.65 27.92 10.94
CA TYR T 192 97.91 26.50 10.80
C TYR T 192 96.59 25.73 10.90
N ASN T 193 96.21 25.06 9.82
CA ASN T 193 94.96 24.32 9.73
C ASN T 193 95.22 23.01 9.01
N PRO T 194 95.74 21.99 9.73
CA PRO T 194 96.24 20.75 9.11
C PRO T 194 95.21 19.94 8.32
N LYS T 195 93.92 20.06 8.69
CA LYS T 195 92.88 19.38 7.93
C LYS T 195 92.68 19.99 6.55
N ARG T 196 93.07 21.25 6.36
CA ARG T 196 92.96 21.93 5.07
C ARG T 196 94.31 22.21 4.44
N PHE T 197 95.30 22.63 5.21
CA PHE T 197 96.60 23.01 4.64
C PHE T 197 97.68 22.62 5.63
N ALA T 198 98.61 21.77 5.20
CA ALA T 198 99.58 21.12 6.08
C ALA T 198 100.76 22.00 6.48
N ALA T 199 100.74 23.30 6.16
CA ALA T 199 101.89 24.15 6.43
C ALA T 199 101.48 25.35 7.26
N VAL T 200 102.47 25.90 7.96
CA VAL T 200 102.26 27.13 8.73
C VAL T 200 102.32 28.33 7.80
N ILE T 201 101.30 29.18 7.88
CA ILE T 201 101.19 30.40 7.08
C ILE T 201 101.59 31.56 7.97
N MET T 202 102.68 32.25 7.63
CA MET T 202 103.19 33.30 8.50
C MET T 202 103.44 34.58 7.71
N ARG T 203 103.22 35.73 8.37
CA ARG T 203 103.35 37.04 7.74
C ARG T 203 104.34 37.88 8.54
N ILE T 204 105.20 38.64 7.84
CA ILE T 204 106.00 39.68 8.48
C ILE T 204 105.94 40.94 7.62
N ARG T 205 106.22 42.08 8.26
CA ARG T 205 105.90 43.39 7.69
C ARG T 205 107.05 44.07 6.96
N GLU T 206 108.30 43.78 7.31
CA GLU T 206 109.41 44.45 6.65
C GLU T 206 110.43 43.42 6.21
N PRO T 207 110.46 43.04 4.92
CA PRO T 207 109.58 43.41 3.79
C PRO T 207 108.20 42.75 3.93
N ARG T 208 107.15 43.35 3.39
CA ARG T 208 105.79 42.82 3.55
C ARG T 208 105.71 41.49 2.80
N THR T 209 105.93 40.39 3.53
CA THR T 209 106.21 39.11 2.93
C THR T 209 105.48 38.01 3.69
N THR T 210 105.28 36.88 3.01
CA THR T 210 104.50 35.76 3.55
C THR T 210 105.19 34.44 3.25
N ALA T 211 105.35 33.60 4.28
CA ALA T 211 106.01 32.32 4.14
C ALA T 211 105.08 31.15 4.44
N LEU T 212 105.43 30.00 3.84
CA LEU T 212 104.79 28.71 4.08
C LEU T 212 105.86 27.78 4.62
N ILE T 213 105.62 27.26 5.82
CA ILE T 213 106.61 26.48 6.57
C ILE T 213 106.14 25.04 6.67
N PHE T 214 106.95 24.11 6.18
CA PHE T 214 106.65 22.68 6.22
C PHE T 214 107.23 22.04 7.48
N SER T 215 106.64 20.90 7.85
CA SER T 215 107.18 20.12 8.97
C SER T 215 108.52 19.47 8.63
N SER T 216 108.83 19.29 7.34
CA SER T 216 110.09 18.66 6.96
C SER T 216 111.26 19.62 7.08
N GLY T 217 111.01 20.92 7.01
CA GLY T 217 112.07 21.92 7.10
C GLY T 217 112.26 22.77 5.86
N LYS T 218 111.50 22.52 4.80
CA LYS T 218 111.57 23.37 3.62
C LYS T 218 110.52 24.47 3.71
N MET T 219 110.88 25.66 3.24
CA MET T 219 110.07 26.85 3.44
C MET T 219 110.06 27.68 2.17
N VAL T 220 108.87 28.16 1.80
CA VAL T 220 108.62 28.80 0.51
C VAL T 220 108.10 30.22 0.77
N CYS T 221 108.63 31.20 0.03
CA CYS T 221 108.50 32.63 0.35
C CYS T 221 107.88 33.44 -0.78
N THR T 222 106.99 34.37 -0.39
CA THR T 222 106.27 35.34 -1.21
C THR T 222 106.51 36.78 -0.78
N GLY T 223 106.30 37.68 -1.73
CA GLY T 223 105.96 39.07 -1.46
C GLY T 223 107.03 40.09 -1.77
N ALA T 224 108.29 39.68 -1.87
CA ALA T 224 109.35 40.65 -2.12
C ALA T 224 109.34 41.12 -3.58
N LYS T 225 109.80 42.35 -3.78
CA LYS T 225 109.94 42.93 -5.10
C LYS T 225 111.40 43.03 -5.51
N SER T 226 112.31 42.44 -4.73
CA SER T 226 113.73 42.37 -5.05
C SER T 226 114.32 41.17 -4.33
N GLU T 227 115.46 40.70 -4.85
CA GLU T 227 116.06 39.45 -4.36
C GLU T 227 116.60 39.60 -2.95
N GLU T 228 117.19 40.75 -2.63
CA GLU T 228 117.73 40.99 -1.29
C GLU T 228 116.62 41.02 -0.25
N GLN T 229 115.46 41.59 -0.60
CA GLN T 229 114.30 41.57 0.29
C GLN T 229 113.78 40.16 0.52
N SER T 230 113.80 39.32 -0.53
CA SER T 230 113.36 37.93 -0.36
C SER T 230 114.32 37.14 0.50
N ARG T 231 115.63 37.36 0.32
CA ARG T 231 116.62 36.67 1.14
C ARG T 231 116.56 37.12 2.59
N LEU T 232 116.36 38.43 2.81
CA LEU T 232 116.21 38.96 4.17
C LEU T 232 114.95 38.43 4.84
N ALA T 233 113.82 38.43 4.12
CA ALA T 233 112.57 37.91 4.64
C ALA T 233 112.67 36.43 4.99
N ALA T 234 113.24 35.63 4.07
CA ALA T 234 113.42 34.20 4.32
C ALA T 234 114.34 33.95 5.50
N ARG T 235 115.36 34.79 5.66
CA ARG T 235 116.24 34.71 6.82
C ARG T 235 115.48 35.08 8.11
N LYS T 236 114.53 36.02 8.00
CA LYS T 236 113.73 36.40 9.17
C LYS T 236 112.78 35.29 9.61
N TYR T 237 112.09 34.65 8.65
CA TYR T 237 111.22 33.51 8.99
C TYR T 237 112.03 32.33 9.53
N ALA T 238 113.23 32.11 8.97
CA ALA T 238 114.15 31.14 9.54
C ALA T 238 114.56 31.52 10.95
N ARG T 239 114.66 32.80 11.26
CA ARG T 239 115.00 33.21 12.62
C ARG T 239 113.81 33.07 13.56
N VAL T 240 112.59 33.18 13.02
CA VAL T 240 111.39 32.85 13.80
C VAL T 240 111.43 31.38 14.20
N VAL T 241 111.76 30.51 13.25
CA VAL T 241 111.96 29.09 13.52
C VAL T 241 113.10 28.88 14.52
N GLN T 242 114.17 29.67 14.40
CA GLN T 242 115.34 29.51 15.26
C GLN T 242 115.05 29.92 16.71
N LYS T 243 114.39 31.06 16.90
CA LYS T 243 114.17 31.60 18.24
C LYS T 243 113.18 30.79 19.08
N LEU T 244 112.39 29.91 18.46
CA LEU T 244 111.48 29.05 19.21
C LEU T 244 112.15 27.82 19.80
N GLY T 245 113.47 27.67 19.63
CA GLY T 245 114.20 26.54 20.16
C GLY T 245 114.68 25.54 19.13
N PHE T 246 114.40 25.76 17.85
CA PHE T 246 114.77 24.80 16.83
C PHE T 246 116.11 25.16 16.20
N PRO T 247 116.98 24.17 15.96
CA PRO T 247 118.27 24.45 15.31
C PRO T 247 118.16 24.66 13.81
N ALA T 248 117.49 25.73 13.40
CA ALA T 248 117.30 26.00 11.97
C ALA T 248 118.60 26.43 11.32
N LYS T 249 118.75 26.06 10.05
CA LYS T 249 119.87 26.46 9.22
C LYS T 249 119.33 27.27 8.04
N PHE T 250 120.23 27.65 7.12
CA PHE T 250 119.84 28.36 5.91
C PHE T 250 120.56 27.68 4.74
N LEU T 251 119.95 26.61 4.23
CA LEU T 251 120.58 25.77 3.21
C LEU T 251 119.83 25.87 1.89
N ASP T 252 120.60 25.97 0.80
CA ASP T 252 120.14 25.89 -0.60
C ASP T 252 119.06 26.94 -0.91
N PHE T 253 119.36 28.19 -0.61
CA PHE T 253 118.47 29.28 -1.02
C PHE T 253 118.50 29.44 -2.53
N LYS T 254 117.33 29.70 -3.11
CA LYS T 254 117.20 29.82 -4.55
C LYS T 254 115.92 30.57 -4.88
N ILE T 255 116.00 31.52 -5.80
CA ILE T 255 114.81 32.17 -6.34
C ILE T 255 114.13 31.20 -7.29
N GLN T 256 112.85 30.94 -7.05
CA GLN T 256 112.11 29.94 -7.82
C GLN T 256 111.20 30.54 -8.87
N ASN T 257 110.67 31.73 -8.68
CA ASN T 257 109.71 32.25 -9.64
C ASN T 257 109.70 33.77 -9.56
N MET T 258 109.43 34.42 -10.69
CA MET T 258 109.42 35.88 -10.73
C MET T 258 108.24 36.39 -11.55
N VAL T 259 107.63 37.46 -11.05
CA VAL T 259 106.53 38.17 -11.71
C VAL T 259 106.82 39.66 -11.71
N GLY T 260 106.75 40.27 -12.90
CA GLY T 260 106.79 41.70 -13.03
C GLY T 260 105.62 42.19 -13.87
N SER T 261 105.47 43.52 -13.94
CA SER T 261 104.40 44.12 -14.72
C SER T 261 104.86 45.47 -15.24
N CYS T 262 104.21 45.93 -16.31
CA CYS T 262 104.59 47.17 -16.98
C CYS T 262 103.43 47.64 -17.85
N ASP T 263 103.60 48.82 -18.47
CA ASP T 263 102.57 49.46 -19.29
C ASP T 263 103.24 49.99 -20.55
N VAL T 264 102.74 49.56 -21.72
CA VAL T 264 103.31 50.01 -22.99
C VAL T 264 102.70 51.31 -23.50
N LYS T 265 101.61 51.78 -22.87
CA LYS T 265 100.87 53.02 -23.19
C LYS T 265 100.19 53.00 -24.55
N PHE T 266 99.79 51.82 -25.03
CA PHE T 266 98.91 51.72 -26.20
C PHE T 266 98.13 50.41 -26.14
N PRO T 267 96.90 50.38 -26.62
CA PRO T 267 96.16 49.11 -26.69
C PRO T 267 96.64 48.23 -27.82
N ILE T 268 96.35 46.94 -27.68
CA ILE T 268 96.98 45.86 -28.45
C ILE T 268 95.89 44.91 -28.96
N ARG T 269 96.00 44.50 -30.23
CA ARG T 269 95.10 43.50 -30.82
C ARG T 269 95.51 42.12 -30.30
N LEU T 270 94.74 41.61 -29.35
CA LEU T 270 94.98 40.24 -28.86
C LEU T 270 94.44 39.20 -29.84
N GLU T 271 93.27 39.46 -30.44
CA GLU T 271 92.67 38.48 -31.34
C GLU T 271 93.48 38.31 -32.62
N GLY T 272 94.01 39.41 -33.17
CA GLY T 272 94.94 39.29 -34.28
C GLY T 272 96.22 38.59 -33.87
N LEU T 273 96.63 38.78 -32.61
CA LEU T 273 97.82 38.11 -32.08
C LEU T 273 97.63 36.60 -31.97
N VAL T 274 96.46 36.15 -31.51
CA VAL T 274 96.23 34.71 -31.42
C VAL T 274 95.98 34.12 -32.80
N LEU T 275 95.49 34.91 -33.75
CA LEU T 275 95.37 34.41 -35.12
C LEU T 275 96.73 34.30 -35.81
N THR T 276 97.65 35.21 -35.51
CA THR T 276 98.95 35.20 -36.18
C THR T 276 100.04 34.49 -35.39
N HIS T 277 99.83 34.21 -34.11
CA HIS T 277 100.80 33.49 -33.29
C HIS T 277 100.11 32.35 -32.56
N GLN T 278 99.38 31.53 -33.33
CA GLN T 278 98.59 30.43 -32.76
C GLN T 278 99.43 29.32 -32.17
N GLN T 279 100.71 29.22 -32.54
CA GLN T 279 101.60 28.22 -31.96
C GLN T 279 102.26 28.69 -30.67
N PHE T 280 102.00 29.94 -30.25
CA PHE T 280 102.55 30.47 -29.01
C PHE T 280 101.50 30.98 -28.04
N SER T 281 100.26 31.18 -28.47
CA SER T 281 99.25 31.84 -27.65
C SER T 281 97.93 31.09 -27.69
N SER T 282 97.01 31.54 -26.83
CA SER T 282 95.64 31.05 -26.77
C SER T 282 94.79 32.11 -26.08
N TYR T 283 93.55 32.26 -26.55
CA TYR T 283 92.73 33.40 -26.14
C TYR T 283 91.25 33.06 -26.24
N GLU T 284 90.55 33.10 -25.10
CA GLU T 284 89.10 32.95 -25.03
C GLU T 284 88.53 34.15 -24.28
N PRO T 285 87.80 35.04 -24.99
CA PRO T 285 87.27 36.27 -24.36
C PRO T 285 86.37 36.09 -23.14
N GLU T 286 85.49 35.09 -23.18
CA GLU T 286 84.54 34.93 -22.08
C GLU T 286 85.19 34.32 -20.84
N LEU T 287 86.21 33.48 -21.02
CA LEU T 287 86.86 32.85 -19.87
C LEU T 287 87.88 33.78 -19.23
N PHE T 288 88.78 34.36 -20.03
CA PHE T 288 89.82 35.24 -19.51
C PHE T 288 90.18 36.30 -20.55
N PRO T 289 89.96 37.60 -20.25
CA PRO T 289 90.09 38.64 -21.29
C PRO T 289 91.51 38.99 -21.70
N GLY T 290 92.51 38.52 -20.96
CA GLY T 290 93.90 38.84 -21.24
C GLY T 290 94.50 37.73 -22.10
N LEU T 291 95.50 38.07 -22.91
CA LEU T 291 96.12 37.03 -23.72
C LEU T 291 97.29 36.41 -22.96
N ILE T 292 97.36 35.08 -23.04
CA ILE T 292 98.45 34.28 -22.48
C ILE T 292 99.42 34.01 -23.63
N TYR T 293 100.64 34.52 -23.51
CA TYR T 293 101.68 34.35 -24.52
C TYR T 293 102.80 33.52 -23.90
N ARG T 294 103.00 32.31 -24.41
CA ARG T 294 104.00 31.39 -23.85
C ARG T 294 105.27 31.51 -24.70
N MET T 295 106.16 32.40 -24.29
CA MET T 295 107.42 32.61 -25.01
C MET T 295 108.42 31.51 -24.66
N ILE T 296 109.14 31.05 -25.68
CA ILE T 296 110.09 29.95 -25.53
C ILE T 296 111.48 30.45 -25.15
N LYS T 297 111.95 31.56 -25.74
CA LYS T 297 113.26 32.07 -25.37
C LYS T 297 113.15 33.53 -24.94
N PRO T 298 113.18 33.82 -23.63
CA PRO T 298 113.16 32.85 -22.53
C PRO T 298 111.74 32.29 -22.25
N ARG T 299 111.66 31.24 -21.43
CA ARG T 299 110.41 30.53 -21.19
C ARG T 299 109.56 31.36 -20.24
N ILE T 300 108.79 32.29 -20.78
CA ILE T 300 108.09 33.28 -19.98
C ILE T 300 106.62 33.29 -20.39
N VAL T 301 105.72 33.33 -19.41
CA VAL T 301 104.28 33.42 -19.67
C VAL T 301 103.88 34.87 -19.49
N LEU T 302 103.14 35.41 -20.46
CA LEU T 302 102.79 36.82 -20.44
C LEU T 302 101.26 36.97 -20.50
N LEU T 303 100.77 37.97 -19.78
CA LEU T 303 99.36 38.33 -19.76
C LEU T 303 99.23 39.74 -20.30
N ILE T 304 98.54 39.90 -21.42
CA ILE T 304 98.47 41.19 -22.11
C ILE T 304 97.04 41.71 -22.04
N PHE T 305 96.90 42.99 -21.68
CA PHE T 305 95.65 43.69 -21.42
C PHE T 305 95.47 44.86 -22.39
N VAL T 306 94.24 45.41 -22.42
CA VAL T 306 93.92 46.48 -23.39
C VAL T 306 94.44 47.83 -22.94
N SER T 307 94.59 48.06 -21.63
CA SER T 307 95.12 49.34 -21.16
C SER T 307 96.59 49.49 -21.47
N GLY T 308 97.26 48.40 -21.78
CA GLY T 308 98.68 48.38 -22.05
C GLY T 308 99.47 47.63 -21.02
N LYS T 309 98.82 47.20 -19.94
CA LYS T 309 99.52 46.49 -18.87
C LYS T 309 99.87 45.08 -19.34
N VAL T 310 101.14 44.73 -19.17
CA VAL T 310 101.67 43.42 -19.52
C VAL T 310 102.29 42.85 -18.26
N VAL T 311 101.93 41.62 -17.93
CA VAL T 311 102.39 40.92 -16.74
C VAL T 311 103.25 39.74 -17.20
N LEU T 312 104.44 39.62 -16.63
CA LEU T 312 105.45 38.69 -17.11
C LEU T 312 105.80 37.75 -15.95
N THR T 313 105.70 36.45 -16.18
CA THR T 313 105.90 35.50 -15.10
C THR T 313 106.70 34.31 -15.56
N GLY T 314 107.32 33.64 -14.58
CA GLY T 314 107.99 32.37 -14.81
C GLY T 314 109.49 32.44 -14.81
N ALA T 315 110.07 33.63 -14.63
CA ALA T 315 111.50 33.80 -14.73
C ALA T 315 112.22 33.28 -13.50
N LYS T 316 113.47 32.87 -13.70
CA LYS T 316 114.37 32.59 -12.59
C LYS T 316 115.30 33.76 -12.29
N VAL T 317 115.51 34.67 -13.25
CA VAL T 317 116.35 35.84 -13.09
C VAL T 317 115.64 37.05 -13.71
N ARG T 318 116.11 38.24 -13.31
CA ARG T 318 115.56 39.52 -13.80
C ARG T 318 115.78 39.67 -15.31
N ALA T 319 116.88 39.11 -15.82
CA ALA T 319 117.22 39.22 -17.23
C ALA T 319 116.20 38.54 -18.12
N GLU T 320 115.57 37.46 -17.64
CA GLU T 320 114.54 36.80 -18.43
C GLU T 320 113.29 37.67 -18.56
N ILE T 321 112.92 38.41 -17.49
CA ILE T 321 111.80 39.34 -17.57
C ILE T 321 112.10 40.47 -18.55
N TYR T 322 113.31 41.06 -18.44
CA TYR T 322 113.68 42.16 -19.32
C TYR T 322 113.78 41.72 -20.78
N GLU T 323 114.36 40.54 -21.00
CA GLU T 323 114.47 39.99 -22.34
C GLU T 323 113.10 39.64 -22.92
N ALA T 324 112.20 39.11 -22.10
CA ALA T 324 110.86 38.78 -22.58
C ALA T 324 110.06 40.02 -22.98
N PHE T 325 110.18 41.10 -22.20
CA PHE T 325 109.47 42.32 -22.59
C PHE T 325 110.10 42.96 -23.82
N GLU T 326 111.44 42.96 -23.92
CA GLU T 326 112.09 43.49 -25.12
C GLU T 326 111.81 42.64 -26.36
N ASN T 327 111.56 41.34 -26.18
CA ASN T 327 111.18 40.50 -27.31
C ASN T 327 109.74 40.77 -27.74
N ILE T 328 108.81 40.86 -26.78
CA ILE T 328 107.41 40.96 -27.18
C ILE T 328 107.03 42.37 -27.62
N TYR T 329 107.77 43.41 -27.18
CA TYR T 329 107.42 44.80 -27.45
C TYR T 329 107.34 45.20 -28.93
N PRO T 330 108.25 44.80 -29.84
CA PRO T 330 108.03 45.17 -31.26
C PRO T 330 106.82 44.49 -31.90
N ILE T 331 106.44 43.29 -31.46
CA ILE T 331 105.20 42.67 -31.91
C ILE T 331 104.01 43.49 -31.43
N LEU T 332 104.08 44.00 -30.20
CA LEU T 332 103.00 44.83 -29.68
C LEU T 332 102.91 46.17 -30.40
N LYS T 333 104.06 46.73 -30.79
CA LYS T 333 104.03 47.91 -31.67
C LYS T 333 103.43 47.59 -33.03
N GLY T 334 103.69 46.40 -33.55
CA GLY T 334 103.04 45.97 -34.77
C GLY T 334 101.55 45.73 -34.65
N PHE T 335 101.05 45.55 -33.42
CA PHE T 335 99.62 45.31 -33.20
C PHE T 335 98.96 46.44 -32.39
N ARG T 336 99.49 47.66 -32.51
CA ARG T 336 99.00 48.84 -31.78
C ARG T 336 97.63 49.32 -32.30
N LYS T 337 96.89 50.06 -31.43
CA LYS T 337 95.82 50.97 -31.86
C LYS T 337 96.40 52.33 -32.25
N THR T 338 96.14 52.74 -33.49
CA THR T 338 96.10 54.15 -33.89
C THR T 338 95.22 54.35 -35.12
N UNK U 1 2.66 13.23 -63.59
CA UNK U 1 2.74 13.41 -62.14
C UNK U 1 3.82 12.51 -61.55
N UNK U 2 4.22 11.49 -62.29
CA UNK U 2 5.23 10.56 -61.82
C UNK U 2 6.13 10.11 -62.98
N UNK U 3 5.61 10.24 -64.19
CA UNK U 3 6.34 9.87 -65.39
C UNK U 3 6.11 10.90 -66.49
N UNK U 4 4.91 11.48 -66.51
CA UNK U 4 4.55 12.50 -67.50
C UNK U 4 5.23 13.82 -67.17
N UNK U 5 5.40 14.09 -65.87
CA UNK U 5 6.06 15.31 -65.43
C UNK U 5 7.58 15.12 -65.34
N UNK U 6 8.00 13.87 -65.50
CA UNK U 6 9.42 13.55 -65.53
C UNK U 6 10.02 14.00 -66.86
N UNK U 7 9.44 13.52 -67.96
CA UNK U 7 9.94 13.83 -69.30
C UNK U 7 9.75 15.30 -69.67
N UNK U 8 8.80 15.97 -69.04
CA UNK U 8 8.58 17.40 -69.25
C UNK U 8 9.67 18.21 -68.56
N UNK U 9 10.14 17.73 -67.41
CA UNK U 9 11.18 18.42 -66.66
C UNK U 9 12.57 17.99 -67.10
N UNK U 10 12.67 16.81 -67.69
CA UNK U 10 13.93 16.31 -68.22
C UNK U 10 14.30 17.06 -69.50
N UNK U 11 13.27 17.40 -70.27
CA UNK U 11 13.47 18.20 -71.49
C UNK U 11 13.70 19.66 -71.12
N UNK U 12 13.18 20.05 -69.97
CA UNK U 12 13.38 21.41 -69.46
C UNK U 12 14.79 21.56 -68.89
N UNK U 13 15.31 20.46 -68.34
CA UNK U 13 16.65 20.46 -67.78
C UNK U 13 17.69 20.37 -68.89
N UNK U 14 17.29 19.79 -70.02
CA UNK U 14 18.16 19.71 -71.20
C UNK U 14 18.25 21.08 -71.86
N UNK U 15 17.20 21.86 -71.72
CA UNK U 15 17.18 23.23 -72.23
C UNK U 15 17.88 24.16 -71.26
N UNK U 16 17.90 23.76 -69.99
CA UNK U 16 18.58 24.52 -68.94
C UNK U 16 20.07 24.21 -68.93
N UNK U 17 20.44 23.11 -69.59
CA UNK U 17 21.84 22.73 -69.72
C UNK U 17 22.48 23.47 -70.89
N UNK U 18 21.64 24.01 -71.77
CA UNK U 18 22.12 24.78 -72.91
C UNK U 18 22.65 26.13 -72.46
N UNK U 19 21.75 27.08 -72.24
CA UNK U 19 22.12 28.41 -71.77
C UNK U 19 20.98 29.01 -70.95
N UNK U 20 20.72 30.31 -71.18
CA UNK U 20 19.66 31.09 -70.54
C UNK U 20 19.71 31.09 -69.01
N UNK U 21 20.44 32.05 -68.46
CA UNK U 21 20.49 32.24 -67.01
C UNK U 21 19.86 33.59 -66.67
N UNK U 22 19.80 33.93 -65.39
CA UNK U 22 19.18 35.18 -64.97
C UNK U 22 19.85 35.78 -63.75
N UNK U 23 19.72 37.10 -63.62
CA UNK U 23 20.27 37.83 -62.48
C UNK U 23 19.19 38.65 -61.79
N UNK U 24 18.84 39.78 -62.40
CA UNK U 24 17.80 40.65 -61.86
C UNK U 24 17.08 41.38 -62.98
N UNK U 25 15.77 41.20 -63.06
CA UNK U 25 14.96 41.86 -64.08
C UNK U 25 13.54 42.11 -63.57
N UNK U 26 12.60 42.30 -64.50
CA UNK U 26 11.22 42.55 -64.14
C UNK U 26 10.52 41.27 -63.68
N UNK U 27 10.25 41.18 -62.40
CA UNK U 27 9.61 39.99 -61.83
C UNK U 27 8.82 40.34 -60.56
N UNK U 28 8.53 39.30 -59.77
CA UNK U 28 7.77 39.38 -58.51
C UNK U 28 6.40 40.05 -58.66
N UNK U 29 5.45 39.30 -59.20
CA UNK U 29 4.09 39.81 -59.40
C UNK U 29 3.07 38.68 -59.26
N UNK U 30 1.80 39.00 -59.49
CA UNK U 30 0.74 38.01 -59.37
C UNK U 30 -0.26 38.12 -60.52
N UNK U 31 0.20 37.82 -61.73
CA UNK U 31 -0.66 37.85 -62.90
C UNK U 31 -0.49 36.56 -63.71
N UNK U 32 -1.49 35.69 -63.65
CA UNK U 32 -1.45 34.41 -64.35
C UNK U 32 -1.76 34.59 -65.83
N UNK U 33 -1.21 33.70 -66.66
CA UNK U 33 -1.42 33.75 -68.10
C UNK U 33 -1.70 32.35 -68.64
N UNK U 34 -1.56 32.21 -69.97
CA UNK U 34 -1.80 30.93 -70.61
C UNK U 34 -0.53 30.09 -70.65
N UNK U 35 -0.57 28.98 -71.38
CA UNK U 35 0.58 28.08 -71.50
C UNK U 35 1.47 28.48 -72.66
N UNK U 36 2.76 28.21 -72.54
CA UNK U 36 3.71 28.54 -73.60
C UNK U 36 4.84 27.52 -73.63
N UNK U 37 5.97 27.92 -74.23
CA UNK U 37 7.13 27.05 -74.31
C UNK U 37 7.91 27.07 -73.00
N UNK U 38 8.51 28.21 -72.70
CA UNK U 38 9.28 28.37 -71.47
C UNK U 38 8.99 29.73 -70.82
N UNK U 39 8.63 29.69 -69.54
CA UNK U 39 8.33 30.91 -68.80
C UNK U 39 9.05 30.94 -67.46
N UNK U 40 8.80 31.98 -66.67
CA UNK U 40 9.44 32.11 -65.36
C UNK U 40 8.47 31.79 -64.24
N UNK U 41 8.99 31.73 -63.02
CA UNK U 41 8.17 31.42 -61.85
C UNK U 41 8.11 32.62 -60.89
N UNK U 42 7.76 33.78 -61.43
CA UNK U 42 7.70 35.00 -60.64
C UNK U 42 6.33 35.19 -59.99
N UNK U 43 6.09 34.46 -58.90
CA UNK U 43 4.85 34.61 -58.14
C UNK U 43 5.18 34.96 -56.70
N UNK U 44 6.10 35.89 -56.52
CA UNK U 44 6.59 36.27 -55.20
C UNK U 44 5.59 37.15 -54.44
N UNK U 45 4.66 37.76 -55.19
CA UNK U 45 3.63 38.68 -54.68
C UNK U 45 4.23 39.84 -53.88
N UNK U 46 4.95 40.71 -54.59
CA UNK U 46 5.70 41.80 -53.97
C UNK U 46 4.80 42.87 -53.35
N UNK U 47 4.85 42.99 -52.03
CA UNK U 47 4.10 44.00 -51.31
C UNK U 47 4.78 44.31 -49.98
N UNK U 48 4.10 45.06 -49.12
CA UNK U 48 4.63 45.40 -47.81
C UNK U 48 3.68 44.93 -46.71
N UNK U 49 4.24 44.55 -45.56
CA UNK U 49 3.44 44.07 -44.44
C UNK U 49 4.12 44.39 -43.12
N UNK U 50 3.87 45.58 -42.59
CA UNK U 50 4.46 46.01 -41.33
C UNK U 50 3.39 46.58 -40.39
N UNK U 51 2.71 45.70 -39.67
CA UNK U 51 1.66 46.10 -38.74
C UNK U 51 1.58 45.15 -37.56
N UNK U 52 45.26 41.78 -55.20
CA UNK U 52 45.81 43.02 -54.65
C UNK U 52 46.60 42.74 -53.38
N UNK U 53 47.19 43.79 -52.83
CA UNK U 53 47.97 43.67 -51.60
C UNK U 53 47.12 44.04 -50.38
N UNK U 54 45.90 44.47 -50.63
CA UNK U 54 44.96 44.81 -49.56
C UNK U 54 44.42 43.53 -48.94
N UNK U 55 44.27 42.51 -49.79
CA UNK U 55 43.89 41.18 -49.33
C UNK U 55 45.08 40.50 -48.65
N UNK U 56 46.28 40.91 -49.06
CA UNK U 56 47.51 40.42 -48.44
C UNK U 56 47.68 41.02 -47.04
N UNK U 57 47.19 42.25 -46.88
CA UNK U 57 47.25 42.91 -45.58
C UNK U 57 46.10 42.42 -44.69
N UNK U 58 45.02 41.98 -45.33
CA UNK U 58 43.87 41.44 -44.60
C UNK U 58 44.15 40.02 -44.13
N UNK U 59 45.00 39.31 -44.85
CA UNK U 59 45.43 37.99 -44.45
C UNK U 59 46.52 38.10 -43.38
N UNK U 60 47.14 39.28 -43.33
CA UNK U 60 48.15 39.59 -42.33
C UNK U 60 47.51 39.94 -41.00
N UNK U 61 46.27 40.40 -41.04
CA UNK U 61 45.56 40.81 -39.84
C UNK U 61 45.08 39.58 -39.05
N UNK U 62 44.93 38.46 -39.73
CA UNK U 62 44.51 37.22 -39.09
C UNK U 62 45.69 36.26 -38.94
N UNK U 63 46.86 36.81 -38.60
CA UNK U 63 48.05 36.00 -38.41
C UNK U 63 48.00 35.25 -37.08
N UNK U 64 48.32 35.96 -36.00
CA UNK U 64 48.27 35.37 -34.67
C UNK U 64 47.17 36.01 -33.84
N UNK U 65 47.32 37.31 -33.56
CA UNK U 65 46.33 38.05 -32.80
C UNK U 65 45.14 38.40 -33.66
N UNK U 66 44.18 37.48 -33.74
CA UNK U 66 42.98 37.68 -34.55
C UNK U 66 41.99 38.60 -33.85
N UNK U 67 42.28 39.90 -33.87
CA UNK U 67 41.41 40.89 -33.22
C UNK U 67 40.85 41.86 -34.25
N UNK U 68 40.50 43.06 -33.78
CA UNK U 68 39.93 44.16 -34.58
C UNK U 68 38.65 43.75 -35.33
N UNK U 69 37.52 43.93 -34.68
CA UNK U 69 36.23 43.58 -35.25
C UNK U 69 35.80 44.57 -36.34
N UNK U 70 36.36 45.78 -36.30
CA UNK U 70 36.11 46.77 -37.33
C UNK U 70 36.83 46.37 -38.61
N UNK U 71 38.01 45.78 -38.45
CA UNK U 71 38.80 45.30 -39.60
C UNK U 71 38.22 43.99 -40.13
N UNK U 72 37.44 43.31 -39.29
CA UNK U 72 36.72 42.12 -39.70
C UNK U 72 35.53 42.51 -40.56
N UNK U 73 35.04 43.72 -40.35
CA UNK U 73 33.95 44.27 -41.15
C UNK U 73 34.52 45.12 -42.28
N UNK U 74 35.83 45.35 -42.26
CA UNK U 74 36.51 46.10 -43.31
C UNK U 74 37.06 45.16 -44.37
N UNK U 75 36.81 43.86 -44.18
CA UNK U 75 37.12 42.87 -45.21
C UNK U 75 36.06 42.96 -46.30
N UNK U 76 34.88 43.43 -45.90
CA UNK U 76 33.78 43.69 -46.83
C UNK U 76 33.99 44.99 -47.61
N UNK U 77 54.49 6.27 -15.81
CA UNK U 77 55.80 5.69 -16.05
C UNK U 77 56.08 5.54 -17.55
N UNK U 78 57.31 5.86 -17.95
CA UNK U 78 57.74 5.64 -19.33
C UNK U 78 58.01 4.16 -19.55
N UNK U 79 58.37 3.47 -18.47
CA UNK U 79 58.60 2.03 -18.50
C UNK U 79 57.26 1.30 -18.69
N UNK U 80 56.20 1.93 -18.22
CA UNK U 80 54.85 1.43 -18.47
C UNK U 80 54.38 1.90 -19.84
N UNK U 81 54.93 3.02 -20.30
CA UNK U 81 54.62 3.54 -21.63
C UNK U 81 55.40 2.78 -22.69
N UNK U 82 56.56 2.26 -22.30
CA UNK U 82 57.35 1.39 -23.16
C UNK U 82 56.67 0.03 -23.21
N UNK U 83 56.03 -0.34 -22.11
CA UNK U 83 55.27 -1.57 -22.03
C UNK U 83 53.97 -1.42 -22.80
N UNK U 84 53.44 -0.20 -22.85
CA UNK U 84 52.23 0.10 -23.62
C UNK U 84 52.57 0.19 -25.10
N UNK U 85 53.81 0.54 -25.41
CA UNK U 85 54.29 0.57 -26.78
C UNK U 85 54.61 -0.84 -27.24
N UNK U 86 55.04 -1.67 -26.30
CA UNK U 86 55.31 -3.08 -26.58
C UNK U 86 53.98 -3.82 -26.74
N UNK U 87 53.01 -3.43 -25.93
CA UNK U 87 51.67 -4.00 -26.03
C UNK U 87 50.74 -3.00 -26.71
N UNK U 88 51.18 -2.50 -27.87
CA UNK U 88 50.38 -1.55 -28.65
C UNK U 88 49.20 -2.27 -29.30
N UNK U 89 48.02 -2.10 -28.72
CA UNK U 89 46.82 -2.78 -29.20
C UNK U 89 46.02 -1.88 -30.16
N UNK U 90 46.37 -1.95 -31.43
CA UNK U 90 45.71 -1.14 -32.44
C UNK U 90 44.34 -1.72 -32.79
N UNK U 91 43.29 -0.98 -32.42
CA UNK U 91 41.91 -1.39 -32.62
C UNK U 91 41.50 -1.20 -34.07
N UNK U 92 40.28 -1.62 -34.40
CA UNK U 92 39.82 -1.66 -35.78
C UNK U 92 39.59 -0.28 -36.41
N UNK U 93 38.57 0.43 -35.92
CA UNK U 93 37.97 1.61 -36.56
C UNK U 93 37.62 1.29 -38.01
N UNK U 94 36.97 0.14 -38.21
CA UNK U 94 36.65 -0.37 -39.53
C UNK U 94 35.45 0.33 -40.14
N UNK U 95 35.64 1.61 -40.48
CA UNK U 95 34.60 2.43 -41.08
C UNK U 95 35.28 3.60 -41.80
N UNK U 96 35.65 3.37 -43.05
CA UNK U 96 36.45 4.35 -43.81
C UNK U 96 35.66 5.60 -44.17
N UNK V 1 -30.61 6.51 49.33
CA UNK V 1 -31.35 7.19 48.28
C UNK V 1 -32.58 6.38 47.93
N UNK V 2 -32.55 5.10 48.27
CA UNK V 2 -33.75 4.31 48.15
C UNK V 2 -33.97 3.52 49.43
N UNK V 3 -32.89 3.20 50.13
CA UNK V 3 -33.03 2.35 51.30
C UNK V 3 -32.36 2.90 52.55
N UNK V 4 -31.20 3.55 52.43
CA UNK V 4 -30.54 4.05 53.62
C UNK V 4 -31.24 5.29 54.15
N UNK V 5 -31.63 6.19 53.23
CA UNK V 5 -32.43 7.33 53.61
C UNK V 5 -33.80 6.91 54.13
N UNK V 6 -34.28 5.73 53.70
CA UNK V 6 -35.52 5.19 54.25
C UNK V 6 -35.39 4.93 55.73
N UNK V 7 -34.34 4.24 56.15
CA UNK V 7 -34.17 3.95 57.57
C UNK V 7 -33.88 5.23 58.35
N UNK V 8 -33.17 6.18 57.73
CA UNK V 8 -32.88 7.44 58.39
C UNK V 8 -34.15 8.23 58.66
N UNK V 9 -34.98 8.40 57.63
CA UNK V 9 -36.23 9.12 57.83
C UNK V 9 -37.23 8.32 58.65
N UNK V 10 -37.06 7.00 58.70
CA UNK V 10 -37.92 6.20 59.57
C UNK V 10 -37.60 6.42 61.03
N UNK V 11 -36.30 6.46 61.37
CA UNK V 11 -35.92 6.76 62.74
C UNK V 11 -36.27 8.19 63.11
N UNK V 12 -36.11 9.11 62.15
CA UNK V 12 -36.54 10.49 62.35
C UNK V 12 -38.04 10.58 62.51
N UNK V 13 -38.79 9.71 61.84
CA UNK V 13 -40.23 9.67 62.02
C UNK V 13 -40.61 9.11 63.37
N UNK V 14 -39.84 8.16 63.89
CA UNK V 14 -40.11 7.62 65.23
C UNK V 14 -39.88 8.67 66.30
N UNK V 15 -38.75 9.38 66.22
CA UNK V 15 -38.49 10.47 67.14
C UNK V 15 -39.46 11.63 66.94
N UNK V 16 -39.98 11.78 65.71
CA UNK V 16 -41.03 12.76 65.48
C UNK V 16 -42.34 12.33 66.11
N UNK V 17 -42.59 11.02 66.12
CA UNK V 17 -43.74 10.47 66.79
C UNK V 17 -43.63 10.60 68.30
N UNK V 18 -42.41 10.74 68.82
CA UNK V 18 -42.28 11.09 70.22
C UNK V 18 -42.88 12.46 70.54
N UNK V 19 -42.27 13.54 70.06
CA UNK V 19 -42.58 14.88 70.58
C UNK V 19 -42.09 15.97 69.63
N UNK V 20 -41.95 17.18 70.18
CA UNK V 20 -41.20 18.35 69.66
C UNK V 20 -41.75 19.03 68.41
N UNK V 21 -42.93 19.64 68.51
CA UNK V 21 -43.45 20.50 67.46
C UNK V 21 -42.82 21.89 67.52
N UNK V 22 -43.31 22.81 66.69
CA UNK V 22 -42.79 24.17 66.64
C UNK V 22 -43.88 25.11 66.14
N UNK V 23 -43.83 26.38 66.58
CA UNK V 23 -44.78 27.38 66.12
C UNK V 23 -44.14 28.55 65.37
N UNK V 24 -43.26 29.32 66.02
CA UNK V 24 -42.64 30.50 65.41
C UNK V 24 -41.42 30.88 66.22
N UNK V 25 -40.24 30.84 65.62
CA UNK V 25 -39.01 31.12 66.34
C UNK V 25 -37.96 31.65 65.37
N UNK V 26 -36.72 31.65 65.82
CA UNK V 26 -35.63 32.16 65.01
C UNK V 26 -35.31 31.18 63.89
N UNK V 27 -35.37 31.66 62.66
CA UNK V 27 -35.31 30.81 61.48
C UNK V 27 -35.01 31.67 60.26
N UNK V 28 -35.22 31.08 59.07
CA UNK V 28 -35.32 31.78 57.79
C UNK V 28 -34.01 32.48 57.41
N UNK V 29 -32.96 31.67 57.28
CA UNK V 29 -31.63 32.17 57.01
C UNK V 29 -31.01 31.38 55.86
N UNK V 30 -29.75 31.68 55.58
CA UNK V 30 -28.91 30.87 54.70
C UNK V 30 -27.52 30.83 55.35
N UNK V 31 -27.31 29.85 56.22
CA UNK V 31 -26.04 29.72 56.94
C UNK V 31 -25.84 28.25 57.26
N UNK V 32 -25.06 27.58 56.42
CA UNK V 32 -24.86 26.15 56.53
C UNK V 32 -23.91 25.80 57.65
N UNK V 33 -24.09 24.62 58.23
CA UNK V 33 -23.25 24.11 59.30
C UNK V 33 -22.93 22.64 59.04
N UNK V 34 -22.31 22.01 60.03
CA UNK V 34 -21.90 20.61 59.94
C UNK V 34 -23.08 19.69 60.27
N UNK V 35 -22.80 18.42 60.48
CA UNK V 35 -23.83 17.43 60.79
C UNK V 35 -23.99 17.25 62.29
N UNK V 36 -25.19 16.86 62.69
CA UNK V 36 -25.55 16.70 64.10
C UNK V 36 -26.64 15.63 64.20
N UNK V 37 -27.36 15.62 65.33
CA UNK V 37 -28.42 14.64 65.55
C UNK V 37 -29.71 15.04 64.87
N UNK V 38 -30.26 16.19 65.24
CA UNK V 38 -31.54 16.64 64.70
C UNK V 38 -31.51 18.15 64.56
N UNK V 39 -31.85 18.65 63.38
CA UNK V 39 -31.77 20.07 63.08
C UNK V 39 -33.05 20.51 62.39
N UNK V 40 -33.10 21.80 62.07
CA UNK V 40 -34.21 22.36 61.34
C UNK V 40 -33.87 22.52 59.86
N UNK V 41 -34.84 22.94 59.07
CA UNK V 41 -34.67 23.17 57.64
C UNK V 41 -35.04 24.60 57.30
N UNK V 42 -34.57 25.54 58.12
CA UNK V 42 -34.88 26.96 57.96
C UNK V 42 -34.04 27.55 56.81
N UNK V 43 -34.44 27.19 55.59
CA UNK V 43 -33.68 27.53 54.39
C UNK V 43 -34.46 28.51 53.52
N UNK V 44 -35.08 29.50 54.14
CA UNK V 44 -36.01 30.36 53.43
C UNK V 44 -35.32 31.36 52.52
N UNK V 45 -34.18 31.88 52.95
CA UNK V 45 -33.62 33.14 52.45
C UNK V 45 -34.69 34.25 52.49
N UNK V 46 -35.05 34.58 53.73
CA UNK V 46 -35.97 35.67 54.00
C UNK V 46 -35.38 37.03 53.65
N UNK V 47 -35.87 37.66 52.58
CA UNK V 47 -35.39 38.97 52.16
C UNK V 47 -36.51 39.70 51.44
N UNK V 48 -36.17 40.75 50.70
CA UNK V 48 -37.15 41.56 49.99
C UNK V 48 -36.84 41.60 48.50
N UNK V 49 -37.89 41.59 47.68
CA UNK V 49 -37.73 41.68 46.23
C UNK V 49 -38.96 42.38 45.66
N UNK V 50 -38.87 43.71 45.50
CA UNK V 50 -39.97 44.52 44.98
C UNK V 50 -39.41 45.50 43.95
N UNK V 51 -39.35 45.06 42.70
CA UNK V 51 -38.81 45.89 41.64
C UNK V 51 -39.39 45.49 40.30
N UNK V 52 22.64 -48.92 12.19
CA UNK V 52 22.87 -48.47 13.56
C UNK V 52 21.64 -47.78 14.12
N UNK V 53 21.68 -46.44 14.12
CA UNK V 53 20.51 -45.67 14.54
C UNK V 53 19.37 -45.81 13.54
N UNK V 54 19.71 -45.96 12.26
CA UNK V 54 18.71 -46.16 11.21
C UNK V 54 18.08 -47.53 11.26
N UNK V 55 18.57 -48.45 12.11
CA UNK V 55 17.74 -49.58 12.48
C UNK V 55 16.50 -49.10 13.22
N UNK V 56 16.65 -48.09 14.07
CA UNK V 56 15.51 -47.51 14.78
C UNK V 56 15.00 -46.23 14.14
N UNK V 57 15.90 -45.43 13.56
CA UNK V 57 15.45 -44.28 12.81
C UNK V 57 14.80 -44.74 11.50
N UNK V 58 14.00 -43.86 10.92
CA UNK V 58 13.24 -44.20 9.73
C UNK V 58 14.15 -44.13 8.50
N UNK V 59 13.58 -44.21 7.31
CA UNK V 59 14.42 -44.29 6.13
C UNK V 59 14.29 -43.07 5.22
N UNK V 60 13.13 -42.84 4.63
CA UNK V 60 13.00 -41.81 3.60
C UNK V 60 12.39 -40.54 4.15
N UNK V 61 12.53 -40.36 5.46
CA UNK V 61 12.36 -39.03 6.02
C UNK V 61 13.43 -38.07 5.55
N UNK V 62 14.55 -38.57 5.04
CA UNK V 62 15.48 -37.72 4.32
C UNK V 62 14.88 -37.27 2.99
N UNK V 63 14.19 -38.17 2.29
CA UNK V 63 13.49 -37.80 1.07
C UNK V 63 12.37 -36.81 1.36
N UNK V 64 11.76 -36.93 2.53
CA UNK V 64 10.91 -35.87 3.04
C UNK V 64 11.71 -34.60 3.29
N UNK V 65 12.88 -34.74 3.88
CA UNK V 65 13.66 -33.59 4.27
C UNK V 65 14.34 -32.93 3.09
N UNK V 66 14.83 -33.71 2.15
CA UNK V 66 15.57 -33.14 1.03
C UNK V 66 15.42 -34.00 -0.21
N UNK V 67 -70.17 30.72 72.84
CA UNK V 67 -70.75 32.03 73.13
C UNK V 67 -72.04 32.24 72.34
N UNK V 68 -72.90 33.14 72.83
CA UNK V 68 -74.13 33.46 72.13
C UNK V 68 -73.89 34.23 70.85
N UNK V 69 -72.70 34.81 70.68
CA UNK V 69 -72.40 35.54 69.45
C UNK V 69 -72.24 34.60 68.28
N UNK V 70 -71.66 33.42 68.52
CA UNK V 70 -71.61 32.40 67.50
C UNK V 70 -73.01 31.93 67.13
N UNK V 71 -73.91 31.92 68.11
CA UNK V 71 -75.30 31.62 67.82
C UNK V 71 -75.94 32.72 66.98
N UNK V 72 -75.56 33.98 67.23
CA UNK V 72 -76.07 35.08 66.42
C UNK V 72 -75.56 34.98 64.99
N UNK V 73 -74.29 34.63 64.83
CA UNK V 73 -73.71 34.43 63.51
C UNK V 73 -74.37 33.27 62.80
N UNK V 74 -74.69 32.21 63.55
CA UNK V 74 -75.40 31.07 62.97
C UNK V 74 -76.82 31.44 62.60
N UNK V 75 -77.40 32.40 63.32
CA UNK V 75 -78.70 32.91 62.94
C UNK V 75 -78.61 33.79 61.70
N UNK V 76 -77.44 34.40 61.47
CA UNK V 76 -77.30 35.29 60.33
C UNK V 76 -77.30 34.54 59.01
N UNK V 77 -76.96 33.26 59.02
CA UNK V 77 -76.96 32.42 57.84
C UNK V 77 -78.19 31.54 57.78
N UNK V 78 -79.33 32.03 58.23
CA UNK V 78 -80.50 31.16 58.34
C UNK V 78 -81.18 30.99 56.98
N UNK V 79 -81.77 32.04 56.44
CA UNK V 79 -82.32 31.99 55.09
C UNK V 79 -81.74 33.06 54.19
N UNK V 80 -81.84 34.33 54.58
CA UNK V 80 -81.32 35.43 53.76
C UNK V 80 -79.85 35.57 54.09
N UNK V 81 -79.06 34.70 53.50
CA UNK V 81 -77.62 34.70 53.71
C UNK V 81 -77.07 35.95 53.03
N UNK V 82 -76.95 37.01 53.81
CA UNK V 82 -76.63 38.32 53.29
C UNK V 82 -75.53 38.89 54.17
N UNK V 83 -75.30 40.20 54.06
CA UNK V 83 -74.40 40.96 54.93
C UNK V 83 -72.98 40.43 54.84
N UNK V 84 -72.36 40.72 53.69
CA UNK V 84 -70.95 40.47 53.49
C UNK V 84 -70.08 41.14 54.55
N UNK V 85 -70.54 42.27 55.11
CA UNK V 85 -69.91 42.84 56.29
C UNK V 85 -69.95 41.85 57.46
N UNK V 86 -71.09 41.19 57.66
CA UNK V 86 -71.14 40.17 58.70
C UNK V 86 -70.36 38.94 58.30
N UNK V 87 -70.27 38.66 57.00
CA UNK V 87 -69.48 37.52 56.53
C UNK V 87 -68.01 37.72 56.83
N UNK V 88 -67.52 38.94 56.71
CA UNK V 88 -66.19 39.22 57.20
C UNK V 88 -66.16 39.28 58.72
N UNK V 89 -67.26 39.72 59.33
CA UNK V 89 -67.32 39.90 60.77
C UNK V 89 -67.51 38.60 61.52
N UNK V 90 -67.56 37.48 60.79
CA UNK V 90 -67.30 36.20 61.43
C UNK V 90 -65.92 36.17 62.05
N UNK V 91 -64.94 36.79 61.39
CA UNK V 91 -63.57 36.84 61.90
C UNK V 91 -63.48 37.77 63.10
N UNK V 92 -52.18 -30.71 -3.10
CA UNK V 92 -51.59 -31.67 -2.18
C UNK V 92 -52.42 -31.78 -0.91
N UNK V 93 -52.32 -32.95 -0.26
CA UNK V 93 -53.02 -33.26 0.99
C UNK V 93 -54.54 -33.09 0.84
N UNK V 94 -55.06 -33.48 -0.31
CA UNK V 94 -56.45 -33.23 -0.67
C UNK V 94 -57.33 -34.45 -0.45
N UNK V 95 -56.94 -35.36 0.43
CA UNK V 95 -57.78 -36.50 0.78
C UNK V 95 -58.71 -36.16 1.94
N UNK V 96 -59.40 -35.03 1.79
CA UNK V 96 -60.22 -34.45 2.83
C UNK V 96 -61.13 -33.42 2.17
N UNK V 97 -62.43 -33.54 2.39
CA UNK V 97 -63.38 -32.65 1.73
C UNK V 97 -63.34 -31.30 2.43
N UNK V 98 -62.35 -30.50 2.05
CA UNK V 98 -62.14 -29.19 2.64
C UNK V 98 -62.39 -28.12 1.60
N UNK V 99 -62.31 -26.87 2.05
CA UNK V 99 -62.37 -25.71 1.17
C UNK V 99 -61.38 -24.67 1.62
N UNK V 100 -60.15 -25.09 1.90
CA UNK V 100 -59.14 -24.17 2.40
C UNK V 100 -58.73 -23.15 1.35
N UNK V 101 -58.90 -23.48 0.08
CA UNK V 101 -58.53 -22.53 -0.95
C UNK V 101 -59.71 -21.67 -1.37
N UNK V 102 -60.83 -21.76 -0.66
CA UNK V 102 -62.03 -21.06 -1.10
C UNK V 102 -61.93 -19.57 -0.86
N UNK V 103 -61.81 -19.16 0.41
CA UNK V 103 -61.50 -17.77 0.69
C UNK V 103 -60.06 -17.45 0.31
N UNK V 104 -59.27 -18.48 0.04
CA UNK V 104 -57.97 -18.28 -0.58
C UNK V 104 -58.06 -18.27 -2.10
N UNK V 105 -59.23 -18.59 -2.68
CA UNK V 105 -59.44 -18.15 -4.05
C UNK V 105 -59.82 -16.69 -4.07
N UNK V 106 -60.11 -16.15 -2.89
CA UNK V 106 -60.04 -14.73 -2.61
C UNK V 106 -58.76 -14.35 -1.87
N UNK V 107 -57.61 -14.95 -2.21
CA UNK V 107 -56.36 -14.53 -1.59
C UNK V 107 -55.95 -13.13 -2.01
N UNK V 108 -56.48 -12.64 -3.13
CA UNK V 108 -56.35 -11.24 -3.46
C UNK V 108 -57.13 -10.35 -2.51
N UNK V 109 -58.04 -10.92 -1.73
CA UNK V 109 -58.63 -10.20 -0.63
C UNK V 109 -57.63 -9.97 0.50
N UNK V 110 -56.59 -10.81 0.57
CA UNK V 110 -55.38 -10.42 1.29
C UNK V 110 -54.78 -9.18 0.66
N UNK V 111 -54.80 -9.13 -0.67
CA UNK V 111 -54.52 -7.89 -1.39
C UNK V 111 -55.60 -6.84 -1.18
N UNK V 112 -56.77 -7.21 -0.68
CA UNK V 112 -57.67 -6.18 -0.16
C UNK V 112 -57.10 -5.54 1.07
N UNK V 113 -56.30 -6.28 1.84
CA UNK V 113 -55.40 -5.66 2.80
C UNK V 113 -54.50 -4.65 2.10
N UNK V 114 -54.02 -4.99 0.91
CA UNK V 114 -53.31 -4.05 0.08
C UNK V 114 -54.22 -3.05 -0.62
N UNK V 115 -55.52 -3.30 -0.64
CA UNK V 115 -56.46 -2.38 -1.27
C UNK V 115 -57.35 -1.68 -0.25
N UNK V 116 -57.07 -1.87 1.04
CA UNK V 116 -57.86 -1.19 2.05
C UNK V 116 -57.52 0.29 2.17
N UNK V 117 -56.47 0.76 1.51
CA UNK V 117 -55.98 2.11 1.74
C UNK V 117 -56.21 3.04 0.55
N UNK V 118 -55.66 2.71 -0.61
CA UNK V 118 -55.62 3.66 -1.72
C UNK V 118 -56.27 3.07 -2.96
N UNK V 119 -57.36 2.33 -2.77
CA UNK V 119 -58.07 1.76 -3.90
C UNK V 119 -58.74 2.84 -4.74
N UNK V 120 -59.12 3.94 -4.12
CA UNK V 120 -59.63 5.09 -4.86
C UNK V 120 -58.58 6.19 -4.83
N UNK V 121 -98.27 11.66 32.22
CA UNK V 121 -99.44 10.85 32.47
C UNK V 121 -99.22 9.93 33.67
N UNK V 122 -100.02 10.12 34.71
CA UNK V 122 -99.92 9.30 35.92
C UNK V 122 -100.35 7.87 35.68
N UNK V 123 -101.17 7.61 34.66
CA UNK V 123 -101.38 6.24 34.23
C UNK V 123 -100.11 5.66 33.63
N UNK V 124 -99.45 6.43 32.75
CA UNK V 124 -98.17 6.00 32.21
C UNK V 124 -97.10 5.98 33.30
N UNK V 125 -97.20 6.88 34.28
CA UNK V 125 -96.28 6.84 35.39
C UNK V 125 -96.50 5.61 36.26
N UNK V 126 -97.75 5.21 36.45
CA UNK V 126 -98.02 3.99 37.20
C UNK V 126 -97.61 2.76 36.41
N UNK V 127 -97.69 2.83 35.09
CA UNK V 127 -97.18 1.75 34.24
C UNK V 127 -95.67 1.65 34.37
N UNK V 128 -94.98 2.79 34.36
CA UNK V 128 -93.54 2.79 34.56
C UNK V 128 -93.16 2.36 35.97
N UNK V 129 -94.04 2.60 36.93
CA UNK V 129 -93.84 2.07 38.27
C UNK V 129 -93.97 0.56 38.27
N UNK V 130 -94.91 0.04 37.49
CA UNK V 130 -94.99 -1.40 37.30
C UNK V 130 -93.82 -1.90 36.45
N UNK V 131 -93.33 -1.07 35.55
CA UNK V 131 -92.19 -1.41 34.68
C UNK V 131 -90.90 -0.87 35.24
N UNK V 132 -90.78 -0.88 36.57
CA UNK V 132 -89.63 -0.28 37.24
C UNK V 132 -88.36 -1.06 36.94
N UNK V 133 -87.45 -0.44 36.19
CA UNK V 133 -86.14 -1.01 35.91
C UNK V 133 -85.10 -0.05 36.46
N UNK V 134 -84.81 -0.17 37.74
CA UNK V 134 -83.73 0.59 38.35
C UNK V 134 -82.41 -0.09 38.06
N UNK V 135 -81.41 0.70 37.70
CA UNK V 135 -80.16 0.16 37.17
C UNK V 135 -79.29 -0.38 38.30
N UNK V 136 -78.03 -0.67 37.98
CA UNK V 136 -77.13 -1.26 38.96
C UNK V 136 -76.39 -0.18 39.76
N UNK V 137 -75.85 0.82 39.06
CA UNK V 137 -74.84 1.76 39.58
C UNK V 137 -73.71 0.99 40.27
N UNK V 138 -73.17 0.04 39.52
CA UNK V 138 -72.46 -1.11 40.07
C UNK V 138 -71.03 -0.80 40.47
N UNK V 139 -70.81 0.23 41.26
CA UNK V 139 -69.47 0.60 41.66
C UNK V 139 -69.59 1.37 42.96
N UNK V 140 -69.19 0.75 44.07
CA UNK V 140 -69.39 1.36 45.37
C UNK V 140 -68.33 2.42 45.63
N UNK V 141 -38.30 3.26 31.22
CA UNK V 141 -39.63 3.81 31.07
C UNK V 141 -40.49 2.81 30.35
N UNK V 142 -40.52 1.58 30.88
CA UNK V 142 -41.34 0.54 30.29
C UNK V 142 -42.80 0.86 30.51
N UNK V 143 -43.53 1.07 29.40
CA UNK V 143 -44.92 1.45 29.49
C UNK V 143 -45.78 0.32 30.00
N UNK V 144 -45.29 -0.92 29.90
CA UNK V 144 -45.83 -2.10 30.58
C UNK V 144 -47.29 -2.36 30.19
N UNK V 145 -47.46 -2.73 28.92
CA UNK V 145 -48.76 -2.71 28.26
C UNK V 145 -49.78 -3.66 28.85
N UNK V 146 -49.38 -4.57 29.73
CA UNK V 146 -50.34 -5.50 30.30
C UNK V 146 -51.28 -4.81 31.25
N UNK V 147 -52.53 -5.29 31.26
CA UNK V 147 -53.62 -4.80 32.11
C UNK V 147 -53.81 -3.30 31.91
N UNK V 148 -54.29 -2.98 30.71
CA UNK V 148 -53.83 -1.89 29.85
C UNK V 148 -53.35 -0.65 30.59
N UNK V 149 -52.14 -0.24 30.31
CA UNK V 149 -51.51 0.88 30.98
C UNK V 149 -51.36 2.10 30.09
N UNK V 150 -51.11 1.92 28.82
CA UNK V 150 -51.37 2.94 27.83
C UNK V 150 -51.89 2.35 26.55
N UNK V 151 -51.99 1.02 26.47
CA UNK V 151 -52.24 0.10 25.35
C UNK V 151 -51.04 0.02 24.41
N UNK V 152 -50.06 0.91 24.56
CA UNK V 152 -48.72 0.90 23.96
C UNK V 152 -48.67 0.89 22.43
N UNK V 153 -49.82 0.88 21.76
CA UNK V 153 -49.86 0.80 20.31
C UNK V 153 -51.22 1.28 19.89
N UNK V 154 -51.30 2.46 19.28
CA UNK V 154 -52.58 2.95 18.79
C UNK V 154 -53.04 2.09 17.63
N UNK V 155 -54.31 1.69 17.67
CA UNK V 155 -54.85 0.82 16.65
C UNK V 155 -54.87 1.47 15.28
N UNK V 156 -54.91 2.80 15.22
CA UNK V 156 -54.71 3.46 13.94
C UNK V 156 -53.24 3.44 13.54
N UNK V 157 -52.35 3.69 14.50
CA UNK V 157 -50.92 3.53 14.24
C UNK V 157 -50.57 2.08 14.01
N UNK V 158 -51.36 1.16 14.54
CA UNK V 158 -51.29 -0.22 14.10
C UNK V 158 -51.78 -0.35 12.67
N UNK V 159 -52.82 0.39 12.31
CA UNK V 159 -53.47 0.20 11.02
C UNK V 159 -52.65 0.72 9.87
N UNK V 160 -51.75 1.66 10.12
CA UNK V 160 -50.89 2.18 9.08
C UNK V 160 -49.56 1.43 8.97
N UNK V 161 -49.50 0.20 9.48
CA UNK V 161 -48.26 -0.57 9.46
C UNK V 161 -48.16 -1.47 8.24
N UNK V 162 -48.97 -1.26 7.21
CA UNK V 162 -48.78 -1.99 5.97
C UNK V 162 -47.70 -1.38 5.10
N UNK V 163 -47.16 -0.23 5.47
CA UNK V 163 -46.14 0.43 4.68
C UNK V 163 -44.77 -0.20 4.91
N UNK V 164 -44.45 -0.49 6.17
CA UNK V 164 -43.17 -1.06 6.51
C UNK V 164 -43.30 -1.72 7.87
N UNK V 165 -42.16 -2.13 8.40
CA UNK V 165 -42.05 -2.29 9.84
C UNK V 165 -41.22 -1.18 10.44
N UNK V 166 -40.34 -0.60 9.62
CA UNK V 166 -39.49 0.55 9.97
C UNK V 166 -38.56 0.28 11.15
N UNK V 167 -38.17 -0.99 11.33
CA UNK V 167 -37.09 -1.41 12.23
C UNK V 167 -37.32 -0.99 13.67
N UNK V 168 -38.36 -1.55 14.27
CA UNK V 168 -38.69 -1.28 15.66
C UNK V 168 -38.64 -2.60 16.41
N UNK V 169 -37.45 -2.97 16.88
CA UNK V 169 -37.28 -4.20 17.66
C UNK V 169 -36.13 -4.07 18.63
N UNK V 170 -39.35 3.92 -14.35
CA UNK V 170 -39.43 3.48 -12.96
C UNK V 170 -38.51 2.31 -12.75
N UNK V 171 -37.44 2.27 -13.55
CA UNK V 171 -36.55 1.12 -13.56
C UNK V 171 -35.80 1.00 -12.24
N UNK V 172 -35.02 2.02 -11.91
CA UNK V 172 -34.41 2.07 -10.60
C UNK V 172 -35.43 2.31 -9.50
N UNK V 173 -36.60 2.88 -9.83
CA UNK V 173 -37.67 2.96 -8.85
C UNK V 173 -38.17 1.57 -8.48
N UNK V 174 -38.20 0.68 -9.47
CA UNK V 174 -38.38 -0.73 -9.14
C UNK V 174 -37.20 -1.24 -8.34
N UNK V 175 -35.98 -0.80 -8.67
CA UNK V 175 -34.81 -1.29 -7.94
C UNK V 175 -34.76 -0.83 -6.49
N UNK V 176 -35.50 0.22 -6.17
CA UNK V 176 -35.65 0.65 -4.79
C UNK V 176 -37.01 0.29 -4.22
N UNK V 177 -37.90 -0.32 -5.01
CA UNK V 177 -39.29 -0.43 -4.63
C UNK V 177 -39.54 -1.43 -3.51
N UNK V 178 -39.31 -2.71 -3.77
CA UNK V 178 -39.38 -3.69 -2.69
C UNK V 178 -38.10 -3.72 -1.87
N UNK V 179 -37.10 -2.96 -2.31
CA UNK V 179 -35.86 -2.78 -1.60
C UNK V 179 -35.89 -1.57 -0.69
N UNK V 180 -37.07 -1.07 -0.37
CA UNK V 180 -37.19 0.06 0.52
C UNK V 180 -37.43 -0.34 1.97
N UNK V 181 -37.47 -1.63 2.27
CA UNK V 181 -38.05 -2.07 3.52
C UNK V 181 -36.99 -2.36 4.57
N UNK V 182 -37.45 -2.39 5.82
CA UNK V 182 -36.76 -3.07 6.91
C UNK V 182 -37.37 -4.44 7.15
N UNK V 183 -38.12 -4.92 6.21
CA UNK V 183 -38.71 -6.24 6.31
C UNK V 183 -38.37 -7.13 5.13
N UNK V 184 -38.40 -6.60 3.91
CA UNK V 184 -38.06 -7.42 2.75
C UNK V 184 -36.59 -7.78 2.72
N UNK V 185 -35.75 -6.98 3.37
CA UNK V 185 -34.35 -7.35 3.54
C UNK V 185 -34.22 -8.61 4.37
N UNK V 186 -34.58 -8.54 5.65
CA UNK V 186 -34.24 -9.58 6.59
C UNK V 186 -35.48 -10.31 7.07
N UNK V 187 -35.37 -11.63 7.21
CA UNK V 187 -36.42 -12.41 7.86
C UNK V 187 -35.76 -13.67 8.41
N UNK V 188 -35.48 -13.69 9.71
CA UNK V 188 -34.92 -14.89 10.32
C UNK V 188 -35.96 -16.00 10.37
N UNK V 189 -37.20 -15.65 10.73
CA UNK V 189 -38.39 -16.50 10.59
C UNK V 189 -38.25 -17.82 11.35
N UNK V 190 -37.51 -17.79 12.45
CA UNK V 190 -37.38 -18.94 13.33
C UNK V 190 -38.32 -18.75 14.49
N UNK V 191 -39.17 -19.75 14.73
CA UNK V 191 -40.17 -19.68 15.80
C UNK V 191 -39.50 -19.53 17.16
N UNK V 192 -38.43 -20.27 17.37
CA UNK V 192 -37.62 -20.13 18.57
C UNK V 192 -36.29 -19.49 18.18
N UNK V 193 -35.81 -18.62 19.04
CA UNK V 193 -34.47 -18.11 18.91
C UNK V 193 -33.55 -18.95 19.77
N UNK V 194 -32.30 -18.53 19.90
CA UNK V 194 -31.34 -19.24 20.73
C UNK V 194 -31.54 -18.78 22.17
N UNK V 195 -32.56 -19.33 22.81
CA UNK V 195 -32.72 -19.15 24.24
C UNK V 195 -31.64 -19.96 24.94
N UNK V 196 -30.53 -19.32 25.26
CA UNK V 196 -29.34 -20.02 25.72
C UNK V 196 -29.54 -20.58 27.12
N UNK V 197 -28.97 -21.77 27.33
CA UNK V 197 -29.00 -22.53 28.58
C UNK V 197 -30.42 -22.77 29.12
N UNK V 198 -17.28 -21.34 8.11
CA UNK V 198 -17.34 -20.26 7.14
C UNK V 198 -18.06 -20.69 5.87
N UNK V 199 -19.28 -21.21 6.03
CA UNK V 199 -20.10 -21.65 4.92
C UNK V 199 -21.41 -20.87 4.91
N UNK V 200 -22.19 -21.11 3.87
CA UNK V 200 -23.53 -20.55 3.72
C UNK V 200 -24.55 -21.66 3.55
N UNK V 201 -24.42 -22.71 4.36
CA UNK V 201 -25.41 -23.79 4.33
C UNK V 201 -26.75 -23.30 4.86
N UNK V 202 -26.77 -22.82 6.08
CA UNK V 202 -27.90 -22.03 6.54
C UNK V 202 -27.78 -20.63 5.97
N UNK V 203 -28.92 -20.00 5.70
CA UNK V 203 -28.94 -18.71 5.03
C UNK V 203 -29.08 -17.56 6.00
N UNK V 204 -28.53 -17.69 7.20
CA UNK V 204 -28.68 -16.61 8.17
C UNK V 204 -27.66 -15.51 7.94
N UNK V 205 -26.38 -15.82 8.13
CA UNK V 205 -25.35 -14.80 8.00
C UNK V 205 -25.07 -14.62 6.52
N UNK V 206 -25.85 -13.75 5.89
CA UNK V 206 -25.71 -13.51 4.46
C UNK V 206 -24.42 -12.74 4.18
N UNK V 207 -23.56 -13.32 3.36
CA UNK V 207 -22.35 -12.66 2.88
C UNK V 207 -22.69 -11.91 1.62
N UNK V 208 -22.53 -10.58 1.65
CA UNK V 208 -23.17 -9.78 0.61
C UNK V 208 -22.38 -9.82 -0.70
N UNK V 209 -21.18 -9.26 -0.69
CA UNK V 209 -20.40 -8.97 -1.89
C UNK V 209 -21.23 -8.27 -2.96
N UNK V 210 -21.73 -7.09 -2.62
CA UNK V 210 -22.68 -6.39 -3.46
C UNK V 210 -22.05 -5.19 -4.14
N UNK V 211 -22.57 -4.87 -5.33
CA UNK V 211 -22.20 -3.69 -6.09
C UNK V 211 -23.42 -2.82 -6.28
N UNK V 212 -23.22 -1.65 -6.89
CA UNK V 212 -24.28 -0.67 -6.94
C UNK V 212 -24.03 0.35 -8.03
N UNK V 213 -25.07 1.11 -8.35
CA UNK V 213 -25.01 2.32 -9.19
C UNK V 213 -26.15 3.21 -8.71
N UNK V 214 -25.84 4.12 -7.79
CA UNK V 214 -26.87 4.88 -7.08
C UNK V 214 -27.15 6.19 -7.80
N UNK V 215 -28.43 6.43 -8.10
CA UNK V 215 -28.91 7.69 -8.66
C UNK V 215 -30.41 7.74 -8.45
N UNK V 216 -31.06 8.69 -9.13
CA UNK V 216 -32.53 8.70 -9.24
C UNK V 216 -32.89 9.35 -10.57
N UNK V 217 -33.04 8.52 -11.61
CA UNK V 217 -33.64 8.86 -12.91
C UNK V 217 -32.89 10.00 -13.59
N UNK V 218 -31.64 9.74 -13.93
CA UNK V 218 -30.84 10.72 -14.64
C UNK V 218 -29.93 10.06 -15.66
N UNK V 219 -28.22 6.38 -16.88
CA UNK V 219 -27.24 5.35 -17.19
C UNK V 219 -26.86 4.56 -15.95
N UNK V 220 -25.72 3.89 -16.01
CA UNK V 220 -25.24 3.10 -14.89
C UNK V 220 -23.72 2.92 -14.99
N UNK V 221 -23.08 2.89 -13.84
CA UNK V 221 -21.65 2.60 -13.73
C UNK V 221 -21.44 1.61 -12.59
N UNK V 222 -20.70 0.54 -12.86
CA UNK V 222 -20.60 -0.59 -11.96
C UNK V 222 -19.73 -0.26 -10.74
N UNK V 223 -19.78 -1.15 -9.74
CA UNK V 223 -19.06 -0.94 -8.50
C UNK V 223 -18.19 -2.12 -8.09
N UNK V 224 -18.48 -3.32 -8.53
CA UNK V 224 -17.68 -4.47 -8.14
C UNK V 224 -16.38 -4.49 -8.93
N UNK V 225 -15.39 -5.16 -8.37
CA UNK V 225 -14.11 -5.35 -9.03
C UNK V 225 -14.19 -6.47 -10.06
N UNK V 226 -13.03 -6.99 -10.48
CA UNK V 226 -13.03 -8.20 -11.28
C UNK V 226 -13.47 -9.34 -10.37
N UNK V 227 -14.77 -9.62 -10.39
CA UNK V 227 -15.43 -10.43 -9.38
C UNK V 227 -16.59 -11.14 -10.07
N UNK V 228 -17.57 -11.59 -9.27
CA UNK V 228 -18.65 -12.40 -9.82
C UNK V 228 -19.71 -11.57 -10.53
N UNK V 229 -19.29 -10.65 -11.38
CA UNK V 229 -20.17 -9.94 -12.29
C UNK V 229 -19.52 -9.69 -13.63
N UNK V 230 -18.29 -10.18 -13.85
CA UNK V 230 -17.43 -9.68 -14.91
C UNK V 230 -17.95 -10.00 -16.29
N UNK V 231 -18.77 -11.05 -16.42
CA UNK V 231 -19.39 -11.34 -17.70
C UNK V 231 -20.37 -10.25 -18.09
N UNK V 232 -21.28 -9.91 -17.17
CA UNK V 232 -22.14 -8.77 -17.42
C UNK V 232 -21.35 -7.48 -17.37
N UNK V 233 -20.29 -7.43 -16.57
CA UNK V 233 -19.47 -6.22 -16.49
C UNK V 233 -18.48 -6.11 -17.62
N UNK V 234 -18.63 -6.89 -18.69
CA UNK V 234 -17.82 -6.74 -19.89
C UNK V 234 -18.34 -5.58 -20.74
N UNK V 235 -18.26 -4.39 -20.16
CA UNK V 235 -18.54 -3.17 -20.89
C UNK V 235 -17.45 -2.16 -20.58
N UNK V 236 -16.85 -2.27 -19.41
CA UNK V 236 -15.84 -1.31 -18.96
C UNK V 236 -15.01 -1.93 -17.85
N UNK V 237 -13.97 -1.20 -17.44
CA UNK V 237 -13.14 -1.56 -16.31
C UNK V 237 -12.39 -0.33 -15.83
N UNK V 238 -12.31 -0.17 -14.51
CA UNK V 238 -11.61 0.96 -13.92
C UNK V 238 -11.16 0.61 -12.51
#